data_2L5Q
#
_entry.id   2L5Q
#
_entity_poly.entity_id   1
_entity_poly.type   'polypeptide(L)'
_entity_poly.pdbx_seq_one_letter_code
;MLKTILSIAGKPGLYKLISQGKNMLIVETVDAAKKRVPAYAHDKVISLADIAMYTDAEEVPLSEVLEAVKKKENGAVASI
NYKKASADELHAYFAEVLPNYDRDRVHNGDIKKLISWYNILVNNGITEFVEAPALEHHHHHH
;
_entity_poly.pdbx_strand_id   A
#
# COMPACT_ATOMS: atom_id res chain seq x y z
N MET A 1 -0.24 12.57 -8.00
CA MET A 1 -1.32 12.16 -7.07
C MET A 1 -1.62 10.67 -7.23
N LEU A 2 -2.71 10.20 -6.62
CA LEU A 2 -3.14 8.80 -6.72
C LEU A 2 -3.77 8.53 -8.08
N LYS A 3 -2.96 7.95 -8.96
CA LYS A 3 -3.36 7.60 -10.34
C LYS A 3 -2.42 6.55 -10.92
N THR A 4 -1.13 6.69 -10.60
CA THR A 4 -0.08 5.92 -11.24
C THR A 4 0.20 4.61 -10.54
N ILE A 5 0.06 4.59 -9.22
CA ILE A 5 0.29 3.39 -8.43
C ILE A 5 -0.96 2.51 -8.44
N LEU A 6 -0.79 1.31 -8.99
CA LEU A 6 -1.82 0.29 -8.99
C LEU A 6 -1.50 -0.71 -7.89
N SER A 7 -2.51 -1.03 -7.11
CA SER A 7 -2.36 -1.92 -5.97
C SER A 7 -2.77 -3.34 -6.34
N ILE A 8 -1.90 -4.29 -6.08
CA ILE A 8 -2.07 -5.64 -6.56
C ILE A 8 -2.25 -6.59 -5.39
N ALA A 9 -3.40 -7.25 -5.35
CA ALA A 9 -3.73 -8.14 -4.24
C ALA A 9 -3.50 -9.61 -4.60
N GLY A 10 -2.74 -9.82 -5.68
CA GLY A 10 -2.44 -11.16 -6.13
C GLY A 10 -1.02 -11.59 -5.79
N LYS A 11 -0.33 -12.14 -6.78
CA LYS A 11 1.04 -12.63 -6.63
C LYS A 11 2.06 -11.45 -6.54
N PRO A 12 2.07 -10.43 -7.48
CA PRO A 12 2.91 -9.25 -7.30
C PRO A 12 2.35 -8.25 -6.26
N GLY A 13 2.73 -6.97 -6.36
CA GLY A 13 2.50 -6.07 -5.25
C GLY A 13 2.04 -4.70 -5.66
N LEU A 14 2.93 -3.91 -6.25
CA LEU A 14 2.58 -2.57 -6.72
C LEU A 14 3.19 -2.33 -8.10
N TYR A 15 2.44 -1.63 -8.94
CA TYR A 15 2.88 -1.31 -10.29
C TYR A 15 2.66 0.17 -10.62
N LYS A 16 3.35 0.65 -11.63
CA LYS A 16 3.12 1.99 -12.18
C LYS A 16 2.64 1.88 -13.61
N LEU A 17 1.42 2.32 -13.88
CA LEU A 17 0.84 2.19 -15.21
C LEU A 17 1.28 3.35 -16.10
N ILE A 18 1.89 3.00 -17.23
CA ILE A 18 2.30 3.98 -18.24
C ILE A 18 1.21 4.09 -19.32
N SER A 19 0.80 2.95 -19.88
CA SER A 19 -0.17 2.93 -20.96
C SER A 19 -1.00 1.64 -20.94
N GLN A 20 -2.23 1.72 -21.44
CA GLN A 20 -3.13 0.57 -21.48
C GLN A 20 -3.23 0.00 -22.90
N GLY A 21 -3.15 -1.32 -22.99
CA GLY A 21 -3.33 -2.00 -24.26
C GLY A 21 -4.41 -3.07 -24.15
N LYS A 22 -4.88 -3.57 -25.30
CA LYS A 22 -5.95 -4.58 -25.34
C LYS A 22 -5.39 -6.01 -25.34
N ASN A 23 -4.61 -6.30 -24.30
CA ASN A 23 -3.97 -7.59 -24.09
C ASN A 23 -3.20 -7.53 -22.78
N MET A 24 -2.50 -6.42 -22.61
CA MET A 24 -1.57 -6.22 -21.51
C MET A 24 -1.42 -4.74 -21.20
N LEU A 25 -1.25 -4.43 -19.93
CA LEU A 25 -0.98 -3.07 -19.49
C LEU A 25 0.54 -2.91 -19.39
N ILE A 26 1.04 -1.79 -19.86
CA ILE A 26 2.46 -1.50 -19.75
C ILE A 26 2.72 -0.88 -18.40
N VAL A 27 3.34 -1.64 -17.51
CA VAL A 27 3.60 -1.20 -16.15
C VAL A 27 5.07 -1.40 -15.77
N GLU A 28 5.46 -0.76 -14.68
CA GLU A 28 6.78 -0.91 -14.11
C GLU A 28 6.67 -1.50 -12.71
N THR A 29 7.54 -2.45 -12.37
CA THR A 29 7.65 -2.92 -10.99
C THR A 29 8.23 -1.81 -10.14
N VAL A 30 7.55 -1.49 -9.06
CA VAL A 30 8.05 -0.50 -8.13
C VAL A 30 9.03 -1.21 -7.18
N ASP A 31 10.29 -1.16 -7.58
CA ASP A 31 11.33 -2.06 -7.07
C ASP A 31 12.70 -1.39 -7.29
N ALA A 32 13.80 -2.05 -6.92
CA ALA A 32 15.14 -1.56 -7.19
C ALA A 32 15.54 -1.78 -8.65
N ALA A 33 15.00 -2.83 -9.27
CA ALA A 33 15.28 -3.14 -10.67
C ALA A 33 14.49 -2.21 -11.59
N LYS A 34 13.17 -2.10 -11.32
CA LYS A 34 12.20 -1.35 -12.14
C LYS A 34 12.16 -1.89 -13.58
N LYS A 35 11.63 -3.09 -13.74
CA LYS A 35 11.52 -3.71 -15.04
C LYS A 35 10.14 -3.44 -15.65
N ARG A 36 10.07 -3.48 -16.98
CA ARG A 36 8.81 -3.33 -17.69
C ARG A 36 8.12 -4.67 -17.79
N VAL A 37 6.97 -4.76 -17.14
CA VAL A 37 6.23 -6.00 -17.04
C VAL A 37 4.88 -5.82 -17.72
N PRO A 38 4.42 -6.83 -18.50
CA PRO A 38 3.04 -6.88 -18.95
C PRO A 38 2.06 -7.23 -17.81
N ALA A 39 1.17 -6.31 -17.51
CA ALA A 39 0.14 -6.53 -16.51
C ALA A 39 -1.08 -7.11 -17.16
N TYR A 40 -1.76 -7.99 -16.45
CA TYR A 40 -2.97 -8.60 -16.96
C TYR A 40 -4.05 -8.46 -15.90
N ALA A 41 -5.25 -8.05 -16.32
CA ALA A 41 -6.34 -7.77 -15.39
C ALA A 41 -7.06 -9.06 -14.97
N HIS A 42 -6.40 -9.78 -14.09
CA HIS A 42 -6.86 -11.07 -13.58
C HIS A 42 -6.21 -11.33 -12.22
N ASP A 43 -4.99 -10.80 -12.04
CA ASP A 43 -4.18 -11.02 -10.85
C ASP A 43 -4.50 -9.98 -9.75
N LYS A 44 -5.79 -9.66 -9.62
CA LYS A 44 -6.34 -8.68 -8.67
C LYS A 44 -5.71 -7.30 -8.85
N VAL A 45 -5.95 -6.73 -10.04
CA VAL A 45 -5.42 -5.41 -10.37
C VAL A 45 -6.44 -4.35 -9.95
N ILE A 46 -6.12 -3.68 -8.86
CA ILE A 46 -6.96 -2.64 -8.29
C ILE A 46 -6.18 -1.33 -8.37
N SER A 47 -6.86 -0.19 -8.41
CA SER A 47 -6.20 1.09 -8.30
C SER A 47 -5.95 1.41 -6.83
N LEU A 48 -4.75 1.85 -6.47
CA LEU A 48 -4.49 2.40 -5.12
C LEU A 48 -5.14 3.79 -5.01
N ALA A 49 -5.45 4.37 -6.19
CA ALA A 49 -6.30 5.54 -6.32
C ALA A 49 -7.71 5.29 -5.79
N ASP A 50 -8.13 4.03 -5.81
CA ASP A 50 -9.47 3.62 -5.41
C ASP A 50 -9.53 3.25 -3.92
N ILE A 51 -8.44 2.70 -3.39
CA ILE A 51 -8.44 2.15 -2.02
C ILE A 51 -8.59 3.24 -0.96
N ALA A 52 -9.66 3.13 -0.22
CA ALA A 52 -9.99 4.00 0.89
C ALA A 52 -10.68 3.19 1.97
N MET A 53 -10.73 3.72 3.17
CA MET A 53 -11.38 3.06 4.28
C MET A 53 -12.24 4.08 5.01
N TYR A 54 -13.46 3.70 5.28
CA TYR A 54 -14.40 4.57 5.95
C TYR A 54 -14.41 4.21 7.43
N THR A 55 -14.06 5.17 8.26
CA THR A 55 -13.85 4.94 9.69
C THR A 55 -14.76 5.88 10.51
N ASP A 56 -14.51 6.02 11.82
CA ASP A 56 -15.26 6.94 12.69
C ASP A 56 -15.13 8.40 12.23
N ALA A 57 -13.97 8.74 11.69
CA ALA A 57 -13.74 10.06 11.11
C ALA A 57 -14.32 10.14 9.68
N GLU A 58 -13.84 11.10 8.90
CA GLU A 58 -14.17 11.19 7.47
C GLU A 58 -13.66 9.98 6.66
N GLU A 59 -13.90 10.01 5.35
CA GLU A 59 -13.41 8.96 4.48
C GLU A 59 -11.93 9.16 4.25
N VAL A 60 -11.15 8.18 4.65
CA VAL A 60 -9.72 8.31 4.59
C VAL A 60 -9.17 7.38 3.53
N PRO A 61 -8.47 7.92 2.50
CA PRO A 61 -7.74 7.11 1.53
C PRO A 61 -6.68 6.26 2.24
N LEU A 62 -6.27 5.15 1.60
CA LEU A 62 -5.36 4.21 2.24
C LEU A 62 -4.01 4.85 2.52
N SER A 63 -3.61 5.82 1.69
CA SER A 63 -2.34 6.54 1.84
C SER A 63 -2.27 7.34 3.16
N GLU A 64 -3.40 7.90 3.58
CA GLU A 64 -3.44 8.76 4.76
C GLU A 64 -3.50 7.95 6.06
N VAL A 65 -4.15 6.77 6.03
CA VAL A 65 -4.08 5.83 7.16
C VAL A 65 -2.75 5.07 7.20
N LEU A 66 -2.04 5.01 6.05
CA LEU A 66 -0.66 4.51 6.02
C LEU A 66 0.23 5.44 6.82
N GLU A 67 0.00 6.76 6.63
CA GLU A 67 0.70 7.84 7.35
C GLU A 67 0.51 7.70 8.85
N ALA A 68 -0.73 7.42 9.28
CA ALA A 68 -1.10 7.35 10.69
C ALA A 68 -0.38 6.21 11.43
N VAL A 69 -0.35 5.01 10.82
CA VAL A 69 0.33 3.86 11.45
C VAL A 69 1.86 3.93 11.28
N LYS A 70 2.32 4.52 10.17
CA LYS A 70 3.75 4.71 9.87
C LYS A 70 4.40 5.73 10.81
N LYS A 71 3.57 6.66 11.29
CA LYS A 71 3.94 7.67 12.30
C LYS A 71 4.59 7.06 13.54
N LYS A 72 4.10 5.86 13.94
CA LYS A 72 4.63 5.13 15.11
C LYS A 72 6.11 4.78 14.88
N GLU A 73 6.40 4.17 13.74
CA GLU A 73 7.72 3.60 13.48
C GLU A 73 8.69 4.60 12.82
N ASN A 74 8.28 5.87 12.70
CA ASN A 74 9.13 6.99 12.24
C ASN A 74 9.58 6.80 10.77
N GLY A 75 8.72 6.18 9.96
CA GLY A 75 9.03 5.97 8.56
C GLY A 75 9.89 4.74 8.28
N ALA A 76 9.90 3.77 9.22
CA ALA A 76 10.59 2.48 9.02
C ALA A 76 9.73 1.54 8.16
N VAL A 77 10.06 0.26 8.07
CA VAL A 77 9.18 -0.70 7.37
C VAL A 77 8.21 -1.31 8.39
N ALA A 78 7.21 -2.05 7.93
CA ALA A 78 6.18 -2.62 8.80
C ALA A 78 6.74 -3.72 9.69
N SER A 79 6.71 -3.49 11.00
CA SER A 79 7.22 -4.45 11.98
C SER A 79 6.18 -5.55 12.28
N ILE A 80 4.94 -5.31 11.84
CA ILE A 80 3.84 -6.26 12.00
C ILE A 80 4.08 -7.54 11.17
N ASN A 81 4.38 -7.35 9.86
CA ASN A 81 4.47 -8.43 8.85
C ASN A 81 3.21 -9.31 8.82
N TYR A 82 2.43 -9.12 7.77
CA TYR A 82 1.10 -9.75 7.64
C TYR A 82 1.19 -11.27 7.43
N LYS A 83 2.37 -11.78 7.06
CA LYS A 83 2.57 -13.19 6.81
C LYS A 83 3.28 -13.86 8.02
N LYS A 84 3.09 -13.27 9.20
CA LYS A 84 3.57 -13.86 10.46
C LYS A 84 2.60 -13.52 11.60
N ALA A 85 1.74 -12.53 11.37
CA ALA A 85 0.84 -12.02 12.38
C ALA A 85 -0.55 -12.63 12.24
N SER A 86 -1.21 -12.82 13.38
CA SER A 86 -2.58 -13.33 13.42
C SER A 86 -3.59 -12.25 12.98
N ALA A 87 -4.85 -12.65 12.80
CA ALA A 87 -5.93 -11.72 12.39
C ALA A 87 -6.22 -10.68 13.47
N ASP A 88 -6.04 -11.09 14.74
CA ASP A 88 -6.15 -10.19 15.89
C ASP A 88 -5.02 -9.17 15.90
N GLU A 89 -3.81 -9.61 15.56
CA GLU A 89 -2.61 -8.76 15.49
C GLU A 89 -2.75 -7.69 14.41
N LEU A 90 -3.47 -8.02 13.33
CA LEU A 90 -3.70 -7.11 12.20
C LEU A 90 -4.51 -5.88 12.62
N HIS A 91 -5.63 -6.09 13.32
CA HIS A 91 -6.48 -4.97 13.73
C HIS A 91 -5.94 -4.24 14.97
N ALA A 92 -5.13 -4.94 15.79
CA ALA A 92 -4.56 -4.36 17.00
C ALA A 92 -3.38 -3.44 16.68
N TYR A 93 -2.72 -3.71 15.55
CA TYR A 93 -1.60 -2.89 15.08
C TYR A 93 -2.11 -1.56 14.55
N PHE A 94 -3.30 -1.59 13.94
CA PHE A 94 -3.94 -0.41 13.40
C PHE A 94 -4.55 0.42 14.52
N ALA A 95 -5.05 -0.26 15.55
CA ALA A 95 -5.72 0.36 16.69
C ALA A 95 -4.75 0.96 17.71
N GLU A 96 -3.46 0.89 17.42
CA GLU A 96 -2.44 1.46 18.28
C GLU A 96 -2.46 2.98 18.16
N VAL A 97 -2.64 3.46 16.93
CA VAL A 97 -2.75 4.89 16.67
C VAL A 97 -4.19 5.29 16.32
N LEU A 98 -4.94 4.37 15.70
CA LEU A 98 -6.32 4.61 15.30
C LEU A 98 -7.24 3.53 15.87
N PRO A 99 -7.72 3.68 17.14
CA PRO A 99 -8.65 2.75 17.75
C PRO A 99 -10.10 3.07 17.41
N ASN A 100 -10.30 4.02 16.51
CA ASN A 100 -11.61 4.48 16.09
C ASN A 100 -12.08 3.77 14.81
N TYR A 101 -11.32 2.76 14.38
CA TYR A 101 -11.72 1.93 13.25
C TYR A 101 -12.97 1.12 13.62
N ASP A 102 -13.82 0.89 12.65
CA ASP A 102 -15.01 0.10 12.87
C ASP A 102 -14.85 -1.29 12.28
N ARG A 103 -15.81 -2.16 12.55
CA ARG A 103 -15.76 -3.54 12.09
C ARG A 103 -16.87 -3.82 11.09
N ASP A 104 -17.50 -2.74 10.62
CA ASP A 104 -18.62 -2.82 9.69
C ASP A 104 -18.12 -2.65 8.26
N ARG A 105 -17.52 -1.50 8.02
CA ARG A 105 -16.95 -1.13 6.73
C ARG A 105 -15.54 -1.70 6.60
N VAL A 106 -14.76 -1.58 7.67
CA VAL A 106 -13.44 -2.20 7.74
C VAL A 106 -13.61 -3.66 8.20
N HIS A 107 -13.77 -4.54 7.21
CA HIS A 107 -14.06 -5.96 7.44
C HIS A 107 -13.55 -6.80 6.26
N ASN A 108 -13.15 -6.14 5.18
CA ASN A 108 -12.88 -6.79 3.89
C ASN A 108 -11.39 -7.19 3.78
N GLY A 109 -10.73 -7.36 4.93
CA GLY A 109 -9.29 -7.60 4.94
C GLY A 109 -8.54 -6.35 4.51
N ASP A 110 -9.04 -5.20 4.97
CA ASP A 110 -8.57 -3.89 4.52
C ASP A 110 -7.19 -3.55 5.06
N ILE A 111 -6.91 -4.00 6.28
CA ILE A 111 -5.60 -3.83 6.89
C ILE A 111 -4.61 -4.84 6.29
N LYS A 112 -5.11 -6.04 5.97
CA LYS A 112 -4.27 -7.12 5.43
C LYS A 112 -3.72 -6.80 4.03
N LYS A 113 -4.57 -6.24 3.18
CA LYS A 113 -4.15 -5.79 1.86
C LYS A 113 -3.23 -4.57 1.97
N LEU A 114 -3.48 -3.75 3.00
CA LEU A 114 -2.69 -2.57 3.27
C LEU A 114 -1.25 -2.93 3.65
N ILE A 115 -1.06 -3.95 4.54
CA ILE A 115 0.30 -4.37 4.99
C ILE A 115 1.08 -4.98 3.82
N SER A 116 0.36 -5.64 2.91
CA SER A 116 0.95 -6.24 1.72
C SER A 116 1.65 -5.18 0.86
N TRP A 117 1.02 -4.01 0.71
CA TRP A 117 1.58 -2.91 -0.07
C TRP A 117 2.51 -2.04 0.78
N TYR A 118 2.27 -2.06 2.09
CA TYR A 118 2.95 -1.23 3.11
C TYR A 118 4.44 -1.55 3.23
N ASN A 119 4.78 -2.83 3.06
CA ASN A 119 6.19 -3.26 3.08
C ASN A 119 6.89 -2.88 1.77
N ILE A 120 6.12 -2.85 0.68
CA ILE A 120 6.62 -2.47 -0.66
C ILE A 120 6.84 -0.95 -0.75
N LEU A 121 5.98 -0.21 -0.04
CA LEU A 121 6.05 1.24 0.02
C LEU A 121 7.39 1.72 0.55
N VAL A 122 7.75 1.25 1.73
CA VAL A 122 9.00 1.64 2.38
C VAL A 122 10.23 0.97 1.72
N ASN A 123 9.99 -0.12 0.96
CA ASN A 123 11.04 -0.89 0.28
C ASN A 123 11.87 -0.02 -0.68
N ASN A 124 11.20 0.82 -1.46
CA ASN A 124 11.90 1.70 -2.40
C ASN A 124 11.56 3.17 -2.13
N GLY A 125 10.77 3.42 -1.09
CA GLY A 125 10.34 4.78 -0.76
C GLY A 125 9.03 5.20 -1.43
N ILE A 126 8.78 4.66 -2.64
CA ILE A 126 7.65 5.05 -3.52
C ILE A 126 7.83 6.50 -3.99
N THR A 127 7.32 7.44 -3.18
CA THR A 127 7.43 8.86 -3.40
C THR A 127 7.43 9.52 -2.04
N GLU A 128 6.25 9.52 -1.40
CA GLU A 128 6.01 10.08 -0.07
C GLU A 128 4.54 9.98 0.28
N PHE A 129 4.29 9.61 1.54
CA PHE A 129 2.95 9.32 2.06
C PHE A 129 2.93 9.42 3.59
N VAL A 130 3.97 10.03 4.17
CA VAL A 130 4.15 10.13 5.62
C VAL A 130 5.10 11.30 5.94
N GLU A 131 4.78 12.09 6.99
CA GLU A 131 5.55 13.31 7.31
C GLU A 131 6.98 13.04 7.80
N ALA A 132 7.30 11.78 8.08
CA ALA A 132 8.67 11.37 8.34
C ALA A 132 9.43 11.31 7.00
N PRO A 133 10.42 12.22 6.80
CA PRO A 133 11.07 12.46 5.48
C PRO A 133 11.85 11.25 4.95
N ALA A 134 11.29 10.63 3.92
CA ALA A 134 11.94 9.53 3.21
C ALA A 134 12.49 10.01 1.88
N LEU A 135 11.90 11.08 1.35
CA LEU A 135 12.28 11.68 0.08
C LEU A 135 11.88 13.15 0.13
N GLU A 136 10.59 13.37 0.34
CA GLU A 136 10.02 14.70 0.48
C GLU A 136 9.66 14.90 1.97
N HIS A 137 9.08 16.05 2.30
CA HIS A 137 8.51 16.28 3.62
C HIS A 137 7.09 16.81 3.46
N HIS A 138 6.11 16.03 3.90
CA HIS A 138 4.70 16.42 3.86
C HIS A 138 4.32 17.33 5.03
N HIS A 139 3.22 18.04 4.86
CA HIS A 139 2.67 18.89 5.88
C HIS A 139 1.27 18.38 6.21
N HIS A 140 0.93 18.32 7.50
CA HIS A 140 -0.38 17.85 7.95
C HIS A 140 -1.47 18.89 7.69
N HIS A 141 -2.36 18.52 6.79
CA HIS A 141 -3.52 19.33 6.46
C HIS A 141 -4.73 18.39 6.33
N HIS A 142 -4.45 17.18 5.83
CA HIS A 142 -5.46 16.11 5.74
C HIS A 142 -5.83 15.57 7.14
N MET A 1 1.03 10.90 -8.72
CA MET A 1 0.85 10.54 -7.30
C MET A 1 -0.43 9.70 -7.15
N LEU A 2 -1.60 10.32 -7.34
CA LEU A 2 -2.86 9.62 -7.17
C LEU A 2 -3.16 8.75 -8.38
N LYS A 3 -3.45 7.47 -8.10
CA LYS A 3 -3.73 6.43 -9.09
C LYS A 3 -2.45 6.07 -9.91
N THR A 4 -1.28 6.29 -9.30
CA THR A 4 -0.02 6.00 -9.97
C THR A 4 0.56 4.68 -9.47
N ILE A 5 0.47 4.40 -8.18
CA ILE A 5 0.82 3.08 -7.66
C ILE A 5 -0.36 2.14 -7.81
N LEU A 6 -0.12 1.05 -8.51
CA LEU A 6 -1.12 0.06 -8.78
C LEU A 6 -0.81 -1.21 -7.98
N SER A 7 -1.82 -1.73 -7.32
CA SER A 7 -1.71 -2.92 -6.50
C SER A 7 -2.01 -4.16 -7.33
N ILE A 8 -1.06 -5.08 -7.31
CA ILE A 8 -1.04 -6.21 -8.24
C ILE A 8 -0.94 -7.55 -7.48
N ALA A 9 -1.70 -8.55 -7.91
CA ALA A 9 -1.59 -9.88 -7.34
C ALA A 9 -0.75 -10.76 -8.26
N GLY A 10 0.27 -11.40 -7.69
CA GLY A 10 1.16 -12.23 -8.48
C GLY A 10 2.44 -12.54 -7.75
N LYS A 11 3.58 -12.24 -8.37
CA LYS A 11 4.89 -12.49 -7.77
C LYS A 11 5.40 -11.26 -6.96
N PRO A 12 5.44 -9.99 -7.50
CA PRO A 12 5.86 -8.82 -6.72
C PRO A 12 4.80 -8.37 -5.69
N GLY A 13 3.81 -7.61 -6.15
CA GLY A 13 2.79 -7.09 -5.27
C GLY A 13 2.40 -5.68 -5.64
N LEU A 14 3.35 -4.90 -6.13
CA LEU A 14 3.08 -3.56 -6.61
C LEU A 14 3.77 -3.28 -7.92
N TYR A 15 3.14 -2.41 -8.69
CA TYR A 15 3.72 -1.87 -9.91
C TYR A 15 3.39 -0.38 -10.00
N LYS A 16 4.16 0.34 -10.79
CA LYS A 16 3.87 1.72 -11.12
C LYS A 16 3.10 1.78 -12.42
N LEU A 17 1.83 2.10 -12.33
CA LEU A 17 0.97 2.21 -13.50
C LEU A 17 1.33 3.49 -14.27
N ILE A 18 1.82 3.29 -15.49
CA ILE A 18 2.27 4.39 -16.34
C ILE A 18 1.18 4.76 -17.34
N SER A 19 0.65 3.74 -18.01
CA SER A 19 -0.38 3.92 -19.01
C SER A 19 -1.33 2.73 -18.95
N GLN A 20 -2.63 2.99 -19.03
CA GLN A 20 -3.62 1.93 -18.95
C GLN A 20 -4.40 1.84 -20.26
N GLY A 21 -4.68 0.62 -20.69
CA GLY A 21 -5.47 0.41 -21.88
C GLY A 21 -6.55 -0.63 -21.66
N LYS A 22 -7.06 -1.16 -22.76
CA LYS A 22 -8.09 -2.20 -22.74
C LYS A 22 -7.43 -3.56 -22.63
N ASN A 23 -7.93 -4.38 -21.67
CA ASN A 23 -7.41 -5.74 -21.34
C ASN A 23 -6.10 -5.71 -20.55
N MET A 24 -5.08 -5.05 -21.10
CA MET A 24 -3.77 -4.95 -20.47
C MET A 24 -3.38 -3.50 -20.27
N LEU A 25 -2.34 -3.31 -19.46
CA LEU A 25 -1.75 -2.01 -19.23
C LEU A 25 -0.24 -2.10 -19.12
N ILE A 26 0.39 -0.94 -19.08
CA ILE A 26 1.82 -0.79 -19.03
C ILE A 26 2.23 -0.31 -17.64
N VAL A 27 2.97 -1.15 -16.95
CA VAL A 27 3.45 -0.83 -15.61
C VAL A 27 4.98 -0.95 -15.54
N GLU A 28 5.54 -0.39 -14.48
CA GLU A 28 6.95 -0.54 -14.18
C GLU A 28 7.12 -1.26 -12.85
N THR A 29 8.05 -2.20 -12.80
CA THR A 29 8.33 -2.93 -11.58
C THR A 29 8.97 -2.00 -10.56
N VAL A 30 8.34 -1.90 -9.39
CA VAL A 30 8.87 -1.09 -8.31
C VAL A 30 10.11 -1.71 -7.68
N ASP A 31 10.15 -3.04 -7.69
CA ASP A 31 11.21 -3.81 -7.06
C ASP A 31 12.18 -4.38 -8.09
N ALA A 32 13.31 -4.88 -7.56
CA ALA A 32 14.31 -5.70 -8.26
C ALA A 32 14.76 -5.17 -9.63
N ALA A 33 14.16 -5.71 -10.70
CA ALA A 33 14.60 -5.47 -12.08
C ALA A 33 14.15 -4.10 -12.59
N LYS A 34 12.99 -3.64 -12.08
CA LYS A 34 12.40 -2.33 -12.45
C LYS A 34 12.15 -2.22 -13.97
N LYS A 35 11.46 -3.22 -14.50
CA LYS A 35 11.23 -3.34 -15.95
C LYS A 35 9.82 -2.90 -16.32
N ARG A 36 9.54 -2.80 -17.62
CA ARG A 36 8.19 -2.56 -18.08
C ARG A 36 7.48 -3.91 -18.24
N VAL A 37 6.32 -4.03 -17.63
CA VAL A 37 5.60 -5.30 -17.61
C VAL A 37 4.22 -5.13 -18.25
N PRO A 38 3.84 -6.01 -19.19
CA PRO A 38 2.47 -6.12 -19.66
C PRO A 38 1.60 -6.87 -18.64
N ALA A 39 0.75 -6.13 -17.95
CA ALA A 39 -0.04 -6.70 -16.87
C ALA A 39 -1.51 -6.63 -17.23
N TYR A 40 -2.27 -7.62 -16.81
CA TYR A 40 -3.63 -7.76 -17.28
C TYR A 40 -4.62 -7.46 -16.16
N ALA A 41 -5.71 -6.79 -16.52
CA ALA A 41 -6.76 -6.39 -15.57
C ALA A 41 -7.64 -7.59 -15.15
N HIS A 42 -7.45 -8.71 -15.85
CA HIS A 42 -8.08 -9.98 -15.53
C HIS A 42 -7.63 -10.51 -14.16
N ASP A 43 -6.38 -10.24 -13.80
CA ASP A 43 -5.81 -10.71 -12.54
C ASP A 43 -6.31 -9.87 -11.37
N LYS A 44 -5.64 -8.75 -11.13
CA LYS A 44 -5.98 -7.82 -10.05
C LYS A 44 -5.37 -6.47 -10.35
N VAL A 45 -6.15 -5.61 -10.99
CA VAL A 45 -5.73 -4.24 -11.21
C VAL A 45 -6.64 -3.30 -10.41
N ILE A 46 -6.11 -2.87 -9.28
CA ILE A 46 -6.74 -1.92 -8.38
C ILE A 46 -5.64 -0.97 -7.95
N SER A 47 -5.85 0.33 -8.01
CA SER A 47 -4.83 1.27 -7.55
C SER A 47 -4.80 1.31 -6.01
N LEU A 48 -3.62 1.52 -5.44
CA LEU A 48 -3.44 1.61 -3.98
C LEU A 48 -4.09 2.91 -3.47
N ALA A 49 -4.04 3.96 -4.30
CA ALA A 49 -4.68 5.23 -3.99
C ALA A 49 -6.20 5.18 -4.22
N ASP A 50 -6.66 4.10 -4.85
CA ASP A 50 -8.08 3.89 -5.14
C ASP A 50 -8.79 3.19 -3.98
N ILE A 51 -8.05 2.37 -3.23
CA ILE A 51 -8.59 1.68 -2.06
C ILE A 51 -8.90 2.70 -0.95
N ALA A 52 -10.06 2.56 -0.33
CA ALA A 52 -10.39 3.31 0.88
C ALA A 52 -10.96 2.35 1.92
N MET A 53 -10.90 2.75 3.18
CA MET A 53 -11.47 1.98 4.26
C MET A 53 -12.43 2.85 5.05
N TYR A 54 -13.37 2.21 5.71
CA TYR A 54 -14.47 2.94 6.31
C TYR A 54 -14.36 2.96 7.82
N THR A 55 -14.86 4.04 8.38
CA THR A 55 -14.81 4.27 9.82
C THR A 55 -16.10 5.04 10.22
N ASP A 56 -16.19 5.46 11.48
CA ASP A 56 -17.28 6.30 11.97
C ASP A 56 -17.19 7.72 11.36
N ALA A 57 -15.96 8.13 11.04
CA ALA A 57 -15.69 9.37 10.33
C ALA A 57 -15.77 9.15 8.81
N GLU A 58 -15.16 10.05 8.03
CA GLU A 58 -15.11 9.95 6.55
C GLU A 58 -14.35 8.73 6.09
N GLU A 59 -14.66 8.26 4.88
CA GLU A 59 -13.95 7.15 4.26
C GLU A 59 -12.52 7.57 3.90
N VAL A 60 -11.59 7.06 4.68
CA VAL A 60 -10.19 7.41 4.53
C VAL A 60 -9.49 6.44 3.58
N PRO A 61 -8.87 6.97 2.50
CA PRO A 61 -8.10 6.18 1.52
C PRO A 61 -6.92 5.43 2.16
N LEU A 62 -6.48 4.39 1.46
CA LEU A 62 -5.44 3.50 1.95
C LEU A 62 -4.12 4.23 2.11
N SER A 63 -3.80 5.11 1.15
CA SER A 63 -2.58 5.93 1.16
C SER A 63 -2.49 6.89 2.36
N GLU A 64 -3.65 7.31 2.89
CA GLU A 64 -3.71 8.21 4.06
C GLU A 64 -3.31 7.48 5.33
N VAL A 65 -3.94 6.33 5.56
CA VAL A 65 -3.82 5.58 6.81
C VAL A 65 -2.58 4.67 6.82
N LEU A 66 -2.09 4.33 5.64
CA LEU A 66 -0.83 3.61 5.45
C LEU A 66 0.34 4.51 5.80
N GLU A 67 0.19 5.80 5.50
CA GLU A 67 1.17 6.78 5.91
C GLU A 67 1.07 7.09 7.39
N ALA A 68 -0.14 7.07 7.94
CA ALA A 68 -0.35 7.31 9.37
C ALA A 68 0.32 6.24 10.24
N VAL A 69 0.17 4.97 9.86
CA VAL A 69 0.77 3.84 10.61
C VAL A 69 2.30 3.76 10.36
N LYS A 70 2.76 4.15 9.17
CA LYS A 70 4.20 4.19 8.87
C LYS A 70 4.91 5.31 9.64
N LYS A 71 4.24 6.48 9.75
CA LYS A 71 4.82 7.70 10.35
C LYS A 71 4.94 7.62 11.88
N LYS A 72 4.07 6.81 12.52
CA LYS A 72 4.15 6.60 13.97
C LYS A 72 5.42 5.80 14.33
N GLU A 73 5.87 4.98 13.39
CA GLU A 73 7.08 4.19 13.54
C GLU A 73 8.27 4.89 12.88
N ASN A 74 7.97 6.03 12.22
CA ASN A 74 8.94 6.90 11.51
C ASN A 74 9.66 6.18 10.36
N GLY A 75 8.94 5.25 9.73
CA GLY A 75 9.49 4.47 8.63
C GLY A 75 10.23 3.24 9.11
N ALA A 76 9.53 2.36 9.82
CA ALA A 76 10.14 1.14 10.36
C ALA A 76 9.87 -0.09 9.46
N VAL A 77 9.56 0.19 8.18
CA VAL A 77 9.24 -0.80 7.12
C VAL A 77 7.84 -1.42 7.34
N ALA A 78 7.70 -2.20 8.42
CA ALA A 78 6.52 -3.01 8.71
C ALA A 78 6.77 -3.72 10.03
N SER A 79 6.21 -3.18 11.11
CA SER A 79 6.48 -3.70 12.46
C SER A 79 5.51 -4.85 12.81
N ILE A 80 4.74 -5.29 11.81
CA ILE A 80 3.79 -6.36 11.97
C ILE A 80 3.92 -7.34 10.78
N ASN A 81 3.70 -8.63 11.04
CA ASN A 81 3.78 -9.64 9.99
C ASN A 81 2.38 -10.15 9.65
N TYR A 82 1.97 -9.92 8.42
CA TYR A 82 0.57 -10.02 7.98
C TYR A 82 0.06 -11.46 7.78
N LYS A 83 0.96 -12.43 7.76
CA LYS A 83 0.57 -13.82 7.52
C LYS A 83 0.57 -14.66 8.79
N LYS A 84 1.35 -14.26 9.80
CA LYS A 84 1.42 -15.02 11.04
C LYS A 84 0.63 -14.35 12.16
N ALA A 85 0.10 -13.16 11.90
CA ALA A 85 -0.68 -12.44 12.88
C ALA A 85 -2.17 -12.68 12.66
N SER A 86 -2.93 -12.57 13.75
CA SER A 86 -4.38 -12.76 13.73
C SER A 86 -5.08 -11.62 12.99
N ALA A 87 -6.23 -11.93 12.37
CA ALA A 87 -6.99 -10.97 11.59
C ALA A 87 -7.51 -9.78 12.44
N ASP A 88 -7.83 -10.07 13.70
CA ASP A 88 -8.32 -9.06 14.62
C ASP A 88 -7.20 -8.17 15.18
N GLU A 89 -6.01 -8.73 15.43
CA GLU A 89 -4.89 -7.95 16.01
C GLU A 89 -4.33 -6.92 15.02
N LEU A 90 -4.53 -7.16 13.71
CA LEU A 90 -4.22 -6.21 12.64
C LEU A 90 -5.01 -4.89 12.78
N HIS A 91 -6.21 -4.96 13.38
CA HIS A 91 -7.05 -3.78 13.64
C HIS A 91 -6.47 -2.91 14.76
N ALA A 92 -5.81 -3.55 15.73
CA ALA A 92 -5.25 -2.84 16.90
C ALA A 92 -3.94 -2.14 16.57
N TYR A 93 -3.22 -2.64 15.56
CA TYR A 93 -2.02 -1.99 15.03
C TYR A 93 -2.41 -0.69 14.31
N PHE A 94 -3.60 -0.71 13.72
CA PHE A 94 -4.16 0.41 12.99
C PHE A 94 -4.69 1.48 13.96
N ALA A 95 -5.16 1.01 15.13
CA ALA A 95 -5.78 1.84 16.17
C ALA A 95 -4.77 2.72 16.92
N GLU A 96 -3.47 2.50 16.66
CA GLU A 96 -2.40 3.23 17.32
C GLU A 96 -2.31 4.69 16.84
N VAL A 97 -2.75 4.94 15.60
CA VAL A 97 -2.87 6.31 15.09
C VAL A 97 -4.31 6.63 14.69
N LEU A 98 -5.12 5.59 14.49
CA LEU A 98 -6.51 5.76 14.14
C LEU A 98 -7.38 5.01 15.17
N PRO A 99 -7.58 5.60 16.39
CA PRO A 99 -8.27 4.93 17.50
C PRO A 99 -9.77 4.77 17.25
N ASN A 100 -10.41 5.83 16.76
CA ASN A 100 -11.79 5.75 16.33
C ASN A 100 -11.84 5.32 14.86
N TYR A 101 -11.67 4.03 14.67
CA TYR A 101 -11.94 3.37 13.41
C TYR A 101 -13.20 2.54 13.63
N ASP A 102 -13.67 1.84 12.61
CA ASP A 102 -14.75 0.91 12.83
C ASP A 102 -14.27 -0.50 12.57
N ARG A 103 -14.52 -1.39 13.53
CA ARG A 103 -13.98 -2.75 13.50
C ARG A 103 -14.79 -3.67 12.57
N ASP A 104 -15.97 -3.22 12.17
CA ASP A 104 -16.83 -3.96 11.26
C ASP A 104 -16.68 -3.43 9.82
N ARG A 105 -16.39 -2.12 9.70
CA ARG A 105 -16.21 -1.47 8.40
C ARG A 105 -14.80 -1.69 7.85
N VAL A 106 -13.84 -1.84 8.76
CA VAL A 106 -12.52 -2.33 8.39
C VAL A 106 -12.53 -3.85 8.53
N HIS A 107 -12.64 -4.54 7.41
CA HIS A 107 -12.75 -6.00 7.39
C HIS A 107 -12.10 -6.52 6.11
N ASN A 108 -12.33 -7.83 5.79
CA ASN A 108 -11.95 -8.50 4.51
C ASN A 108 -10.46 -8.87 4.45
N GLY A 109 -9.62 -7.98 4.94
CA GLY A 109 -8.19 -8.16 4.89
C GLY A 109 -7.50 -6.96 4.30
N ASP A 110 -8.17 -5.80 4.45
CA ASP A 110 -7.70 -4.53 3.87
C ASP A 110 -6.50 -3.95 4.62
N ILE A 111 -6.34 -4.31 5.90
CA ILE A 111 -5.12 -3.98 6.64
C ILE A 111 -4.00 -4.92 6.21
N LYS A 112 -4.29 -6.22 6.10
CA LYS A 112 -3.27 -7.24 5.86
C LYS A 112 -2.69 -7.19 4.45
N LYS A 113 -3.52 -6.75 3.48
CA LYS A 113 -3.05 -6.53 2.10
C LYS A 113 -2.18 -5.28 2.03
N LEU A 114 -2.49 -4.31 2.89
CA LEU A 114 -1.73 -3.07 3.03
C LEU A 114 -0.36 -3.36 3.65
N ILE A 115 -0.29 -4.38 4.55
CA ILE A 115 0.98 -4.83 5.17
C ILE A 115 1.86 -5.59 4.14
N SER A 116 1.20 -6.26 3.17
CA SER A 116 1.90 -6.91 2.08
C SER A 116 2.69 -5.89 1.24
N TRP A 117 2.07 -4.72 1.02
CA TRP A 117 2.70 -3.65 0.26
C TRP A 117 3.56 -2.75 1.14
N TYR A 118 3.30 -2.79 2.45
CA TYR A 118 3.98 -1.99 3.51
C TYR A 118 5.50 -2.22 3.47
N ASN A 119 5.87 -3.50 3.24
CA ASN A 119 7.26 -3.89 3.02
C ASN A 119 7.82 -3.27 1.74
N ILE A 120 7.09 -3.46 0.63
CA ILE A 120 7.47 -3.03 -0.73
C ILE A 120 7.72 -1.52 -0.84
N LEU A 121 6.86 -0.74 -0.19
CA LEU A 121 6.85 0.71 -0.27
C LEU A 121 8.10 1.33 0.38
N VAL A 122 8.41 0.88 1.59
CA VAL A 122 9.60 1.34 2.30
C VAL A 122 10.88 0.76 1.66
N ASN A 123 10.79 -0.49 1.19
CA ASN A 123 11.94 -1.24 0.62
C ASN A 123 12.50 -0.56 -0.61
N ASN A 124 11.63 -0.14 -1.52
CA ASN A 124 12.07 0.40 -2.80
C ASN A 124 11.95 1.93 -2.85
N GLY A 125 11.61 2.54 -1.70
CA GLY A 125 11.49 3.99 -1.59
C GLY A 125 10.46 4.60 -2.52
N ILE A 126 9.21 4.16 -2.39
CA ILE A 126 8.13 4.57 -3.27
C ILE A 126 7.72 6.02 -3.00
N THR A 127 7.80 6.85 -4.03
CA THR A 127 7.60 8.29 -3.89
C THR A 127 6.22 8.74 -4.39
N GLU A 128 5.34 7.78 -4.68
CA GLU A 128 4.09 8.05 -5.38
C GLU A 128 2.88 8.19 -4.45
N PHE A 129 3.10 8.18 -3.15
CA PHE A 129 1.98 8.28 -2.18
C PHE A 129 2.38 9.08 -0.94
N VAL A 130 3.60 9.61 -0.94
CA VAL A 130 4.13 10.31 0.24
C VAL A 130 4.42 11.76 -0.13
N GLU A 131 4.16 12.68 0.82
CA GLU A 131 4.48 14.10 0.67
C GLU A 131 6.00 14.32 0.63
N ALA A 132 6.73 13.62 1.51
CA ALA A 132 8.19 13.63 1.54
C ALA A 132 8.67 12.23 1.93
N PRO A 133 8.91 11.36 0.92
CA PRO A 133 9.19 9.93 1.15
C PRO A 133 10.60 9.67 1.69
N ALA A 134 11.59 9.84 0.82
CA ALA A 134 12.99 9.67 1.19
C ALA A 134 13.85 10.39 0.17
N LEU A 135 14.90 11.03 0.63
CA LEU A 135 15.88 11.62 -0.27
C LEU A 135 16.92 10.56 -0.63
N GLU A 136 17.78 10.88 -1.62
CA GLU A 136 18.83 9.97 -2.18
C GLU A 136 18.21 8.91 -3.12
N HIS A 137 16.94 9.09 -3.47
CA HIS A 137 16.25 8.15 -4.37
C HIS A 137 16.01 8.76 -5.76
N HIS A 138 16.25 10.07 -5.91
CA HIS A 138 15.89 10.81 -7.14
C HIS A 138 16.76 10.42 -8.35
N HIS A 139 17.87 9.73 -8.12
CA HIS A 139 18.75 9.29 -9.20
C HIS A 139 18.48 7.82 -9.60
N HIS A 140 17.24 7.35 -9.28
CA HIS A 140 16.64 6.06 -9.72
C HIS A 140 17.21 4.84 -8.97
N HIS A 141 18.51 4.59 -9.15
CA HIS A 141 19.16 3.38 -8.65
C HIS A 141 19.25 3.37 -7.13
N HIS A 142 18.51 2.44 -6.53
CA HIS A 142 18.52 2.20 -5.10
C HIS A 142 17.97 0.79 -4.83
N MET A 1 0.10 9.90 -5.28
CA MET A 1 -0.32 9.35 -3.97
C MET A 1 -0.95 7.97 -4.12
N LEU A 2 -1.97 7.87 -4.99
CA LEU A 2 -2.79 6.66 -5.04
C LEU A 2 -3.12 6.19 -6.47
N LYS A 3 -3.27 7.13 -7.41
CA LYS A 3 -3.72 6.81 -8.78
C LYS A 3 -2.56 6.42 -9.68
N THR A 4 -1.35 6.65 -9.20
CA THR A 4 -0.14 6.33 -9.95
C THR A 4 0.33 4.92 -9.61
N ILE A 5 0.11 4.50 -8.38
CA ILE A 5 0.45 3.16 -7.96
C ILE A 5 -0.77 2.23 -8.06
N LEU A 6 -0.52 1.08 -8.63
CA LEU A 6 -1.47 0.00 -8.66
C LEU A 6 -1.07 -1.04 -7.64
N SER A 7 -2.06 -1.49 -6.90
CA SER A 7 -1.88 -2.49 -5.89
C SER A 7 -2.37 -3.85 -6.41
N ILE A 8 -1.51 -4.85 -6.31
CA ILE A 8 -1.75 -6.14 -6.95
C ILE A 8 -1.99 -7.21 -5.90
N ALA A 9 -3.04 -8.00 -6.09
CA ALA A 9 -3.38 -9.07 -5.18
C ALA A 9 -3.03 -10.43 -5.79
N GLY A 10 -1.82 -10.89 -5.51
CA GLY A 10 -1.37 -12.18 -6.01
C GLY A 10 0.07 -12.46 -5.62
N LYS A 11 0.89 -12.80 -6.61
CA LYS A 11 2.30 -13.08 -6.40
C LYS A 11 3.16 -11.78 -6.38
N PRO A 12 3.02 -10.82 -7.37
CA PRO A 12 3.69 -9.51 -7.27
C PRO A 12 3.00 -8.55 -6.28
N GLY A 13 3.29 -7.24 -6.41
CA GLY A 13 2.96 -6.33 -5.32
C GLY A 13 2.45 -4.98 -5.76
N LEU A 14 3.33 -4.11 -6.24
CA LEU A 14 2.96 -2.74 -6.59
C LEU A 14 3.61 -2.31 -7.90
N TYR A 15 2.79 -1.71 -8.77
CA TYR A 15 3.21 -1.35 -10.12
C TYR A 15 2.75 0.07 -10.48
N LYS A 16 3.65 0.85 -11.04
CA LYS A 16 3.33 2.20 -11.51
C LYS A 16 2.54 2.15 -12.82
N LEU A 17 1.30 2.62 -12.81
CA LEU A 17 0.52 2.69 -14.03
C LEU A 17 0.92 3.92 -14.82
N ILE A 18 1.52 3.65 -15.96
CA ILE A 18 2.01 4.69 -16.85
C ILE A 18 0.97 4.93 -17.94
N SER A 19 0.45 3.85 -18.52
CA SER A 19 -0.46 3.93 -19.65
C SER A 19 -1.47 2.79 -19.61
N GLN A 20 -2.63 3.01 -20.21
CA GLN A 20 -3.60 1.94 -20.44
C GLN A 20 -3.81 1.80 -21.95
N GLY A 21 -3.41 0.65 -22.48
CA GLY A 21 -3.48 0.44 -23.91
C GLY A 21 -4.65 -0.44 -24.33
N LYS A 22 -4.71 -0.77 -25.62
CA LYS A 22 -5.79 -1.58 -26.16
C LYS A 22 -5.37 -3.07 -26.27
N ASN A 23 -4.85 -3.57 -25.13
CA ASN A 23 -4.35 -4.95 -24.98
C ASN A 23 -3.85 -5.11 -23.55
N MET A 24 -2.88 -4.28 -23.20
CA MET A 24 -2.11 -4.42 -21.98
C MET A 24 -2.00 -3.11 -21.23
N LEU A 25 -1.95 -3.21 -19.90
CA LEU A 25 -1.67 -2.05 -19.06
C LEU A 25 -0.17 -1.94 -18.89
N ILE A 26 0.34 -0.74 -19.02
CA ILE A 26 1.77 -0.49 -18.95
C ILE A 26 2.12 -0.16 -17.52
N VAL A 27 2.77 -1.10 -16.85
CA VAL A 27 3.11 -0.94 -15.45
C VAL A 27 4.59 -1.19 -15.19
N GLU A 28 5.16 -0.44 -14.27
CA GLU A 28 6.56 -0.58 -13.92
C GLU A 28 6.67 -0.96 -12.46
N THR A 29 7.39 -2.05 -12.18
CA THR A 29 7.58 -2.50 -10.81
C THR A 29 8.61 -1.61 -10.14
N VAL A 30 8.41 -1.30 -8.88
CA VAL A 30 9.42 -0.57 -8.13
C VAL A 30 10.07 -1.54 -7.17
N ASP A 31 11.07 -2.24 -7.66
CA ASP A 31 11.77 -3.24 -6.90
C ASP A 31 13.26 -3.18 -7.24
N ALA A 32 14.02 -4.21 -6.86
CA ALA A 32 15.45 -4.28 -7.14
C ALA A 32 15.76 -4.36 -8.64
N ALA A 33 14.95 -5.14 -9.38
CA ALA A 33 15.06 -5.23 -10.84
C ALA A 33 14.42 -4.01 -11.52
N LYS A 34 13.27 -3.56 -10.94
CA LYS A 34 12.41 -2.48 -11.46
C LYS A 34 12.18 -2.54 -12.98
N LYS A 35 11.43 -3.54 -13.39
CA LYS A 35 11.17 -3.79 -14.80
C LYS A 35 9.76 -3.34 -15.21
N ARG A 36 9.58 -3.06 -16.49
CA ARG A 36 8.25 -2.73 -17.03
C ARG A 36 7.60 -3.99 -17.57
N VAL A 37 6.45 -4.32 -16.99
CA VAL A 37 5.77 -5.58 -17.22
C VAL A 37 4.39 -5.32 -17.88
N PRO A 38 3.96 -6.16 -18.85
CA PRO A 38 2.55 -6.15 -19.31
C PRO A 38 1.57 -6.72 -18.28
N ALA A 39 0.58 -5.92 -17.92
CA ALA A 39 -0.50 -6.34 -17.01
C ALA A 39 -1.79 -6.55 -17.79
N TYR A 40 -2.38 -7.74 -17.68
CA TYR A 40 -3.69 -8.06 -18.29
C TYR A 40 -4.18 -9.45 -17.88
N ALA A 41 -5.41 -9.76 -18.30
CA ALA A 41 -6.03 -11.10 -18.27
C ALA A 41 -6.31 -11.63 -16.86
N HIS A 42 -5.47 -12.55 -16.37
CA HIS A 42 -5.80 -13.35 -15.18
C HIS A 42 -4.98 -12.93 -13.96
N ASP A 43 -4.69 -11.64 -13.87
CA ASP A 43 -4.01 -11.07 -12.72
C ASP A 43 -4.88 -9.97 -12.11
N LYS A 44 -4.89 -9.87 -10.78
CA LYS A 44 -5.70 -8.87 -10.10
C LYS A 44 -5.02 -7.51 -10.07
N VAL A 45 -5.26 -6.76 -11.14
CA VAL A 45 -4.72 -5.44 -11.31
C VAL A 45 -5.71 -4.42 -10.76
N ILE A 46 -5.39 -3.89 -9.59
CA ILE A 46 -6.25 -2.97 -8.86
C ILE A 46 -5.50 -1.64 -8.68
N SER A 47 -6.20 -0.52 -8.65
CA SER A 47 -5.58 0.76 -8.31
C SER A 47 -5.49 0.91 -6.79
N LEU A 48 -4.43 1.54 -6.28
CA LEU A 48 -4.32 1.83 -4.85
C LEU A 48 -5.30 2.96 -4.47
N ALA A 49 -5.72 3.72 -5.49
CA ALA A 49 -6.73 4.77 -5.37
C ALA A 49 -8.13 4.21 -5.05
N ASP A 50 -8.33 2.93 -5.36
CA ASP A 50 -9.59 2.24 -5.15
C ASP A 50 -9.82 1.92 -3.67
N ILE A 51 -8.76 1.55 -2.96
CA ILE A 51 -8.87 1.15 -1.56
C ILE A 51 -8.92 2.39 -0.67
N ALA A 52 -9.91 2.39 0.20
CA ALA A 52 -10.11 3.44 1.19
C ALA A 52 -10.58 2.82 2.49
N MET A 53 -10.37 3.51 3.59
CA MET A 53 -10.72 3.01 4.89
C MET A 53 -11.90 3.80 5.43
N TYR A 54 -12.88 3.07 5.92
CA TYR A 54 -14.09 3.66 6.43
C TYR A 54 -14.02 3.69 7.95
N THR A 55 -14.64 4.70 8.54
CA THR A 55 -14.49 4.95 9.97
C THR A 55 -15.75 5.70 10.51
N ASP A 56 -15.67 6.20 11.75
CA ASP A 56 -16.69 7.07 12.35
C ASP A 56 -16.78 8.41 11.58
N ALA A 57 -15.62 8.86 11.11
CA ALA A 57 -15.52 10.04 10.27
C ALA A 57 -15.74 9.67 8.78
N GLU A 58 -15.35 10.58 7.88
CA GLU A 58 -15.50 10.36 6.44
C GLU A 58 -14.45 9.41 5.88
N GLU A 59 -14.50 9.19 4.55
CA GLU A 59 -13.61 8.27 3.88
C GLU A 59 -12.16 8.80 3.85
N VAL A 60 -11.25 7.97 4.29
CA VAL A 60 -9.84 8.27 4.21
C VAL A 60 -9.16 7.21 3.33
N PRO A 61 -8.68 7.61 2.12
CA PRO A 61 -8.05 6.70 1.15
C PRO A 61 -6.79 6.04 1.70
N LEU A 62 -6.44 4.87 1.13
CA LEU A 62 -5.37 4.03 1.67
C LEU A 62 -4.01 4.72 1.64
N SER A 63 -3.77 5.59 0.67
CA SER A 63 -2.55 6.38 0.58
C SER A 63 -2.29 7.24 1.84
N GLU A 64 -3.35 7.87 2.36
CA GLU A 64 -3.25 8.68 3.58
C GLU A 64 -3.16 7.78 4.83
N VAL A 65 -3.85 6.64 4.78
CA VAL A 65 -3.82 5.63 5.84
C VAL A 65 -2.41 5.02 6.01
N LEU A 66 -1.75 4.77 4.87
CA LEU A 66 -0.42 4.14 4.81
C LEU A 66 0.61 4.89 5.64
N GLU A 67 0.72 6.20 5.42
CA GLU A 67 1.74 7.01 6.11
C GLU A 67 1.34 7.29 7.57
N ALA A 68 0.05 7.34 7.87
CA ALA A 68 -0.44 7.66 9.22
C ALA A 68 0.04 6.64 10.27
N VAL A 69 -0.20 5.35 9.99
CA VAL A 69 0.24 4.28 10.89
C VAL A 69 1.75 3.97 10.75
N LYS A 70 2.30 4.19 9.54
CA LYS A 70 3.74 3.98 9.27
C LYS A 70 4.61 5.01 10.00
N LYS A 71 4.09 6.22 10.22
CA LYS A 71 4.81 7.27 10.95
C LYS A 71 4.92 6.92 12.44
N LYS A 72 3.93 6.14 12.93
CA LYS A 72 3.97 5.56 14.27
C LYS A 72 5.00 4.40 14.31
N GLU A 73 5.24 3.80 13.15
CA GLU A 73 6.31 2.79 12.95
C GLU A 73 7.64 3.46 12.59
N ASN A 74 7.80 4.73 13.03
CA ASN A 74 9.04 5.53 12.94
C ASN A 74 9.38 5.98 11.51
N GLY A 75 8.40 5.90 10.60
CA GLY A 75 8.58 6.30 9.22
C GLY A 75 9.16 5.23 8.31
N ALA A 76 9.60 4.12 8.89
CA ALA A 76 10.31 3.10 8.16
C ALA A 76 9.40 1.92 7.81
N VAL A 77 9.99 0.83 7.30
CA VAL A 77 9.26 -0.40 7.03
C VAL A 77 8.70 -0.97 8.35
N ALA A 78 7.41 -1.34 8.32
CA ALA A 78 6.67 -1.74 9.52
C ALA A 78 7.22 -3.03 10.14
N SER A 79 7.13 -3.10 11.46
CA SER A 79 7.69 -4.18 12.26
C SER A 79 6.73 -5.38 12.35
N ILE A 80 5.56 -5.22 11.76
CA ILE A 80 4.56 -6.27 11.69
C ILE A 80 4.72 -7.06 10.38
N ASN A 81 4.51 -8.37 10.44
CA ASN A 81 4.49 -9.19 9.24
C ASN A 81 3.09 -9.76 9.05
N TYR A 82 2.60 -9.68 7.81
CA TYR A 82 1.22 -10.08 7.48
C TYR A 82 1.00 -11.58 7.61
N LYS A 83 1.97 -12.36 7.15
CA LYS A 83 1.87 -13.80 7.14
C LYS A 83 2.44 -14.41 8.45
N LYS A 84 2.41 -13.59 9.50
CA LYS A 84 2.90 -13.94 10.84
C LYS A 84 1.98 -13.32 11.88
N ALA A 85 0.82 -12.84 11.41
CA ALA A 85 -0.20 -12.26 12.28
C ALA A 85 -1.54 -12.97 12.07
N SER A 86 -2.45 -12.78 13.03
CA SER A 86 -3.76 -13.42 13.02
C SER A 86 -4.86 -12.38 12.72
N ALA A 87 -6.07 -12.57 13.26
CA ALA A 87 -7.15 -11.61 13.11
C ALA A 87 -7.09 -10.42 14.08
N ASP A 88 -7.17 -10.72 15.40
CA ASP A 88 -7.43 -9.69 16.44
C ASP A 88 -6.33 -8.67 16.62
N GLU A 89 -5.11 -9.14 16.78
CA GLU A 89 -3.95 -8.30 17.04
C GLU A 89 -3.55 -7.46 15.80
N LEU A 90 -3.91 -7.96 14.62
CA LEU A 90 -3.70 -7.27 13.34
C LEU A 90 -4.56 -5.99 13.26
N HIS A 91 -5.85 -6.06 13.61
CA HIS A 91 -6.69 -4.87 13.52
C HIS A 91 -6.49 -3.94 14.72
N ALA A 92 -6.02 -4.50 15.85
CA ALA A 92 -5.67 -3.72 17.03
C ALA A 92 -4.36 -2.92 16.82
N TYR A 93 -3.54 -3.39 15.87
CA TYR A 93 -2.31 -2.71 15.45
C TYR A 93 -2.63 -1.38 14.73
N PHE A 94 -3.80 -1.34 14.09
CA PHE A 94 -4.28 -0.15 13.37
C PHE A 94 -4.74 0.96 14.34
N ALA A 95 -5.10 0.56 15.58
CA ALA A 95 -5.69 1.45 16.58
C ALA A 95 -4.66 2.37 17.28
N GLU A 96 -3.47 2.46 16.70
CA GLU A 96 -2.39 3.28 17.23
C GLU A 96 -2.65 4.77 17.04
N VAL A 97 -2.73 5.23 15.79
CA VAL A 97 -3.02 6.64 15.52
C VAL A 97 -4.47 6.87 15.10
N LEU A 98 -5.17 5.79 14.72
CA LEU A 98 -6.60 5.86 14.48
C LEU A 98 -7.34 5.06 15.53
N PRO A 99 -7.84 5.69 16.62
CA PRO A 99 -8.64 5.00 17.63
C PRO A 99 -10.16 5.10 17.41
N ASN A 100 -10.59 5.98 16.49
CA ASN A 100 -12.01 6.27 16.28
C ASN A 100 -12.60 5.47 15.10
N TYR A 101 -11.86 4.50 14.60
CA TYR A 101 -12.36 3.62 13.55
C TYR A 101 -13.25 2.52 14.15
N ASP A 102 -13.93 1.78 13.29
CA ASP A 102 -14.70 0.64 13.76
C ASP A 102 -14.22 -0.63 13.08
N ARG A 103 -14.34 -1.76 13.78
CA ARG A 103 -13.92 -3.07 13.28
C ARG A 103 -14.91 -3.67 12.27
N ASP A 104 -16.08 -3.04 12.12
CA ASP A 104 -17.06 -3.38 11.09
C ASP A 104 -16.57 -2.90 9.72
N ARG A 105 -15.97 -1.72 9.71
CA ARG A 105 -15.50 -1.08 8.48
C ARG A 105 -14.08 -1.55 8.15
N VAL A 106 -13.20 -1.44 9.13
CA VAL A 106 -11.84 -1.92 9.03
C VAL A 106 -11.79 -3.35 9.57
N HIS A 107 -11.67 -4.31 8.65
CA HIS A 107 -11.89 -5.72 8.99
C HIS A 107 -10.60 -6.38 9.45
N ASN A 108 -9.82 -6.85 8.48
CA ASN A 108 -8.63 -7.66 8.69
C ASN A 108 -7.86 -7.78 7.38
N GLY A 109 -8.56 -8.23 6.33
CA GLY A 109 -7.93 -8.50 5.04
C GLY A 109 -7.44 -7.25 4.33
N ASP A 110 -8.08 -6.12 4.60
CA ASP A 110 -7.69 -4.81 4.05
C ASP A 110 -6.42 -4.25 4.71
N ILE A 111 -6.24 -4.54 5.99
CA ILE A 111 -4.99 -4.21 6.69
C ILE A 111 -3.88 -5.22 6.33
N LYS A 112 -4.25 -6.49 6.15
CA LYS A 112 -3.29 -7.55 5.81
C LYS A 112 -2.67 -7.36 4.42
N LYS A 113 -3.47 -6.87 3.47
CA LYS A 113 -2.97 -6.56 2.14
C LYS A 113 -2.12 -5.28 2.18
N LEU A 114 -2.42 -4.38 3.13
CA LEU A 114 -1.64 -3.18 3.36
C LEU A 114 -0.24 -3.51 3.93
N ILE A 115 -0.14 -4.57 4.76
CA ILE A 115 1.16 -5.04 5.29
C ILE A 115 1.98 -5.71 4.18
N SER A 116 1.27 -6.38 3.26
CA SER A 116 1.87 -7.04 2.12
C SER A 116 2.50 -6.03 1.17
N TRP A 117 1.83 -4.88 0.99
CA TRP A 117 2.34 -3.83 0.13
C TRP A 117 3.32 -2.93 0.86
N TYR A 118 3.23 -2.91 2.20
CA TYR A 118 4.11 -2.10 3.08
C TYR A 118 5.58 -2.40 2.85
N ASN A 119 5.88 -3.70 2.81
CA ASN A 119 7.24 -4.18 2.74
C ASN A 119 7.85 -3.92 1.35
N ILE A 120 7.00 -3.83 0.32
CA ILE A 120 7.42 -3.48 -1.04
C ILE A 120 7.59 -1.95 -1.20
N LEU A 121 6.64 -1.21 -0.62
CA LEU A 121 6.48 0.25 -0.81
C LEU A 121 7.62 1.02 -0.14
N VAL A 122 7.86 0.77 1.15
CA VAL A 122 8.91 1.47 1.92
C VAL A 122 10.33 1.01 1.52
N ASN A 123 10.45 -0.26 1.07
CA ASN A 123 11.74 -0.91 0.81
C ASN A 123 12.52 -0.24 -0.32
N ASN A 124 11.80 0.19 -1.36
CA ASN A 124 12.42 0.76 -2.53
C ASN A 124 12.25 2.27 -2.59
N GLY A 125 11.71 2.83 -1.50
CA GLY A 125 11.46 4.26 -1.41
C GLY A 125 10.45 4.77 -2.41
N ILE A 126 9.28 4.13 -2.44
CA ILE A 126 8.21 4.53 -3.33
C ILE A 126 7.45 5.70 -2.69
N THR A 127 7.31 6.79 -3.43
CA THR A 127 6.80 8.05 -2.89
C THR A 127 5.27 8.16 -2.95
N GLU A 128 4.59 7.04 -2.98
CA GLU A 128 3.15 7.01 -3.10
C GLU A 128 2.48 6.72 -1.76
N PHE A 129 2.47 7.75 -0.92
CA PHE A 129 1.80 7.71 0.37
C PHE A 129 0.95 8.98 0.50
N VAL A 130 1.45 9.96 1.22
CA VAL A 130 0.78 11.24 1.39
C VAL A 130 1.48 12.34 0.58
N GLU A 131 1.38 13.59 1.04
CA GLU A 131 2.12 14.71 0.47
C GLU A 131 3.65 14.53 0.58
N ALA A 132 4.12 13.99 1.71
CA ALA A 132 5.55 13.76 1.93
C ALA A 132 5.77 12.45 2.68
N PRO A 133 6.26 11.39 2.00
CA PRO A 133 6.57 10.11 2.64
C PRO A 133 7.91 10.16 3.38
N ALA A 134 7.93 9.57 4.58
CA ALA A 134 9.13 9.49 5.39
C ALA A 134 10.14 8.51 4.79
N LEU A 135 9.65 7.29 4.46
CA LEU A 135 10.40 6.23 3.75
C LEU A 135 11.61 5.70 4.53
N GLU A 136 12.41 4.87 3.86
CA GLU A 136 13.64 4.37 4.41
C GLU A 136 14.79 4.84 3.52
N HIS A 137 15.96 5.07 4.11
CA HIS A 137 17.07 5.69 3.41
C HIS A 137 17.98 4.65 2.73
N HIS A 138 18.64 5.09 1.66
CA HIS A 138 19.55 4.24 0.90
C HIS A 138 20.88 4.06 1.65
N HIS A 139 21.53 2.90 1.38
CA HIS A 139 22.78 2.48 2.04
C HIS A 139 22.56 2.28 3.54
N HIS A 140 22.01 1.11 3.86
CA HIS A 140 21.66 0.69 5.22
C HIS A 140 21.20 -0.77 5.19
N HIS A 141 20.37 -1.09 4.21
CA HIS A 141 19.64 -2.34 4.18
C HIS A 141 20.13 -3.26 3.05
N HIS A 142 20.94 -4.26 3.44
CA HIS A 142 21.52 -5.28 2.54
C HIS A 142 22.42 -4.65 1.47
N MET A 1 0.86 11.22 -7.22
CA MET A 1 0.20 10.77 -5.97
C MET A 1 -0.99 9.87 -6.28
N LEU A 2 -1.14 8.81 -5.47
CA LEU A 2 -2.33 7.92 -5.39
C LEU A 2 -2.51 6.99 -6.61
N LYS A 3 -2.86 7.58 -7.75
CA LYS A 3 -3.40 6.87 -8.92
C LYS A 3 -2.30 6.50 -9.91
N THR A 4 -1.09 6.35 -9.41
CA THR A 4 0.03 5.92 -10.23
C THR A 4 0.51 4.55 -9.74
N ILE A 5 -0.05 4.12 -8.62
CA ILE A 5 0.31 2.88 -8.00
C ILE A 5 -0.87 1.91 -8.04
N LEU A 6 -0.59 0.71 -8.53
CA LEU A 6 -1.57 -0.35 -8.65
C LEU A 6 -1.21 -1.49 -7.72
N SER A 7 -2.20 -1.98 -7.00
CA SER A 7 -2.04 -3.16 -6.17
C SER A 7 -2.35 -4.40 -6.99
N ILE A 8 -1.40 -5.33 -6.99
CA ILE A 8 -1.39 -6.44 -7.93
C ILE A 8 -1.40 -7.77 -7.17
N ALA A 9 -2.26 -8.68 -7.63
CA ALA A 9 -2.41 -9.99 -7.00
C ALA A 9 -1.93 -11.11 -7.93
N GLY A 10 -0.97 -10.77 -8.79
CA GLY A 10 -0.40 -11.73 -9.70
C GLY A 10 0.85 -12.39 -9.12
N LYS A 11 2.00 -11.97 -9.60
CA LYS A 11 3.28 -12.50 -9.10
C LYS A 11 4.10 -11.47 -8.30
N PRO A 12 4.22 -10.15 -8.71
CA PRO A 12 4.81 -9.11 -7.85
C PRO A 12 3.81 -8.61 -6.78
N GLY A 13 3.76 -7.30 -6.55
CA GLY A 13 2.92 -6.77 -5.49
C GLY A 13 2.30 -5.45 -5.89
N LEU A 14 3.10 -4.62 -6.56
CA LEU A 14 2.63 -3.34 -7.07
C LEU A 14 3.15 -3.11 -8.49
N TYR A 15 2.43 -2.30 -9.26
CA TYR A 15 2.90 -1.83 -10.57
C TYR A 15 2.71 -0.32 -10.68
N LYS A 16 3.65 0.35 -11.32
CA LYS A 16 3.53 1.78 -11.58
C LYS A 16 2.93 2.00 -12.95
N LEU A 17 1.71 2.53 -12.98
CA LEU A 17 0.99 2.76 -14.21
C LEU A 17 1.56 3.96 -14.95
N ILE A 18 2.20 3.66 -16.09
CA ILE A 18 2.78 4.69 -16.94
C ILE A 18 1.70 5.19 -17.90
N SER A 19 0.96 4.26 -18.49
CA SER A 19 -0.10 4.57 -19.43
C SER A 19 -1.07 3.41 -19.51
N GLN A 20 -2.31 3.71 -19.87
CA GLN A 20 -3.28 2.68 -20.20
C GLN A 20 -3.51 2.64 -21.70
N GLY A 21 -3.42 1.46 -22.27
CA GLY A 21 -3.65 1.29 -23.69
C GLY A 21 -4.86 0.43 -23.95
N LYS A 22 -4.92 -0.15 -25.14
CA LYS A 22 -6.00 -1.04 -25.51
C LYS A 22 -5.51 -2.47 -25.32
N ASN A 23 -6.28 -3.25 -24.53
CA ASN A 23 -5.97 -4.65 -24.10
C ASN A 23 -4.97 -4.67 -22.93
N MET A 24 -4.01 -3.77 -22.97
CA MET A 24 -2.85 -3.83 -22.08
C MET A 24 -2.60 -2.50 -21.38
N LEU A 25 -1.98 -2.59 -20.22
CA LEU A 25 -1.51 -1.42 -19.49
C LEU A 25 0.00 -1.44 -19.54
N ILE A 26 0.60 -0.30 -19.75
CA ILE A 26 2.05 -0.20 -19.76
C ILE A 26 2.52 0.19 -18.36
N VAL A 27 3.15 -0.78 -17.68
CA VAL A 27 3.54 -0.59 -16.28
C VAL A 27 5.00 -0.99 -16.05
N GLU A 28 5.54 -0.52 -14.95
CA GLU A 28 6.85 -0.93 -14.48
C GLU A 28 6.70 -1.58 -13.11
N THR A 29 7.42 -2.67 -12.90
CA THR A 29 7.32 -3.45 -11.66
C THR A 29 7.85 -2.67 -10.46
N VAL A 30 7.02 -2.59 -9.43
CA VAL A 30 7.44 -2.04 -8.18
C VAL A 30 8.03 -3.16 -7.35
N ASP A 31 9.36 -3.19 -7.35
CA ASP A 31 10.15 -4.32 -6.87
C ASP A 31 11.62 -3.86 -6.84
N ALA A 32 12.56 -4.77 -6.66
CA ALA A 32 13.97 -4.46 -6.81
C ALA A 32 14.39 -4.52 -8.29
N ALA A 33 13.71 -5.39 -9.05
CA ALA A 33 14.00 -5.58 -10.48
C ALA A 33 13.57 -4.37 -11.31
N LYS A 34 12.33 -3.90 -11.05
CA LYS A 34 11.72 -2.75 -11.76
C LYS A 34 11.70 -2.97 -13.29
N LYS A 35 11.09 -4.07 -13.71
CA LYS A 35 11.06 -4.43 -15.14
C LYS A 35 9.81 -3.90 -15.83
N ARG A 36 9.92 -3.65 -17.13
CA ARG A 36 8.81 -3.15 -17.94
C ARG A 36 7.91 -4.30 -18.41
N VAL A 37 6.71 -4.37 -17.86
CA VAL A 37 5.83 -5.51 -18.09
C VAL A 37 4.54 -5.05 -18.77
N PRO A 38 4.12 -5.71 -19.87
CA PRO A 38 2.76 -5.56 -20.40
C PRO A 38 1.72 -6.20 -19.48
N ALA A 39 0.87 -5.36 -18.88
CA ALA A 39 -0.14 -5.82 -17.95
C ALA A 39 -1.45 -5.99 -18.67
N TYR A 40 -2.30 -6.87 -18.18
CA TYR A 40 -3.61 -7.08 -18.77
C TYR A 40 -4.66 -7.06 -17.66
N ALA A 41 -5.93 -7.16 -18.03
CA ALA A 41 -7.03 -7.12 -17.06
C ALA A 41 -7.32 -8.50 -16.45
N HIS A 42 -6.35 -9.41 -16.56
CA HIS A 42 -6.43 -10.73 -15.94
C HIS A 42 -5.36 -10.87 -14.85
N ASP A 43 -4.49 -9.86 -14.73
CA ASP A 43 -3.37 -9.91 -13.77
C ASP A 43 -3.77 -9.34 -12.40
N LYS A 44 -5.07 -9.07 -12.24
CA LYS A 44 -5.66 -8.48 -11.03
C LYS A 44 -5.09 -7.10 -10.78
N VAL A 45 -5.48 -6.18 -11.65
CA VAL A 45 -5.01 -4.81 -11.62
C VAL A 45 -6.05 -3.93 -10.93
N ILE A 46 -5.75 -3.57 -9.70
CA ILE A 46 -6.57 -2.69 -8.89
C ILE A 46 -5.72 -1.48 -8.55
N SER A 47 -6.29 -0.29 -8.45
CA SER A 47 -5.52 0.88 -8.03
C SER A 47 -5.45 0.92 -6.49
N LEU A 48 -4.31 1.36 -5.94
CA LEU A 48 -4.18 1.57 -4.49
C LEU A 48 -4.96 2.82 -4.05
N ALA A 49 -5.21 3.71 -5.02
CA ALA A 49 -6.06 4.89 -4.81
C ALA A 49 -7.52 4.46 -4.57
N ASP A 50 -7.90 3.33 -5.19
CA ASP A 50 -9.24 2.76 -5.09
C ASP A 50 -9.49 2.14 -3.71
N ILE A 51 -8.43 1.59 -3.09
CA ILE A 51 -8.54 1.00 -1.74
C ILE A 51 -8.82 2.09 -0.72
N ALA A 52 -9.93 1.97 -0.02
CA ALA A 52 -10.31 2.94 1.00
C ALA A 52 -10.86 2.22 2.24
N MET A 53 -10.76 2.89 3.37
CA MET A 53 -11.21 2.35 4.66
C MET A 53 -12.29 3.24 5.24
N TYR A 54 -13.22 2.62 5.95
CA TYR A 54 -14.30 3.36 6.58
C TYR A 54 -14.13 3.39 8.09
N THR A 55 -14.26 4.59 8.63
CA THR A 55 -14.06 4.85 10.04
C THR A 55 -15.19 5.77 10.55
N ASP A 56 -15.13 6.22 11.82
CA ASP A 56 -16.07 7.22 12.36
C ASP A 56 -15.92 8.58 11.66
N ALA A 57 -14.71 8.81 11.13
CA ALA A 57 -14.42 9.95 10.28
C ALA A 57 -14.90 9.66 8.84
N GLU A 58 -14.48 10.47 7.88
CA GLU A 58 -14.88 10.30 6.47
C GLU A 58 -14.20 9.09 5.79
N GLU A 59 -14.37 9.00 4.47
CA GLU A 59 -13.80 7.90 3.70
C GLU A 59 -12.33 8.20 3.49
N VAL A 60 -11.52 7.48 4.22
CA VAL A 60 -10.10 7.67 4.18
C VAL A 60 -9.50 6.69 3.17
N PRO A 61 -8.81 7.20 2.12
CA PRO A 61 -8.03 6.35 1.21
C PRO A 61 -6.96 5.58 1.98
N LEU A 62 -6.57 4.39 1.49
CA LEU A 62 -5.58 3.59 2.16
C LEU A 62 -4.27 4.35 2.31
N SER A 63 -3.87 5.06 1.26
CA SER A 63 -2.61 5.83 1.23
C SER A 63 -2.49 6.88 2.36
N GLU A 64 -3.62 7.37 2.89
CA GLU A 64 -3.62 8.34 3.99
C GLU A 64 -3.30 7.67 5.34
N VAL A 65 -4.05 6.61 5.67
CA VAL A 65 -3.90 5.93 6.96
C VAL A 65 -2.73 4.90 6.98
N LEU A 66 -2.28 4.51 5.77
CA LEU A 66 -1.12 3.64 5.55
C LEU A 66 0.15 4.29 6.07
N GLU A 67 0.31 5.58 5.79
CA GLU A 67 1.42 6.35 6.33
C GLU A 67 1.21 6.70 7.78
N ALA A 68 -0.04 6.88 8.21
CA ALA A 68 -0.36 7.32 9.57
C ALA A 68 0.13 6.31 10.64
N VAL A 69 -0.08 5.01 10.39
CA VAL A 69 0.39 3.95 11.30
C VAL A 69 1.91 3.76 11.19
N LYS A 70 2.44 3.96 9.98
CA LYS A 70 3.87 3.83 9.69
C LYS A 70 4.70 4.95 10.35
N LYS A 71 4.11 6.14 10.44
CA LYS A 71 4.73 7.32 11.08
C LYS A 71 4.81 7.19 12.60
N LYS A 72 3.93 6.38 13.18
CA LYS A 72 3.99 6.09 14.62
C LYS A 72 5.17 5.16 14.93
N GLU A 73 5.51 4.29 13.97
CA GLU A 73 6.70 3.45 14.08
C GLU A 73 7.98 4.30 13.87
N ASN A 74 8.30 4.63 12.60
CA ASN A 74 9.55 5.32 12.24
C ASN A 74 9.59 5.63 10.74
N GLY A 75 8.60 5.13 10.00
CA GLY A 75 8.72 5.05 8.56
C GLY A 75 9.51 3.84 8.13
N ALA A 76 9.38 2.74 8.89
CA ALA A 76 10.17 1.54 8.67
C ALA A 76 9.53 0.60 7.65
N VAL A 77 10.30 -0.41 7.23
CA VAL A 77 9.87 -1.33 6.17
C VAL A 77 9.15 -2.58 6.76
N ALA A 78 7.86 -2.37 7.08
CA ALA A 78 6.94 -3.39 7.63
C ALA A 78 7.50 -4.14 8.85
N SER A 79 7.45 -3.49 10.00
CA SER A 79 7.97 -4.04 11.25
C SER A 79 7.06 -5.14 11.82
N ILE A 80 5.76 -5.00 11.56
CA ILE A 80 4.76 -6.01 11.92
C ILE A 80 4.72 -7.09 10.82
N ASN A 81 4.48 -8.34 11.22
CA ASN A 81 4.34 -9.44 10.28
C ASN A 81 2.88 -9.80 10.09
N TYR A 82 2.49 -10.02 8.84
CA TYR A 82 1.16 -10.51 8.52
C TYR A 82 1.14 -12.03 8.59
N LYS A 83 -0.08 -12.62 8.71
CA LYS A 83 -0.36 -14.08 8.76
C LYS A 83 -0.09 -14.66 10.16
N LYS A 84 0.89 -14.08 10.85
CA LYS A 84 1.22 -14.43 12.23
C LYS A 84 0.45 -13.51 13.17
N ALA A 85 -0.15 -12.47 12.57
CA ALA A 85 -1.01 -11.54 13.26
C ALA A 85 -2.45 -12.02 13.18
N SER A 86 -3.13 -12.05 14.32
CA SER A 86 -4.53 -12.45 14.41
C SER A 86 -5.45 -11.25 14.19
N ALA A 87 -6.75 -11.42 14.50
CA ALA A 87 -7.72 -10.32 14.45
C ALA A 87 -7.48 -9.32 15.58
N ASP A 88 -6.90 -9.80 16.69
CA ASP A 88 -6.49 -8.94 17.81
C ASP A 88 -5.37 -7.99 17.38
N GLU A 89 -4.45 -8.49 16.54
CA GLU A 89 -3.33 -7.67 16.06
C GLU A 89 -3.76 -6.77 14.90
N LEU A 90 -4.77 -7.21 14.15
CA LEU A 90 -5.32 -6.45 13.02
C LEU A 90 -6.11 -5.23 13.52
N HIS A 91 -6.61 -5.32 14.75
CA HIS A 91 -7.45 -4.28 15.30
C HIS A 91 -6.63 -3.34 16.18
N ALA A 92 -5.82 -3.89 17.08
CA ALA A 92 -5.08 -3.09 18.05
C ALA A 92 -3.97 -2.24 17.41
N TYR A 93 -3.30 -2.79 16.38
CA TYR A 93 -2.20 -2.09 15.72
C TYR A 93 -2.70 -0.95 14.81
N PHE A 94 -3.87 -1.13 14.20
CA PHE A 94 -4.42 -0.12 13.29
C PHE A 94 -5.04 1.03 14.10
N ALA A 95 -5.46 0.70 15.34
CA ALA A 95 -6.04 1.68 16.27
C ALA A 95 -4.96 2.46 17.05
N GLU A 96 -3.71 2.34 16.59
CA GLU A 96 -2.56 3.10 17.13
C GLU A 96 -2.73 4.60 16.87
N VAL A 97 -3.15 4.94 15.66
CA VAL A 97 -3.42 6.33 15.30
C VAL A 97 -4.88 6.53 14.88
N LEU A 98 -5.55 5.46 14.45
CA LEU A 98 -6.94 5.53 14.04
C LEU A 98 -7.78 4.56 14.88
N PRO A 99 -8.22 4.96 16.10
CA PRO A 99 -8.94 4.07 17.00
C PRO A 99 -10.47 4.07 16.78
N ASN A 100 -10.93 4.97 15.93
CA ASN A 100 -12.35 5.24 15.75
C ASN A 100 -12.96 4.44 14.59
N TYR A 101 -12.21 3.50 14.04
CA TYR A 101 -12.72 2.64 12.96
C TYR A 101 -13.36 1.38 13.55
N ASP A 102 -14.16 0.68 12.75
CA ASP A 102 -14.77 -0.56 13.18
C ASP A 102 -14.50 -1.67 12.16
N ARG A 103 -14.49 -2.92 12.64
CA ARG A 103 -14.23 -4.09 11.80
C ARG A 103 -15.47 -4.55 11.00
N ASP A 104 -16.57 -3.82 11.13
CA ASP A 104 -17.74 -4.03 10.27
C ASP A 104 -17.55 -3.23 8.98
N ARG A 105 -16.79 -2.15 9.08
CA ARG A 105 -16.58 -1.24 7.97
C ARG A 105 -15.30 -1.59 7.20
N VAL A 106 -14.24 -1.92 7.94
CA VAL A 106 -13.04 -2.46 7.33
C VAL A 106 -13.19 -3.99 7.25
N HIS A 107 -12.45 -4.64 6.37
CA HIS A 107 -12.50 -6.09 6.28
C HIS A 107 -11.31 -6.71 7.00
N ASN A 108 -11.52 -7.90 7.55
CA ASN A 108 -10.46 -8.63 8.24
C ASN A 108 -9.55 -9.26 7.20
N GLY A 109 -8.38 -8.67 7.07
CA GLY A 109 -7.46 -9.05 6.03
C GLY A 109 -6.98 -7.87 5.23
N ASP A 110 -7.70 -6.74 5.35
CA ASP A 110 -7.34 -5.48 4.65
C ASP A 110 -6.06 -4.87 5.21
N ILE A 111 -5.88 -5.04 6.51
CA ILE A 111 -4.68 -4.56 7.19
C ILE A 111 -3.50 -5.51 6.94
N LYS A 112 -3.78 -6.80 6.74
CA LYS A 112 -2.71 -7.79 6.52
C LYS A 112 -2.26 -7.86 5.04
N LYS A 113 -3.15 -7.47 4.11
CA LYS A 113 -2.76 -7.31 2.70
C LYS A 113 -1.98 -5.99 2.54
N LEU A 114 -2.26 -5.06 3.46
CA LEU A 114 -1.56 -3.80 3.59
C LEU A 114 -0.11 -4.02 3.99
N ILE A 115 0.17 -5.08 4.79
CA ILE A 115 1.53 -5.40 5.27
C ILE A 115 2.41 -5.87 4.10
N SER A 116 1.79 -6.52 3.11
CA SER A 116 2.48 -6.93 1.90
C SER A 116 3.02 -5.72 1.13
N TRP A 117 2.18 -4.69 0.98
CA TRP A 117 2.57 -3.47 0.26
C TRP A 117 3.45 -2.58 1.14
N TYR A 118 3.21 -2.62 2.45
CA TYR A 118 3.95 -1.88 3.52
C TYR A 118 5.47 -2.07 3.39
N ASN A 119 5.87 -3.28 2.99
CA ASN A 119 7.27 -3.63 2.74
C ASN A 119 7.77 -3.07 1.40
N ILE A 120 6.94 -3.21 0.35
CA ILE A 120 7.29 -2.82 -1.03
C ILE A 120 7.48 -1.28 -1.18
N LEU A 121 6.62 -0.51 -0.50
CA LEU A 121 6.59 0.95 -0.58
C LEU A 121 7.90 1.59 -0.11
N VAL A 122 8.37 1.13 1.05
CA VAL A 122 9.61 1.63 1.65
C VAL A 122 10.85 1.24 0.84
N ASN A 123 10.82 0.03 0.23
CA ASN A 123 12.00 -0.58 -0.41
C ASN A 123 12.59 0.29 -1.53
N ASN A 124 11.78 0.67 -2.52
CA ASN A 124 12.29 1.44 -3.66
C ASN A 124 12.01 2.94 -3.52
N GLY A 125 11.35 3.31 -2.41
CA GLY A 125 11.02 4.71 -2.14
C GLY A 125 9.99 5.28 -3.11
N ILE A 126 8.76 4.76 -3.01
CA ILE A 126 7.69 5.12 -3.94
C ILE A 126 7.25 6.59 -3.79
N THR A 127 6.91 6.97 -2.54
CA THR A 127 6.50 8.35 -2.16
C THR A 127 5.33 8.90 -2.99
N GLU A 128 4.38 8.03 -3.31
CA GLU A 128 3.14 8.42 -3.99
C GLU A 128 2.00 8.63 -3.00
N PHE A 129 2.38 8.76 -1.73
CA PHE A 129 1.46 8.74 -0.61
C PHE A 129 2.14 9.35 0.63
N VAL A 130 3.34 9.90 0.42
CA VAL A 130 4.20 10.36 1.51
C VAL A 130 5.22 11.37 0.98
N GLU A 131 5.48 12.38 1.79
CA GLU A 131 6.54 13.35 1.54
C GLU A 131 7.92 12.74 1.85
N ALA A 132 8.13 12.39 3.13
CA ALA A 132 9.37 11.79 3.60
C ALA A 132 9.14 11.10 4.94
N PRO A 133 9.25 9.75 5.01
CA PRO A 133 9.17 9.04 6.30
C PRO A 133 10.42 9.27 7.18
N ALA A 134 11.56 8.71 6.78
CA ALA A 134 12.81 8.91 7.51
C ALA A 134 13.96 9.03 6.52
N LEU A 135 14.34 10.26 6.23
CA LEU A 135 15.40 10.53 5.26
C LEU A 135 16.51 11.34 5.89
N GLU A 136 17.68 11.31 5.24
CA GLU A 136 18.84 12.11 5.66
C GLU A 136 18.72 13.56 5.15
N HIS A 137 17.70 13.77 4.29
CA HIS A 137 17.29 15.08 3.74
C HIS A 137 18.22 15.56 2.62
N HIS A 138 19.19 14.75 2.23
CA HIS A 138 20.11 15.08 1.14
C HIS A 138 19.53 14.61 -0.20
N HIS A 139 18.64 13.61 -0.11
CA HIS A 139 17.97 13.03 -1.29
C HIS A 139 16.71 13.83 -1.70
N HIS A 140 16.76 15.16 -1.55
CA HIS A 140 15.68 16.04 -2.03
C HIS A 140 15.81 16.32 -3.53
N HIS A 141 16.86 15.76 -4.14
CA HIS A 141 17.14 15.90 -5.56
C HIS A 141 16.21 15.03 -6.40
N HIS A 142 15.81 13.91 -5.83
CA HIS A 142 14.95 12.95 -6.52
C HIS A 142 13.71 12.68 -5.69
N MET A 1 -0.99 13.18 -8.21
CA MET A 1 -0.25 12.98 -6.93
C MET A 1 -0.35 11.51 -6.51
N LEU A 2 -1.59 11.01 -6.40
CA LEU A 2 -1.83 9.61 -6.08
C LEU A 2 -2.56 8.93 -7.25
N LYS A 3 -2.80 7.61 -7.11
CA LYS A 3 -3.43 6.73 -8.13
C LYS A 3 -2.45 6.48 -9.29
N THR A 4 -1.18 6.44 -8.94
CA THR A 4 -0.13 6.13 -9.92
C THR A 4 0.30 4.68 -9.73
N ILE A 5 0.34 4.30 -8.47
CA ILE A 5 0.65 2.95 -8.06
C ILE A 5 -0.62 2.13 -8.04
N LEU A 6 -0.58 0.98 -8.71
CA LEU A 6 -1.66 0.04 -8.63
C LEU A 6 -1.27 -1.08 -7.67
N SER A 7 -2.20 -1.42 -6.80
CA SER A 7 -2.01 -2.45 -5.81
C SER A 7 -2.42 -3.79 -6.40
N ILE A 8 -1.48 -4.71 -6.39
CA ILE A 8 -1.67 -5.99 -7.03
C ILE A 8 -1.52 -7.09 -6.00
N ALA A 9 -2.52 -7.96 -5.95
CA ALA A 9 -2.55 -9.05 -5.00
C ALA A 9 -1.97 -10.30 -5.64
N GLY A 10 -0.66 -10.46 -5.46
CA GLY A 10 0.05 -11.57 -6.03
C GLY A 10 1.43 -11.70 -5.43
N LYS A 11 2.41 -12.00 -6.27
CA LYS A 11 3.79 -12.13 -5.81
C LYS A 11 4.53 -10.77 -5.89
N PRO A 12 4.60 -10.06 -7.05
CA PRO A 12 5.09 -8.67 -7.09
C PRO A 12 3.95 -7.68 -6.85
N GLY A 13 3.91 -7.13 -5.62
CA GLY A 13 2.80 -6.32 -5.15
C GLY A 13 2.53 -5.03 -5.90
N LEU A 14 3.52 -4.15 -6.06
CA LEU A 14 3.21 -2.81 -6.55
C LEU A 14 3.91 -2.47 -7.86
N TYR A 15 3.15 -1.82 -8.74
CA TYR A 15 3.63 -1.40 -10.06
C TYR A 15 3.11 -0.02 -10.42
N LYS A 16 3.87 0.72 -11.22
CA LYS A 16 3.44 2.01 -11.75
C LYS A 16 2.72 1.82 -13.07
N LEU A 17 1.41 2.09 -13.08
CA LEU A 17 0.61 1.87 -14.27
C LEU A 17 0.74 3.07 -15.21
N ILE A 18 1.35 2.82 -16.35
CA ILE A 18 1.65 3.82 -17.35
C ILE A 18 0.53 3.91 -18.39
N SER A 19 0.27 2.79 -19.07
CA SER A 19 -0.65 2.78 -20.20
C SER A 19 -1.51 1.51 -20.15
N GLN A 20 -2.67 1.56 -20.79
CA GLN A 20 -3.55 0.40 -20.87
C GLN A 20 -3.78 0.01 -22.32
N GLY A 21 -3.65 -1.29 -22.59
CA GLY A 21 -3.91 -1.80 -23.92
C GLY A 21 -5.18 -2.62 -23.97
N LYS A 22 -5.31 -3.47 -24.99
CA LYS A 22 -6.51 -4.28 -25.18
C LYS A 22 -6.19 -5.77 -24.95
N ASN A 23 -5.46 -6.00 -23.85
CA ASN A 23 -4.97 -7.34 -23.43
C ASN A 23 -4.06 -7.14 -22.25
N MET A 24 -3.01 -6.35 -22.50
CA MET A 24 -1.94 -6.13 -21.55
C MET A 24 -1.79 -4.66 -21.23
N LEU A 25 -1.45 -4.40 -19.99
CA LEU A 25 -1.15 -3.07 -19.52
C LEU A 25 0.35 -2.87 -19.53
N ILE A 26 0.77 -1.64 -19.47
CA ILE A 26 2.18 -1.31 -19.37
C ILE A 26 2.45 -0.80 -17.97
N VAL A 27 3.13 -1.60 -17.17
CA VAL A 27 3.50 -1.19 -15.82
C VAL A 27 5.02 -1.13 -15.68
N GLU A 28 5.49 -0.38 -14.71
CA GLU A 28 6.91 -0.31 -14.44
C GLU A 28 7.20 -0.85 -13.05
N THR A 29 8.26 -1.65 -12.94
CA THR A 29 8.74 -2.10 -11.65
C THR A 29 9.40 -0.93 -10.93
N VAL A 30 8.86 -0.59 -9.76
CA VAL A 30 9.32 0.57 -9.00
C VAL A 30 10.68 0.29 -8.34
N ASP A 31 11.04 -0.98 -8.24
CA ASP A 31 12.30 -1.41 -7.62
C ASP A 31 13.47 -1.30 -8.63
N ALA A 32 14.61 -1.95 -8.33
CA ALA A 32 15.82 -1.82 -9.15
C ALA A 32 15.84 -2.78 -10.36
N ALA A 33 14.72 -2.79 -11.07
CA ALA A 33 14.58 -3.49 -12.33
C ALA A 33 14.07 -2.51 -13.36
N LYS A 34 13.09 -1.70 -12.91
CA LYS A 34 12.40 -0.65 -13.68
C LYS A 34 12.03 -1.05 -15.11
N LYS A 35 11.51 -2.26 -15.26
CA LYS A 35 11.18 -2.80 -16.56
C LYS A 35 9.71 -2.56 -16.87
N ARG A 36 9.39 -2.50 -18.17
CA ARG A 36 8.02 -2.35 -18.60
C ARG A 36 7.38 -3.71 -18.78
N VAL A 37 6.74 -4.14 -17.70
CA VAL A 37 6.14 -5.45 -17.59
C VAL A 37 4.76 -5.43 -18.25
N PRO A 38 4.44 -6.44 -19.08
CA PRO A 38 3.07 -6.66 -19.52
C PRO A 38 2.20 -7.17 -18.38
N ALA A 39 1.30 -6.33 -17.91
CA ALA A 39 0.41 -6.67 -16.82
C ALA A 39 -0.90 -7.15 -17.41
N TYR A 40 -1.54 -8.08 -16.75
CA TYR A 40 -2.77 -8.63 -17.28
C TYR A 40 -3.88 -8.51 -16.26
N ALA A 41 -5.07 -8.15 -16.76
CA ALA A 41 -6.25 -7.96 -15.91
C ALA A 41 -6.90 -9.29 -15.51
N HIS A 42 -6.26 -10.40 -15.92
CA HIS A 42 -6.60 -11.76 -15.50
C HIS A 42 -6.30 -11.94 -14.01
N ASP A 43 -5.30 -11.19 -13.51
CA ASP A 43 -4.91 -11.25 -12.11
C ASP A 43 -5.62 -10.13 -11.33
N LYS A 44 -5.20 -9.91 -10.08
CA LYS A 44 -5.83 -8.92 -9.20
C LYS A 44 -5.19 -7.55 -9.38
N VAL A 45 -5.76 -6.77 -10.29
CA VAL A 45 -5.26 -5.43 -10.57
C VAL A 45 -6.24 -4.39 -10.01
N ILE A 46 -5.85 -3.80 -8.90
CA ILE A 46 -6.65 -2.79 -8.18
C ILE A 46 -5.81 -1.51 -8.12
N SER A 47 -6.41 -0.34 -7.94
CA SER A 47 -5.65 0.87 -7.66
C SER A 47 -5.35 0.94 -6.16
N LEU A 48 -4.12 1.36 -5.81
CA LEU A 48 -3.70 1.51 -4.41
C LEU A 48 -4.42 2.72 -3.78
N ALA A 49 -4.72 3.70 -4.62
CA ALA A 49 -5.44 4.89 -4.18
C ALA A 49 -6.96 4.66 -4.11
N ASP A 50 -7.41 3.51 -4.64
CA ASP A 50 -8.85 3.19 -4.72
C ASP A 50 -9.41 2.78 -3.35
N ILE A 51 -8.62 1.98 -2.61
CA ILE A 51 -9.02 1.46 -1.31
C ILE A 51 -9.21 2.62 -0.32
N ALA A 52 -10.25 2.52 0.52
CA ALA A 52 -10.56 3.56 1.49
C ALA A 52 -10.98 2.94 2.82
N MET A 53 -10.85 3.72 3.88
CA MET A 53 -11.24 3.32 5.23
C MET A 53 -12.03 4.46 5.85
N TYR A 54 -13.22 4.14 6.34
CA TYR A 54 -14.05 5.13 6.98
C TYR A 54 -13.85 5.07 8.47
N THR A 55 -13.57 6.21 9.07
CA THR A 55 -13.47 6.31 10.51
C THR A 55 -14.76 6.97 11.03
N ASP A 56 -14.78 7.42 12.30
CA ASP A 56 -15.94 8.12 12.85
C ASP A 56 -16.03 9.54 12.26
N ALA A 57 -14.88 10.04 11.81
CA ALA A 57 -14.79 11.28 11.03
C ALA A 57 -14.88 10.94 9.52
N GLU A 58 -14.40 11.87 8.67
CA GLU A 58 -14.47 11.71 7.20
C GLU A 58 -13.64 10.54 6.67
N GLU A 59 -13.90 10.16 5.42
CA GLU A 59 -13.22 9.05 4.78
C GLU A 59 -11.79 9.40 4.38
N VAL A 60 -10.90 8.47 4.62
CA VAL A 60 -9.50 8.60 4.24
C VAL A 60 -9.10 7.39 3.40
N PRO A 61 -8.35 7.58 2.29
CA PRO A 61 -7.87 6.47 1.44
C PRO A 61 -6.87 5.55 2.14
N LEU A 62 -6.50 4.46 1.44
CA LEU A 62 -5.51 3.52 1.95
C LEU A 62 -4.16 4.21 2.12
N SER A 63 -3.86 5.16 1.22
CA SER A 63 -2.66 5.98 1.30
C SER A 63 -2.56 6.73 2.64
N GLU A 64 -3.66 7.36 3.05
CA GLU A 64 -3.66 8.17 4.28
C GLU A 64 -3.60 7.32 5.55
N VAL A 65 -4.15 6.10 5.49
CA VAL A 65 -4.13 5.21 6.66
C VAL A 65 -2.82 4.41 6.75
N LEU A 66 -2.09 4.28 5.60
CA LEU A 66 -0.73 3.69 5.57
C LEU A 66 0.22 4.52 6.40
N GLU A 67 0.22 5.83 6.16
CA GLU A 67 1.13 6.79 6.79
C GLU A 67 0.77 7.01 8.27
N ALA A 68 -0.52 6.85 8.61
CA ALA A 68 -0.98 6.99 9.99
C ALA A 68 -0.35 5.94 10.93
N VAL A 69 -0.43 4.66 10.53
CA VAL A 69 0.17 3.56 11.31
C VAL A 69 1.69 3.46 11.13
N LYS A 70 2.18 3.95 9.98
CA LYS A 70 3.62 4.02 9.70
C LYS A 70 4.32 5.04 10.63
N LYS A 71 3.61 6.11 11.00
CA LYS A 71 4.12 7.09 11.97
C LYS A 71 4.23 6.50 13.39
N LYS A 72 3.42 5.46 13.67
CA LYS A 72 3.53 4.66 14.91
C LYS A 72 4.85 3.85 14.92
N GLU A 73 5.30 3.45 13.72
CA GLU A 73 6.56 2.73 13.53
C GLU A 73 7.75 3.69 13.38
N ASN A 74 7.56 4.95 13.85
CA ASN A 74 8.55 6.05 13.84
C ASN A 74 8.86 6.53 12.40
N GLY A 75 7.89 6.32 11.49
CA GLY A 75 8.07 6.69 10.10
C GLY A 75 8.91 5.70 9.29
N ALA A 76 9.03 4.46 9.78
CA ALA A 76 9.91 3.49 9.16
C ALA A 76 9.14 2.31 8.57
N VAL A 77 9.86 1.24 8.21
CA VAL A 77 9.27 -0.01 7.74
C VAL A 77 8.57 -0.71 8.90
N ALA A 78 7.34 -1.16 8.67
CA ALA A 78 6.54 -1.84 9.71
C ALA A 78 7.19 -3.14 10.17
N SER A 79 7.14 -3.36 11.49
CA SER A 79 7.78 -4.51 12.12
C SER A 79 6.77 -5.63 12.39
N ILE A 80 5.61 -5.53 11.76
CA ILE A 80 4.52 -6.47 11.94
C ILE A 80 4.48 -7.48 10.78
N ASN A 81 4.29 -8.76 11.13
CA ASN A 81 4.23 -9.83 10.14
C ASN A 81 2.82 -10.38 10.06
N TYR A 82 2.22 -10.24 8.88
CA TYR A 82 0.78 -10.49 8.69
C TYR A 82 0.44 -11.97 8.48
N LYS A 83 1.40 -12.76 7.97
CA LYS A 83 1.18 -14.20 7.78
C LYS A 83 1.66 -14.99 9.00
N LYS A 84 2.45 -14.32 9.84
CA LYS A 84 2.84 -14.86 11.13
C LYS A 84 1.69 -14.69 12.14
N ALA A 85 0.92 -13.62 11.99
CA ALA A 85 -0.13 -13.26 12.92
C ALA A 85 -1.50 -13.43 12.29
N SER A 86 -2.55 -13.12 13.05
CA SER A 86 -3.92 -13.23 12.58
C SER A 86 -4.54 -11.83 12.43
N ALA A 87 -5.63 -11.74 11.65
CA ALA A 87 -6.28 -10.46 11.30
C ALA A 87 -6.92 -9.75 12.51
N ASP A 88 -7.20 -10.50 13.58
CA ASP A 88 -7.75 -9.95 14.83
C ASP A 88 -6.83 -8.88 15.45
N GLU A 89 -5.55 -9.22 15.60
CA GLU A 89 -4.57 -8.29 16.16
C GLU A 89 -4.07 -7.30 15.09
N LEU A 90 -4.18 -7.68 13.81
CA LEU A 90 -3.86 -6.79 12.68
C LEU A 90 -4.75 -5.53 12.67
N HIS A 91 -6.02 -5.70 13.08
CA HIS A 91 -6.95 -4.58 13.18
C HIS A 91 -6.75 -3.77 14.47
N ALA A 92 -6.24 -4.43 15.52
CA ALA A 92 -5.95 -3.75 16.79
C ALA A 92 -4.65 -2.95 16.72
N TYR A 93 -3.77 -3.36 15.79
CA TYR A 93 -2.56 -2.60 15.41
C TYR A 93 -2.94 -1.28 14.72
N PHE A 94 -4.03 -1.34 13.96
CA PHE A 94 -4.55 -0.18 13.24
C PHE A 94 -5.29 0.76 14.21
N ALA A 95 -5.79 0.18 15.31
CA ALA A 95 -6.53 0.91 16.34
C ALA A 95 -5.61 1.73 17.26
N GLU A 96 -4.29 1.57 17.08
CA GLU A 96 -3.28 2.28 17.87
C GLU A 96 -3.36 3.80 17.64
N VAL A 97 -3.33 4.21 16.36
CA VAL A 97 -3.40 5.62 16.02
C VAL A 97 -4.81 6.04 15.60
N LEU A 98 -5.63 5.06 15.20
CA LEU A 98 -7.01 5.31 14.81
C LEU A 98 -7.94 4.35 15.55
N PRO A 99 -8.36 4.69 16.80
CA PRO A 99 -9.23 3.82 17.62
C PRO A 99 -10.71 3.90 17.25
N ASN A 100 -11.08 4.98 16.56
CA ASN A 100 -12.45 5.24 16.15
C ASN A 100 -12.68 4.81 14.69
N TYR A 101 -11.81 3.90 14.22
CA TYR A 101 -11.78 3.43 12.82
C TYR A 101 -13.00 2.56 12.45
N ASP A 102 -13.72 2.07 13.48
CA ASP A 102 -14.99 1.31 13.34
C ASP A 102 -14.76 -0.10 12.77
N ARG A 103 -15.29 -1.09 13.47
CA ARG A 103 -15.01 -2.51 13.18
C ARG A 103 -15.87 -3.04 12.01
N ASP A 104 -16.83 -2.23 11.53
CA ASP A 104 -17.69 -2.63 10.43
C ASP A 104 -17.20 -2.00 9.12
N ARG A 105 -16.41 -0.93 9.21
CA ARG A 105 -15.86 -0.28 8.03
C ARG A 105 -14.64 -1.03 7.53
N VAL A 106 -13.80 -1.47 8.46
CA VAL A 106 -12.77 -2.45 8.15
C VAL A 106 -13.41 -3.84 8.18
N HIS A 107 -12.85 -4.79 7.46
CA HIS A 107 -13.53 -6.08 7.29
C HIS A 107 -12.67 -7.25 7.76
N ASN A 108 -11.62 -7.60 7.01
CA ASN A 108 -10.84 -8.79 7.32
C ASN A 108 -9.38 -8.64 6.86
N GLY A 109 -9.14 -8.75 5.55
CA GLY A 109 -7.79 -8.84 5.03
C GLY A 109 -7.27 -7.54 4.46
N ASP A 110 -8.02 -6.46 4.67
CA ASP A 110 -7.67 -5.11 4.18
C ASP A 110 -6.35 -4.58 4.77
N ILE A 111 -6.13 -4.84 6.05
CA ILE A 111 -4.88 -4.47 6.73
C ILE A 111 -3.75 -5.45 6.40
N LYS A 112 -4.06 -6.72 6.13
CA LYS A 112 -3.01 -7.72 5.87
C LYS A 112 -2.43 -7.60 4.45
N LYS A 113 -3.28 -7.28 3.47
CA LYS A 113 -2.82 -6.97 2.11
C LYS A 113 -2.01 -5.66 2.10
N LEU A 114 -2.33 -4.79 3.06
CA LEU A 114 -1.66 -3.52 3.26
C LEU A 114 -0.22 -3.74 3.76
N ILE A 115 0.01 -4.81 4.56
CA ILE A 115 1.36 -5.18 5.03
C ILE A 115 2.20 -5.76 3.89
N SER A 116 1.51 -6.44 2.95
CA SER A 116 2.15 -6.99 1.74
C SER A 116 2.79 -5.87 0.91
N TRP A 117 2.06 -4.76 0.78
CA TRP A 117 2.51 -3.63 -0.02
C TRP A 117 3.38 -2.68 0.79
N TYR A 118 3.29 -2.82 2.13
CA TYR A 118 3.93 -1.91 3.11
C TYR A 118 5.44 -1.86 2.99
N ASN A 119 6.02 -3.03 2.74
CA ASN A 119 7.46 -3.17 2.65
C ASN A 119 7.97 -2.58 1.35
N ILE A 120 7.13 -2.63 0.31
CA ILE A 120 7.43 -2.07 -1.02
C ILE A 120 7.38 -0.53 -0.99
N LEU A 121 6.43 0.00 -0.20
CA LEU A 121 6.17 1.45 -0.07
C LEU A 121 7.41 2.21 0.39
N VAL A 122 7.95 1.79 1.53
CA VAL A 122 9.14 2.40 2.13
C VAL A 122 10.43 2.04 1.34
N ASN A 123 10.43 0.88 0.66
CA ASN A 123 11.63 0.32 0.04
C ASN A 123 12.13 1.13 -1.16
N ASN A 124 11.27 1.29 -2.15
CA ASN A 124 11.66 1.90 -3.41
C ASN A 124 11.01 3.28 -3.61
N GLY A 125 10.47 3.82 -2.52
CA GLY A 125 9.88 5.16 -2.53
C GLY A 125 8.65 5.28 -3.40
N ILE A 126 7.55 4.70 -2.94
CA ILE A 126 6.28 4.74 -3.65
C ILE A 126 5.69 6.17 -3.66
N THR A 127 5.70 6.81 -2.47
CA THR A 127 5.40 8.26 -2.25
C THR A 127 3.98 8.68 -2.68
N GLU A 128 3.03 7.74 -2.63
CA GLU A 128 1.61 8.03 -2.85
C GLU A 128 0.97 8.66 -1.61
N PHE A 129 1.76 8.75 -0.53
CA PHE A 129 1.27 9.11 0.79
C PHE A 129 2.36 9.74 1.66
N VAL A 130 3.57 9.20 1.59
CA VAL A 130 4.67 9.63 2.44
C VAL A 130 5.55 10.69 1.76
N GLU A 131 5.70 11.82 2.46
CA GLU A 131 6.69 12.81 2.10
C GLU A 131 8.05 12.40 2.67
N ALA A 132 9.06 12.37 1.78
CA ALA A 132 10.43 11.91 2.09
C ALA A 132 10.48 10.42 2.52
N PRO A 133 10.68 9.50 1.56
CA PRO A 133 10.75 8.06 1.85
C PRO A 133 12.14 7.63 2.34
N ALA A 134 12.36 6.32 2.41
CA ALA A 134 13.67 5.79 2.73
C ALA A 134 14.30 5.19 1.48
N LEU A 135 15.62 5.23 1.42
CA LEU A 135 16.36 4.58 0.35
C LEU A 135 16.75 3.19 0.80
N GLU A 136 15.84 2.25 0.59
CA GLU A 136 16.02 0.90 1.07
C GLU A 136 16.44 0.00 -0.08
N HIS A 137 17.65 -0.53 0.03
CA HIS A 137 18.19 -1.43 -0.96
C HIS A 137 19.08 -2.48 -0.29
N HIS A 138 18.49 -3.31 0.57
CA HIS A 138 19.22 -4.42 1.17
C HIS A 138 19.03 -5.71 0.33
N HIS A 139 18.22 -5.62 -0.71
CA HIS A 139 17.96 -6.77 -1.56
C HIS A 139 18.40 -6.49 -2.99
N HIS A 140 18.96 -7.51 -3.61
CA HIS A 140 19.38 -7.44 -5.01
C HIS A 140 18.46 -8.33 -5.86
N HIS A 141 17.87 -9.34 -5.22
CA HIS A 141 17.00 -10.28 -5.91
C HIS A 141 15.63 -9.63 -6.14
N HIS A 142 15.28 -9.49 -7.41
CA HIS A 142 14.04 -8.85 -7.82
C HIS A 142 12.94 -9.89 -8.10
N MET A 1 2.04 9.70 -6.93
CA MET A 1 1.37 9.46 -5.63
C MET A 1 0.04 8.73 -5.82
N LEU A 2 -0.97 9.45 -6.31
CA LEU A 2 -2.33 8.94 -6.32
C LEU A 2 -2.73 8.42 -7.70
N LYS A 3 -3.35 7.23 -7.68
CA LYS A 3 -3.88 6.53 -8.85
C LYS A 3 -2.78 6.14 -9.85
N THR A 4 -1.56 6.00 -9.34
CA THR A 4 -0.41 5.67 -10.17
C THR A 4 0.14 4.30 -9.78
N ILE A 5 0.16 4.03 -8.48
CA ILE A 5 0.59 2.74 -7.96
C ILE A 5 -0.56 1.75 -8.12
N LEU A 6 -0.27 0.58 -8.66
CA LEU A 6 -1.25 -0.48 -8.83
C LEU A 6 -0.90 -1.66 -7.96
N SER A 7 -1.91 -2.23 -7.33
CA SER A 7 -1.77 -3.38 -6.46
C SER A 7 -1.85 -4.66 -7.28
N ILE A 8 -0.71 -5.33 -7.40
CA ILE A 8 -0.54 -6.47 -8.31
C ILE A 8 -0.26 -7.74 -7.51
N ALA A 9 -0.99 -8.81 -7.82
CA ALA A 9 -0.82 -10.07 -7.12
C ALA A 9 -0.11 -11.08 -8.00
N GLY A 10 0.89 -11.76 -7.44
CA GLY A 10 1.62 -12.79 -8.17
C GLY A 10 3.09 -12.83 -7.78
N LYS A 11 3.97 -12.85 -8.79
CA LYS A 11 5.43 -12.80 -8.55
C LYS A 11 5.91 -11.43 -8.03
N PRO A 12 5.55 -10.26 -8.67
CA PRO A 12 5.93 -8.94 -8.16
C PRO A 12 4.94 -8.40 -7.10
N GLY A 13 4.85 -7.07 -6.99
CA GLY A 13 4.09 -6.47 -5.91
C GLY A 13 3.32 -5.25 -6.36
N LEU A 14 4.04 -4.18 -6.68
CA LEU A 14 3.41 -2.93 -7.09
C LEU A 14 4.02 -2.40 -8.38
N TYR A 15 3.17 -1.81 -9.21
CA TYR A 15 3.58 -1.25 -10.48
C TYR A 15 3.10 0.19 -10.63
N LYS A 16 3.68 0.92 -11.56
CA LYS A 16 3.20 2.26 -11.88
C LYS A 16 2.59 2.31 -13.26
N LEU A 17 1.32 2.73 -13.31
CA LEU A 17 0.59 2.82 -14.56
C LEU A 17 1.01 4.06 -15.34
N ILE A 18 1.63 3.82 -16.48
CA ILE A 18 2.03 4.89 -17.39
C ILE A 18 0.91 5.14 -18.38
N SER A 19 0.43 4.06 -19.00
CA SER A 19 -0.59 4.12 -20.04
C SER A 19 -1.55 2.95 -19.91
N GLN A 20 -2.81 3.18 -20.25
CA GLN A 20 -3.79 2.11 -20.26
C GLN A 20 -4.13 1.74 -21.70
N GLY A 21 -3.62 0.59 -22.13
CA GLY A 21 -3.81 0.15 -23.50
C GLY A 21 -5.09 -0.63 -23.71
N LYS A 22 -5.37 -0.98 -24.95
CA LYS A 22 -6.63 -1.63 -25.32
C LYS A 22 -6.47 -3.16 -25.40
N ASN A 23 -5.87 -3.72 -24.34
CA ASN A 23 -5.58 -5.15 -24.18
C ASN A 23 -4.70 -5.30 -22.94
N MET A 24 -3.60 -4.55 -22.95
CA MET A 24 -2.60 -4.60 -21.91
C MET A 24 -2.18 -3.20 -21.48
N LEU A 25 -1.88 -3.09 -20.20
CA LEU A 25 -1.48 -1.84 -19.57
C LEU A 25 0.04 -1.73 -19.59
N ILE A 26 0.53 -0.52 -19.71
CA ILE A 26 1.96 -0.25 -19.72
C ILE A 26 2.37 0.14 -18.29
N VAL A 27 3.11 -0.73 -17.62
CA VAL A 27 3.55 -0.47 -16.25
C VAL A 27 5.06 -0.66 -16.10
N GLU A 28 5.65 0.14 -15.20
CA GLU A 28 7.04 -0.05 -14.80
C GLU A 28 7.08 -0.34 -13.32
N THR A 29 7.98 -1.22 -12.92
CA THR A 29 8.10 -1.62 -11.53
C THR A 29 8.74 -0.52 -10.69
N VAL A 30 8.19 -0.33 -9.49
CA VAL A 30 8.74 0.60 -8.49
C VAL A 30 9.96 -0.04 -7.81
N ASP A 31 10.05 -1.37 -7.99
CA ASP A 31 11.15 -2.20 -7.50
C ASP A 31 12.47 -1.88 -8.26
N ALA A 32 13.59 -2.39 -7.72
CA ALA A 32 14.94 -2.17 -8.27
C ALA A 32 15.10 -2.64 -9.72
N ALA A 33 14.28 -3.61 -10.14
CA ALA A 33 14.27 -4.07 -11.53
C ALA A 33 13.84 -2.98 -12.51
N LYS A 34 12.75 -2.26 -12.14
CA LYS A 34 12.10 -1.21 -12.98
C LYS A 34 11.80 -1.70 -14.40
N LYS A 35 11.19 -2.88 -14.50
CA LYS A 35 10.98 -3.51 -15.79
C LYS A 35 9.65 -3.08 -16.38
N ARG A 36 9.64 -2.94 -17.70
CA ARG A 36 8.45 -2.55 -18.44
C ARG A 36 7.61 -3.77 -18.78
N VAL A 37 6.57 -3.96 -17.99
CA VAL A 37 5.77 -5.16 -18.02
C VAL A 37 4.42 -4.89 -18.67
N PRO A 38 3.95 -5.80 -19.55
CA PRO A 38 2.58 -5.81 -20.01
C PRO A 38 1.64 -6.39 -18.95
N ALA A 39 0.85 -5.52 -18.33
CA ALA A 39 -0.10 -5.92 -17.30
C ALA A 39 -1.45 -6.18 -17.95
N TYR A 40 -2.23 -7.08 -17.39
CA TYR A 40 -3.51 -7.40 -18.01
C TYR A 40 -4.64 -7.12 -17.03
N ALA A 41 -5.86 -6.98 -17.56
CA ALA A 41 -7.05 -6.69 -16.75
C ALA A 41 -7.49 -7.92 -15.94
N HIS A 42 -7.00 -9.08 -16.35
CA HIS A 42 -7.20 -10.35 -15.67
C HIS A 42 -6.26 -10.45 -14.44
N ASP A 43 -5.17 -9.69 -14.46
CA ASP A 43 -4.09 -9.83 -13.48
C ASP A 43 -4.15 -8.76 -12.37
N LYS A 44 -5.28 -8.76 -11.64
CA LYS A 44 -5.52 -7.86 -10.48
C LYS A 44 -5.31 -6.37 -10.80
N VAL A 45 -6.25 -5.75 -11.51
CA VAL A 45 -6.15 -4.32 -11.74
C VAL A 45 -6.95 -3.59 -10.67
N ILE A 46 -6.21 -3.10 -9.69
CA ILE A 46 -6.71 -2.28 -8.60
C ILE A 46 -5.65 -1.23 -8.33
N SER A 47 -6.01 0.04 -8.28
CA SER A 47 -5.04 1.05 -7.91
C SER A 47 -4.87 1.07 -6.38
N LEU A 48 -3.69 1.44 -5.90
CA LEU A 48 -3.39 1.52 -4.47
C LEU A 48 -4.17 2.69 -3.83
N ALA A 49 -4.40 3.75 -4.63
CA ALA A 49 -5.14 4.90 -4.15
C ALA A 49 -6.65 4.74 -4.36
N ASP A 50 -7.06 3.54 -4.79
CA ASP A 50 -8.47 3.20 -4.95
C ASP A 50 -9.03 2.72 -3.61
N ILE A 51 -8.23 1.93 -2.87
CA ILE A 51 -8.63 1.39 -1.57
C ILE A 51 -8.81 2.53 -0.56
N ALA A 52 -9.85 2.43 0.25
CA ALA A 52 -10.18 3.45 1.23
C ALA A 52 -10.47 2.81 2.57
N MET A 53 -10.39 3.62 3.61
CA MET A 53 -10.60 3.18 4.97
C MET A 53 -11.80 3.87 5.55
N TYR A 54 -12.75 3.08 6.02
CA TYR A 54 -13.98 3.59 6.58
C TYR A 54 -13.84 3.78 8.08
N THR A 55 -14.59 4.72 8.62
CA THR A 55 -14.58 5.00 10.05
C THR A 55 -15.92 5.65 10.42
N ASP A 56 -16.00 6.36 11.56
CA ASP A 56 -17.20 7.12 11.98
C ASP A 56 -17.55 8.22 10.98
N ALA A 57 -16.49 8.72 10.35
CA ALA A 57 -16.56 9.76 9.34
C ALA A 57 -16.62 9.16 7.94
N GLU A 58 -16.30 9.97 6.93
CA GLU A 58 -16.23 9.53 5.54
C GLU A 58 -15.00 8.65 5.28
N GLU A 59 -14.92 8.09 4.09
CA GLU A 59 -13.81 7.24 3.71
C GLU A 59 -12.57 8.09 3.42
N VAL A 60 -11.50 7.79 4.13
CA VAL A 60 -10.21 8.39 3.85
C VAL A 60 -9.42 7.46 2.92
N PRO A 61 -8.53 7.98 2.05
CA PRO A 61 -7.70 7.13 1.20
C PRO A 61 -6.74 6.27 2.00
N LEU A 62 -6.43 5.07 1.48
CA LEU A 62 -5.55 4.14 2.16
C LEU A 62 -4.16 4.72 2.32
N SER A 63 -3.69 5.42 1.28
CA SER A 63 -2.34 6.02 1.24
C SER A 63 -2.05 6.97 2.44
N GLU A 64 -3.10 7.64 2.93
CA GLU A 64 -2.97 8.62 4.01
C GLU A 64 -2.76 7.95 5.38
N VAL A 65 -3.60 6.95 5.67
CA VAL A 65 -3.60 6.30 6.99
C VAL A 65 -2.55 5.14 7.06
N LEU A 66 -2.18 4.61 5.88
CA LEU A 66 -1.08 3.64 5.72
C LEU A 66 0.26 4.28 6.07
N GLU A 67 0.35 5.58 5.80
CA GLU A 67 1.52 6.36 6.15
C GLU A 67 1.61 6.53 7.68
N ALA A 68 0.47 6.83 8.31
CA ALA A 68 0.40 7.16 9.74
C ALA A 68 0.75 5.97 10.65
N VAL A 69 0.28 4.75 10.31
CA VAL A 69 0.60 3.54 11.08
C VAL A 69 2.08 3.14 10.95
N LYS A 70 2.64 3.41 9.76
CA LYS A 70 4.05 3.15 9.46
C LYS A 70 4.96 4.10 10.25
N LYS A 71 4.47 5.33 10.48
CA LYS A 71 5.23 6.38 11.16
C LYS A 71 5.26 6.14 12.68
N LYS A 72 4.19 5.53 13.22
CA LYS A 72 4.15 5.13 14.63
C LYS A 72 5.09 3.93 14.86
N GLU A 73 5.28 3.13 13.81
CA GLU A 73 6.20 1.99 13.82
C GLU A 73 7.66 2.47 13.53
N ASN A 74 7.88 3.81 13.56
CA ASN A 74 9.20 4.46 13.45
C ASN A 74 9.87 4.21 12.09
N GLY A 75 9.05 4.10 11.04
CA GLY A 75 9.57 3.93 9.69
C GLY A 75 10.08 2.52 9.43
N ALA A 76 9.38 1.52 9.97
CA ALA A 76 9.79 0.13 9.78
C ALA A 76 9.12 -0.49 8.56
N VAL A 77 9.61 -1.68 8.18
CA VAL A 77 9.14 -2.39 6.98
C VAL A 77 7.68 -2.84 7.14
N ALA A 78 7.47 -3.81 8.05
CA ALA A 78 6.17 -4.41 8.32
C ALA A 78 6.34 -5.33 9.53
N SER A 79 6.46 -4.73 10.70
CA SER A 79 6.83 -5.45 11.93
C SER A 79 5.72 -6.34 12.47
N ILE A 80 4.49 -6.02 12.10
CA ILE A 80 3.32 -6.81 12.49
C ILE A 80 3.30 -8.18 11.75
N ASN A 81 3.47 -8.16 10.40
CA ASN A 81 3.44 -9.36 9.53
C ASN A 81 2.07 -10.04 9.53
N TYR A 82 1.38 -9.98 8.40
CA TYR A 82 -0.01 -10.48 8.27
C TYR A 82 -0.10 -12.01 8.33
N LYS A 83 1.05 -12.67 8.17
CA LYS A 83 1.13 -14.13 8.18
C LYS A 83 0.86 -14.71 9.56
N LYS A 84 1.24 -13.97 10.62
CA LYS A 84 1.04 -14.43 11.99
C LYS A 84 0.34 -13.38 12.85
N ALA A 85 -0.29 -12.41 12.19
CA ALA A 85 -1.01 -11.35 12.89
C ALA A 85 -2.30 -11.88 13.52
N SER A 86 -2.33 -11.86 14.84
CA SER A 86 -3.53 -12.16 15.60
C SER A 86 -4.55 -11.05 15.37
N ALA A 87 -5.84 -11.40 15.39
CA ALA A 87 -6.92 -10.48 15.04
C ALA A 87 -7.05 -9.31 16.04
N ASP A 88 -6.73 -9.59 17.30
CA ASP A 88 -6.75 -8.57 18.37
C ASP A 88 -5.62 -7.56 18.20
N GLU A 89 -4.42 -8.06 17.88
CA GLU A 89 -3.25 -7.19 17.72
C GLU A 89 -3.25 -6.48 16.37
N LEU A 90 -3.93 -7.09 15.38
CA LEU A 90 -4.17 -6.48 14.08
C LEU A 90 -5.00 -5.22 14.23
N HIS A 91 -6.06 -5.33 15.05
CA HIS A 91 -6.88 -4.19 15.45
C HIS A 91 -6.01 -3.14 16.15
N ALA A 92 -5.27 -3.55 17.19
CA ALA A 92 -4.49 -2.64 18.04
C ALA A 92 -3.38 -1.89 17.30
N TYR A 93 -2.83 -2.52 16.26
CA TYR A 93 -1.77 -1.94 15.44
C TYR A 93 -2.30 -0.76 14.61
N PHE A 94 -3.45 -0.96 13.96
CA PHE A 94 -4.06 0.07 13.15
C PHE A 94 -4.77 1.12 14.03
N ALA A 95 -5.24 0.67 15.20
CA ALA A 95 -5.95 1.50 16.18
C ALA A 95 -5.00 2.38 16.99
N GLU A 96 -3.70 2.27 16.69
CA GLU A 96 -2.67 3.07 17.32
C GLU A 96 -2.79 4.53 16.89
N VAL A 97 -3.11 4.76 15.60
CA VAL A 97 -3.34 6.12 15.10
C VAL A 97 -4.80 6.31 14.62
N LEU A 98 -5.49 5.21 14.29
CA LEU A 98 -6.91 5.28 13.94
C LEU A 98 -7.68 4.24 14.75
N PRO A 99 -8.27 4.65 15.91
CA PRO A 99 -8.77 3.73 16.94
C PRO A 99 -10.18 3.18 16.69
N ASN A 100 -10.47 2.84 15.45
CA ASN A 100 -11.78 2.34 15.04
C ASN A 100 -11.64 1.51 13.78
N TYR A 101 -11.36 2.22 12.65
CA TYR A 101 -11.31 1.72 11.26
C TYR A 101 -12.57 0.93 10.79
N ASP A 102 -13.65 0.96 11.59
CA ASP A 102 -14.93 0.28 11.32
C ASP A 102 -14.79 -1.26 11.29
N ARG A 103 -15.53 -1.90 12.19
CA ARG A 103 -15.52 -3.35 12.36
C ARG A 103 -16.20 -4.08 11.18
N ASP A 104 -17.15 -3.41 10.53
CA ASP A 104 -17.97 -4.03 9.49
C ASP A 104 -17.29 -4.01 8.11
N ARG A 105 -16.82 -2.84 7.69
CA ARG A 105 -16.27 -2.66 6.33
C ARG A 105 -14.85 -3.19 6.21
N VAL A 106 -13.97 -2.69 7.06
CA VAL A 106 -12.56 -2.99 6.95
C VAL A 106 -12.22 -4.31 7.66
N HIS A 107 -12.75 -4.48 8.89
CA HIS A 107 -12.78 -5.77 9.62
C HIS A 107 -11.35 -6.30 9.96
N ASN A 108 -10.79 -7.11 9.06
CA ASN A 108 -9.47 -7.71 9.27
C ASN A 108 -8.64 -7.68 7.99
N GLY A 109 -9.30 -7.96 6.86
CA GLY A 109 -8.61 -8.22 5.60
C GLY A 109 -8.00 -7.01 4.96
N ASP A 110 -8.60 -5.84 5.14
CA ASP A 110 -8.11 -4.60 4.54
C ASP A 110 -6.87 -4.07 5.25
N ILE A 111 -6.67 -4.49 6.49
CA ILE A 111 -5.43 -4.20 7.22
C ILE A 111 -4.31 -5.12 6.74
N LYS A 112 -4.65 -6.39 6.51
CA LYS A 112 -3.65 -7.43 6.19
C LYS A 112 -3.18 -7.38 4.73
N LYS A 113 -4.01 -6.85 3.82
CA LYS A 113 -3.59 -6.58 2.44
C LYS A 113 -2.62 -5.39 2.42
N LEU A 114 -2.80 -4.47 3.38
CA LEU A 114 -1.94 -3.32 3.57
C LEU A 114 -0.56 -3.74 4.08
N ILE A 115 -0.50 -4.86 4.83
CA ILE A 115 0.77 -5.41 5.33
C ILE A 115 1.57 -6.05 4.18
N SER A 116 0.85 -6.56 3.18
CA SER A 116 1.48 -7.10 1.97
C SER A 116 2.19 -6.00 1.18
N TRP A 117 1.57 -4.81 1.10
CA TRP A 117 2.16 -3.68 0.36
C TRP A 117 3.15 -2.92 1.23
N TYR A 118 3.00 -3.06 2.55
CA TYR A 118 3.89 -2.49 3.58
C TYR A 118 5.36 -2.87 3.33
N ASN A 119 5.56 -4.14 2.98
CA ASN A 119 6.88 -4.68 2.62
C ASN A 119 7.46 -3.97 1.42
N ILE A 120 6.64 -3.90 0.35
CA ILE A 120 7.03 -3.36 -0.97
C ILE A 120 7.35 -1.85 -0.89
N LEU A 121 6.58 -1.16 -0.05
CA LEU A 121 6.70 0.29 0.17
C LEU A 121 8.07 0.68 0.71
N VAL A 122 8.47 0.06 1.81
CA VAL A 122 9.74 0.33 2.47
C VAL A 122 10.93 -0.25 1.66
N ASN A 123 10.68 -1.39 0.99
CA ASN A 123 11.70 -2.12 0.24
C ASN A 123 12.17 -1.34 -0.99
N ASN A 124 11.23 -0.69 -1.65
CA ASN A 124 11.51 -0.01 -2.90
C ASN A 124 11.73 1.49 -2.68
N GLY A 125 11.52 1.93 -1.43
CA GLY A 125 11.63 3.34 -1.11
C GLY A 125 10.58 4.18 -1.81
N ILE A 126 9.33 3.74 -1.72
CA ILE A 126 8.22 4.41 -2.38
C ILE A 126 7.91 5.72 -1.66
N THR A 127 8.17 6.81 -2.36
CA THR A 127 8.06 8.15 -1.81
C THR A 127 6.75 8.82 -2.29
N GLU A 128 5.80 7.98 -2.71
CA GLU A 128 4.55 8.44 -3.27
C GLU A 128 3.42 8.39 -2.23
N PHE A 129 3.77 8.74 -0.99
CA PHE A 129 2.85 8.84 0.15
C PHE A 129 3.62 9.41 1.36
N VAL A 130 4.93 9.12 1.40
CA VAL A 130 5.82 9.54 2.48
C VAL A 130 7.06 10.22 1.86
N GLU A 131 8.07 10.54 2.68
CA GLU A 131 9.39 10.98 2.23
C GLU A 131 10.15 9.84 1.51
N ALA A 132 11.44 10.01 1.28
CA ALA A 132 12.24 8.97 0.64
C ALA A 132 13.15 8.26 1.64
N PRO A 133 12.73 7.07 2.16
CA PRO A 133 13.55 6.25 3.04
C PRO A 133 14.46 5.30 2.24
N ALA A 134 15.29 4.54 2.99
CA ALA A 134 16.33 3.66 2.42
C ALA A 134 17.34 4.48 1.60
N LEU A 135 18.33 5.00 2.30
CA LEU A 135 19.32 5.91 1.72
C LEU A 135 20.41 5.13 1.00
N GLU A 136 20.62 3.89 1.42
CA GLU A 136 21.48 2.96 0.70
C GLU A 136 20.73 2.43 -0.53
N HIS A 137 19.42 2.19 -0.34
CA HIS A 137 18.45 1.82 -1.40
C HIS A 137 18.88 0.52 -2.12
N HIS A 138 18.56 0.44 -3.42
CA HIS A 138 18.90 -0.68 -4.31
C HIS A 138 18.14 -1.94 -3.90
N HIS A 139 18.83 -2.81 -3.12
CA HIS A 139 18.30 -4.10 -2.60
C HIS A 139 18.21 -5.16 -3.71
N HIS A 140 18.36 -6.42 -3.33
CA HIS A 140 18.39 -7.52 -4.29
C HIS A 140 17.03 -8.21 -4.35
N HIS A 141 16.08 -7.54 -4.97
CA HIS A 141 14.72 -8.05 -5.06
C HIS A 141 14.27 -8.03 -6.52
N HIS A 142 13.58 -9.09 -6.92
CA HIS A 142 13.03 -9.21 -8.28
C HIS A 142 11.63 -8.59 -8.38
N MET A 1 0.97 12.08 -7.02
CA MET A 1 -0.47 12.34 -7.00
C MET A 1 -1.23 11.14 -6.39
N LEU A 2 -0.54 9.97 -6.35
CA LEU A 2 -1.17 8.64 -6.17
C LEU A 2 -2.03 8.31 -7.40
N LYS A 3 -2.86 7.24 -7.31
CA LYS A 3 -3.78 6.76 -8.39
C LYS A 3 -3.03 6.01 -9.51
N THR A 4 -1.81 6.45 -9.78
CA THR A 4 -0.89 5.81 -10.73
C THR A 4 -0.39 4.47 -10.16
N ILE A 5 -0.38 4.37 -8.84
CA ILE A 5 -0.04 3.14 -8.17
C ILE A 5 -1.26 2.21 -8.15
N LEU A 6 -1.08 1.05 -8.74
CA LEU A 6 -2.10 0.01 -8.76
C LEU A 6 -1.69 -1.11 -7.81
N SER A 7 -2.63 -1.55 -7.01
CA SER A 7 -2.40 -2.58 -6.01
C SER A 7 -2.71 -3.96 -6.57
N ILE A 8 -1.85 -4.90 -6.26
CA ILE A 8 -1.92 -6.24 -6.81
C ILE A 8 -1.94 -7.26 -5.67
N ALA A 9 -2.86 -8.20 -5.73
CA ALA A 9 -2.96 -9.23 -4.71
C ALA A 9 -2.66 -10.60 -5.31
N GLY A 10 -1.85 -11.37 -4.59
CA GLY A 10 -1.45 -12.68 -5.05
C GLY A 10 0.00 -12.95 -4.75
N LYS A 11 0.87 -12.68 -5.72
CA LYS A 11 2.31 -12.85 -5.53
C LYS A 11 3.09 -11.51 -5.60
N PRO A 12 2.91 -10.62 -6.65
CA PRO A 12 3.50 -9.27 -6.63
C PRO A 12 2.74 -8.30 -5.70
N GLY A 13 2.98 -7.00 -5.86
CA GLY A 13 2.53 -6.05 -4.87
C GLY A 13 1.91 -4.81 -5.47
N LEU A 14 2.73 -3.98 -6.11
CA LEU A 14 2.25 -2.73 -6.68
C LEU A 14 2.90 -2.48 -8.03
N TYR A 15 2.22 -1.74 -8.89
CA TYR A 15 2.76 -1.34 -10.19
C TYR A 15 2.49 0.13 -10.45
N LYS A 16 3.39 0.78 -11.20
CA LYS A 16 3.13 2.12 -11.70
C LYS A 16 2.55 2.05 -13.09
N LEU A 17 1.32 2.52 -13.24
CA LEU A 17 0.64 2.52 -14.51
C LEU A 17 1.14 3.67 -15.38
N ILE A 18 1.86 3.31 -16.42
CA ILE A 18 2.43 4.29 -17.34
C ILE A 18 1.40 4.57 -18.45
N SER A 19 0.89 3.49 -19.02
CA SER A 19 -0.04 3.57 -20.14
C SER A 19 -1.09 2.48 -20.01
N GLN A 20 -2.23 2.68 -20.64
CA GLN A 20 -3.24 1.63 -20.76
C GLN A 20 -3.47 1.30 -22.22
N GLY A 21 -3.28 0.03 -22.54
CA GLY A 21 -3.64 -0.46 -23.86
C GLY A 21 -4.91 -1.28 -23.80
N LYS A 22 -5.46 -1.62 -24.96
CA LYS A 22 -6.72 -2.34 -25.02
C LYS A 22 -6.52 -3.85 -25.13
N ASN A 23 -5.71 -4.37 -24.21
CA ASN A 23 -5.39 -5.80 -24.06
C ASN A 23 -4.38 -5.95 -22.93
N MET A 24 -3.38 -5.07 -22.96
CA MET A 24 -2.29 -5.09 -22.02
C MET A 24 -1.96 -3.68 -21.55
N LEU A 25 -1.83 -3.52 -20.25
CA LEU A 25 -1.44 -2.25 -19.67
C LEU A 25 0.07 -2.21 -19.53
N ILE A 26 0.61 -1.02 -19.61
CA ILE A 26 2.05 -0.81 -19.49
C ILE A 26 2.35 -0.39 -18.06
N VAL A 27 3.05 -1.24 -17.32
CA VAL A 27 3.40 -0.93 -15.94
C VAL A 27 4.88 -1.19 -15.66
N GLU A 28 5.37 -0.63 -14.58
CA GLU A 28 6.71 -0.92 -14.09
C GLU A 28 6.63 -1.45 -12.65
N THR A 29 7.46 -2.46 -12.35
CA THR A 29 7.56 -2.99 -10.99
C THR A 29 8.20 -1.98 -10.05
N VAL A 30 7.60 -1.82 -8.87
CA VAL A 30 8.19 -0.97 -7.85
C VAL A 30 9.04 -1.81 -6.89
N ASP A 31 10.28 -2.04 -7.30
CA ASP A 31 11.21 -2.87 -6.55
C ASP A 31 12.64 -2.42 -6.87
N ALA A 32 13.63 -3.29 -6.63
CA ALA A 32 15.03 -3.00 -6.94
C ALA A 32 15.30 -3.00 -8.45
N ALA A 33 14.56 -3.85 -9.19
CA ALA A 33 14.77 -4.00 -10.63
C ALA A 33 14.16 -2.86 -11.44
N LYS A 34 12.88 -2.54 -11.17
CA LYS A 34 12.10 -1.52 -11.89
C LYS A 34 12.05 -1.83 -13.40
N LYS A 35 11.39 -2.93 -13.73
CA LYS A 35 11.38 -3.46 -15.09
C LYS A 35 10.03 -3.28 -15.78
N ARG A 36 10.06 -3.30 -17.12
CA ARG A 36 8.86 -3.23 -17.95
C ARG A 36 8.07 -4.55 -17.88
N VAL A 37 6.95 -4.50 -17.22
CA VAL A 37 6.12 -5.68 -17.03
C VAL A 37 4.74 -5.48 -17.66
N PRO A 38 4.14 -6.57 -18.20
CA PRO A 38 2.80 -6.51 -18.77
C PRO A 38 1.69 -6.74 -17.73
N ALA A 39 0.87 -5.72 -17.54
CA ALA A 39 -0.31 -5.82 -16.70
C ALA A 39 -1.50 -6.24 -17.53
N TYR A 40 -2.36 -7.06 -16.95
CA TYR A 40 -3.57 -7.50 -17.63
C TYR A 40 -4.75 -7.35 -16.70
N ALA A 41 -5.89 -6.95 -17.24
CA ALA A 41 -7.13 -6.90 -16.49
C ALA A 41 -7.76 -8.30 -16.47
N HIS A 42 -7.21 -9.12 -15.59
CA HIS A 42 -7.43 -10.56 -15.56
C HIS A 42 -7.04 -11.09 -14.19
N ASP A 43 -6.03 -10.45 -13.60
CA ASP A 43 -5.53 -10.84 -12.28
C ASP A 43 -6.28 -10.06 -11.19
N LYS A 44 -5.73 -9.97 -9.99
CA LYS A 44 -6.33 -9.17 -8.93
C LYS A 44 -5.75 -7.76 -9.00
N VAL A 45 -6.17 -7.01 -10.02
CA VAL A 45 -5.65 -5.67 -10.28
C VAL A 45 -6.66 -4.63 -9.82
N ILE A 46 -6.37 -4.05 -8.68
CA ILE A 46 -7.23 -3.04 -8.06
C ILE A 46 -6.39 -1.79 -7.85
N SER A 47 -6.77 -0.68 -8.47
CA SER A 47 -6.04 0.58 -8.29
C SER A 47 -6.02 1.00 -6.81
N LEU A 48 -4.87 1.54 -6.33
CA LEU A 48 -4.77 2.05 -4.95
C LEU A 48 -5.56 3.35 -4.79
N ALA A 49 -5.95 3.93 -5.94
CA ALA A 49 -6.90 5.03 -6.00
C ALA A 49 -8.26 4.64 -5.40
N ASP A 50 -8.60 3.36 -5.53
CA ASP A 50 -9.91 2.82 -5.15
C ASP A 50 -9.95 2.43 -3.66
N ILE A 51 -8.82 1.97 -3.11
CA ILE A 51 -8.79 1.46 -1.72
C ILE A 51 -8.97 2.62 -0.71
N ALA A 52 -9.99 2.50 0.12
CA ALA A 52 -10.30 3.50 1.14
C ALA A 52 -10.77 2.81 2.43
N MET A 53 -10.66 3.54 3.53
CA MET A 53 -10.97 3.02 4.85
C MET A 53 -11.93 3.97 5.55
N TYR A 54 -13.06 3.45 5.99
CA TYR A 54 -14.09 4.26 6.63
C TYR A 54 -13.89 4.29 8.13
N THR A 55 -14.19 5.43 8.72
CA THR A 55 -13.98 5.66 10.15
C THR A 55 -15.25 6.32 10.72
N ASP A 56 -15.14 6.87 11.93
CA ASP A 56 -16.16 7.78 12.50
C ASP A 56 -16.19 9.10 11.70
N ALA A 57 -15.04 9.45 11.14
CA ALA A 57 -14.89 10.57 10.22
C ALA A 57 -15.09 10.11 8.77
N GLU A 58 -14.63 10.92 7.82
CA GLU A 58 -14.73 10.62 6.38
C GLU A 58 -13.86 9.43 5.95
N GLU A 59 -14.10 8.94 4.72
CA GLU A 59 -13.34 7.82 4.17
C GLU A 59 -11.95 8.29 3.69
N VAL A 60 -10.94 7.82 4.39
CA VAL A 60 -9.55 8.16 4.07
C VAL A 60 -8.90 7.04 3.26
N PRO A 61 -8.16 7.40 2.16
CA PRO A 61 -7.45 6.43 1.31
C PRO A 61 -6.45 5.55 2.05
N LEU A 62 -6.06 4.42 1.43
CA LEU A 62 -5.13 3.47 2.03
C LEU A 62 -3.75 4.08 2.23
N SER A 63 -3.37 5.01 1.34
CA SER A 63 -2.07 5.69 1.41
C SER A 63 -1.95 6.55 2.68
N GLU A 64 -3.08 7.08 3.13
CA GLU A 64 -3.14 7.92 4.31
C GLU A 64 -3.08 7.10 5.60
N VAL A 65 -3.67 5.90 5.57
CA VAL A 65 -3.77 5.07 6.77
C VAL A 65 -2.51 4.22 7.01
N LEU A 66 -1.79 3.88 5.94
CA LEU A 66 -0.47 3.25 6.07
C LEU A 66 0.58 4.27 6.55
N GLU A 67 0.36 5.55 6.21
CA GLU A 67 1.20 6.66 6.69
C GLU A 67 0.98 6.84 8.20
N ALA A 68 -0.27 6.68 8.63
CA ALA A 68 -0.66 6.80 10.03
C ALA A 68 -0.02 5.71 10.89
N VAL A 69 -0.11 4.44 10.46
CA VAL A 69 0.48 3.32 11.22
C VAL A 69 2.02 3.32 11.15
N LYS A 70 2.56 3.88 10.06
CA LYS A 70 4.00 4.08 9.88
C LYS A 70 4.57 5.03 10.95
N LYS A 71 3.75 6.02 11.34
CA LYS A 71 4.14 7.04 12.33
C LYS A 71 4.34 6.42 13.73
N LYS A 72 3.63 5.32 13.99
CA LYS A 72 3.71 4.59 15.27
C LYS A 72 5.13 4.05 15.50
N GLU A 73 5.72 3.46 14.47
CA GLU A 73 7.06 2.88 14.59
C GLU A 73 8.14 3.79 13.97
N ASN A 74 7.93 5.12 14.11
CA ASN A 74 8.92 6.18 13.79
C ASN A 74 9.26 6.25 12.29
N GLY A 75 8.31 5.87 11.44
CA GLY A 75 8.52 5.92 10.02
C GLY A 75 9.28 4.71 9.47
N ALA A 76 8.99 3.52 9.97
CA ALA A 76 9.75 2.34 9.55
C ALA A 76 9.07 1.57 8.39
N VAL A 77 9.57 0.36 8.10
CA VAL A 77 9.18 -0.42 6.92
C VAL A 77 8.42 -1.69 7.37
N ALA A 78 7.45 -1.49 8.29
CA ALA A 78 6.61 -2.54 8.89
C ALA A 78 7.40 -3.54 9.73
N SER A 79 7.39 -3.30 11.03
CA SER A 79 7.96 -4.23 12.00
C SER A 79 7.01 -5.41 12.20
N ILE A 80 5.71 -5.11 12.10
CA ILE A 80 4.66 -6.13 12.12
C ILE A 80 4.67 -6.92 10.80
N ASN A 81 4.48 -8.23 10.90
CA ASN A 81 4.49 -9.08 9.72
C ASN A 81 3.10 -9.66 9.46
N TYR A 82 2.71 -9.66 8.20
CA TYR A 82 1.34 -9.94 7.77
C TYR A 82 0.97 -11.44 7.76
N LYS A 83 1.96 -12.33 7.60
CA LYS A 83 1.64 -13.74 7.34
C LYS A 83 1.60 -14.56 8.63
N LYS A 84 2.24 -14.05 9.67
CA LYS A 84 2.31 -14.76 10.94
C LYS A 84 1.33 -14.19 11.97
N ALA A 85 0.99 -12.92 11.84
CA ALA A 85 0.10 -12.26 12.79
C ALA A 85 -1.35 -12.35 12.31
N SER A 86 -2.27 -12.45 13.27
CA SER A 86 -3.68 -12.70 12.95
C SER A 86 -4.42 -11.43 12.53
N ALA A 87 -5.65 -11.60 12.03
CA ALA A 87 -6.48 -10.47 11.58
C ALA A 87 -6.94 -9.61 12.75
N ASP A 88 -6.99 -10.19 13.96
CA ASP A 88 -7.30 -9.47 15.19
C ASP A 88 -6.16 -8.57 15.58
N GLU A 89 -4.96 -9.13 15.47
CA GLU A 89 -3.71 -8.44 15.71
C GLU A 89 -3.51 -7.25 14.74
N LEU A 90 -3.80 -7.48 13.46
CA LEU A 90 -3.67 -6.47 12.42
C LEU A 90 -4.66 -5.30 12.61
N HIS A 91 -5.89 -5.65 13.00
CA HIS A 91 -6.95 -4.67 13.24
C HIS A 91 -6.68 -3.84 14.51
N ALA A 92 -6.04 -4.46 15.50
CA ALA A 92 -5.71 -3.79 16.76
C ALA A 92 -4.44 -2.91 16.62
N TYR A 93 -3.61 -3.24 15.62
CA TYR A 93 -2.46 -2.40 15.26
C TYR A 93 -2.92 -1.08 14.62
N PHE A 94 -4.07 -1.13 13.96
CA PHE A 94 -4.66 0.05 13.32
C PHE A 94 -5.24 1.01 14.38
N ALA A 95 -5.58 0.44 15.55
CA ALA A 95 -6.09 1.21 16.70
C ALA A 95 -4.98 1.98 17.43
N GLU A 96 -3.72 1.67 17.10
CA GLU A 96 -2.56 2.30 17.73
C GLU A 96 -2.46 3.79 17.41
N VAL A 97 -2.86 4.16 16.19
CA VAL A 97 -2.79 5.55 15.77
C VAL A 97 -4.17 6.16 15.55
N LEU A 98 -5.13 5.35 15.12
CA LEU A 98 -6.47 5.84 14.85
C LEU A 98 -7.49 5.24 15.82
N PRO A 99 -7.88 6.01 16.87
CA PRO A 99 -8.89 5.56 17.83
C PRO A 99 -10.34 5.68 17.31
N ASN A 100 -10.54 6.41 16.21
CA ASN A 100 -11.87 6.61 15.64
C ASN A 100 -12.13 5.64 14.48
N TYR A 101 -11.29 4.62 14.35
CA TYR A 101 -11.42 3.63 13.29
C TYR A 101 -12.61 2.70 13.56
N ASP A 102 -13.10 2.02 12.55
CA ASP A 102 -14.28 1.20 12.71
C ASP A 102 -13.91 -0.29 12.69
N ARG A 103 -14.90 -1.15 12.47
CA ARG A 103 -14.70 -2.58 12.49
C ARG A 103 -14.77 -3.19 11.08
N ASP A 104 -15.98 -3.24 10.53
CA ASP A 104 -16.23 -3.88 9.23
C ASP A 104 -16.04 -2.88 8.09
N ARG A 105 -16.00 -1.59 8.46
CA ARG A 105 -15.67 -0.49 7.53
C ARG A 105 -14.18 -0.48 7.15
N VAL A 106 -13.39 -1.30 7.86
CA VAL A 106 -11.96 -1.45 7.60
C VAL A 106 -11.74 -2.79 6.81
N HIS A 107 -12.87 -3.31 6.26
CA HIS A 107 -12.93 -4.51 5.40
C HIS A 107 -12.63 -5.81 6.18
N ASN A 108 -12.25 -6.85 5.43
CA ASN A 108 -12.09 -8.20 5.98
C ASN A 108 -10.62 -8.64 6.00
N GLY A 109 -9.80 -7.89 6.73
CA GLY A 109 -8.38 -8.20 6.82
C GLY A 109 -7.57 -7.46 5.77
N ASP A 110 -8.01 -6.25 5.44
CA ASP A 110 -7.35 -5.41 4.45
C ASP A 110 -6.07 -4.77 4.98
N ILE A 111 -5.90 -4.81 6.30
CA ILE A 111 -4.66 -4.39 6.93
C ILE A 111 -3.52 -5.37 6.60
N LYS A 112 -3.84 -6.66 6.39
CA LYS A 112 -2.83 -7.67 6.03
C LYS A 112 -2.24 -7.43 4.65
N LYS A 113 -3.11 -7.12 3.67
CA LYS A 113 -2.66 -6.81 2.32
C LYS A 113 -1.96 -5.45 2.29
N LEU A 114 -2.38 -4.56 3.20
CA LEU A 114 -1.74 -3.26 3.38
C LEU A 114 -0.30 -3.40 3.86
N ILE A 115 -0.03 -4.35 4.79
CA ILE A 115 1.34 -4.58 5.33
C ILE A 115 2.28 -5.07 4.24
N SER A 116 1.75 -5.90 3.33
CA SER A 116 2.52 -6.42 2.20
C SER A 116 2.99 -5.30 1.29
N TRP A 117 2.12 -4.31 1.08
CA TRP A 117 2.43 -3.16 0.23
C TRP A 117 3.22 -2.09 0.99
N TYR A 118 3.01 -2.02 2.30
CA TYR A 118 3.71 -1.11 3.23
C TYR A 118 5.20 -1.49 3.35
N ASN A 119 5.49 -2.79 3.20
CA ASN A 119 6.87 -3.27 3.00
C ASN A 119 7.44 -2.72 1.69
N ILE A 120 6.68 -2.90 0.60
CA ILE A 120 7.09 -2.57 -0.77
C ILE A 120 7.32 -1.06 -0.99
N LEU A 121 6.38 -0.25 -0.49
CA LEU A 121 6.39 1.22 -0.64
C LEU A 121 7.68 1.83 -0.10
N VAL A 122 7.96 1.53 1.17
CA VAL A 122 9.11 2.08 1.87
C VAL A 122 10.45 1.43 1.43
N ASN A 123 10.36 0.25 0.81
CA ASN A 123 11.53 -0.50 0.32
C ASN A 123 12.24 0.23 -0.83
N ASN A 124 11.49 0.61 -1.85
CA ASN A 124 12.08 1.22 -3.04
C ASN A 124 11.85 2.73 -3.08
N GLY A 125 11.11 3.24 -2.08
CA GLY A 125 10.81 4.65 -1.99
C GLY A 125 9.51 5.06 -2.69
N ILE A 126 9.13 4.29 -3.72
CA ILE A 126 8.06 4.65 -4.67
C ILE A 126 8.35 6.03 -5.29
N THR A 127 7.72 7.06 -4.75
CA THR A 127 7.95 8.43 -5.13
C THR A 127 7.65 9.29 -3.91
N GLU A 128 6.34 9.51 -3.68
CA GLU A 128 5.85 10.42 -2.65
C GLU A 128 4.41 10.06 -2.27
N PHE A 129 4.15 10.04 -0.96
CA PHE A 129 2.86 9.63 -0.37
C PHE A 129 2.90 9.83 1.15
N VAL A 130 4.12 9.82 1.68
CA VAL A 130 4.37 9.90 3.11
C VAL A 130 4.86 11.31 3.53
N GLU A 131 5.44 12.05 2.54
CA GLU A 131 6.10 13.37 2.71
C GLU A 131 7.47 13.23 3.38
N ALA A 132 8.49 13.79 2.67
CA ALA A 132 9.92 13.76 3.05
C ALA A 132 10.53 12.35 2.90
N PRO A 133 11.88 12.19 2.88
CA PRO A 133 12.52 10.88 2.95
C PRO A 133 12.43 10.25 4.36
N ALA A 134 11.24 9.74 4.66
CA ALA A 134 10.99 8.96 5.88
C ALA A 134 11.03 7.47 5.53
N LEU A 135 11.61 7.18 4.39
CA LEU A 135 11.71 5.84 3.85
C LEU A 135 13.11 5.31 4.08
N GLU A 136 13.25 3.97 4.09
CA GLU A 136 14.51 3.24 4.35
C GLU A 136 15.05 3.52 5.77
N HIS A 137 14.12 3.74 6.73
CA HIS A 137 14.45 3.99 8.14
C HIS A 137 15.10 2.76 8.76
N HIS A 138 14.55 1.60 8.45
CA HIS A 138 15.19 0.33 8.72
C HIS A 138 15.26 -0.45 7.42
N HIS A 139 16.47 -0.59 6.88
CA HIS A 139 16.68 -1.34 5.64
C HIS A 139 16.33 -2.82 5.83
N HIS A 140 15.22 -3.22 5.23
CA HIS A 140 14.71 -4.58 5.34
C HIS A 140 14.02 -4.94 4.02
N HIS A 141 14.75 -5.62 3.15
CA HIS A 141 14.28 -5.88 1.79
C HIS A 141 13.17 -6.94 1.74
N HIS A 142 12.19 -6.71 0.88
CA HIS A 142 11.03 -7.59 0.73
C HIS A 142 11.11 -8.32 -0.62
N MET A 1 2.30 9.51 -4.32
CA MET A 1 0.95 9.93 -4.77
C MET A 1 0.22 8.75 -5.42
N LEU A 2 -1.08 8.67 -5.11
CA LEU A 2 -1.96 7.61 -5.58
C LEU A 2 -2.40 7.81 -7.05
N LYS A 3 -3.40 7.00 -7.46
CA LYS A 3 -3.99 6.94 -8.84
C LYS A 3 -3.11 6.14 -9.79
N THR A 4 -1.81 6.44 -9.79
CA THR A 4 -0.86 5.85 -10.74
C THR A 4 -0.30 4.53 -10.20
N ILE A 5 -0.36 4.37 -8.88
CA ILE A 5 -0.05 3.10 -8.26
C ILE A 5 -1.31 2.24 -8.36
N LEU A 6 -1.16 1.10 -9.00
CA LEU A 6 -2.25 0.16 -9.17
C LEU A 6 -1.98 -1.08 -8.33
N SER A 7 -3.01 -1.56 -7.67
CA SER A 7 -2.93 -2.75 -6.86
C SER A 7 -3.16 -3.98 -7.75
N ILE A 8 -2.17 -4.85 -7.75
CA ILE A 8 -2.18 -5.99 -8.65
C ILE A 8 -2.33 -7.26 -7.83
N ALA A 9 -3.54 -7.85 -7.96
CA ALA A 9 -4.02 -9.04 -7.20
C ALA A 9 -4.00 -8.86 -5.66
N GLY A 10 -2.81 -8.75 -5.08
CA GLY A 10 -2.64 -8.62 -3.64
C GLY A 10 -1.28 -9.14 -3.23
N LYS A 11 -0.96 -10.33 -3.74
CA LYS A 11 0.33 -10.98 -3.54
C LYS A 11 1.44 -10.35 -4.46
N PRO A 12 1.21 -10.12 -5.81
CA PRO A 12 2.13 -9.32 -6.67
C PRO A 12 2.20 -7.82 -6.33
N GLY A 13 1.53 -7.43 -5.24
CA GLY A 13 1.59 -6.10 -4.70
C GLY A 13 1.05 -5.01 -5.60
N LEU A 14 1.97 -4.24 -6.18
CA LEU A 14 1.63 -3.01 -6.87
C LEU A 14 2.47 -2.83 -8.13
N TYR A 15 1.83 -2.29 -9.16
CA TYR A 15 2.48 -1.94 -10.42
C TYR A 15 2.04 -0.56 -10.87
N LYS A 16 2.97 0.22 -11.39
CA LYS A 16 2.72 1.59 -11.84
C LYS A 16 2.17 1.60 -13.26
N LEU A 17 0.96 2.10 -13.46
CA LEU A 17 0.36 2.18 -14.79
C LEU A 17 0.85 3.44 -15.50
N ILE A 18 1.68 3.28 -16.53
CA ILE A 18 2.12 4.40 -17.36
C ILE A 18 1.24 4.46 -18.61
N SER A 19 1.15 3.32 -19.30
CA SER A 19 0.41 3.25 -20.54
C SER A 19 -0.43 1.98 -20.57
N GLN A 20 -1.55 2.06 -21.24
CA GLN A 20 -2.42 0.90 -21.42
C GLN A 20 -2.91 0.85 -22.86
N GLY A 21 -3.13 -0.35 -23.34
CA GLY A 21 -3.62 -0.53 -24.69
C GLY A 21 -4.76 -1.51 -24.72
N LYS A 22 -5.23 -1.82 -25.92
CA LYS A 22 -6.31 -2.80 -26.09
C LYS A 22 -5.70 -4.16 -26.43
N ASN A 23 -4.74 -4.55 -25.59
CA ASN A 23 -3.95 -5.77 -25.74
C ASN A 23 -3.24 -6.09 -24.44
N MET A 24 -2.42 -5.15 -23.97
CA MET A 24 -1.62 -5.30 -22.77
C MET A 24 -1.27 -3.93 -22.20
N LEU A 25 -0.86 -3.93 -20.95
CA LEU A 25 -0.50 -2.74 -20.22
C LEU A 25 1.01 -2.64 -20.04
N ILE A 26 1.48 -1.41 -19.98
CA ILE A 26 2.86 -1.12 -19.65
C ILE A 26 2.89 -0.64 -18.21
N VAL A 27 3.40 -1.50 -17.34
CA VAL A 27 3.47 -1.19 -15.92
C VAL A 27 4.89 -1.40 -15.39
N GLU A 28 5.21 -0.74 -14.28
CA GLU A 28 6.53 -0.90 -13.67
C GLU A 28 6.40 -1.49 -12.29
N THR A 29 7.29 -2.44 -12.00
CA THR A 29 7.32 -3.11 -10.71
C THR A 29 7.87 -2.19 -9.65
N VAL A 30 7.16 -2.10 -8.53
CA VAL A 30 7.63 -1.32 -7.39
C VAL A 30 8.45 -2.24 -6.47
N ASP A 31 9.75 -2.32 -6.76
CA ASP A 31 10.66 -3.23 -6.07
C ASP A 31 12.11 -2.76 -6.26
N ALA A 32 13.07 -3.63 -5.93
CA ALA A 32 14.50 -3.33 -6.09
C ALA A 32 15.00 -3.64 -7.52
N ALA A 33 14.19 -3.28 -8.51
CA ALA A 33 14.49 -3.52 -9.92
C ALA A 33 13.85 -2.41 -10.76
N LYS A 34 12.53 -2.19 -10.53
CA LYS A 34 11.71 -1.23 -11.30
C LYS A 34 11.72 -1.54 -12.79
N LYS A 35 11.14 -2.69 -13.12
CA LYS A 35 11.12 -3.16 -14.50
C LYS A 35 9.76 -3.00 -15.16
N ARG A 36 9.77 -2.75 -16.46
CA ARG A 36 8.54 -2.67 -17.25
C ARG A 36 8.09 -4.05 -17.67
N VAL A 37 6.96 -4.46 -17.12
CA VAL A 37 6.42 -5.79 -17.30
C VAL A 37 5.10 -5.69 -18.08
N PRO A 38 4.89 -6.55 -19.11
CA PRO A 38 3.58 -6.66 -19.78
C PRO A 38 2.50 -7.22 -18.86
N ALA A 39 1.52 -6.40 -18.54
CA ALA A 39 0.44 -6.79 -17.65
C ALA A 39 -0.87 -6.80 -18.40
N TYR A 40 -1.87 -7.38 -17.77
CA TYR A 40 -3.18 -7.50 -18.37
C TYR A 40 -4.24 -7.18 -17.32
N ALA A 41 -5.50 -7.06 -17.73
CA ALA A 41 -6.62 -6.95 -16.77
C ALA A 41 -6.93 -8.31 -16.14
N HIS A 42 -6.31 -9.34 -16.73
CA HIS A 42 -6.29 -10.71 -16.22
C HIS A 42 -5.43 -10.82 -14.95
N ASP A 43 -4.57 -9.83 -14.70
CA ASP A 43 -3.70 -9.83 -13.52
C ASP A 43 -4.37 -9.20 -12.29
N LYS A 44 -5.69 -8.96 -12.39
CA LYS A 44 -6.53 -8.35 -11.34
C LYS A 44 -6.07 -6.93 -11.04
N VAL A 45 -6.50 -5.99 -11.88
CA VAL A 45 -6.08 -4.61 -11.76
C VAL A 45 -7.10 -3.80 -10.98
N ILE A 46 -6.75 -3.49 -9.75
CA ILE A 46 -7.54 -2.65 -8.86
C ILE A 46 -6.76 -1.35 -8.66
N SER A 47 -7.41 -0.21 -8.58
CA SER A 47 -6.72 1.04 -8.30
C SER A 47 -6.33 1.08 -6.81
N LEU A 48 -5.06 1.43 -6.52
CA LEU A 48 -4.62 1.63 -5.12
C LEU A 48 -5.23 2.93 -4.56
N ALA A 49 -5.62 3.83 -5.49
CA ALA A 49 -6.37 5.05 -5.18
C ALA A 49 -7.79 4.73 -4.67
N ASP A 50 -8.26 3.52 -4.99
CA ASP A 50 -9.62 3.07 -4.67
C ASP A 50 -9.71 2.56 -3.22
N ILE A 51 -8.60 2.07 -2.67
CA ILE A 51 -8.56 1.58 -1.29
C ILE A 51 -8.57 2.77 -0.31
N ALA A 52 -9.53 2.73 0.61
CA ALA A 52 -9.71 3.74 1.63
C ALA A 52 -10.32 3.11 2.87
N MET A 53 -10.27 3.82 3.98
CA MET A 53 -10.75 3.32 5.26
C MET A 53 -11.78 4.27 5.83
N TYR A 54 -12.81 3.73 6.45
CA TYR A 54 -13.90 4.53 6.97
C TYR A 54 -13.91 4.51 8.48
N THR A 55 -14.50 5.54 9.06
CA THR A 55 -14.55 5.76 10.48
C THR A 55 -15.84 6.53 10.82
N ASP A 56 -15.92 7.13 12.01
CA ASP A 56 -17.04 8.02 12.39
C ASP A 56 -17.05 9.30 11.53
N ALA A 57 -15.85 9.73 11.15
CA ALA A 57 -15.65 10.86 10.25
C ALA A 57 -15.63 10.39 8.79
N GLU A 58 -15.15 11.25 7.88
CA GLU A 58 -15.10 10.94 6.45
C GLU A 58 -14.03 9.91 6.10
N GLU A 59 -14.04 9.47 4.84
CA GLU A 59 -13.15 8.41 4.39
C GLU A 59 -11.73 8.93 4.12
N VAL A 60 -10.76 8.21 4.66
CA VAL A 60 -9.36 8.54 4.50
C VAL A 60 -8.68 7.46 3.64
N PRO A 61 -8.04 7.86 2.50
CA PRO A 61 -7.34 6.93 1.59
C PRO A 61 -6.15 6.25 2.27
N LEU A 62 -5.79 5.05 1.77
CA LEU A 62 -4.73 4.24 2.38
C LEU A 62 -3.34 4.88 2.28
N SER A 63 -3.14 5.83 1.38
CA SER A 63 -1.89 6.62 1.33
C SER A 63 -1.63 7.37 2.66
N GLU A 64 -2.67 8.00 3.19
CA GLU A 64 -2.60 8.71 4.46
C GLU A 64 -2.59 7.75 5.65
N VAL A 65 -3.35 6.64 5.54
CA VAL A 65 -3.45 5.65 6.61
C VAL A 65 -2.12 4.89 6.80
N LEU A 66 -1.45 4.57 5.68
CA LEU A 66 -0.18 3.82 5.66
C LEU A 66 0.96 4.65 6.23
N GLU A 67 0.85 5.97 6.07
CA GLU A 67 1.77 6.91 6.69
C GLU A 67 1.49 7.06 8.19
N ALA A 68 0.21 6.99 8.57
CA ALA A 68 -0.21 7.19 9.96
C ALA A 68 0.22 6.04 10.87
N VAL A 69 -0.03 4.79 10.47
CA VAL A 69 0.37 3.62 11.27
C VAL A 69 1.90 3.50 11.42
N LYS A 70 2.62 3.85 10.35
CA LYS A 70 4.08 3.88 10.33
C LYS A 70 4.67 5.03 11.16
N LYS A 71 3.91 6.13 11.28
CA LYS A 71 4.32 7.30 12.06
C LYS A 71 4.44 6.93 13.55
N LYS A 72 3.51 6.07 14.00
CA LYS A 72 3.55 5.47 15.34
C LYS A 72 4.62 4.37 15.43
N GLU A 73 4.90 3.72 14.29
CA GLU A 73 5.92 2.66 14.15
C GLU A 73 7.36 3.25 14.17
N ASN A 74 7.45 4.61 14.12
CA ASN A 74 8.70 5.38 14.24
C ASN A 74 9.60 5.22 12.99
N GLY A 75 8.96 5.24 11.81
CA GLY A 75 9.69 5.29 10.54
C GLY A 75 10.45 4.02 10.20
N ALA A 76 9.72 2.94 9.94
CA ALA A 76 10.34 1.67 9.60
C ALA A 76 9.72 1.10 8.33
N VAL A 77 9.88 -0.20 8.09
CA VAL A 77 9.11 -0.86 7.05
C VAL A 77 7.84 -1.43 7.70
N ALA A 78 7.90 -2.64 8.25
CA ALA A 78 6.90 -3.10 9.22
C ALA A 78 7.56 -3.95 10.30
N SER A 79 7.12 -3.80 11.55
CA SER A 79 7.54 -4.70 12.62
C SER A 79 6.52 -5.83 12.82
N ILE A 80 5.36 -5.67 12.21
CA ILE A 80 4.30 -6.67 12.27
C ILE A 80 4.36 -7.58 11.03
N ASN A 81 4.17 -8.87 11.26
CA ASN A 81 4.20 -9.85 10.18
C ASN A 81 2.81 -10.10 9.62
N TYR A 82 2.69 -10.04 8.30
CA TYR A 82 1.43 -10.37 7.62
C TYR A 82 1.38 -11.86 7.28
N LYS A 83 2.56 -12.48 7.25
CA LYS A 83 2.71 -13.87 6.88
C LYS A 83 2.31 -14.78 8.04
N LYS A 84 2.55 -14.31 9.25
CA LYS A 84 2.09 -14.98 10.45
C LYS A 84 1.62 -13.96 11.49
N ALA A 85 0.33 -14.03 11.79
CA ALA A 85 -0.33 -13.13 12.73
C ALA A 85 -1.53 -13.81 13.35
N SER A 86 -2.16 -13.14 14.31
CA SER A 86 -3.39 -13.65 14.89
C SER A 86 -4.56 -12.71 14.52
N ALA A 87 -5.77 -13.05 14.97
CA ALA A 87 -6.99 -12.35 14.57
C ALA A 87 -7.07 -10.93 15.13
N ASP A 88 -6.76 -10.79 16.43
CA ASP A 88 -6.76 -9.47 17.09
C ASP A 88 -5.59 -8.64 16.62
N GLU A 89 -4.48 -9.32 16.38
CA GLU A 89 -3.20 -8.72 15.97
C GLU A 89 -3.30 -7.94 14.65
N LEU A 90 -4.19 -8.39 13.76
CA LEU A 90 -4.48 -7.73 12.48
C LEU A 90 -5.00 -6.30 12.73
N HIS A 91 -6.11 -6.18 13.45
CA HIS A 91 -6.79 -4.89 13.61
C HIS A 91 -6.21 -4.06 14.78
N ALA A 92 -5.41 -4.68 15.65
CA ALA A 92 -4.81 -3.98 16.80
C ALA A 92 -3.73 -3.00 16.34
N TYR A 93 -3.16 -3.27 15.17
CA TYR A 93 -2.19 -2.38 14.54
C TYR A 93 -2.87 -1.11 14.02
N PHE A 94 -4.15 -1.23 13.64
CA PHE A 94 -4.92 -0.08 13.16
C PHE A 94 -5.33 0.82 14.32
N ALA A 95 -5.60 0.19 15.48
CA ALA A 95 -6.02 0.90 16.71
C ALA A 95 -4.85 1.62 17.39
N GLU A 96 -3.65 1.45 16.84
CA GLU A 96 -2.44 2.11 17.30
C GLU A 96 -2.50 3.62 16.99
N VAL A 97 -3.17 3.98 15.90
CA VAL A 97 -3.35 5.39 15.54
C VAL A 97 -4.83 5.79 15.47
N LEU A 98 -5.68 4.90 14.94
CA LEU A 98 -7.10 5.17 14.84
C LEU A 98 -7.89 4.18 15.69
N PRO A 99 -8.31 4.58 16.91
CA PRO A 99 -9.20 3.77 17.76
C PRO A 99 -10.68 4.05 17.50
N ASN A 100 -10.97 4.87 16.49
CA ASN A 100 -12.33 5.32 16.19
C ASN A 100 -12.91 4.53 14.98
N TYR A 101 -12.21 3.47 14.59
CA TYR A 101 -12.71 2.58 13.55
C TYR A 101 -13.59 1.48 14.18
N ASP A 102 -14.16 0.62 13.35
CA ASP A 102 -14.83 -0.58 13.83
C ASP A 102 -14.86 -1.64 12.73
N ARG A 103 -15.39 -2.82 13.06
CA ARG A 103 -15.51 -3.95 12.11
C ARG A 103 -16.61 -3.72 11.07
N ASP A 104 -17.41 -2.68 11.29
CA ASP A 104 -18.44 -2.22 10.34
C ASP A 104 -17.80 -1.74 9.03
N ARG A 105 -16.61 -1.13 9.15
CA ARG A 105 -15.98 -0.50 8.01
C ARG A 105 -14.62 -1.13 7.68
N VAL A 106 -13.84 -1.45 8.71
CA VAL A 106 -12.54 -2.09 8.52
C VAL A 106 -12.70 -3.59 8.68
N HIS A 107 -12.24 -4.34 7.68
CA HIS A 107 -12.50 -5.78 7.60
C HIS A 107 -11.24 -6.58 7.90
N ASN A 108 -11.42 -7.90 7.98
CA ASN A 108 -10.34 -8.81 8.32
C ASN A 108 -9.53 -9.17 7.08
N GLY A 109 -8.49 -8.39 6.83
CA GLY A 109 -7.67 -8.58 5.65
C GLY A 109 -7.16 -7.28 5.09
N ASP A 110 -7.80 -6.16 5.50
CA ASP A 110 -7.41 -4.81 5.09
C ASP A 110 -6.00 -4.45 5.54
N ILE A 111 -5.65 -4.91 6.73
CA ILE A 111 -4.31 -4.70 7.28
C ILE A 111 -3.29 -5.67 6.67
N LYS A 112 -3.67 -6.91 6.33
CA LYS A 112 -2.70 -7.89 5.79
C LYS A 112 -2.28 -7.56 4.36
N LYS A 113 -3.17 -6.97 3.58
CA LYS A 113 -2.83 -6.46 2.24
C LYS A 113 -2.00 -5.17 2.38
N LEU A 114 -2.22 -4.46 3.48
CA LEU A 114 -1.55 -3.21 3.81
C LEU A 114 -0.09 -3.47 4.24
N ILE A 115 0.17 -4.60 4.94
CA ILE A 115 1.55 -5.01 5.31
C ILE A 115 2.30 -5.52 4.07
N SER A 116 1.55 -6.09 3.11
CA SER A 116 2.12 -6.50 1.83
C SER A 116 2.70 -5.27 1.08
N TRP A 117 1.91 -4.17 1.00
CA TRP A 117 2.35 -2.97 0.27
C TRP A 117 3.21 -2.05 1.15
N TYR A 118 3.24 -2.37 2.45
CA TYR A 118 4.11 -1.70 3.43
C TYR A 118 5.57 -1.84 3.05
N ASN A 119 5.93 -3.07 2.68
CA ASN A 119 7.31 -3.41 2.33
C ASN A 119 7.67 -2.88 0.94
N ILE A 120 6.66 -2.82 0.08
CA ILE A 120 6.80 -2.39 -1.32
C ILE A 120 7.13 -0.90 -1.44
N LEU A 121 6.27 -0.07 -0.85
CA LEU A 121 6.31 1.37 -1.05
C LEU A 121 7.50 2.03 -0.35
N VAL A 122 7.84 1.54 0.84
CA VAL A 122 8.98 2.07 1.62
C VAL A 122 10.33 1.68 0.99
N ASN A 123 10.36 0.53 0.31
CA ASN A 123 11.57 0.05 -0.36
C ASN A 123 12.00 0.95 -1.51
N ASN A 124 11.03 1.69 -2.06
CA ASN A 124 11.28 2.62 -3.17
C ASN A 124 11.15 4.07 -2.70
N GLY A 125 10.55 4.25 -1.52
CA GLY A 125 10.22 5.58 -1.00
C GLY A 125 8.84 6.05 -1.44
N ILE A 126 8.64 6.04 -2.75
CA ILE A 126 7.46 6.57 -3.45
C ILE A 126 7.32 8.09 -3.20
N THR A 127 6.47 8.53 -2.26
CA THR A 127 6.31 9.96 -1.97
C THR A 127 5.90 10.18 -0.51
N GLU A 128 4.75 9.61 -0.15
CA GLU A 128 4.22 9.70 1.21
C GLU A 128 4.76 8.52 2.02
N PHE A 129 3.87 7.94 2.87
CA PHE A 129 4.08 6.63 3.53
C PHE A 129 5.26 6.66 4.50
N VAL A 130 5.53 7.86 5.05
CA VAL A 130 6.72 8.14 5.87
C VAL A 130 8.00 8.04 5.02
N GLU A 131 8.65 9.17 4.83
CA GLU A 131 9.84 9.27 3.98
C GLU A 131 11.11 8.73 4.65
N ALA A 132 10.96 8.25 5.89
CA ALA A 132 12.04 7.62 6.62
C ALA A 132 11.95 6.08 6.50
N PRO A 133 12.82 5.46 5.66
CA PRO A 133 12.83 4.02 5.46
C PRO A 133 13.78 3.28 6.41
N ALA A 134 13.44 2.06 6.74
CA ALA A 134 14.35 1.20 7.48
C ALA A 134 15.19 0.39 6.50
N LEU A 135 16.44 0.10 6.89
CA LEU A 135 17.36 -0.65 6.04
C LEU A 135 17.05 -2.15 6.05
N GLU A 136 16.18 -2.56 5.13
CA GLU A 136 15.81 -3.94 4.99
C GLU A 136 15.39 -4.21 3.55
N HIS A 137 16.32 -4.76 2.78
CA HIS A 137 16.06 -5.16 1.42
C HIS A 137 16.13 -6.68 1.29
N HIS A 138 15.08 -7.25 0.75
CA HIS A 138 15.02 -8.68 0.51
C HIS A 138 14.66 -8.94 -0.95
N HIS A 139 14.49 -10.21 -1.30
CA HIS A 139 14.26 -10.58 -2.68
C HIS A 139 12.77 -10.54 -3.02
N HIS A 140 12.48 -10.12 -4.24
CA HIS A 140 11.11 -9.96 -4.70
C HIS A 140 10.82 -10.93 -5.84
N HIS A 141 9.63 -11.53 -5.83
CA HIS A 141 9.16 -12.39 -6.91
C HIS A 141 7.77 -11.95 -7.37
N HIS A 142 7.38 -12.42 -8.56
CA HIS A 142 6.08 -12.12 -9.14
C HIS A 142 5.37 -13.43 -9.51
N MET A 1 1.49 11.44 -7.10
CA MET A 1 0.05 11.40 -6.75
C MET A 1 -0.49 10.01 -7.02
N LEU A 2 -1.58 9.64 -6.35
CA LEU A 2 -2.13 8.28 -6.41
C LEU A 2 -2.87 8.00 -7.73
N LYS A 3 -3.45 6.77 -7.80
CA LYS A 3 -4.04 6.16 -9.03
C LYS A 3 -2.91 5.62 -9.95
N THR A 4 -1.66 5.79 -9.49
CA THR A 4 -0.50 5.31 -10.21
C THR A 4 -0.12 3.92 -9.74
N ILE A 5 -0.18 3.73 -8.41
CA ILE A 5 0.20 2.47 -7.80
C ILE A 5 -0.95 1.47 -7.90
N LEU A 6 -0.72 0.43 -8.68
CA LEU A 6 -1.63 -0.69 -8.79
C LEU A 6 -0.98 -1.91 -8.16
N SER A 7 -1.75 -2.60 -7.37
CA SER A 7 -1.28 -3.70 -6.58
C SER A 7 -1.36 -5.00 -7.33
N ILE A 8 -0.25 -5.72 -7.29
CA ILE A 8 -0.10 -6.98 -7.99
C ILE A 8 0.13 -8.09 -6.98
N ALA A 9 -0.57 -9.20 -7.15
CA ALA A 9 -0.53 -10.27 -6.18
C ALA A 9 -0.21 -11.61 -6.84
N GLY A 10 0.33 -11.53 -8.06
CA GLY A 10 0.76 -12.71 -8.77
C GLY A 10 2.11 -13.20 -8.28
N LYS A 11 3.12 -12.36 -8.45
CA LYS A 11 4.49 -12.66 -8.05
C LYS A 11 5.30 -11.38 -7.74
N PRO A 12 5.30 -10.30 -8.60
CA PRO A 12 5.93 -9.01 -8.23
C PRO A 12 5.14 -8.23 -7.16
N GLY A 13 5.49 -6.97 -6.99
CA GLY A 13 4.92 -6.20 -5.91
C GLY A 13 3.85 -5.27 -6.39
N LEU A 14 4.28 -4.16 -6.99
CA LEU A 14 3.36 -3.15 -7.46
C LEU A 14 3.80 -2.61 -8.80
N TYR A 15 2.81 -2.23 -9.60
CA TYR A 15 3.07 -1.61 -10.89
C TYR A 15 2.58 -0.16 -10.87
N LYS A 16 3.04 0.63 -11.82
CA LYS A 16 2.53 1.96 -12.06
C LYS A 16 2.08 2.09 -13.49
N LEU A 17 0.84 2.51 -13.69
CA LEU A 17 0.30 2.74 -15.02
C LEU A 17 0.98 3.91 -15.69
N ILE A 18 1.66 3.64 -16.79
CA ILE A 18 2.27 4.69 -17.60
C ILE A 18 1.30 5.08 -18.70
N SER A 19 0.93 4.08 -19.50
CA SER A 19 0.06 4.27 -20.64
C SER A 19 -0.74 2.99 -20.83
N GLN A 20 -2.05 3.13 -20.95
CA GLN A 20 -2.93 1.98 -21.15
C GLN A 20 -3.15 1.74 -22.64
N GLY A 21 -3.14 0.47 -23.03
CA GLY A 21 -3.32 0.11 -24.41
C GLY A 21 -4.53 -0.78 -24.62
N LYS A 22 -4.61 -1.41 -25.79
CA LYS A 22 -5.67 -2.36 -26.06
C LYS A 22 -5.29 -3.76 -25.56
N ASN A 23 -6.20 -4.36 -24.78
CA ASN A 23 -6.09 -5.73 -24.20
C ASN A 23 -5.13 -5.78 -22.98
N MET A 24 -3.97 -5.15 -23.12
CA MET A 24 -2.96 -5.10 -22.08
C MET A 24 -2.62 -3.66 -21.71
N LEU A 25 -1.81 -3.51 -20.68
CA LEU A 25 -1.38 -2.20 -20.18
C LEU A 25 0.13 -2.09 -20.34
N ILE A 26 0.64 -0.86 -20.34
CA ILE A 26 2.07 -0.63 -20.23
C ILE A 26 2.34 -0.02 -18.86
N VAL A 27 3.05 -0.78 -18.03
CA VAL A 27 3.35 -0.37 -16.67
C VAL A 27 4.84 -0.42 -16.42
N GLU A 28 5.25 0.15 -15.31
CA GLU A 28 6.57 -0.03 -14.77
C GLU A 28 6.44 -0.67 -13.40
N THR A 29 7.35 -1.54 -13.04
CA THR A 29 7.40 -2.08 -11.70
C THR A 29 8.06 -1.05 -10.81
N VAL A 30 7.38 -0.66 -9.76
CA VAL A 30 7.94 0.27 -8.78
C VAL A 30 8.57 -0.54 -7.62
N ASP A 31 8.78 -1.83 -7.87
CA ASP A 31 9.31 -2.78 -6.91
C ASP A 31 10.50 -3.54 -7.50
N ALA A 32 11.50 -3.81 -6.63
CA ALA A 32 12.66 -4.68 -6.89
C ALA A 32 13.60 -4.16 -8.00
N ALA A 33 13.32 -4.53 -9.26
CA ALA A 33 14.22 -4.22 -10.38
C ALA A 33 13.88 -2.90 -11.05
N LYS A 34 12.65 -2.39 -10.78
CA LYS A 34 12.11 -1.16 -11.40
C LYS A 34 12.07 -1.28 -12.93
N LYS A 35 11.50 -2.38 -13.41
CA LYS A 35 11.53 -2.74 -14.82
C LYS A 35 10.22 -2.41 -15.53
N ARG A 36 10.30 -2.04 -16.80
CA ARG A 36 9.10 -1.76 -17.59
C ARG A 36 8.52 -3.08 -18.12
N VAL A 37 7.29 -3.38 -17.70
CA VAL A 37 6.63 -4.65 -18.01
C VAL A 37 5.26 -4.37 -18.66
N PRO A 38 4.78 -5.20 -19.62
CA PRO A 38 3.37 -5.19 -20.00
C PRO A 38 2.47 -5.92 -18.98
N ALA A 39 1.39 -5.25 -18.58
CA ALA A 39 0.45 -5.80 -17.61
C ALA A 39 -0.75 -6.39 -18.32
N TYR A 40 -1.37 -7.41 -17.74
CA TYR A 40 -2.49 -8.09 -18.39
C TYR A 40 -3.70 -8.15 -17.47
N ALA A 41 -4.89 -7.99 -18.04
CA ALA A 41 -6.11 -7.96 -17.24
C ALA A 41 -6.72 -9.36 -17.09
N HIS A 42 -6.19 -10.09 -16.12
CA HIS A 42 -6.65 -11.43 -15.74
C HIS A 42 -5.95 -11.84 -14.43
N ASP A 43 -4.77 -11.24 -14.20
CA ASP A 43 -4.03 -11.43 -12.95
C ASP A 43 -4.68 -10.57 -11.83
N LYS A 44 -4.15 -10.65 -10.62
CA LYS A 44 -4.68 -9.88 -9.49
C LYS A 44 -4.15 -8.44 -9.57
N VAL A 45 -4.90 -7.61 -10.28
CA VAL A 45 -4.56 -6.22 -10.50
C VAL A 45 -5.66 -5.33 -9.92
N ILE A 46 -5.39 -4.75 -8.77
CA ILE A 46 -6.32 -3.86 -8.09
C ILE A 46 -5.58 -2.58 -7.73
N SER A 47 -6.12 -1.42 -8.10
CA SER A 47 -5.50 -0.13 -7.78
C SER A 47 -5.41 0.06 -6.26
N LEU A 48 -4.24 0.49 -5.78
CA LEU A 48 -3.99 0.73 -4.35
C LEU A 48 -4.76 1.98 -3.88
N ALA A 49 -5.08 2.85 -4.84
CA ALA A 49 -5.88 4.05 -4.62
C ALA A 49 -7.36 3.72 -4.35
N ASP A 50 -7.80 2.52 -4.79
CA ASP A 50 -9.20 2.10 -4.73
C ASP A 50 -9.65 1.77 -3.30
N ILE A 51 -8.76 1.15 -2.52
CA ILE A 51 -9.06 0.73 -1.16
C ILE A 51 -9.21 1.97 -0.24
N ALA A 52 -10.29 1.98 0.53
CA ALA A 52 -10.57 3.07 1.47
C ALA A 52 -10.99 2.50 2.82
N MET A 53 -10.77 3.29 3.86
CA MET A 53 -11.11 2.91 5.23
C MET A 53 -12.07 3.93 5.82
N TYR A 54 -12.60 3.61 7.00
CA TYR A 54 -13.56 4.49 7.66
C TYR A 54 -13.22 4.68 9.12
N THR A 55 -13.18 5.93 9.54
CA THR A 55 -13.09 6.27 10.95
C THR A 55 -14.54 6.57 11.45
N ASP A 56 -14.70 7.34 12.54
CA ASP A 56 -16.03 7.72 13.01
C ASP A 56 -16.78 8.56 11.97
N ALA A 57 -16.17 9.65 11.51
CA ALA A 57 -16.72 10.38 10.37
C ALA A 57 -15.63 10.88 9.41
N GLU A 58 -15.20 9.98 8.50
CA GLU A 58 -14.29 10.28 7.37
C GLU A 58 -14.17 9.04 6.48
N GLU A 59 -14.12 9.27 5.18
CA GLU A 59 -13.75 8.25 4.23
C GLU A 59 -12.32 8.54 3.76
N VAL A 60 -11.39 7.70 4.19
CA VAL A 60 -9.98 7.98 4.02
C VAL A 60 -9.30 6.87 3.17
N PRO A 61 -8.64 7.25 2.04
CA PRO A 61 -7.91 6.30 1.16
C PRO A 61 -6.81 5.50 1.88
N LEU A 62 -6.47 4.35 1.28
CA LEU A 62 -5.50 3.39 1.84
C LEU A 62 -4.14 4.02 2.03
N SER A 63 -3.70 4.79 1.05
CA SER A 63 -2.42 5.50 1.07
C SER A 63 -2.23 6.39 2.31
N GLU A 64 -3.30 7.07 2.74
CA GLU A 64 -3.21 7.99 3.87
C GLU A 64 -3.14 7.25 5.21
N VAL A 65 -3.88 6.15 5.35
CA VAL A 65 -3.89 5.37 6.60
C VAL A 65 -2.66 4.44 6.69
N LEU A 66 -2.13 4.07 5.54
CA LEU A 66 -0.90 3.27 5.41
C LEU A 66 0.32 4.10 5.81
N GLU A 67 0.25 5.41 5.54
CA GLU A 67 1.27 6.36 5.95
C GLU A 67 1.22 6.57 7.46
N ALA A 68 -0.01 6.62 8.00
CA ALA A 68 -0.26 6.89 9.43
C ALA A 68 0.26 5.78 10.33
N VAL A 69 -0.09 4.51 10.02
CA VAL A 69 0.36 3.37 10.83
C VAL A 69 1.88 3.15 10.75
N LYS A 70 2.46 3.46 9.59
CA LYS A 70 3.91 3.43 9.39
C LYS A 70 4.61 4.54 10.21
N LYS A 71 4.00 5.72 10.24
CA LYS A 71 4.52 6.91 10.92
C LYS A 71 4.67 6.71 12.45
N LYS A 72 3.91 5.79 13.06
CA LYS A 72 4.06 5.49 14.49
C LYS A 72 5.41 4.79 14.76
N GLU A 73 5.84 3.95 13.82
CA GLU A 73 7.16 3.33 13.88
C GLU A 73 8.14 4.05 12.93
N ASN A 74 7.76 5.32 12.60
CA ASN A 74 8.45 6.23 11.67
C ASN A 74 8.32 5.75 10.22
N GLY A 75 9.13 4.78 9.84
CA GLY A 75 8.98 4.09 8.58
C GLY A 75 10.12 3.11 8.39
N ALA A 76 10.04 1.99 9.08
CA ALA A 76 11.18 1.07 9.23
C ALA A 76 10.98 -0.25 8.48
N VAL A 77 10.26 -0.19 7.35
CA VAL A 77 10.02 -1.33 6.44
C VAL A 77 9.25 -2.45 7.17
N ALA A 78 7.92 -2.26 7.21
CA ALA A 78 6.93 -3.19 7.80
C ALA A 78 6.97 -3.26 9.32
N SER A 79 7.93 -4.03 9.88
CA SER A 79 8.03 -4.35 11.33
C SER A 79 6.94 -5.34 11.79
N ILE A 80 5.70 -5.14 11.32
CA ILE A 80 4.61 -6.10 11.53
C ILE A 80 4.60 -7.14 10.39
N ASN A 81 4.22 -8.38 10.71
CA ASN A 81 4.15 -9.45 9.71
C ASN A 81 2.68 -9.74 9.35
N TYR A 82 2.39 -9.85 8.06
CA TYR A 82 1.02 -10.12 7.60
C TYR A 82 0.77 -11.60 7.37
N LYS A 83 1.85 -12.37 7.23
CA LYS A 83 1.76 -13.77 6.86
C LYS A 83 1.25 -14.62 8.03
N LYS A 84 1.50 -14.13 9.25
CA LYS A 84 0.79 -14.61 10.42
C LYS A 84 0.47 -13.44 11.34
N ALA A 85 -0.82 -13.28 11.59
CA ALA A 85 -1.40 -12.22 12.43
C ALA A 85 -2.84 -12.55 12.71
N SER A 86 -3.20 -12.57 13.99
CA SER A 86 -4.58 -12.84 14.37
C SER A 86 -5.44 -11.59 14.15
N ALA A 87 -6.76 -11.80 14.06
CA ALA A 87 -7.71 -10.78 13.59
C ALA A 87 -7.76 -9.52 14.44
N ASP A 88 -7.71 -9.67 15.77
CA ASP A 88 -7.85 -8.54 16.69
C ASP A 88 -6.60 -7.66 16.70
N GLU A 89 -5.42 -8.28 16.79
CA GLU A 89 -4.15 -7.55 16.81
C GLU A 89 -3.82 -6.91 15.46
N LEU A 90 -4.37 -7.47 14.36
CA LEU A 90 -4.26 -6.87 13.03
C LEU A 90 -4.89 -5.47 12.98
N HIS A 91 -6.13 -5.35 13.49
CA HIS A 91 -6.80 -4.05 13.50
C HIS A 91 -6.37 -3.20 14.71
N ALA A 92 -5.72 -3.82 15.70
CA ALA A 92 -5.19 -3.09 16.85
C ALA A 92 -3.92 -2.33 16.49
N TYR A 93 -3.26 -2.79 15.43
CA TYR A 93 -2.11 -2.08 14.84
C TYR A 93 -2.59 -0.86 14.07
N PHE A 94 -3.81 -0.94 13.52
CA PHE A 94 -4.42 0.18 12.82
C PHE A 94 -4.95 1.22 13.85
N ALA A 95 -5.33 0.70 15.03
CA ALA A 95 -5.82 1.50 16.15
C ALA A 95 -4.68 2.14 16.95
N GLU A 96 -3.44 1.81 16.58
CA GLU A 96 -2.24 2.36 17.20
C GLU A 96 -2.15 3.88 16.96
N VAL A 97 -2.51 4.30 15.74
CA VAL A 97 -2.57 5.72 15.41
C VAL A 97 -4.00 6.23 15.33
N LEU A 98 -4.93 5.33 15.01
CA LEU A 98 -6.32 5.72 14.83
C LEU A 98 -7.23 4.93 15.77
N PRO A 99 -7.45 5.39 17.02
CA PRO A 99 -8.40 4.74 17.94
C PRO A 99 -9.84 5.26 17.77
N ASN A 100 -10.00 6.29 16.93
CA ASN A 100 -11.28 6.94 16.70
C ASN A 100 -12.04 6.27 15.54
N TYR A 101 -11.39 5.30 14.88
CA TYR A 101 -11.98 4.59 13.74
C TYR A 101 -13.15 3.71 14.20
N ASP A 102 -14.05 3.40 13.27
CA ASP A 102 -15.26 2.66 13.60
C ASP A 102 -14.98 1.17 13.84
N ARG A 103 -13.98 0.63 13.09
CA ARG A 103 -13.52 -0.77 13.14
C ARG A 103 -14.44 -1.74 12.39
N ASP A 104 -15.76 -1.57 12.54
CA ASP A 104 -16.74 -2.46 11.93
C ASP A 104 -16.90 -2.16 10.44
N ARG A 105 -16.84 -0.87 10.09
CA ARG A 105 -16.88 -0.44 8.69
C ARG A 105 -15.58 -0.79 7.96
N VAL A 106 -14.49 -0.95 8.72
CA VAL A 106 -13.21 -1.37 8.17
C VAL A 106 -13.24 -2.89 7.97
N HIS A 107 -13.07 -3.30 6.73
CA HIS A 107 -13.09 -4.71 6.36
C HIS A 107 -11.75 -5.38 6.72
N ASN A 108 -11.84 -6.45 7.50
CA ASN A 108 -10.68 -7.24 7.89
C ASN A 108 -10.19 -8.02 6.66
N GLY A 109 -8.89 -7.98 6.44
CA GLY A 109 -8.31 -8.52 5.22
C GLY A 109 -7.76 -7.41 4.35
N ASP A 110 -8.32 -6.21 4.49
CA ASP A 110 -7.80 -5.03 3.82
C ASP A 110 -6.62 -4.44 4.56
N ILE A 111 -6.52 -4.77 5.85
CA ILE A 111 -5.32 -4.50 6.66
C ILE A 111 -4.23 -5.54 6.34
N LYS A 112 -4.65 -6.77 6.01
CA LYS A 112 -3.72 -7.87 5.69
C LYS A 112 -2.96 -7.63 4.38
N LYS A 113 -3.70 -7.20 3.36
CA LYS A 113 -3.11 -6.80 2.08
C LYS A 113 -2.30 -5.51 2.24
N LEU A 114 -2.69 -4.68 3.21
CA LEU A 114 -2.03 -3.42 3.51
C LEU A 114 -0.63 -3.67 4.07
N ILE A 115 -0.43 -4.72 4.89
CA ILE A 115 0.89 -5.02 5.48
C ILE A 115 1.86 -5.53 4.39
N SER A 116 1.32 -6.22 3.39
CA SER A 116 2.10 -6.68 2.24
C SER A 116 2.71 -5.48 1.51
N TRP A 117 1.91 -4.43 1.28
CA TRP A 117 2.37 -3.26 0.54
C TRP A 117 3.04 -2.24 1.48
N TYR A 118 2.81 -2.41 2.78
CA TYR A 118 3.49 -1.65 3.85
C TYR A 118 4.98 -1.91 3.77
N ASN A 119 5.35 -3.15 3.45
CA ASN A 119 6.73 -3.52 3.23
C ASN A 119 7.26 -2.88 1.96
N ILE A 120 6.51 -3.04 0.85
CA ILE A 120 6.95 -2.67 -0.50
C ILE A 120 7.11 -1.15 -0.69
N LEU A 121 6.17 -0.35 -0.18
CA LEU A 121 6.19 1.11 -0.35
C LEU A 121 7.37 1.77 0.39
N VAL A 122 7.65 1.32 1.62
CA VAL A 122 8.83 1.79 2.36
C VAL A 122 10.15 1.25 1.74
N ASN A 123 10.10 0.00 1.25
CA ASN A 123 11.25 -0.74 0.70
C ASN A 123 11.89 -0.01 -0.49
N ASN A 124 11.06 0.38 -1.44
CA ASN A 124 11.55 0.92 -2.70
C ASN A 124 11.64 2.44 -2.70
N GLY A 125 11.24 3.07 -1.60
CA GLY A 125 11.20 4.52 -1.53
C GLY A 125 10.08 5.09 -2.38
N ILE A 126 8.91 4.48 -2.26
CA ILE A 126 7.71 4.94 -2.94
C ILE A 126 7.15 6.13 -2.17
N THR A 127 7.36 7.30 -2.75
CA THR A 127 7.08 8.57 -2.09
C THR A 127 5.75 9.15 -2.59
N GLU A 128 4.78 8.27 -2.80
CA GLU A 128 3.45 8.65 -3.26
C GLU A 128 2.57 9.08 -2.09
N PHE A 129 2.61 8.28 -1.04
CA PHE A 129 1.82 8.51 0.16
C PHE A 129 2.59 9.31 1.21
N VAL A 130 3.91 9.09 1.24
CA VAL A 130 4.78 9.72 2.20
C VAL A 130 5.62 10.79 1.48
N GLU A 131 5.95 11.85 2.18
CA GLU A 131 6.77 12.91 1.63
C GLU A 131 8.26 12.68 1.92
N ALA A 132 8.54 11.68 2.77
CA ALA A 132 9.88 11.38 3.20
C ALA A 132 10.39 10.07 2.60
N PRO A 133 11.36 10.13 1.66
CA PRO A 133 12.03 8.94 1.14
C PRO A 133 12.98 8.34 2.19
N ALA A 134 12.76 7.06 2.50
CA ALA A 134 13.55 6.37 3.52
C ALA A 134 14.97 6.08 3.04
N LEU A 135 15.08 5.49 1.85
CA LEU A 135 16.36 5.22 1.22
C LEU A 135 16.28 5.51 -0.28
N GLU A 136 16.58 6.76 -0.62
CA GLU A 136 16.46 7.25 -1.99
C GLU A 136 17.31 8.53 -2.13
N HIS A 137 16.79 9.66 -1.58
CA HIS A 137 17.54 10.93 -1.40
C HIS A 137 17.93 11.63 -2.74
N HIS A 138 17.30 11.24 -3.85
CA HIS A 138 17.68 11.76 -5.18
C HIS A 138 16.50 12.36 -5.93
N HIS A 139 15.40 12.60 -5.22
CA HIS A 139 14.13 12.94 -5.86
C HIS A 139 14.01 14.40 -6.29
N HIS A 140 14.80 15.30 -5.70
CA HIS A 140 14.81 16.70 -6.16
C HIS A 140 16.10 17.03 -6.91
N HIS A 141 16.95 16.00 -7.08
CA HIS A 141 18.27 16.06 -7.72
C HIS A 141 19.30 16.83 -6.88
N HIS A 142 20.28 16.07 -6.35
CA HIS A 142 21.42 16.60 -5.57
C HIS A 142 20.95 17.27 -4.28
N MET A 1 2.92 11.38 -4.40
CA MET A 1 1.52 11.42 -4.89
C MET A 1 0.96 10.01 -4.94
N LEU A 2 -0.32 9.87 -5.28
CA LEU A 2 -0.95 8.58 -5.43
C LEU A 2 -1.51 8.40 -6.84
N LYS A 3 -2.33 7.34 -7.03
CA LYS A 3 -3.02 6.98 -8.31
C LYS A 3 -2.07 6.28 -9.29
N THR A 4 -0.79 6.57 -9.18
CA THR A 4 0.23 6.03 -10.07
C THR A 4 0.78 4.73 -9.48
N ILE A 5 0.66 4.61 -8.16
CA ILE A 5 0.97 3.37 -7.47
C ILE A 5 -0.22 2.43 -7.61
N LEU A 6 0.03 1.36 -8.33
CA LEU A 6 -0.94 0.33 -8.62
C LEU A 6 -0.70 -0.85 -7.68
N SER A 7 -1.74 -1.33 -7.05
CA SER A 7 -1.62 -2.34 -6.02
C SER A 7 -2.14 -3.69 -6.50
N ILE A 8 -1.32 -4.71 -6.35
CA ILE A 8 -1.58 -6.02 -6.93
C ILE A 8 -1.69 -7.09 -5.83
N ALA A 9 -2.78 -7.84 -5.85
CA ALA A 9 -3.03 -8.85 -4.83
C ALA A 9 -2.95 -10.24 -5.44
N GLY A 10 -1.78 -10.86 -5.36
CA GLY A 10 -1.58 -12.19 -5.91
C GLY A 10 -0.13 -12.61 -5.90
N LYS A 11 0.49 -12.63 -7.08
CA LYS A 11 1.89 -13.02 -7.23
C LYS A 11 2.88 -11.84 -7.03
N PRO A 12 2.72 -10.66 -7.72
CA PRO A 12 3.61 -9.50 -7.50
C PRO A 12 3.15 -8.64 -6.30
N GLY A 13 3.48 -7.35 -6.35
CA GLY A 13 3.21 -6.46 -5.24
C GLY A 13 2.67 -5.14 -5.69
N LEU A 14 3.54 -4.31 -6.26
CA LEU A 14 3.15 -2.98 -6.72
C LEU A 14 3.73 -2.67 -8.09
N TYR A 15 2.95 -1.95 -8.87
CA TYR A 15 3.36 -1.47 -10.17
C TYR A 15 3.24 0.05 -10.22
N LYS A 16 3.86 0.65 -11.22
CA LYS A 16 3.58 2.04 -11.54
C LYS A 16 3.00 2.13 -12.94
N LEU A 17 1.77 2.62 -13.01
CA LEU A 17 1.06 2.77 -14.27
C LEU A 17 1.68 3.91 -15.07
N ILE A 18 2.14 3.59 -16.27
CA ILE A 18 2.79 4.56 -17.14
C ILE A 18 1.89 4.89 -18.33
N SER A 19 1.40 3.83 -18.99
CA SER A 19 0.57 3.96 -20.18
C SER A 19 -0.59 2.97 -20.11
N GLN A 20 -1.69 3.31 -20.77
CA GLN A 20 -2.79 2.38 -20.95
C GLN A 20 -2.89 2.04 -22.43
N GLY A 21 -2.49 0.82 -22.78
CA GLY A 21 -2.29 0.47 -24.18
C GLY A 21 -3.50 -0.16 -24.84
N LYS A 22 -3.28 -0.72 -26.02
CA LYS A 22 -4.38 -1.28 -26.82
C LYS A 22 -4.31 -2.83 -26.79
N ASN A 23 -4.28 -3.35 -25.55
CA ASN A 23 -4.32 -4.79 -25.24
C ASN A 23 -4.26 -4.94 -23.73
N MET A 24 -3.28 -4.26 -23.17
CA MET A 24 -3.00 -4.28 -21.74
C MET A 24 -2.37 -2.95 -21.34
N LEU A 25 -2.01 -2.81 -20.09
CA LEU A 25 -1.36 -1.58 -19.61
C LEU A 25 0.14 -1.72 -19.69
N ILE A 26 0.80 -0.61 -19.96
CA ILE A 26 2.25 -0.54 -19.88
C ILE A 26 2.63 -0.07 -18.48
N VAL A 27 3.15 -0.98 -17.68
CA VAL A 27 3.61 -0.63 -16.33
C VAL A 27 5.03 -1.15 -16.13
N GLU A 28 5.62 -0.74 -15.04
CA GLU A 28 6.88 -1.31 -14.59
C GLU A 28 6.71 -1.84 -13.18
N THR A 29 7.41 -2.92 -12.89
CA THR A 29 7.38 -3.51 -11.57
C THR A 29 8.25 -2.69 -10.64
N VAL A 30 7.74 -2.37 -9.47
CA VAL A 30 8.52 -1.65 -8.49
C VAL A 30 9.20 -2.68 -7.60
N ASP A 31 10.37 -3.11 -8.05
CA ASP A 31 11.17 -4.13 -7.37
C ASP A 31 12.65 -3.88 -7.71
N ALA A 32 13.52 -4.88 -7.49
CA ALA A 32 14.95 -4.76 -7.78
C ALA A 32 15.22 -4.80 -9.29
N ALA A 33 14.39 -5.52 -10.04
CA ALA A 33 14.53 -5.61 -11.49
C ALA A 33 14.06 -4.34 -12.20
N LYS A 34 12.90 -3.80 -11.76
CA LYS A 34 12.22 -2.65 -12.40
C LYS A 34 11.90 -2.94 -13.87
N LYS A 35 11.22 -4.06 -14.08
CA LYS A 35 11.02 -4.59 -15.42
C LYS A 35 9.69 -4.15 -16.03
N ARG A 36 9.71 -3.95 -17.35
CA ARG A 36 8.51 -3.60 -18.10
C ARG A 36 7.61 -4.83 -18.22
N VAL A 37 6.46 -4.74 -17.58
CA VAL A 37 5.51 -5.83 -17.55
C VAL A 37 4.18 -5.40 -18.16
N PRO A 38 3.51 -6.34 -18.86
CA PRO A 38 2.15 -6.12 -19.35
C PRO A 38 1.10 -6.38 -18.25
N ALA A 39 0.49 -5.31 -17.78
CA ALA A 39 -0.53 -5.40 -16.74
C ALA A 39 -1.88 -5.69 -17.35
N TYR A 40 -2.37 -6.88 -17.13
CA TYR A 40 -3.64 -7.32 -17.70
C TYR A 40 -4.78 -7.03 -16.75
N ALA A 41 -5.99 -7.05 -17.29
CA ALA A 41 -7.21 -6.92 -16.48
C ALA A 41 -7.60 -8.27 -15.87
N HIS A 42 -6.87 -9.32 -16.27
CA HIS A 42 -7.08 -10.67 -15.74
C HIS A 42 -6.12 -10.97 -14.59
N ASP A 43 -6.15 -10.07 -13.62
CA ASP A 43 -5.40 -10.19 -12.36
C ASP A 43 -6.18 -9.38 -11.32
N LYS A 44 -5.75 -9.37 -10.07
CA LYS A 44 -6.34 -8.48 -9.09
C LYS A 44 -5.59 -7.15 -9.09
N VAL A 45 -5.96 -6.34 -10.07
CA VAL A 45 -5.37 -5.04 -10.31
C VAL A 45 -6.25 -3.97 -9.70
N ILE A 46 -5.79 -3.43 -8.59
CA ILE A 46 -6.49 -2.39 -7.87
C ILE A 46 -5.59 -1.14 -7.91
N SER A 47 -6.16 0.05 -7.88
CA SER A 47 -5.34 1.23 -7.66
C SER A 47 -5.24 1.46 -6.15
N LEU A 48 -4.05 1.87 -5.67
CA LEU A 48 -3.82 2.15 -4.25
C LEU A 48 -4.56 3.45 -3.86
N ALA A 49 -4.91 4.24 -4.89
CA ALA A 49 -5.70 5.46 -4.73
C ALA A 49 -7.19 5.15 -4.44
N ASP A 50 -7.65 3.97 -4.90
CA ASP A 50 -9.08 3.61 -4.91
C ASP A 50 -9.62 3.28 -3.51
N ILE A 51 -8.83 2.54 -2.73
CA ILE A 51 -9.29 1.97 -1.46
C ILE A 51 -9.61 3.08 -0.45
N ALA A 52 -10.84 3.05 0.08
CA ALA A 52 -11.27 3.99 1.11
C ALA A 52 -12.04 3.24 2.19
N MET A 53 -11.96 3.73 3.42
CA MET A 53 -12.49 3.03 4.57
C MET A 53 -13.54 3.86 5.28
N TYR A 54 -14.67 3.23 5.60
CA TYR A 54 -15.75 3.88 6.32
C TYR A 54 -15.59 3.62 7.81
N THR A 55 -15.73 4.67 8.61
CA THR A 55 -15.48 4.58 10.04
C THR A 55 -16.29 5.69 10.77
N ASP A 56 -15.87 6.06 11.99
CA ASP A 56 -16.37 7.27 12.68
C ASP A 56 -16.16 8.53 11.82
N ALA A 57 -15.03 8.57 11.13
CA ALA A 57 -14.77 9.58 10.11
C ALA A 57 -15.41 9.15 8.79
N GLU A 58 -15.31 10.00 7.78
CA GLU A 58 -15.83 9.68 6.44
C GLU A 58 -14.90 8.70 5.70
N GLU A 59 -15.06 8.61 4.38
CA GLU A 59 -14.24 7.69 3.57
C GLU A 59 -12.78 8.15 3.52
N VAL A 60 -11.93 7.50 4.31
CA VAL A 60 -10.52 7.83 4.34
C VAL A 60 -9.73 6.87 3.46
N PRO A 61 -8.95 7.41 2.49
CA PRO A 61 -8.14 6.59 1.58
C PRO A 61 -7.10 5.73 2.31
N LEU A 62 -6.75 4.60 1.67
CA LEU A 62 -5.81 3.62 2.24
C LEU A 62 -4.46 4.26 2.45
N SER A 63 -4.09 5.16 1.55
CA SER A 63 -2.81 5.83 1.54
C SER A 63 -2.62 6.81 2.72
N GLU A 64 -3.73 7.37 3.23
CA GLU A 64 -3.67 8.36 4.31
C GLU A 64 -3.42 7.69 5.67
N VAL A 65 -4.00 6.51 5.84
CA VAL A 65 -3.81 5.76 7.07
C VAL A 65 -2.57 4.84 6.98
N LEU A 66 -2.14 4.55 5.74
CA LEU A 66 -0.88 3.88 5.44
C LEU A 66 0.29 4.80 5.77
N GLU A 67 0.06 6.08 5.52
CA GLU A 67 0.92 7.18 5.93
C GLU A 67 1.09 7.16 7.45
N ALA A 68 -0.05 7.07 8.14
CA ALA A 68 -0.13 7.17 9.58
C ALA A 68 0.52 5.98 10.30
N VAL A 69 0.32 4.75 9.82
CA VAL A 69 0.91 3.55 10.45
C VAL A 69 2.44 3.48 10.22
N LYS A 70 2.89 4.00 9.06
CA LYS A 70 4.32 4.09 8.76
C LYS A 70 4.99 5.11 9.67
N LYS A 71 4.28 6.23 9.89
CA LYS A 71 4.78 7.37 10.67
C LYS A 71 4.78 7.05 12.17
N LYS A 72 3.90 6.12 12.58
CA LYS A 72 3.85 5.59 13.94
C LYS A 72 5.16 4.85 14.26
N GLU A 73 5.67 4.11 13.29
CA GLU A 73 6.90 3.36 13.45
C GLU A 73 8.14 4.17 13.05
N ASN A 74 7.97 5.51 12.98
CA ASN A 74 9.04 6.49 12.66
C ASN A 74 9.56 6.33 11.22
N GLY A 75 8.75 5.76 10.35
CA GLY A 75 9.14 5.53 8.97
C GLY A 75 9.64 4.12 8.70
N ALA A 76 9.31 3.17 9.58
CA ALA A 76 9.82 1.80 9.45
C ALA A 76 8.95 0.92 8.54
N VAL A 77 9.44 -0.29 8.29
CA VAL A 77 8.77 -1.22 7.38
C VAL A 77 8.00 -2.27 8.20
N ALA A 78 6.83 -1.86 8.72
CA ALA A 78 5.87 -2.72 9.43
C ALA A 78 6.37 -3.27 10.77
N SER A 79 7.15 -4.39 10.72
CA SER A 79 7.57 -5.18 11.89
C SER A 79 6.38 -5.77 12.66
N ILE A 80 5.32 -6.09 11.91
CA ILE A 80 4.10 -6.66 12.47
C ILE A 80 4.12 -8.20 12.35
N ASN A 81 4.72 -8.70 11.25
CA ASN A 81 4.60 -10.10 10.80
C ASN A 81 3.14 -10.47 10.56
N TYR A 82 2.72 -10.32 9.31
CA TYR A 82 1.31 -10.47 8.91
C TYR A 82 0.85 -11.94 8.87
N LYS A 83 1.79 -12.86 9.03
CA LYS A 83 1.49 -14.27 9.07
C LYS A 83 1.35 -14.77 10.52
N LYS A 84 1.92 -14.01 11.46
CA LYS A 84 1.94 -14.40 12.87
C LYS A 84 0.96 -13.58 13.71
N ALA A 85 0.56 -12.43 13.23
CA ALA A 85 -0.34 -11.56 13.96
C ALA A 85 -1.78 -11.92 13.60
N SER A 86 -2.57 -12.25 14.62
CA SER A 86 -3.97 -12.60 14.43
C SER A 86 -4.84 -11.36 14.19
N ALA A 87 -6.16 -11.56 14.07
CA ALA A 87 -7.11 -10.48 13.85
C ALA A 87 -7.13 -9.47 15.01
N ASP A 88 -6.91 -9.97 16.23
CA ASP A 88 -6.81 -9.12 17.43
C ASP A 88 -5.54 -8.25 17.42
N GLU A 89 -4.43 -8.82 16.96
CA GLU A 89 -3.14 -8.12 16.95
C GLU A 89 -3.01 -7.16 15.77
N LEU A 90 -3.73 -7.50 14.70
CA LEU A 90 -3.87 -6.64 13.52
C LEU A 90 -4.71 -5.42 13.87
N HIS A 91 -5.74 -5.64 14.69
CA HIS A 91 -6.59 -4.58 15.22
C HIS A 91 -5.77 -3.63 16.10
N ALA A 92 -4.93 -4.19 16.96
CA ALA A 92 -4.12 -3.42 17.91
C ALA A 92 -3.07 -2.55 17.20
N TYR A 93 -2.51 -3.06 16.10
CA TYR A 93 -1.46 -2.37 15.35
C TYR A 93 -2.03 -1.19 14.54
N PHE A 94 -3.21 -1.41 13.94
CA PHE A 94 -3.82 -0.40 13.09
C PHE A 94 -4.49 0.71 13.93
N ALA A 95 -4.94 0.33 15.13
CA ALA A 95 -5.61 1.26 16.05
C ALA A 95 -4.60 2.05 16.88
N GLU A 96 -3.32 2.00 16.52
CA GLU A 96 -2.30 2.82 17.15
C GLU A 96 -2.41 4.27 16.68
N VAL A 97 -2.81 4.45 15.42
CA VAL A 97 -3.01 5.78 14.87
C VAL A 97 -4.50 6.06 14.57
N LEU A 98 -5.27 5.00 14.35
CA LEU A 98 -6.71 5.15 14.12
C LEU A 98 -7.48 4.21 15.07
N PRO A 99 -7.68 4.63 16.35
CA PRO A 99 -8.28 3.77 17.38
C PRO A 99 -9.81 3.77 17.39
N ASN A 100 -10.39 4.37 16.37
CA ASN A 100 -11.84 4.50 16.26
C ASN A 100 -12.36 3.80 15.02
N TYR A 101 -11.50 3.00 14.37
CA TYR A 101 -11.86 2.40 13.08
C TYR A 101 -12.83 1.25 13.26
N ASP A 102 -13.58 0.94 12.21
CA ASP A 102 -14.70 0.01 12.31
C ASP A 102 -14.45 -1.26 11.52
N ARG A 103 -14.42 -2.36 12.26
CA ARG A 103 -14.08 -3.70 11.74
C ARG A 103 -15.06 -4.21 10.67
N ASP A 104 -16.36 -3.90 10.85
CA ASP A 104 -17.41 -4.39 9.95
C ASP A 104 -17.45 -3.61 8.63
N ARG A 105 -16.76 -2.47 8.57
CA ARG A 105 -16.73 -1.65 7.36
C ARG A 105 -15.42 -1.85 6.62
N VAL A 106 -14.33 -2.07 7.36
CA VAL A 106 -13.00 -2.21 6.75
C VAL A 106 -12.67 -3.68 6.44
N HIS A 107 -13.50 -4.62 6.96
CA HIS A 107 -13.36 -6.09 6.81
C HIS A 107 -12.25 -6.67 7.72
N ASN A 108 -11.43 -5.77 8.31
CA ASN A 108 -10.29 -6.04 9.21
C ASN A 108 -9.08 -6.64 8.48
N GLY A 109 -9.27 -7.71 7.69
CA GLY A 109 -8.16 -8.33 6.95
C GLY A 109 -7.77 -7.57 5.67
N ASP A 110 -8.31 -6.37 5.52
CA ASP A 110 -7.93 -5.43 4.45
C ASP A 110 -6.60 -4.77 4.81
N ILE A 111 -6.25 -4.84 6.10
CA ILE A 111 -4.96 -4.37 6.61
C ILE A 111 -3.87 -5.39 6.26
N LYS A 112 -4.24 -6.67 6.15
CA LYS A 112 -3.27 -7.73 5.79
C LYS A 112 -2.81 -7.63 4.34
N LYS A 113 -3.71 -7.22 3.44
CA LYS A 113 -3.34 -6.99 2.04
C LYS A 113 -2.52 -5.69 1.94
N LEU A 114 -2.77 -4.77 2.88
CA LEU A 114 -2.05 -3.52 3.00
C LEU A 114 -0.60 -3.77 3.39
N ILE A 115 -0.34 -4.74 4.30
CA ILE A 115 1.03 -5.05 4.79
C ILE A 115 1.95 -5.48 3.64
N SER A 116 1.38 -6.20 2.66
CA SER A 116 2.11 -6.65 1.47
C SER A 116 2.63 -5.46 0.66
N TRP A 117 1.79 -4.42 0.52
CA TRP A 117 2.14 -3.25 -0.26
C TRP A 117 2.99 -2.27 0.54
N TYR A 118 2.65 -2.16 1.82
CA TYR A 118 3.32 -1.32 2.82
C TYR A 118 4.80 -1.69 2.99
N ASN A 119 5.08 -2.99 2.88
CA ASN A 119 6.46 -3.51 2.90
C ASN A 119 7.23 -3.04 1.66
N ILE A 120 6.60 -3.19 0.49
CA ILE A 120 7.22 -2.89 -0.81
C ILE A 120 7.39 -1.37 -1.03
N LEU A 121 6.47 -0.58 -0.49
CA LEU A 121 6.52 0.89 -0.58
C LEU A 121 7.75 1.47 0.12
N VAL A 122 8.08 0.96 1.32
CA VAL A 122 9.32 1.36 1.99
C VAL A 122 10.55 0.66 1.36
N ASN A 123 10.33 -0.50 0.72
CA ASN A 123 11.39 -1.39 0.22
C ASN A 123 12.18 -0.77 -0.92
N ASN A 124 11.48 -0.18 -1.88
CA ASN A 124 12.13 0.40 -3.06
C ASN A 124 12.33 1.91 -2.90
N GLY A 125 12.08 2.41 -1.67
CA GLY A 125 12.21 3.82 -1.39
C GLY A 125 11.18 4.68 -2.11
N ILE A 126 9.94 4.20 -2.17
CA ILE A 126 8.84 4.94 -2.78
C ILE A 126 8.40 6.07 -1.85
N THR A 127 7.72 5.70 -0.74
CA THR A 127 7.37 6.55 0.43
C THR A 127 6.84 7.97 0.04
N GLU A 128 5.96 7.99 -0.97
CA GLU A 128 5.46 9.27 -1.50
C GLU A 128 4.00 9.54 -1.09
N PHE A 129 3.55 8.80 -0.08
CA PHE A 129 2.21 8.90 0.46
C PHE A 129 2.23 9.59 1.82
N VAL A 130 3.43 9.69 2.40
CA VAL A 130 3.61 10.30 3.71
C VAL A 130 3.69 11.83 3.56
N GLU A 131 3.13 12.55 4.55
CA GLU A 131 3.04 14.03 4.54
C GLU A 131 4.42 14.69 4.42
N ALA A 132 5.38 14.19 5.18
CA ALA A 132 6.76 14.60 5.05
C ALA A 132 7.63 13.34 5.08
N PRO A 133 8.28 12.99 3.94
CA PRO A 133 9.20 11.85 3.87
C PRO A 133 10.42 12.03 4.77
N ALA A 134 10.91 10.90 5.30
CA ALA A 134 12.00 10.89 6.28
C ALA A 134 13.36 11.21 5.65
N LEU A 135 13.43 11.20 4.32
CA LEU A 135 14.65 11.51 3.60
C LEU A 135 14.58 12.92 3.00
N GLU A 136 13.44 13.59 3.20
CA GLU A 136 13.14 14.82 2.50
C GLU A 136 13.08 16.02 3.45
N HIS A 137 13.60 17.15 2.97
CA HIS A 137 13.46 18.44 3.63
C HIS A 137 13.45 19.56 2.58
N HIS A 138 14.39 19.47 1.60
CA HIS A 138 14.56 20.42 0.49
C HIS A 138 14.89 21.86 0.96
N HIS A 139 14.93 22.79 0.01
CA HIS A 139 15.07 24.22 0.34
C HIS A 139 13.75 24.96 0.09
N HIS A 140 12.64 24.23 0.22
CA HIS A 140 11.30 24.77 -0.01
C HIS A 140 10.79 25.45 1.26
N HIS A 141 10.97 26.76 1.30
CA HIS A 141 10.62 27.57 2.46
C HIS A 141 10.21 28.96 2.00
N HIS A 142 9.08 29.44 2.51
CA HIS A 142 8.63 30.80 2.20
C HIS A 142 8.34 31.56 3.50
N MET A 1 2.15 11.08 -8.34
CA MET A 1 0.82 11.42 -7.79
C MET A 1 0.13 10.14 -7.30
N LEU A 2 -1.06 10.29 -6.71
CA LEU A 2 -1.88 9.16 -6.29
C LEU A 2 -2.58 8.52 -7.50
N LYS A 3 -3.12 7.29 -7.28
CA LYS A 3 -3.86 6.49 -8.31
C LYS A 3 -2.89 5.92 -9.38
N THR A 4 -1.60 6.09 -9.14
CA THR A 4 -0.57 5.68 -10.09
C THR A 4 0.03 4.33 -9.69
N ILE A 5 0.10 4.10 -8.39
CA ILE A 5 0.54 2.81 -7.86
C ILE A 5 -0.64 1.84 -7.86
N LEU A 6 -0.43 0.69 -8.47
CA LEU A 6 -1.45 -0.34 -8.56
C LEU A 6 -1.13 -1.49 -7.63
N SER A 7 -2.17 -2.02 -7.02
CA SER A 7 -2.10 -3.16 -6.15
C SER A 7 -2.33 -4.46 -6.93
N ILE A 8 -1.33 -5.31 -6.92
CA ILE A 8 -1.34 -6.59 -7.62
C ILE A 8 -1.30 -7.73 -6.59
N ALA A 9 -2.14 -8.75 -6.78
CA ALA A 9 -2.13 -9.92 -5.90
C ALA A 9 -1.31 -11.04 -6.54
N GLY A 10 0.00 -10.98 -6.34
CA GLY A 10 0.91 -11.96 -6.91
C GLY A 10 2.21 -11.99 -6.15
N LYS A 11 3.32 -11.95 -6.87
CA LYS A 11 4.64 -12.01 -6.23
C LYS A 11 5.15 -10.58 -5.90
N PRO A 12 5.33 -9.63 -6.88
CA PRO A 12 5.48 -8.21 -6.54
C PRO A 12 4.10 -7.55 -6.40
N GLY A 13 3.79 -7.15 -5.18
CA GLY A 13 2.44 -6.72 -4.83
C GLY A 13 2.06 -5.32 -5.29
N LEU A 14 3.01 -4.57 -5.83
CA LEU A 14 2.74 -3.23 -6.35
C LEU A 14 3.50 -2.99 -7.63
N TYR A 15 2.85 -2.26 -8.53
CA TYR A 15 3.45 -1.88 -9.81
C TYR A 15 3.12 -0.41 -10.11
N LYS A 16 3.98 0.24 -10.88
CA LYS A 16 3.75 1.63 -11.27
C LYS A 16 3.11 1.70 -12.64
N LEU A 17 1.88 2.21 -12.70
CA LEU A 17 1.15 2.32 -13.94
C LEU A 17 1.64 3.54 -14.73
N ILE A 18 2.12 3.29 -15.93
CA ILE A 18 2.47 4.34 -16.86
C ILE A 18 1.20 4.77 -17.60
N SER A 19 0.53 3.81 -18.23
CA SER A 19 -0.66 4.07 -19.01
C SER A 19 -1.56 2.84 -19.01
N GLN A 20 -2.87 3.06 -18.93
CA GLN A 20 -3.84 2.01 -19.16
C GLN A 20 -4.04 1.84 -20.66
N GLY A 21 -3.50 0.74 -21.17
CA GLY A 21 -3.44 0.51 -22.60
C GLY A 21 -4.67 -0.16 -23.16
N LYS A 22 -4.45 -1.26 -23.88
CA LYS A 22 -5.49 -2.09 -24.45
C LYS A 22 -6.11 -2.99 -23.35
N ASN A 23 -6.04 -4.31 -23.52
CA ASN A 23 -6.43 -5.25 -22.45
C ASN A 23 -5.28 -5.33 -21.44
N MET A 24 -4.08 -5.22 -21.98
CA MET A 24 -2.86 -5.16 -21.21
C MET A 24 -2.59 -3.71 -20.76
N LEU A 25 -2.32 -3.55 -19.48
CA LEU A 25 -1.92 -2.26 -18.92
C LEU A 25 -0.40 -2.17 -19.00
N ILE A 26 0.11 -0.97 -19.15
CA ILE A 26 1.55 -0.76 -19.13
C ILE A 26 1.95 -0.36 -17.72
N VAL A 27 2.59 -1.29 -17.01
CA VAL A 27 3.14 -1.01 -15.71
C VAL A 27 4.63 -1.22 -15.75
N GLU A 28 5.32 -0.81 -14.71
CA GLU A 28 6.71 -1.13 -14.53
C GLU A 28 6.95 -1.69 -13.15
N THR A 29 7.93 -2.57 -13.05
CA THR A 29 8.36 -3.14 -11.80
C THR A 29 9.05 -2.04 -10.99
N VAL A 30 8.56 -1.79 -9.79
CA VAL A 30 9.08 -0.70 -8.96
C VAL A 30 10.53 -0.98 -8.52
N ASP A 31 10.80 -2.21 -8.07
CA ASP A 31 12.11 -2.56 -7.51
C ASP A 31 12.85 -3.54 -8.44
N ALA A 32 14.19 -3.59 -8.27
CA ALA A 32 15.09 -4.60 -8.87
C ALA A 32 15.21 -4.48 -10.39
N ALA A 33 14.29 -5.12 -11.11
CA ALA A 33 14.27 -5.11 -12.58
C ALA A 33 13.99 -3.70 -13.12
N LYS A 34 13.07 -2.99 -12.43
CA LYS A 34 12.63 -1.62 -12.79
C LYS A 34 12.25 -1.46 -14.27
N LYS A 35 11.57 -2.46 -14.79
CA LYS A 35 11.30 -2.53 -16.23
C LYS A 35 9.80 -2.55 -16.51
N ARG A 36 9.42 -2.05 -17.68
CA ARG A 36 8.03 -2.10 -18.13
C ARG A 36 7.60 -3.54 -18.44
N VAL A 37 6.56 -3.96 -17.75
CA VAL A 37 6.01 -5.31 -17.89
C VAL A 37 4.51 -5.23 -18.22
N PRO A 38 3.96 -6.27 -18.86
CA PRO A 38 2.54 -6.31 -19.22
C PRO A 38 1.63 -6.72 -18.04
N ALA A 39 0.78 -5.79 -17.63
CA ALA A 39 -0.25 -6.06 -16.62
C ALA A 39 -1.51 -6.58 -17.27
N TYR A 40 -2.20 -7.48 -16.60
CA TYR A 40 -3.44 -8.04 -17.13
C TYR A 40 -4.54 -7.97 -16.09
N ALA A 41 -5.80 -8.01 -16.54
CA ALA A 41 -6.95 -7.84 -15.65
C ALA A 41 -7.27 -9.11 -14.86
N HIS A 42 -6.82 -10.27 -15.36
CA HIS A 42 -6.97 -11.52 -14.62
C HIS A 42 -5.81 -11.69 -13.62
N ASP A 43 -4.76 -10.86 -13.78
CA ASP A 43 -3.60 -10.86 -12.90
C ASP A 43 -3.76 -9.85 -11.75
N LYS A 44 -5.02 -9.42 -11.55
CA LYS A 44 -5.47 -8.59 -10.41
C LYS A 44 -4.93 -7.16 -10.48
N VAL A 45 -5.71 -6.28 -11.10
CA VAL A 45 -5.38 -4.87 -11.17
C VAL A 45 -6.41 -4.05 -10.39
N ILE A 46 -5.98 -3.59 -9.23
CA ILE A 46 -6.72 -2.61 -8.43
C ILE A 46 -5.78 -1.41 -8.29
N SER A 47 -6.29 -0.20 -8.22
CA SER A 47 -5.43 0.94 -7.89
C SER A 47 -5.36 1.08 -6.37
N LEU A 48 -4.20 1.52 -5.86
CA LEU A 48 -4.03 1.71 -4.41
C LEU A 48 -4.82 2.92 -3.90
N ALA A 49 -5.26 3.78 -4.83
CA ALA A 49 -6.12 4.90 -4.48
C ALA A 49 -7.55 4.42 -4.15
N ASP A 50 -7.94 3.28 -4.74
CA ASP A 50 -9.28 2.71 -4.55
C ASP A 50 -9.45 2.04 -3.20
N ILE A 51 -8.34 1.69 -2.55
CA ILE A 51 -8.39 1.11 -1.21
C ILE A 51 -8.63 2.23 -0.21
N ALA A 52 -9.77 2.19 0.46
CA ALA A 52 -10.11 3.19 1.46
C ALA A 52 -10.50 2.51 2.77
N MET A 53 -10.31 3.24 3.87
CA MET A 53 -10.65 2.73 5.18
C MET A 53 -11.82 3.50 5.74
N TYR A 54 -12.77 2.77 6.30
CA TYR A 54 -14.03 3.34 6.72
C TYR A 54 -14.00 3.61 8.21
N THR A 55 -14.26 4.86 8.56
CA THR A 55 -14.09 5.32 9.93
C THR A 55 -15.39 5.90 10.46
N ASP A 56 -15.33 6.56 11.62
CA ASP A 56 -16.44 7.38 12.13
C ASP A 56 -16.63 8.64 11.26
N ALA A 57 -15.50 9.09 10.71
CA ALA A 57 -15.47 10.12 9.66
C ALA A 57 -15.78 9.49 8.29
N GLU A 58 -15.40 10.17 7.21
CA GLU A 58 -15.64 9.65 5.85
C GLU A 58 -14.64 8.55 5.49
N GLU A 59 -14.82 7.94 4.31
CA GLU A 59 -13.87 6.94 3.81
C GLU A 59 -12.56 7.62 3.38
N VAL A 60 -11.53 7.37 4.17
CA VAL A 60 -10.23 7.99 4.00
C VAL A 60 -9.30 7.02 3.24
N PRO A 61 -8.68 7.49 2.12
CA PRO A 61 -7.74 6.70 1.30
C PRO A 61 -6.61 6.07 2.10
N LEU A 62 -6.14 4.91 1.63
CA LEU A 62 -5.06 4.16 2.28
C LEU A 62 -3.73 4.91 2.23
N SER A 63 -3.60 5.87 1.31
CA SER A 63 -2.42 6.72 1.23
C SER A 63 -2.23 7.55 2.51
N GLU A 64 -3.34 7.95 3.12
CA GLU A 64 -3.31 8.68 4.37
C GLU A 64 -3.08 7.74 5.56
N VAL A 65 -3.94 6.71 5.69
CA VAL A 65 -4.00 5.91 6.93
C VAL A 65 -2.95 4.81 7.05
N LEU A 66 -2.51 4.22 5.92
CA LEU A 66 -1.46 3.19 5.93
C LEU A 66 -0.11 3.82 6.27
N GLU A 67 0.10 5.06 5.81
CA GLU A 67 1.33 5.78 6.07
C GLU A 67 1.38 6.24 7.52
N ALA A 68 0.22 6.57 8.08
CA ALA A 68 0.14 7.10 9.44
C ALA A 68 0.56 6.06 10.50
N VAL A 69 0.12 4.79 10.34
CA VAL A 69 0.50 3.73 11.28
C VAL A 69 1.94 3.22 11.03
N LYS A 70 2.35 3.20 9.76
CA LYS A 70 3.69 2.76 9.37
C LYS A 70 4.78 3.73 9.87
N LYS A 71 4.51 5.03 9.74
CA LYS A 71 5.49 6.10 10.03
C LYS A 71 5.74 6.24 11.52
N LYS A 72 4.70 5.97 12.31
CA LYS A 72 4.76 6.07 13.77
C LYS A 72 5.63 4.94 14.36
N GLU A 73 5.69 3.80 13.67
CA GLU A 73 6.57 2.71 14.07
C GLU A 73 7.91 2.80 13.32
N ASN A 74 8.49 4.03 13.35
CA ASN A 74 9.84 4.35 12.84
C ASN A 74 9.92 4.35 11.28
N GLY A 75 8.79 4.09 10.62
CA GLY A 75 8.80 3.84 9.19
C GLY A 75 8.94 2.36 8.93
N ALA A 76 8.01 1.60 9.51
CA ALA A 76 8.07 0.14 9.55
C ALA A 76 7.87 -0.51 8.18
N VAL A 77 8.88 -1.25 7.76
CA VAL A 77 8.75 -2.12 6.61
C VAL A 77 8.12 -3.45 7.05
N ALA A 78 6.79 -3.39 7.20
CA ALA A 78 5.93 -4.46 7.72
C ALA A 78 6.32 -4.88 9.15
N SER A 79 7.10 -5.98 9.26
CA SER A 79 7.67 -6.51 10.52
C SER A 79 6.63 -7.15 11.45
N ILE A 80 5.35 -7.07 11.08
CA ILE A 80 4.27 -7.69 11.83
C ILE A 80 3.68 -8.85 11.03
N ASN A 81 3.41 -9.96 11.72
CA ASN A 81 2.78 -11.11 11.10
C ASN A 81 1.28 -10.90 10.92
N TYR A 82 0.85 -10.97 9.66
CA TYR A 82 -0.56 -10.86 9.31
C TYR A 82 -1.17 -12.24 9.07
N LYS A 83 -0.29 -13.20 8.78
CA LYS A 83 -0.72 -14.56 8.47
C LYS A 83 -0.74 -15.39 9.74
N LYS A 84 0.12 -15.01 10.70
CA LYS A 84 0.27 -15.72 11.96
C LYS A 84 -0.52 -15.03 13.08
N ALA A 85 -1.38 -14.10 12.70
CA ALA A 85 -2.22 -13.38 13.65
C ALA A 85 -3.63 -13.20 13.08
N SER A 86 -4.59 -13.02 13.97
CA SER A 86 -6.00 -12.86 13.59
C SER A 86 -6.29 -11.43 13.16
N ALA A 87 -7.48 -11.24 12.58
CA ALA A 87 -8.00 -9.91 12.18
C ALA A 87 -7.98 -8.89 13.32
N ASP A 88 -8.21 -9.36 14.55
CA ASP A 88 -8.23 -8.52 15.74
C ASP A 88 -6.88 -7.87 16.03
N GLU A 89 -5.81 -8.64 15.79
CA GLU A 89 -4.43 -8.20 16.03
C GLU A 89 -4.02 -7.14 15.00
N LEU A 90 -4.45 -7.35 13.75
CA LEU A 90 -4.11 -6.45 12.64
C LEU A 90 -4.84 -5.12 12.76
N HIS A 91 -6.08 -5.14 13.26
CA HIS A 91 -6.87 -3.93 13.43
C HIS A 91 -6.42 -3.14 14.66
N ALA A 92 -5.80 -3.84 15.63
CA ALA A 92 -5.29 -3.20 16.84
C ALA A 92 -3.99 -2.44 16.56
N TYR A 93 -3.23 -2.93 15.57
CA TYR A 93 -2.02 -2.26 15.08
C TYR A 93 -2.40 -0.99 14.31
N PHE A 94 -3.56 -1.03 13.64
CA PHE A 94 -4.09 0.10 12.89
C PHE A 94 -4.71 1.15 13.84
N ALA A 95 -5.14 0.68 15.02
CA ALA A 95 -5.80 1.52 16.02
C ALA A 95 -4.83 2.38 16.83
N GLU A 96 -3.53 2.27 16.50
CA GLU A 96 -2.48 3.02 17.18
C GLU A 96 -2.67 4.52 16.94
N VAL A 97 -2.68 4.93 15.67
CA VAL A 97 -2.89 6.33 15.33
C VAL A 97 -4.33 6.58 14.87
N LEU A 98 -5.05 5.51 14.54
CA LEU A 98 -6.42 5.64 14.06
C LEU A 98 -7.36 4.75 14.91
N PRO A 99 -7.78 5.24 16.12
CA PRO A 99 -8.76 4.53 16.94
C PRO A 99 -10.21 4.92 16.60
N ASN A 100 -10.36 5.94 15.77
CA ASN A 100 -11.67 6.49 15.38
C ASN A 100 -12.12 5.86 14.04
N TYR A 101 -11.69 4.63 13.82
CA TYR A 101 -12.08 3.84 12.66
C TYR A 101 -13.28 2.96 13.00
N ASP A 102 -13.86 2.34 12.00
CA ASP A 102 -14.92 1.38 12.23
C ASP A 102 -14.35 -0.02 12.03
N ARG A 103 -14.44 -0.85 13.05
CA ARG A 103 -13.74 -2.14 13.07
C ARG A 103 -14.56 -3.26 12.38
N ASP A 104 -15.77 -2.93 11.93
CA ASP A 104 -16.58 -3.88 11.19
C ASP A 104 -16.45 -3.63 9.69
N ARG A 105 -16.44 -2.36 9.32
CA ARG A 105 -16.28 -1.96 7.93
C ARG A 105 -14.85 -2.15 7.44
N VAL A 106 -13.88 -1.85 8.31
CA VAL A 106 -12.51 -2.32 8.13
C VAL A 106 -12.53 -3.80 8.54
N HIS A 107 -12.58 -4.66 7.54
CA HIS A 107 -13.14 -6.01 7.68
C HIS A 107 -12.13 -7.05 8.19
N ASN A 108 -11.06 -7.31 7.43
CA ASN A 108 -10.12 -8.39 7.75
C ASN A 108 -8.83 -8.26 6.95
N GLY A 109 -8.92 -8.63 5.66
CA GLY A 109 -7.74 -8.77 4.83
C GLY A 109 -7.26 -7.46 4.23
N ASP A 110 -8.04 -6.41 4.45
CA ASP A 110 -7.71 -5.04 4.05
C ASP A 110 -6.44 -4.51 4.73
N ILE A 111 -6.27 -4.83 6.02
CA ILE A 111 -5.03 -4.54 6.74
C ILE A 111 -3.93 -5.53 6.37
N LYS A 112 -4.32 -6.77 6.07
CA LYS A 112 -3.34 -7.84 5.81
C LYS A 112 -2.62 -7.67 4.47
N LYS A 113 -3.32 -7.12 3.47
CA LYS A 113 -2.72 -6.77 2.18
C LYS A 113 -1.86 -5.51 2.30
N LEU A 114 -2.24 -4.65 3.25
CA LEU A 114 -1.54 -3.40 3.55
C LEU A 114 -0.13 -3.67 4.13
N ILE A 115 0.00 -4.79 4.87
CA ILE A 115 1.28 -5.21 5.46
C ILE A 115 2.27 -5.60 4.36
N SER A 116 1.74 -6.20 3.30
CA SER A 116 2.54 -6.61 2.14
C SER A 116 3.06 -5.39 1.36
N TRP A 117 2.29 -4.29 1.39
CA TRP A 117 2.64 -3.09 0.64
C TRP A 117 3.59 -2.19 1.41
N TYR A 118 3.56 -2.33 2.76
CA TYR A 118 4.47 -1.62 3.69
C TYR A 118 5.93 -1.72 3.27
N ASN A 119 6.33 -2.93 2.89
CA ASN A 119 7.70 -3.23 2.45
C ASN A 119 8.06 -2.47 1.18
N ILE A 120 7.23 -2.63 0.15
CA ILE A 120 7.49 -2.15 -1.21
C ILE A 120 7.66 -0.62 -1.26
N LEU A 121 6.88 0.08 -0.43
CA LEU A 121 6.89 1.54 -0.39
C LEU A 121 8.19 2.10 0.16
N VAL A 122 8.57 1.67 1.38
CA VAL A 122 9.76 2.20 2.04
C VAL A 122 11.07 1.71 1.36
N ASN A 123 11.02 0.52 0.75
CA ASN A 123 12.20 -0.07 0.07
C ASN A 123 12.61 0.69 -1.19
N ASN A 124 11.65 1.32 -1.86
CA ASN A 124 11.95 2.06 -3.08
C ASN A 124 11.97 3.57 -2.86
N GLY A 125 11.59 3.98 -1.65
CA GLY A 125 11.40 5.39 -1.37
C GLY A 125 10.22 5.96 -2.14
N ILE A 126 9.09 5.28 -2.06
CA ILE A 126 7.86 5.71 -2.71
C ILE A 126 7.21 6.81 -1.87
N THR A 127 7.33 8.03 -2.37
CA THR A 127 7.01 9.23 -1.61
C THR A 127 5.68 9.83 -2.04
N GLU A 128 4.70 8.97 -2.31
CA GLU A 128 3.39 9.41 -2.81
C GLU A 128 2.38 9.51 -1.65
N PHE A 129 2.89 9.34 -0.44
CA PHE A 129 2.07 9.23 0.76
C PHE A 129 2.41 10.38 1.71
N VAL A 130 3.69 10.47 2.07
CA VAL A 130 4.25 11.64 2.78
C VAL A 130 5.54 12.08 2.10
N GLU A 131 6.40 12.77 2.85
CA GLU A 131 7.74 13.14 2.40
C GLU A 131 8.66 11.90 2.34
N ALA A 132 8.45 10.98 3.31
CA ALA A 132 9.19 9.70 3.46
C ALA A 132 10.70 9.90 3.67
N PRO A 133 11.19 9.76 4.93
CA PRO A 133 12.61 9.95 5.27
C PRO A 133 13.51 8.73 4.95
N ALA A 134 13.15 7.98 3.92
CA ALA A 134 13.97 6.88 3.45
C ALA A 134 14.79 7.33 2.25
N LEU A 135 16.00 7.80 2.52
CA LEU A 135 16.90 8.26 1.46
C LEU A 135 17.98 7.21 1.23
N GLU A 136 19.00 7.20 2.11
CA GLU A 136 20.07 6.17 2.12
C GLU A 136 20.83 6.09 0.78
N HIS A 137 21.42 4.89 0.50
CA HIS A 137 22.15 4.57 -0.74
C HIS A 137 23.47 5.36 -0.82
N HIS A 138 23.40 6.58 -1.33
CA HIS A 138 24.46 7.56 -1.23
C HIS A 138 23.78 8.92 -1.13
N HIS A 139 23.21 9.38 -2.27
CA HIS A 139 22.22 10.48 -2.36
C HIS A 139 22.81 11.89 -2.02
N HIS A 140 24.09 11.97 -1.61
CA HIS A 140 24.70 13.24 -1.24
C HIS A 140 25.37 13.91 -2.44
N HIS A 141 24.59 14.00 -3.52
CA HIS A 141 24.97 14.68 -4.74
C HIS A 141 23.68 14.98 -5.51
N HIS A 142 23.23 16.25 -5.41
CA HIS A 142 21.94 16.74 -5.96
C HIS A 142 20.74 16.09 -5.27
N MET A 1 0.94 12.00 -7.05
CA MET A 1 0.18 11.95 -5.78
C MET A 1 -1.02 11.01 -5.95
N LEU A 2 -0.79 9.74 -5.60
CA LEU A 2 -1.75 8.64 -5.72
C LEU A 2 -2.12 8.34 -7.18
N LYS A 3 -2.96 7.29 -7.35
CA LYS A 3 -3.55 6.87 -8.64
C LYS A 3 -2.52 6.31 -9.64
N THR A 4 -1.31 6.09 -9.17
CA THR A 4 -0.23 5.60 -10.01
C THR A 4 0.12 4.17 -9.60
N ILE A 5 0.13 3.92 -8.31
CA ILE A 5 0.45 2.61 -7.79
C ILE A 5 -0.77 1.70 -7.87
N LEU A 6 -0.62 0.62 -8.61
CA LEU A 6 -1.65 -0.40 -8.71
C LEU A 6 -1.28 -1.58 -7.84
N SER A 7 -2.28 -2.12 -7.19
CA SER A 7 -2.14 -3.30 -6.36
C SER A 7 -2.31 -4.55 -7.22
N ILE A 8 -1.27 -5.35 -7.24
CA ILE A 8 -1.25 -6.56 -8.05
C ILE A 8 -1.11 -7.77 -7.13
N ALA A 9 -1.97 -8.75 -7.31
CA ALA A 9 -1.99 -9.90 -6.42
C ALA A 9 -1.80 -11.19 -7.21
N GLY A 10 -1.27 -12.20 -6.54
CA GLY A 10 -1.07 -13.48 -7.16
C GLY A 10 0.36 -13.98 -7.01
N LYS A 11 1.31 -13.22 -7.54
CA LYS A 11 2.72 -13.58 -7.46
C LYS A 11 3.63 -12.33 -7.33
N PRO A 12 3.52 -11.26 -8.20
CA PRO A 12 4.25 -10.00 -7.96
C PRO A 12 3.58 -9.10 -6.88
N GLY A 13 3.77 -7.78 -6.99
CA GLY A 13 3.39 -6.89 -5.91
C GLY A 13 2.72 -5.64 -6.38
N LEU A 14 3.50 -4.65 -6.81
CA LEU A 14 2.94 -3.36 -7.19
C LEU A 14 3.54 -2.88 -8.51
N TYR A 15 2.67 -2.30 -9.34
CA TYR A 15 3.09 -1.79 -10.65
C TYR A 15 2.52 -0.39 -10.89
N LYS A 16 3.37 0.48 -11.39
CA LYS A 16 3.04 1.88 -11.64
C LYS A 16 2.36 2.07 -13.00
N LEU A 17 1.07 2.41 -12.98
CA LEU A 17 0.29 2.66 -14.20
C LEU A 17 0.81 3.92 -14.89
N ILE A 18 1.29 3.74 -16.11
CA ILE A 18 1.77 4.84 -16.92
C ILE A 18 0.77 5.13 -18.05
N SER A 19 0.46 4.09 -18.83
CA SER A 19 -0.45 4.22 -19.95
C SER A 19 -1.31 2.96 -20.09
N GLN A 20 -2.40 3.05 -20.84
CA GLN A 20 -3.25 1.90 -21.12
C GLN A 20 -3.35 1.68 -22.62
N GLY A 21 -3.40 0.43 -23.02
CA GLY A 21 -3.51 0.07 -24.42
C GLY A 21 -4.45 -1.08 -24.64
N LYS A 22 -4.32 -1.75 -25.79
CA LYS A 22 -5.13 -2.90 -26.09
C LYS A 22 -4.40 -4.17 -25.71
N ASN A 23 -5.08 -5.00 -24.88
CA ASN A 23 -4.56 -6.26 -24.30
C ASN A 23 -3.59 -5.99 -23.14
N MET A 24 -2.55 -5.24 -23.44
CA MET A 24 -1.50 -4.94 -22.50
C MET A 24 -1.66 -3.53 -21.93
N LEU A 25 -1.45 -3.43 -20.62
CA LEU A 25 -1.35 -2.16 -19.93
C LEU A 25 0.11 -1.83 -19.75
N ILE A 26 0.45 -0.55 -19.78
CA ILE A 26 1.83 -0.14 -19.59
C ILE A 26 2.02 0.20 -18.12
N VAL A 27 2.70 -0.68 -17.40
CA VAL A 27 2.98 -0.47 -15.98
C VAL A 27 4.48 -0.61 -15.75
N GLU A 28 4.97 -0.12 -14.62
CA GLU A 28 6.39 -0.21 -14.32
C GLU A 28 6.62 -0.89 -12.98
N THR A 29 7.64 -1.74 -12.92
CA THR A 29 8.03 -2.39 -11.67
C THR A 29 8.60 -1.35 -10.70
N VAL A 30 8.00 -1.27 -9.51
CA VAL A 30 8.39 -0.28 -8.49
C VAL A 30 9.88 -0.35 -8.10
N ASP A 31 10.45 -1.54 -8.02
CA ASP A 31 11.90 -1.71 -7.83
C ASP A 31 12.36 -2.90 -8.69
N ALA A 32 13.45 -3.59 -8.27
CA ALA A 32 14.02 -4.80 -8.89
C ALA A 32 14.78 -4.54 -10.20
N ALA A 33 14.17 -3.74 -11.08
CA ALA A 33 14.67 -3.48 -12.42
C ALA A 33 14.11 -2.16 -12.92
N LYS A 34 12.88 -1.85 -12.45
CA LYS A 34 12.12 -0.64 -12.82
C LYS A 34 11.87 -0.60 -14.33
N LYS A 35 11.24 -1.66 -14.83
CA LYS A 35 11.00 -1.82 -16.26
C LYS A 35 9.51 -1.66 -16.58
N ARG A 36 9.22 -1.35 -17.83
CA ARG A 36 7.85 -1.29 -18.30
C ARG A 36 7.38 -2.67 -18.72
N VAL A 37 6.47 -3.21 -17.93
CA VAL A 37 5.96 -4.55 -18.10
C VAL A 37 4.57 -4.49 -18.74
N PRO A 38 4.29 -5.35 -19.74
CA PRO A 38 2.93 -5.52 -20.26
C PRO A 38 2.02 -6.25 -19.28
N ALA A 39 1.06 -5.53 -18.73
CA ALA A 39 0.10 -6.09 -17.78
C ALA A 39 -1.15 -6.51 -18.51
N TYR A 40 -1.93 -7.41 -17.92
CA TYR A 40 -3.16 -7.86 -18.55
C TYR A 40 -4.33 -7.65 -17.61
N ALA A 41 -5.51 -7.37 -18.17
CA ALA A 41 -6.70 -7.08 -17.35
C ALA A 41 -7.43 -8.36 -16.93
N HIS A 42 -6.91 -9.51 -17.35
CA HIS A 42 -7.40 -10.81 -16.90
C HIS A 42 -6.52 -11.33 -15.75
N ASP A 43 -5.59 -10.48 -15.32
CA ASP A 43 -4.77 -10.73 -14.13
C ASP A 43 -5.48 -10.08 -12.92
N LYS A 44 -4.85 -10.07 -11.76
CA LYS A 44 -5.44 -9.43 -10.59
C LYS A 44 -4.99 -7.97 -10.52
N VAL A 45 -5.66 -7.13 -11.31
CA VAL A 45 -5.33 -5.71 -11.39
C VAL A 45 -6.32 -4.90 -10.56
N ILE A 46 -5.83 -4.47 -9.42
CA ILE A 46 -6.53 -3.55 -8.54
C ILE A 46 -5.74 -2.25 -8.55
N SER A 47 -6.36 -1.12 -8.24
CA SER A 47 -5.62 0.08 -7.98
C SER A 47 -5.42 0.22 -6.48
N LEU A 48 -4.24 0.64 -6.02
CA LEU A 48 -4.00 0.83 -4.58
C LEU A 48 -4.75 2.07 -4.08
N ALA A 49 -4.97 3.03 -5.00
CA ALA A 49 -5.74 4.23 -4.70
C ALA A 49 -7.27 3.95 -4.74
N ASP A 50 -7.64 2.76 -5.21
CA ASP A 50 -9.03 2.33 -5.31
C ASP A 50 -9.57 1.87 -3.94
N ILE A 51 -8.68 1.34 -3.10
CA ILE A 51 -9.08 0.89 -1.75
C ILE A 51 -9.34 2.11 -0.86
N ALA A 52 -10.61 2.33 -0.61
CA ALA A 52 -11.06 3.34 0.34
C ALA A 52 -11.76 2.66 1.52
N MET A 53 -11.82 3.34 2.64
CA MET A 53 -12.41 2.79 3.85
C MET A 53 -13.11 3.91 4.60
N TYR A 54 -13.97 3.55 5.54
CA TYR A 54 -14.71 4.52 6.31
C TYR A 54 -14.34 4.41 7.79
N THR A 55 -14.68 5.44 8.53
CA THR A 55 -14.36 5.56 9.93
C THR A 55 -15.41 6.48 10.58
N ASP A 56 -15.13 7.05 11.77
CA ASP A 56 -15.96 8.10 12.37
C ASP A 56 -16.00 9.34 11.47
N ALA A 57 -14.86 9.64 10.86
CA ALA A 57 -14.74 10.71 9.86
C ALA A 57 -15.11 10.20 8.46
N GLU A 58 -14.86 11.03 7.44
CA GLU A 58 -15.17 10.70 6.05
C GLU A 58 -14.24 9.61 5.46
N GLU A 59 -14.34 9.41 4.13
CA GLU A 59 -13.63 8.33 3.43
C GLU A 59 -12.13 8.61 3.37
N VAL A 60 -11.35 7.75 4.02
CA VAL A 60 -9.91 7.85 4.01
C VAL A 60 -9.30 6.75 3.11
N PRO A 61 -8.29 7.11 2.29
CA PRO A 61 -7.56 6.14 1.46
C PRO A 61 -6.67 5.19 2.27
N LEU A 62 -6.41 4.02 1.67
CA LEU A 62 -5.57 2.97 2.28
C LEU A 62 -4.11 3.42 2.46
N SER A 63 -3.67 4.32 1.59
CA SER A 63 -2.31 4.84 1.61
C SER A 63 -2.02 5.69 2.86
N GLU A 64 -3.03 6.43 3.30
CA GLU A 64 -2.88 7.36 4.42
C GLU A 64 -2.84 6.61 5.76
N VAL A 65 -3.59 5.51 5.82
CA VAL A 65 -3.74 4.77 7.07
C VAL A 65 -2.52 3.86 7.35
N LEU A 66 -1.86 3.36 6.29
CA LEU A 66 -0.62 2.60 6.45
C LEU A 66 0.55 3.54 6.82
N GLU A 67 0.44 4.79 6.39
CA GLU A 67 1.46 5.82 6.62
C GLU A 67 1.55 6.18 8.10
N ALA A 68 0.38 6.31 8.74
CA ALA A 68 0.28 6.76 10.12
C ALA A 68 0.75 5.70 11.11
N VAL A 69 0.45 4.42 10.87
CA VAL A 69 0.92 3.32 11.75
C VAL A 69 2.43 3.08 11.58
N LYS A 70 2.92 3.30 10.35
CA LYS A 70 4.35 3.23 10.02
C LYS A 70 5.14 4.33 10.72
N LYS A 71 4.50 5.49 10.87
CA LYS A 71 5.10 6.70 11.45
C LYS A 71 5.46 6.50 12.93
N LYS A 72 4.65 5.71 13.64
CA LYS A 72 4.93 5.37 15.04
C LYS A 72 6.11 4.39 15.17
N GLU A 73 6.34 3.61 14.11
CA GLU A 73 7.49 2.72 14.04
C GLU A 73 8.70 3.39 13.35
N ASN A 74 8.63 4.73 13.23
CA ASN A 74 9.72 5.61 12.74
C ASN A 74 10.01 5.40 11.23
N GLY A 75 8.99 4.94 10.49
CA GLY A 75 9.12 4.74 9.06
C GLY A 75 9.73 3.40 8.69
N ALA A 76 9.53 2.39 9.54
CA ALA A 76 10.12 1.07 9.34
C ALA A 76 9.24 0.19 8.45
N VAL A 77 9.88 -0.82 7.85
CA VAL A 77 9.21 -1.73 6.92
C VAL A 77 8.63 -2.95 7.66
N ALA A 78 7.30 -2.90 7.88
CA ALA A 78 6.49 -3.98 8.46
C ALA A 78 7.04 -4.53 9.79
N SER A 79 6.80 -3.79 10.86
CA SER A 79 7.29 -4.17 12.18
C SER A 79 6.27 -5.01 12.97
N ILE A 80 5.08 -5.18 12.38
CA ILE A 80 4.03 -6.03 12.98
C ILE A 80 4.09 -7.46 12.40
N ASN A 81 4.22 -7.55 11.06
CA ASN A 81 4.14 -8.80 10.27
C ASN A 81 2.80 -9.50 10.40
N TYR A 82 2.07 -9.52 9.29
CA TYR A 82 0.71 -10.10 9.21
C TYR A 82 0.71 -11.63 9.44
N LYS A 83 1.84 -12.27 9.17
CA LYS A 83 1.95 -13.72 9.27
C LYS A 83 1.96 -14.22 10.72
N LYS A 84 2.57 -13.45 11.62
CA LYS A 84 2.70 -13.85 13.03
C LYS A 84 1.67 -13.14 13.91
N ALA A 85 0.83 -12.31 13.31
CA ALA A 85 -0.13 -11.53 14.07
C ALA A 85 -1.57 -11.98 13.80
N SER A 86 -2.38 -11.96 14.84
CA SER A 86 -3.77 -12.39 14.80
C SER A 86 -4.70 -11.29 14.28
N ALA A 87 -5.95 -11.64 13.97
CA ALA A 87 -6.95 -10.71 13.42
C ALA A 87 -7.26 -9.53 14.37
N ASP A 88 -7.28 -9.81 15.68
CA ASP A 88 -7.57 -8.79 16.69
C ASP A 88 -6.48 -7.72 16.76
N GLU A 89 -5.23 -8.15 16.74
CA GLU A 89 -4.10 -7.24 16.87
C GLU A 89 -3.79 -6.51 15.56
N LEU A 90 -4.22 -7.07 14.42
CA LEU A 90 -4.11 -6.37 13.12
C LEU A 90 -4.88 -5.04 13.13
N HIS A 91 -6.05 -5.02 13.79
CA HIS A 91 -6.80 -3.77 13.91
C HIS A 91 -6.49 -3.02 15.22
N ALA A 92 -5.84 -3.69 16.19
CA ALA A 92 -5.43 -3.05 17.45
C ALA A 92 -4.16 -2.21 17.24
N TYR A 93 -3.31 -2.69 16.32
CA TYR A 93 -2.14 -1.95 15.84
C TYR A 93 -2.59 -0.73 15.02
N PHE A 94 -3.75 -0.85 14.40
CA PHE A 94 -4.34 0.23 13.63
C PHE A 94 -4.95 1.32 14.56
N ALA A 95 -5.31 0.90 15.78
CA ALA A 95 -5.88 1.80 16.79
C ALA A 95 -4.79 2.61 17.52
N GLU A 96 -3.54 2.44 17.08
CA GLU A 96 -2.40 3.24 17.51
C GLU A 96 -2.60 4.72 17.14
N VAL A 97 -3.06 4.92 15.92
CA VAL A 97 -3.27 6.26 15.40
C VAL A 97 -4.75 6.58 15.24
N LEU A 98 -5.57 5.59 14.88
CA LEU A 98 -6.98 5.81 14.65
C LEU A 98 -7.82 4.90 15.56
N PRO A 99 -8.27 5.41 16.74
CA PRO A 99 -9.15 4.67 17.65
C PRO A 99 -10.64 4.95 17.42
N ASN A 100 -10.94 5.62 16.31
CA ASN A 100 -12.31 6.06 16.00
C ASN A 100 -12.88 5.27 14.81
N TYR A 101 -12.12 4.27 14.38
CA TYR A 101 -12.46 3.46 13.23
C TYR A 101 -13.61 2.49 13.52
N ASP A 102 -14.42 2.22 12.51
CA ASP A 102 -15.41 1.17 12.60
C ASP A 102 -14.86 -0.06 11.89
N ARG A 103 -14.92 -1.22 12.54
CA ARG A 103 -14.26 -2.44 12.06
C ARG A 103 -14.93 -3.03 10.81
N ASP A 104 -16.17 -2.65 10.53
CA ASP A 104 -16.87 -3.09 9.33
C ASP A 104 -16.47 -2.20 8.15
N ARG A 105 -16.47 -0.90 8.42
CA ARG A 105 -16.25 0.13 7.40
C ARG A 105 -14.79 0.21 6.97
N VAL A 106 -13.88 -0.04 7.91
CA VAL A 106 -12.45 -0.09 7.61
C VAL A 106 -12.10 -1.48 7.03
N HIS A 107 -12.97 -2.48 7.38
CA HIS A 107 -12.87 -3.92 7.02
C HIS A 107 -11.95 -4.66 8.00
N ASN A 108 -11.92 -5.99 7.89
CA ASN A 108 -10.94 -6.81 8.60
C ASN A 108 -10.25 -7.72 7.61
N GLY A 109 -8.92 -7.67 7.60
CA GLY A 109 -8.14 -8.35 6.57
C GLY A 109 -7.63 -7.36 5.54
N ASP A 110 -8.05 -6.11 5.71
CA ASP A 110 -7.63 -4.99 4.87
C ASP A 110 -6.21 -4.55 5.25
N ILE A 111 -5.90 -4.64 6.55
CA ILE A 111 -4.57 -4.37 7.07
C ILE A 111 -3.65 -5.57 6.77
N LYS A 112 -4.22 -6.78 6.71
CA LYS A 112 -3.47 -8.01 6.40
C LYS A 112 -2.85 -7.97 5.01
N LYS A 113 -3.67 -7.60 4.02
CA LYS A 113 -3.20 -7.42 2.63
C LYS A 113 -2.31 -6.17 2.52
N LEU A 114 -2.57 -5.19 3.41
CA LEU A 114 -1.84 -3.93 3.46
C LEU A 114 -0.40 -4.15 3.89
N ILE A 115 -0.14 -5.14 4.78
CA ILE A 115 1.23 -5.43 5.27
C ILE A 115 2.14 -5.91 4.14
N SER A 116 1.56 -6.58 3.15
CA SER A 116 2.29 -7.02 1.95
C SER A 116 2.86 -5.81 1.19
N TRP A 117 2.03 -4.78 0.99
CA TRP A 117 2.46 -3.57 0.25
C TRP A 117 3.14 -2.57 1.19
N TYR A 118 3.02 -2.81 2.49
CA TYR A 118 3.68 -2.05 3.54
C TYR A 118 5.17 -2.39 3.55
N ASN A 119 5.48 -3.63 3.16
CA ASN A 119 6.86 -4.04 2.85
C ASN A 119 7.39 -3.33 1.59
N ILE A 120 6.55 -3.30 0.55
CA ILE A 120 6.96 -2.82 -0.78
C ILE A 120 7.14 -1.28 -0.83
N LEU A 121 6.24 -0.56 -0.14
CA LEU A 121 6.25 0.91 -0.11
C LEU A 121 7.48 1.47 0.61
N VAL A 122 7.84 0.85 1.72
CA VAL A 122 9.04 1.25 2.47
C VAL A 122 10.33 0.82 1.73
N ASN A 123 10.24 -0.28 0.97
CA ASN A 123 11.40 -0.94 0.33
C ASN A 123 12.13 -0.03 -0.67
N ASN A 124 11.41 0.56 -1.62
CA ASN A 124 12.04 1.40 -2.64
C ASN A 124 11.66 2.87 -2.48
N GLY A 125 10.89 3.18 -1.43
CA GLY A 125 10.45 4.55 -1.18
C GLY A 125 9.32 5.00 -2.09
N ILE A 126 8.21 4.26 -2.04
CA ILE A 126 6.98 4.66 -2.72
C ILE A 126 6.31 5.77 -1.90
N THR A 127 6.43 6.98 -2.41
CA THR A 127 6.02 8.16 -1.67
C THR A 127 5.11 9.06 -2.54
N GLU A 128 3.81 8.77 -2.50
CA GLU A 128 2.81 9.58 -3.22
C GLU A 128 1.78 10.16 -2.24
N PHE A 129 2.10 10.09 -0.96
CA PHE A 129 1.15 10.39 0.11
C PHE A 129 1.91 10.94 1.33
N VAL A 130 3.07 10.34 1.60
CA VAL A 130 3.92 10.77 2.68
C VAL A 130 5.10 11.56 2.11
N GLU A 131 5.36 12.72 2.70
CA GLU A 131 6.43 13.60 2.23
C GLU A 131 7.80 13.15 2.76
N ALA A 132 7.78 12.30 3.78
CA ALA A 132 9.00 11.76 4.35
C ALA A 132 9.24 10.33 3.85
N PRO A 133 10.46 10.02 3.36
CA PRO A 133 10.87 8.65 3.07
C PRO A 133 11.13 7.82 4.34
N ALA A 134 11.79 6.67 4.16
CA ALA A 134 11.98 5.72 5.24
C ALA A 134 13.36 5.82 5.91
N LEU A 135 13.92 7.06 5.92
CA LEU A 135 15.30 7.32 6.39
C LEU A 135 16.30 6.52 5.53
N GLU A 136 17.32 5.93 6.20
CA GLU A 136 18.27 4.96 5.60
C GLU A 136 19.00 5.51 4.38
N HIS A 137 19.47 6.77 4.53
CA HIS A 137 20.13 7.58 3.46
C HIS A 137 19.13 8.03 2.40
N HIS A 138 19.11 9.34 2.16
CA HIS A 138 18.19 9.94 1.17
C HIS A 138 18.69 9.75 -0.26
N HIS A 139 19.97 9.42 -0.40
CA HIS A 139 20.53 9.01 -1.67
C HIS A 139 21.13 7.60 -1.52
N HIS A 140 20.29 6.61 -1.77
CA HIS A 140 20.66 5.21 -1.64
C HIS A 140 20.04 4.40 -2.78
N HIS A 141 20.84 4.23 -3.86
CA HIS A 141 20.50 3.37 -5.03
C HIS A 141 19.34 3.94 -5.88
N HIS A 142 19.57 4.11 -7.19
CA HIS A 142 18.54 4.66 -8.09
C HIS A 142 17.37 3.66 -8.29
N MET A 1 1.57 9.83 -7.28
CA MET A 1 1.40 10.15 -5.84
C MET A 1 0.31 9.25 -5.27
N LEU A 2 -0.94 9.68 -5.39
CA LEU A 2 -2.08 8.86 -5.03
C LEU A 2 -2.79 8.42 -6.30
N LYS A 3 -2.10 7.62 -7.11
CA LYS A 3 -2.59 7.15 -8.41
C LYS A 3 -1.60 6.15 -9.01
N THR A 4 -0.32 6.45 -8.82
CA THR A 4 0.78 5.81 -9.53
C THR A 4 0.98 4.36 -9.10
N ILE A 5 0.75 4.08 -7.82
CA ILE A 5 0.89 2.75 -7.29
C ILE A 5 -0.39 1.94 -7.56
N LEU A 6 -0.22 0.91 -8.38
CA LEU A 6 -1.26 -0.03 -8.73
C LEU A 6 -1.08 -1.30 -7.93
N SER A 7 -2.18 -1.81 -7.39
CA SER A 7 -2.18 -3.03 -6.60
C SER A 7 -2.38 -4.24 -7.49
N ILE A 8 -1.48 -5.19 -7.35
CA ILE A 8 -1.54 -6.45 -8.08
C ILE A 8 -1.64 -7.61 -7.06
N ALA A 9 -2.70 -8.39 -7.18
CA ALA A 9 -2.94 -9.47 -6.23
C ALA A 9 -2.53 -10.84 -6.82
N GLY A 10 -1.66 -10.79 -7.84
CA GLY A 10 -1.09 -11.99 -8.41
C GLY A 10 0.15 -12.44 -7.66
N LYS A 11 1.29 -12.44 -8.34
CA LYS A 11 2.55 -12.78 -7.70
C LYS A 11 3.35 -11.51 -7.29
N PRO A 12 3.67 -10.53 -8.20
CA PRO A 12 4.39 -9.31 -7.83
C PRO A 12 3.44 -8.21 -7.29
N GLY A 13 3.52 -8.00 -5.97
CA GLY A 13 2.61 -7.16 -5.19
C GLY A 13 2.19 -5.80 -5.77
N LEU A 14 3.14 -4.95 -6.14
CA LEU A 14 2.76 -3.61 -6.61
C LEU A 14 3.55 -3.21 -7.85
N TYR A 15 2.88 -2.43 -8.69
CA TYR A 15 3.43 -1.91 -9.94
C TYR A 15 3.04 -0.44 -10.11
N LYS A 16 3.66 0.24 -11.05
CA LYS A 16 3.34 1.62 -11.36
C LYS A 16 2.59 1.72 -12.67
N LEU A 17 1.30 2.03 -12.60
CA LEU A 17 0.46 2.14 -13.77
C LEU A 17 0.70 3.49 -14.47
N ILE A 18 1.24 3.44 -15.69
CA ILE A 18 1.45 4.66 -16.46
C ILE A 18 0.57 4.69 -17.71
N SER A 19 0.19 3.51 -18.22
CA SER A 19 -0.61 3.41 -19.44
C SER A 19 -1.51 2.18 -19.41
N GLN A 20 -2.79 2.37 -19.70
CA GLN A 20 -3.71 1.24 -19.87
C GLN A 20 -4.12 1.11 -21.33
N GLY A 21 -4.43 -0.12 -21.72
CA GLY A 21 -4.86 -0.38 -23.08
C GLY A 21 -6.13 -1.18 -23.13
N LYS A 22 -6.11 -2.25 -23.92
CA LYS A 22 -7.25 -3.16 -24.05
C LYS A 22 -7.21 -4.25 -22.96
N ASN A 23 -7.15 -5.54 -23.38
CA ASN A 23 -6.95 -6.71 -22.50
C ASN A 23 -5.75 -6.54 -21.56
N MET A 24 -4.70 -5.96 -22.10
CA MET A 24 -3.48 -5.72 -21.35
C MET A 24 -3.29 -4.24 -21.06
N LEU A 25 -2.35 -3.98 -20.17
CA LEU A 25 -1.87 -2.64 -19.89
C LEU A 25 -0.35 -2.69 -19.68
N ILE A 26 0.22 -1.52 -19.45
CA ILE A 26 1.66 -1.39 -19.29
C ILE A 26 1.96 -0.80 -17.90
N VAL A 27 2.77 -1.51 -17.14
CA VAL A 27 3.19 -1.05 -15.82
C VAL A 27 4.70 -1.00 -15.71
N GLU A 28 5.20 -0.27 -14.73
CA GLU A 28 6.63 -0.19 -14.44
C GLU A 28 6.90 -0.74 -13.05
N THR A 29 7.99 -1.48 -12.93
CA THR A 29 8.35 -2.11 -11.67
C THR A 29 8.77 -1.06 -10.61
N VAL A 30 8.07 -1.09 -9.47
CA VAL A 30 8.37 -0.26 -8.30
C VAL A 30 9.78 -0.50 -7.76
N ASP A 31 10.21 -1.76 -7.72
CA ASP A 31 11.49 -2.12 -7.12
C ASP A 31 12.63 -1.91 -8.13
N ALA A 32 13.83 -2.40 -7.77
CA ALA A 32 15.08 -2.05 -8.46
C ALA A 32 15.19 -2.51 -9.93
N ALA A 33 14.30 -3.42 -10.37
CA ALA A 33 14.21 -3.80 -11.77
C ALA A 33 13.79 -2.60 -12.65
N LYS A 34 12.75 -1.87 -12.19
CA LYS A 34 12.13 -0.72 -12.89
C LYS A 34 11.97 -0.93 -14.40
N LYS A 35 11.38 -2.06 -14.77
CA LYS A 35 11.20 -2.41 -16.17
C LYS A 35 9.73 -2.21 -16.57
N ARG A 36 9.48 -2.11 -17.86
CA ARG A 36 8.11 -2.02 -18.34
C ARG A 36 7.56 -3.42 -18.64
N VAL A 37 6.69 -3.84 -17.74
CA VAL A 37 6.12 -5.17 -17.75
C VAL A 37 4.72 -5.14 -18.37
N PRO A 38 4.46 -5.99 -19.38
CA PRO A 38 3.11 -6.23 -19.88
C PRO A 38 2.25 -6.98 -18.85
N ALA A 39 1.18 -6.35 -18.40
CA ALA A 39 0.32 -6.92 -17.38
C ALA A 39 -1.07 -7.04 -17.93
N TYR A 40 -1.83 -8.01 -17.45
CA TYR A 40 -3.12 -8.31 -18.07
C TYR A 40 -4.23 -8.23 -17.05
N ALA A 41 -5.48 -8.28 -17.54
CA ALA A 41 -6.64 -8.41 -16.66
C ALA A 41 -6.77 -9.87 -16.21
N HIS A 42 -6.01 -10.19 -15.17
CA HIS A 42 -5.78 -11.54 -14.70
C HIS A 42 -5.19 -11.46 -13.29
N ASP A 43 -4.36 -10.44 -13.08
CA ASP A 43 -3.60 -10.28 -11.85
C ASP A 43 -4.28 -9.35 -10.85
N LYS A 44 -5.60 -9.15 -11.03
CA LYS A 44 -6.44 -8.31 -10.16
C LYS A 44 -5.95 -6.85 -10.18
N VAL A 45 -6.26 -6.17 -11.28
CA VAL A 45 -5.79 -4.80 -11.50
C VAL A 45 -6.73 -3.79 -10.82
N ILE A 46 -6.29 -3.30 -9.66
CA ILE A 46 -7.01 -2.30 -8.87
C ILE A 46 -5.97 -1.27 -8.44
N SER A 47 -6.25 0.01 -8.53
CA SER A 47 -5.29 1.01 -8.08
C SER A 47 -5.30 1.11 -6.54
N LEU A 48 -4.12 1.39 -5.95
CA LEU A 48 -4.01 1.61 -4.50
C LEU A 48 -4.62 2.98 -4.14
N ALA A 49 -4.70 3.85 -5.15
CA ALA A 49 -5.42 5.12 -5.07
C ALA A 49 -6.91 4.88 -4.84
N ASP A 50 -7.44 3.88 -5.57
CA ASP A 50 -8.86 3.55 -5.56
C ASP A 50 -9.25 2.88 -4.25
N ILE A 51 -8.28 2.23 -3.58
CA ILE A 51 -8.50 1.65 -2.26
C ILE A 51 -8.74 2.76 -1.24
N ALA A 52 -9.94 2.75 -0.67
CA ALA A 52 -10.30 3.68 0.38
C ALA A 52 -10.94 2.89 1.51
N MET A 53 -10.84 3.42 2.72
CA MET A 53 -11.42 2.77 3.88
C MET A 53 -12.12 3.81 4.73
N TYR A 54 -12.93 3.35 5.64
CA TYR A 54 -13.78 4.23 6.42
C TYR A 54 -13.32 4.28 7.86
N THR A 55 -13.79 5.29 8.55
CA THR A 55 -13.60 5.43 9.98
C THR A 55 -14.78 6.26 10.53
N ASP A 56 -14.75 6.67 11.79
CA ASP A 56 -15.78 7.54 12.37
C ASP A 56 -15.67 8.95 11.77
N ALA A 57 -14.44 9.32 11.40
CA ALA A 57 -14.16 10.57 10.70
C ALA A 57 -14.27 10.37 9.17
N GLU A 58 -13.66 11.29 8.41
CA GLU A 58 -13.67 11.31 6.93
C GLU A 58 -13.16 10.03 6.26
N GLU A 59 -13.65 9.81 5.03
CA GLU A 59 -13.28 8.67 4.20
C GLU A 59 -11.88 8.87 3.62
N VAL A 60 -10.90 8.17 4.16
CA VAL A 60 -9.52 8.34 3.73
C VAL A 60 -9.02 7.14 2.92
N PRO A 61 -8.24 7.39 1.84
CA PRO A 61 -7.61 6.34 1.02
C PRO A 61 -6.53 5.54 1.77
N LEU A 62 -6.11 4.43 1.16
CA LEU A 62 -5.09 3.54 1.76
C LEU A 62 -3.72 4.22 1.85
N SER A 63 -3.48 5.21 1.01
CA SER A 63 -2.24 5.97 1.03
C SER A 63 -2.11 6.81 2.33
N GLU A 64 -3.23 7.38 2.79
CA GLU A 64 -3.23 8.18 4.00
C GLU A 64 -3.15 7.33 5.27
N VAL A 65 -3.75 6.13 5.23
CA VAL A 65 -3.75 5.25 6.40
C VAL A 65 -2.43 4.47 6.53
N LEU A 66 -1.71 4.32 5.40
CA LEU A 66 -0.42 3.60 5.36
C LEU A 66 0.66 4.42 6.06
N GLU A 67 0.57 5.75 5.92
CA GLU A 67 1.49 6.67 6.57
C GLU A 67 1.24 6.73 8.09
N ALA A 68 -0.05 6.77 8.47
CA ALA A 68 -0.44 6.96 9.87
C ALA A 68 0.08 5.86 10.79
N VAL A 69 -0.12 4.61 10.39
CA VAL A 69 0.30 3.43 11.15
C VAL A 69 1.83 3.23 11.11
N LYS A 70 2.44 3.61 9.98
CA LYS A 70 3.88 3.51 9.75
C LYS A 70 4.67 4.47 10.66
N LYS A 71 4.06 5.64 10.90
CA LYS A 71 4.67 6.72 11.68
C LYS A 71 4.87 6.32 13.15
N LYS A 72 4.01 5.42 13.64
CA LYS A 72 4.12 4.83 14.98
C LYS A 72 5.47 4.10 15.16
N GLU A 73 5.87 3.37 14.13
CA GLU A 73 7.05 2.51 14.18
C GLU A 73 8.28 3.25 13.64
N ASN A 74 8.52 4.49 14.15
CA ASN A 74 9.70 5.33 13.84
C ASN A 74 9.70 5.84 12.37
N GLY A 75 8.58 5.64 11.67
CA GLY A 75 8.51 5.95 10.26
C GLY A 75 9.22 4.91 9.40
N ALA A 76 9.45 3.72 9.95
CA ALA A 76 10.23 2.68 9.30
C ALA A 76 9.34 1.70 8.56
N VAL A 77 9.97 0.80 7.81
CA VAL A 77 9.26 -0.32 7.19
C VAL A 77 8.76 -1.24 8.32
N ALA A 78 7.45 -1.44 8.37
CA ALA A 78 6.80 -2.18 9.46
C ALA A 78 7.25 -3.64 9.49
N SER A 79 7.51 -4.12 10.70
CA SER A 79 8.10 -5.43 10.91
C SER A 79 7.33 -6.19 12.01
N ILE A 80 6.02 -5.94 12.08
CA ILE A 80 5.13 -6.61 13.02
C ILE A 80 4.87 -8.07 12.58
N ASN A 81 4.94 -8.30 11.24
CA ASN A 81 4.73 -9.61 10.59
C ASN A 81 3.26 -10.03 10.70
N TYR A 82 2.56 -9.94 9.58
CA TYR A 82 1.12 -10.19 9.51
C TYR A 82 0.77 -11.67 9.65
N LYS A 83 1.71 -12.54 9.26
CA LYS A 83 1.54 -13.98 9.34
C LYS A 83 1.71 -14.49 10.78
N LYS A 84 2.41 -13.72 11.60
CA LYS A 84 2.59 -14.03 13.02
C LYS A 84 1.65 -13.21 13.90
N ALA A 85 0.79 -12.43 13.26
CA ALA A 85 -0.20 -11.62 13.96
C ALA A 85 -1.57 -12.26 13.86
N SER A 86 -2.32 -12.23 14.96
CA SER A 86 -3.62 -12.90 15.06
C SER A 86 -4.75 -11.99 14.52
N ALA A 87 -6.00 -12.37 14.82
CA ALA A 87 -7.19 -11.59 14.46
C ALA A 87 -7.34 -10.37 15.35
N ASP A 88 -6.87 -10.50 16.60
CA ASP A 88 -6.81 -9.38 17.55
C ASP A 88 -5.77 -8.36 17.10
N GLU A 89 -4.64 -8.86 16.61
CA GLU A 89 -3.55 -8.03 16.11
C GLU A 89 -3.86 -7.41 14.75
N LEU A 90 -4.77 -8.06 14.02
CA LEU A 90 -5.28 -7.58 12.72
C LEU A 90 -5.99 -6.22 12.85
N HIS A 91 -6.68 -5.98 13.96
CA HIS A 91 -7.26 -4.67 14.20
C HIS A 91 -6.36 -3.79 15.09
N ALA A 92 -5.25 -4.36 15.56
CA ALA A 92 -4.32 -3.68 16.46
C ALA A 92 -3.37 -2.75 15.73
N TYR A 93 -3.11 -2.99 14.43
CA TYR A 93 -2.24 -2.10 13.62
C TYR A 93 -2.87 -0.71 13.55
N PHE A 94 -4.15 -0.71 13.18
CA PHE A 94 -4.89 0.49 12.85
C PHE A 94 -5.32 1.29 14.08
N ALA A 95 -5.67 0.57 15.15
CA ALA A 95 -6.30 1.16 16.35
C ALA A 95 -5.35 2.04 17.16
N GLU A 96 -4.05 1.92 16.90
CA GLU A 96 -3.01 2.67 17.60
C GLU A 96 -3.02 4.15 17.23
N VAL A 97 -3.36 4.46 15.98
CA VAL A 97 -3.46 5.84 15.53
C VAL A 97 -4.93 6.25 15.32
N LEU A 98 -5.76 5.30 14.89
CA LEU A 98 -7.19 5.53 14.75
C LEU A 98 -7.97 4.50 15.57
N PRO A 99 -8.32 4.83 16.84
CA PRO A 99 -9.16 3.96 17.69
C PRO A 99 -10.65 4.17 17.45
N ASN A 100 -10.96 4.95 16.42
CA ASN A 100 -12.31 5.27 16.02
C ASN A 100 -12.62 4.64 14.66
N TYR A 101 -11.83 3.62 14.26
CA TYR A 101 -11.93 2.98 12.95
C TYR A 101 -13.29 2.31 12.73
N ASP A 102 -13.62 2.11 11.46
CA ASP A 102 -14.98 1.76 11.03
C ASP A 102 -15.47 0.42 11.58
N ARG A 103 -14.66 -0.65 11.34
CA ARG A 103 -14.91 -2.03 11.82
C ARG A 103 -16.01 -2.78 11.02
N ASP A 104 -16.84 -2.04 10.28
CA ASP A 104 -17.89 -2.64 9.45
C ASP A 104 -17.35 -2.95 8.07
N ARG A 105 -16.88 -1.92 7.37
CA ARG A 105 -16.25 -2.09 6.05
C ARG A 105 -14.77 -2.43 6.22
N VAL A 106 -14.21 -2.08 7.37
CA VAL A 106 -12.86 -2.50 7.74
C VAL A 106 -12.91 -3.95 8.22
N HIS A 107 -12.38 -4.83 7.38
CA HIS A 107 -12.52 -6.28 7.59
C HIS A 107 -11.23 -7.04 7.29
N ASN A 108 -11.29 -8.37 7.49
CA ASN A 108 -10.15 -9.26 7.28
C ASN A 108 -9.77 -9.33 5.80
N GLY A 109 -8.48 -9.24 5.53
CA GLY A 109 -7.98 -9.35 4.17
C GLY A 109 -7.38 -8.07 3.67
N ASP A 110 -8.15 -6.98 3.75
CA ASP A 110 -7.70 -5.66 3.28
C ASP A 110 -6.58 -5.09 4.14
N ILE A 111 -6.63 -5.42 5.42
CA ILE A 111 -5.57 -5.04 6.35
C ILE A 111 -4.34 -5.94 6.16
N LYS A 112 -4.54 -7.23 5.86
CA LYS A 112 -3.42 -8.18 5.73
C LYS A 112 -2.62 -7.97 4.43
N LYS A 113 -3.28 -7.52 3.37
CA LYS A 113 -2.61 -7.18 2.11
C LYS A 113 -1.87 -5.84 2.23
N LEU A 114 -2.37 -4.98 3.13
CA LEU A 114 -1.82 -3.65 3.39
C LEU A 114 -0.48 -3.74 4.15
N ILE A 115 -0.27 -4.85 4.88
CA ILE A 115 0.99 -5.08 5.61
C ILE A 115 2.12 -5.37 4.62
N SER A 116 1.77 -6.09 3.56
CA SER A 116 2.67 -6.39 2.46
C SER A 116 3.01 -5.11 1.70
N TRP A 117 2.05 -4.20 1.61
CA TRP A 117 2.20 -2.98 0.83
C TRP A 117 2.91 -1.88 1.63
N TYR A 118 3.03 -2.06 2.97
CA TYR A 118 3.97 -1.26 3.76
C TYR A 118 5.38 -1.55 3.28
N ASN A 119 5.68 -2.84 3.23
CA ASN A 119 7.02 -3.36 3.00
C ASN A 119 7.54 -3.05 1.58
N ILE A 120 6.61 -2.89 0.63
CA ILE A 120 6.96 -2.49 -0.75
C ILE A 120 7.21 -0.97 -0.85
N LEU A 121 6.32 -0.18 -0.24
CA LEU A 121 6.31 1.28 -0.41
C LEU A 121 7.45 1.99 0.34
N VAL A 122 7.64 1.65 1.61
CA VAL A 122 8.66 2.31 2.46
C VAL A 122 10.08 1.88 2.04
N ASN A 123 10.18 0.72 1.39
CA ASN A 123 11.46 0.13 0.96
C ASN A 123 12.08 0.90 -0.20
N ASN A 124 11.25 1.22 -1.19
CA ASN A 124 11.72 1.88 -2.41
C ASN A 124 11.67 3.41 -2.29
N GLY A 125 11.54 3.89 -1.06
CA GLY A 125 11.54 5.32 -0.78
C GLY A 125 10.38 6.06 -1.39
N ILE A 126 9.20 5.43 -1.37
CA ILE A 126 8.00 6.06 -1.87
C ILE A 126 7.51 7.05 -0.83
N THR A 127 7.65 8.32 -1.16
CA THR A 127 7.30 9.40 -0.26
C THR A 127 6.12 10.19 -0.82
N GLU A 128 5.33 9.49 -1.63
CA GLU A 128 4.20 10.08 -2.35
C GLU A 128 2.91 10.06 -1.50
N PHE A 129 3.02 9.53 -0.27
CA PHE A 129 1.86 9.36 0.61
C PHE A 129 2.23 9.67 2.07
N VAL A 130 3.49 10.09 2.29
CA VAL A 130 4.03 10.16 3.65
C VAL A 130 4.17 11.60 4.15
N GLU A 131 4.30 11.72 5.47
CA GLU A 131 4.69 12.98 6.10
C GLU A 131 6.02 12.79 6.84
N ALA A 132 6.28 11.56 7.32
CA ALA A 132 7.56 11.20 7.90
C ALA A 132 8.39 10.43 6.86
N PRO A 133 9.44 11.08 6.30
CA PRO A 133 10.22 10.48 5.21
C PRO A 133 11.32 9.53 5.69
N ALA A 134 11.25 8.29 5.23
CA ALA A 134 12.28 7.32 5.51
C ALA A 134 13.16 7.14 4.29
N LEU A 135 14.28 7.84 4.28
CA LEU A 135 15.23 7.73 3.19
C LEU A 135 16.26 6.67 3.54
N GLU A 136 16.01 5.47 3.03
CA GLU A 136 16.91 4.33 3.23
C GLU A 136 18.22 4.56 2.48
N HIS A 137 19.33 4.08 3.08
CA HIS A 137 20.70 4.39 2.60
C HIS A 137 20.99 3.69 1.26
N HIS A 138 20.74 4.44 0.16
CA HIS A 138 20.77 3.95 -1.23
C HIS A 138 19.75 2.80 -1.41
N HIS A 139 18.64 2.89 -0.63
CA HIS A 139 17.60 1.85 -0.46
C HIS A 139 18.12 0.64 0.32
N HIS A 140 19.09 -0.07 -0.27
CA HIS A 140 19.82 -1.19 0.35
C HIS A 140 18.88 -2.32 0.77
N HIS A 141 18.44 -3.10 -0.21
CA HIS A 141 17.60 -4.26 0.03
C HIS A 141 17.92 -5.33 -1.01
N HIS A 142 18.47 -6.44 -0.56
CA HIS A 142 18.77 -7.56 -1.44
C HIS A 142 17.73 -8.68 -1.28
N MET A 1 0.54 10.15 -5.49
CA MET A 1 -0.56 10.03 -4.51
C MET A 1 -1.73 9.24 -5.10
N LEU A 2 -2.16 9.64 -6.29
CA LEU A 2 -3.34 9.06 -6.89
C LEU A 2 -3.00 8.22 -8.12
N LYS A 3 -3.38 6.92 -8.03
CA LYS A 3 -3.47 5.98 -9.18
C LYS A 3 -2.12 5.72 -9.85
N THR A 4 -1.02 5.87 -9.13
CA THR A 4 0.31 5.73 -9.71
C THR A 4 0.87 4.35 -9.38
N ILE A 5 0.72 3.95 -8.13
CA ILE A 5 0.98 2.57 -7.75
C ILE A 5 -0.30 1.76 -7.94
N LEU A 6 -0.15 0.67 -8.65
CA LEU A 6 -1.23 -0.24 -8.88
C LEU A 6 -1.03 -1.51 -8.09
N SER A 7 -2.09 -1.96 -7.46
CA SER A 7 -2.11 -3.19 -6.69
C SER A 7 -2.39 -4.34 -7.64
N ILE A 8 -1.48 -5.30 -7.67
CA ILE A 8 -1.48 -6.32 -8.70
C ILE A 8 -1.50 -7.70 -8.04
N ALA A 9 -2.66 -8.38 -8.16
CA ALA A 9 -2.91 -9.76 -7.67
C ALA A 9 -2.75 -9.94 -6.15
N GLY A 10 -1.51 -10.02 -5.71
CA GLY A 10 -1.17 -10.33 -4.34
C GLY A 10 0.18 -10.99 -4.27
N LYS A 11 0.50 -11.72 -5.33
CA LYS A 11 1.80 -12.36 -5.51
C LYS A 11 2.87 -11.36 -6.04
N PRO A 12 2.66 -10.62 -7.20
CA PRO A 12 3.66 -9.68 -7.72
C PRO A 12 3.68 -8.29 -7.03
N GLY A 13 2.98 -8.18 -5.90
CA GLY A 13 2.92 -6.95 -5.13
C GLY A 13 2.28 -5.77 -5.84
N LEU A 14 3.13 -4.80 -6.19
CA LEU A 14 2.69 -3.52 -6.73
C LEU A 14 3.57 -3.11 -7.90
N TYR A 15 2.98 -2.37 -8.84
CA TYR A 15 3.70 -1.89 -10.02
C TYR A 15 3.34 -0.43 -10.34
N LYS A 16 4.27 0.28 -10.95
CA LYS A 16 4.08 1.70 -11.27
C LYS A 16 3.46 1.86 -12.66
N LEU A 17 2.33 2.55 -12.74
CA LEU A 17 1.58 2.66 -13.98
C LEU A 17 2.08 3.84 -14.80
N ILE A 18 2.45 3.56 -16.04
CA ILE A 18 2.81 4.60 -16.99
C ILE A 18 1.61 4.94 -17.85
N SER A 19 1.08 3.92 -18.54
CA SER A 19 -0.04 4.09 -19.46
C SER A 19 -0.99 2.90 -19.34
N GLN A 20 -2.29 3.16 -19.40
CA GLN A 20 -3.27 2.09 -19.35
C GLN A 20 -3.95 1.94 -20.71
N GLY A 21 -3.77 0.77 -21.33
CA GLY A 21 -4.38 0.49 -22.62
C GLY A 21 -5.61 -0.38 -22.51
N LYS A 22 -5.88 -1.11 -23.59
CA LYS A 22 -7.02 -2.02 -23.64
C LYS A 22 -6.56 -3.43 -23.29
N ASN A 23 -7.32 -4.09 -22.40
CA ASN A 23 -7.04 -5.45 -21.84
C ASN A 23 -5.90 -5.41 -20.80
N MET A 24 -4.77 -4.91 -21.23
CA MET A 24 -3.56 -4.83 -20.45
C MET A 24 -3.08 -3.40 -20.38
N LEU A 25 -2.33 -3.11 -19.34
CA LEU A 25 -1.66 -1.83 -19.22
C LEU A 25 -0.15 -2.04 -19.19
N ILE A 26 0.56 -0.94 -19.01
CA ILE A 26 1.99 -0.92 -19.04
C ILE A 26 2.48 -0.43 -17.68
N VAL A 27 3.04 -1.34 -16.92
CA VAL A 27 3.58 -1.03 -15.61
C VAL A 27 5.06 -1.34 -15.56
N GLU A 28 5.78 -0.70 -14.66
CA GLU A 28 7.17 -1.00 -14.44
C GLU A 28 7.38 -1.50 -13.02
N THR A 29 8.20 -2.55 -12.90
CA THR A 29 8.62 -3.09 -11.62
C THR A 29 9.28 -2.01 -10.77
N VAL A 30 8.71 -1.83 -9.58
CA VAL A 30 9.18 -0.86 -8.61
C VAL A 30 10.54 -1.25 -7.98
N ASP A 31 10.82 -2.55 -7.91
CA ASP A 31 12.03 -3.05 -7.27
C ASP A 31 12.75 -4.08 -8.15
N ALA A 32 13.93 -4.51 -7.67
CA ALA A 32 14.72 -5.65 -8.20
C ALA A 32 15.14 -5.47 -9.66
N ALA A 33 14.30 -5.93 -10.58
CA ALA A 33 14.60 -5.92 -12.00
C ALA A 33 14.30 -4.56 -12.62
N LYS A 34 13.08 -4.04 -12.33
CA LYS A 34 12.58 -2.76 -12.85
C LYS A 34 12.42 -2.83 -14.38
N LYS A 35 11.40 -3.59 -14.80
CA LYS A 35 11.14 -3.85 -16.21
C LYS A 35 9.69 -3.48 -16.55
N ARG A 36 9.41 -3.30 -17.83
CA ARG A 36 8.06 -2.95 -18.27
C ARG A 36 7.28 -4.22 -18.55
N VAL A 37 6.35 -4.51 -17.64
CA VAL A 37 5.59 -5.73 -17.66
C VAL A 37 4.19 -5.47 -18.22
N PRO A 38 3.75 -6.26 -19.22
CA PRO A 38 2.36 -6.24 -19.69
C PRO A 38 1.42 -6.92 -18.69
N ALA A 39 0.70 -6.12 -17.92
CA ALA A 39 -0.15 -6.64 -16.86
C ALA A 39 -1.60 -6.59 -17.29
N TYR A 40 -2.21 -7.75 -17.33
CA TYR A 40 -3.56 -7.88 -17.82
C TYR A 40 -4.55 -7.68 -16.68
N ALA A 41 -5.71 -7.09 -17.00
CA ALA A 41 -6.71 -6.70 -16.00
C ALA A 41 -7.56 -7.87 -15.48
N HIS A 42 -7.12 -9.08 -15.76
CA HIS A 42 -7.73 -10.29 -15.23
C HIS A 42 -6.94 -10.79 -14.01
N ASP A 43 -5.82 -10.11 -13.72
CA ASP A 43 -4.92 -10.49 -12.64
C ASP A 43 -5.10 -9.59 -11.42
N LYS A 44 -6.34 -9.13 -11.19
CA LYS A 44 -6.68 -8.18 -10.11
C LYS A 44 -5.87 -6.88 -10.25
N VAL A 45 -6.24 -6.05 -11.22
CA VAL A 45 -5.58 -4.78 -11.43
C VAL A 45 -6.38 -3.68 -10.74
N ILE A 46 -5.84 -3.25 -9.63
CA ILE A 46 -6.44 -2.25 -8.76
C ILE A 46 -5.52 -1.05 -8.74
N SER A 47 -6.03 0.16 -8.55
CA SER A 47 -5.17 1.29 -8.23
C SER A 47 -5.12 1.42 -6.70
N LEU A 48 -3.97 1.80 -6.14
CA LEU A 48 -3.78 1.86 -4.67
C LEU A 48 -4.63 2.97 -4.03
N ALA A 49 -4.90 4.03 -4.80
CA ALA A 49 -5.69 5.15 -4.32
C ALA A 49 -7.20 4.83 -4.29
N ASP A 50 -7.58 3.69 -4.89
CA ASP A 50 -8.99 3.28 -5.01
C ASP A 50 -9.50 2.60 -3.73
N ILE A 51 -8.61 1.90 -3.01
CA ILE A 51 -8.98 1.25 -1.75
C ILE A 51 -9.26 2.33 -0.70
N ALA A 52 -10.20 2.06 0.20
CA ALA A 52 -10.70 3.05 1.13
C ALA A 52 -11.10 2.39 2.45
N MET A 53 -11.38 3.22 3.44
CA MET A 53 -11.67 2.79 4.80
C MET A 53 -12.73 3.72 5.38
N TYR A 54 -13.75 3.15 6.00
CA TYR A 54 -14.78 3.95 6.63
C TYR A 54 -14.70 3.77 8.14
N THR A 55 -14.57 4.89 8.82
CA THR A 55 -14.34 4.94 10.25
C THR A 55 -15.26 6.04 10.85
N ASP A 56 -14.94 6.58 12.04
CA ASP A 56 -15.70 7.69 12.65
C ASP A 56 -15.11 9.04 12.19
N ALA A 57 -14.34 8.94 11.12
CA ALA A 57 -13.74 10.04 10.40
C ALA A 57 -14.46 10.12 9.05
N GLU A 58 -13.76 10.53 7.99
CA GLU A 58 -14.43 10.77 6.72
C GLU A 58 -14.17 9.55 5.82
N GLU A 59 -14.22 9.71 4.51
CA GLU A 59 -13.88 8.62 3.63
C GLU A 59 -12.37 8.64 3.40
N VAL A 60 -11.69 7.76 4.11
CA VAL A 60 -10.24 7.76 4.13
C VAL A 60 -9.72 6.87 3.01
N PRO A 61 -8.87 7.42 2.10
CA PRO A 61 -8.14 6.61 1.13
C PRO A 61 -7.14 5.71 1.82
N LEU A 62 -6.76 4.61 1.16
CA LEU A 62 -5.81 3.67 1.74
C LEU A 62 -4.44 4.32 1.95
N SER A 63 -4.13 5.31 1.11
CA SER A 63 -2.91 6.11 1.21
C SER A 63 -2.78 6.80 2.57
N GLU A 64 -3.86 7.37 3.10
CA GLU A 64 -3.82 8.06 4.39
C GLU A 64 -3.61 7.07 5.55
N VAL A 65 -4.26 5.91 5.44
CA VAL A 65 -4.01 4.74 6.31
C VAL A 65 -2.52 4.30 6.32
N LEU A 66 -1.94 4.11 5.11
CA LEU A 66 -0.53 3.70 4.94
C LEU A 66 0.44 4.71 5.54
N GLU A 67 0.03 5.97 5.48
CA GLU A 67 0.81 7.09 5.98
C GLU A 67 0.80 7.15 7.50
N ALA A 68 -0.40 6.96 8.08
CA ALA A 68 -0.63 7.21 9.50
C ALA A 68 0.18 6.30 10.43
N VAL A 69 0.14 4.99 10.16
CA VAL A 69 0.85 3.99 10.98
C VAL A 69 2.39 4.10 10.85
N LYS A 70 2.86 4.43 9.64
CA LYS A 70 4.28 4.63 9.36
C LYS A 70 4.81 5.91 10.05
N LYS A 71 3.95 6.94 10.09
CA LYS A 71 4.27 8.25 10.68
C LYS A 71 4.44 8.18 12.20
N LYS A 72 3.84 7.16 12.83
CA LYS A 72 3.92 6.98 14.29
C LYS A 72 5.38 6.76 14.76
N GLU A 73 6.13 5.94 14.03
CA GLU A 73 7.53 5.68 14.35
C GLU A 73 8.45 6.41 13.36
N ASN A 74 7.84 7.22 12.47
CA ASN A 74 8.54 8.05 11.46
C ASN A 74 9.43 7.24 10.53
N GLY A 75 8.85 6.50 9.59
CA GLY A 75 9.65 5.78 8.63
C GLY A 75 9.71 4.31 8.93
N ALA A 76 8.60 3.77 9.42
CA ALA A 76 8.49 2.37 9.79
C ALA A 76 7.89 1.55 8.65
N VAL A 77 8.38 0.32 8.49
CA VAL A 77 7.92 -0.57 7.41
C VAL A 77 6.64 -1.31 7.85
N ALA A 78 6.79 -2.49 8.44
CA ALA A 78 5.65 -3.25 8.95
C ALA A 78 6.05 -4.04 10.18
N SER A 79 5.71 -3.52 11.35
CA SER A 79 6.10 -4.11 12.62
C SER A 79 5.00 -5.03 13.17
N ILE A 80 4.42 -5.84 12.29
CA ILE A 80 3.31 -6.72 12.64
C ILE A 80 3.41 -8.08 11.92
N ASN A 81 3.58 -8.04 10.57
CA ASN A 81 3.55 -9.21 9.66
C ASN A 81 2.12 -9.80 9.53
N TYR A 82 1.78 -10.32 8.35
CA TYR A 82 0.38 -10.63 8.05
C TYR A 82 0.01 -12.10 8.18
N LYS A 83 0.96 -12.98 8.50
CA LYS A 83 0.63 -14.40 8.64
C LYS A 83 0.83 -14.88 10.08
N LYS A 84 1.74 -14.24 10.81
CA LYS A 84 1.98 -14.59 12.21
C LYS A 84 1.05 -13.82 13.15
N ALA A 85 0.42 -12.76 12.65
CA ALA A 85 -0.49 -11.98 13.45
C ALA A 85 -1.92 -12.39 13.16
N SER A 86 -2.72 -12.43 14.22
CA SER A 86 -4.12 -12.83 14.15
C SER A 86 -4.98 -11.73 13.50
N ALA A 87 -6.28 -11.99 13.38
CA ALA A 87 -7.21 -11.06 12.76
C ALA A 87 -7.57 -9.94 13.74
N ASP A 88 -7.53 -10.29 15.03
CA ASP A 88 -7.78 -9.34 16.12
C ASP A 88 -6.56 -8.46 16.37
N GLU A 89 -5.37 -9.06 16.24
CA GLU A 89 -4.08 -8.37 16.45
C GLU A 89 -3.79 -7.40 15.31
N LEU A 90 -4.33 -7.72 14.14
CA LEU A 90 -4.31 -6.87 12.96
C LEU A 90 -5.03 -5.55 13.21
N HIS A 91 -6.16 -5.63 13.92
CA HIS A 91 -6.97 -4.46 14.27
C HIS A 91 -6.34 -3.68 15.43
N ALA A 92 -5.53 -4.36 16.26
CA ALA A 92 -4.83 -3.71 17.37
C ALA A 92 -3.64 -2.88 16.89
N TYR A 93 -3.06 -3.28 15.74
CA TYR A 93 -1.98 -2.51 15.08
C TYR A 93 -2.58 -1.28 14.39
N PHE A 94 -3.84 -1.39 13.98
CA PHE A 94 -4.56 -0.30 13.34
C PHE A 94 -4.96 0.74 14.39
N ALA A 95 -5.14 0.26 15.64
CA ALA A 95 -5.51 1.09 16.77
C ALA A 95 -4.31 1.83 17.38
N GLU A 96 -3.13 1.72 16.75
CA GLU A 96 -1.94 2.43 17.19
C GLU A 96 -2.03 3.92 16.83
N VAL A 97 -2.69 4.21 15.72
CA VAL A 97 -2.84 5.58 15.25
C VAL A 97 -4.32 5.97 15.14
N LEU A 98 -5.18 4.98 14.92
CA LEU A 98 -6.62 5.21 14.85
C LEU A 98 -7.33 4.45 15.98
N PRO A 99 -7.60 5.11 17.13
CA PRO A 99 -8.46 4.53 18.18
C PRO A 99 -9.91 4.47 17.72
N ASN A 100 -10.31 5.43 16.89
CA ASN A 100 -11.56 5.38 16.19
C ASN A 100 -11.36 4.68 14.86
N TYR A 101 -11.96 3.51 14.75
CA TYR A 101 -11.97 2.74 13.51
C TYR A 101 -13.15 1.77 13.55
N ASP A 102 -13.43 1.12 12.44
CA ASP A 102 -14.59 0.24 12.36
C ASP A 102 -14.17 -1.22 12.34
N ARG A 103 -15.13 -2.11 12.50
CA ARG A 103 -14.88 -3.55 12.52
C ARG A 103 -15.53 -4.26 11.33
N ASP A 104 -16.33 -3.53 10.56
CA ASP A 104 -16.99 -4.07 9.38
C ASP A 104 -16.66 -3.25 8.15
N ARG A 105 -16.62 -1.92 8.33
CA ARG A 105 -16.23 -1.01 7.26
C ARG A 105 -14.71 -0.98 7.11
N VAL A 106 -14.01 -1.22 8.21
CA VAL A 106 -12.64 -1.69 8.18
C VAL A 106 -12.71 -3.21 8.30
N HIS A 107 -12.37 -3.90 7.21
CA HIS A 107 -12.85 -5.26 6.96
C HIS A 107 -11.99 -6.34 7.67
N ASN A 108 -11.12 -7.01 6.91
CA ASN A 108 -10.30 -8.12 7.43
C ASN A 108 -9.03 -8.29 6.58
N GLY A 109 -9.23 -8.65 5.32
CA GLY A 109 -8.11 -8.93 4.42
C GLY A 109 -7.54 -7.66 3.78
N ASP A 110 -8.27 -6.55 3.93
CA ASP A 110 -7.86 -5.22 3.45
C ASP A 110 -6.59 -4.72 4.15
N ILE A 111 -6.52 -4.93 5.47
CA ILE A 111 -5.35 -4.62 6.26
C ILE A 111 -4.26 -5.69 6.04
N LYS A 112 -4.66 -6.95 5.84
CA LYS A 112 -3.70 -8.05 5.67
C LYS A 112 -2.87 -7.95 4.38
N LYS A 113 -3.50 -7.53 3.27
CA LYS A 113 -2.79 -7.35 2.00
C LYS A 113 -1.93 -6.07 2.04
N LEU A 114 -2.34 -5.12 2.87
CA LEU A 114 -1.67 -3.84 3.02
C LEU A 114 -0.38 -3.98 3.85
N ILE A 115 -0.26 -5.05 4.66
CA ILE A 115 0.98 -5.33 5.41
C ILE A 115 2.11 -5.68 4.44
N SER A 116 1.74 -6.45 3.40
CA SER A 116 2.66 -6.81 2.33
C SER A 116 3.04 -5.58 1.50
N TRP A 117 2.10 -4.64 1.39
CA TRP A 117 2.29 -3.43 0.60
C TRP A 117 3.17 -2.41 1.31
N TYR A 118 3.19 -2.42 2.66
CA TYR A 118 4.12 -1.59 3.46
C TYR A 118 5.56 -1.88 3.09
N ASN A 119 5.86 -3.17 2.96
CA ASN A 119 7.20 -3.65 2.64
C ASN A 119 7.71 -3.12 1.29
N ILE A 120 6.78 -2.98 0.34
CA ILE A 120 7.09 -2.48 -1.00
C ILE A 120 7.17 -0.93 -1.02
N LEU A 121 6.16 -0.29 -0.43
CA LEU A 121 5.96 1.16 -0.51
C LEU A 121 6.95 1.97 0.31
N VAL A 122 7.20 1.50 1.55
CA VAL A 122 8.15 2.16 2.47
C VAL A 122 9.60 1.96 2.01
N ASN A 123 9.83 0.84 1.30
CA ASN A 123 11.16 0.47 0.79
C ASN A 123 11.72 1.52 -0.18
N ASN A 124 10.97 1.83 -1.22
CA ASN A 124 11.41 2.78 -2.25
C ASN A 124 11.05 4.22 -1.89
N GLY A 125 10.25 4.40 -0.82
CA GLY A 125 9.78 5.72 -0.43
C GLY A 125 8.78 6.29 -1.41
N ILE A 126 7.82 5.46 -1.80
CA ILE A 126 6.87 5.79 -2.86
C ILE A 126 5.90 6.88 -2.38
N THR A 127 5.71 7.90 -3.21
CA THR A 127 4.94 9.08 -2.84
C THR A 127 3.43 8.94 -3.14
N GLU A 128 2.88 7.77 -2.83
CA GLU A 128 1.45 7.52 -3.03
C GLU A 128 0.64 7.93 -1.81
N PHE A 129 1.33 8.11 -0.69
CA PHE A 129 0.69 8.43 0.57
C PHE A 129 1.15 9.78 1.09
N VAL A 130 2.44 10.04 0.99
CA VAL A 130 3.02 11.28 1.45
C VAL A 130 3.63 12.05 0.27
N GLU A 131 3.74 13.36 0.42
CA GLU A 131 4.40 14.21 -0.56
C GLU A 131 5.83 14.53 -0.11
N ALA A 132 6.36 13.72 0.81
CA ALA A 132 7.68 13.91 1.39
C ALA A 132 8.79 13.47 0.44
N PRO A 133 10.06 13.92 0.65
CA PRO A 133 11.23 13.44 -0.11
C PRO A 133 11.76 12.07 0.37
N ALA A 134 10.83 11.11 0.55
CA ALA A 134 11.16 9.73 0.85
C ALA A 134 11.77 9.08 -0.39
N LEU A 135 11.22 9.43 -1.55
CA LEU A 135 11.86 9.17 -2.82
C LEU A 135 12.76 10.36 -3.13
N GLU A 136 14.00 10.07 -3.50
CA GLU A 136 14.99 11.11 -3.82
C GLU A 136 14.62 11.85 -5.12
N HIS A 137 14.51 11.11 -6.21
CA HIS A 137 14.29 11.73 -7.51
C HIS A 137 12.79 11.77 -7.82
N HIS A 138 12.20 12.94 -7.70
CA HIS A 138 10.78 13.12 -8.02
C HIS A 138 10.53 14.46 -8.73
N HIS A 139 10.69 14.43 -10.06
CA HIS A 139 10.44 15.60 -10.91
C HIS A 139 9.82 15.18 -12.24
N HIS A 140 10.40 14.16 -12.87
CA HIS A 140 9.85 13.61 -14.12
C HIS A 140 9.73 12.09 -14.00
N HIS A 141 9.42 11.40 -15.09
CA HIS A 141 9.27 9.95 -15.05
C HIS A 141 10.59 9.27 -15.43
N HIS A 142 11.48 9.16 -14.44
CA HIS A 142 12.71 8.38 -14.55
C HIS A 142 13.00 7.69 -13.21
N MET A 1 3.51 9.92 -7.12
CA MET A 1 3.06 10.93 -6.14
C MET A 1 1.65 10.55 -5.65
N LEU A 2 0.77 10.30 -6.60
CA LEU A 2 -0.48 9.57 -6.35
C LEU A 2 -0.95 9.00 -7.69
N LYS A 3 -1.41 7.73 -7.65
CA LYS A 3 -1.91 6.97 -8.82
C LYS A 3 -0.75 6.69 -9.82
N THR A 4 0.45 6.63 -9.28
CA THR A 4 1.61 6.19 -10.04
C THR A 4 1.78 4.71 -9.79
N ILE A 5 1.62 4.35 -8.53
CA ILE A 5 1.53 2.98 -8.13
C ILE A 5 0.10 2.49 -8.25
N LEU A 6 -0.07 1.49 -9.08
CA LEU A 6 -1.28 0.73 -9.11
C LEU A 6 -1.01 -0.63 -8.51
N SER A 7 -1.94 -1.07 -7.70
CA SER A 7 -1.82 -2.27 -6.93
C SER A 7 -2.27 -3.46 -7.75
N ILE A 8 -1.48 -4.51 -7.64
CA ILE A 8 -1.76 -5.75 -8.31
C ILE A 8 -2.10 -6.78 -7.24
N ALA A 9 -3.37 -7.18 -7.21
CA ALA A 9 -3.87 -8.02 -6.14
C ALA A 9 -3.78 -9.50 -6.50
N GLY A 10 -2.76 -10.15 -5.97
CA GLY A 10 -2.57 -11.57 -6.19
C GLY A 10 -1.12 -11.97 -6.19
N LYS A 11 -0.61 -12.29 -7.38
CA LYS A 11 0.70 -12.92 -7.53
C LYS A 11 1.88 -11.90 -7.56
N PRO A 12 1.86 -10.80 -8.39
CA PRO A 12 2.90 -9.75 -8.33
C PRO A 12 2.73 -8.75 -7.15
N GLY A 13 3.16 -7.48 -7.35
CA GLY A 13 3.21 -6.52 -6.27
C GLY A 13 2.63 -5.17 -6.68
N LEU A 14 3.51 -4.19 -6.90
CA LEU A 14 3.06 -2.85 -7.24
C LEU A 14 3.81 -2.34 -8.47
N TYR A 15 3.05 -1.92 -9.48
CA TYR A 15 3.64 -1.50 -10.73
C TYR A 15 3.20 -0.09 -11.10
N LYS A 16 4.02 0.56 -11.91
CA LYS A 16 3.70 1.85 -12.47
C LYS A 16 2.90 1.67 -13.74
N LEU A 17 1.62 1.98 -13.69
CA LEU A 17 0.76 1.91 -14.86
C LEU A 17 0.96 3.20 -15.67
N ILE A 18 1.56 3.04 -16.84
CA ILE A 18 1.77 4.15 -17.77
C ILE A 18 0.46 4.44 -18.49
N SER A 19 -0.10 3.40 -19.10
CA SER A 19 -1.33 3.52 -19.88
C SER A 19 -2.01 2.16 -19.98
N GLN A 20 -3.32 2.16 -19.79
CA GLN A 20 -4.11 0.97 -19.99
C GLN A 20 -4.45 0.81 -21.46
N GLY A 21 -3.89 -0.23 -22.07
CA GLY A 21 -4.02 -0.40 -23.50
C GLY A 21 -5.04 -1.46 -23.87
N LYS A 22 -5.03 -1.84 -25.14
CA LYS A 22 -5.97 -2.84 -25.66
C LYS A 22 -5.60 -4.26 -25.23
N ASN A 23 -6.39 -4.77 -24.26
CA ASN A 23 -6.24 -6.09 -23.59
C ASN A 23 -5.10 -6.10 -22.58
N MET A 24 -3.92 -5.71 -23.04
CA MET A 24 -2.72 -5.70 -22.27
C MET A 24 -2.42 -4.28 -21.77
N LEU A 25 -1.97 -4.19 -20.54
CA LEU A 25 -1.58 -2.93 -19.90
C LEU A 25 -0.07 -2.74 -19.99
N ILE A 26 0.34 -1.48 -20.08
CA ILE A 26 1.76 -1.15 -20.01
C ILE A 26 2.09 -0.75 -18.57
N VAL A 27 2.79 -1.62 -17.86
CA VAL A 27 3.27 -1.30 -16.53
C VAL A 27 4.78 -1.45 -16.49
N GLU A 28 5.40 -0.84 -15.50
CA GLU A 28 6.82 -1.00 -15.26
C GLU A 28 7.08 -1.27 -13.80
N THR A 29 8.18 -1.95 -13.53
CA THR A 29 8.63 -2.14 -12.16
C THR A 29 9.38 -0.88 -11.73
N VAL A 30 8.98 -0.37 -10.57
CA VAL A 30 9.54 0.86 -9.98
C VAL A 30 11.07 0.81 -9.90
N ASP A 31 11.60 -0.15 -9.15
CA ASP A 31 13.04 -0.37 -9.08
C ASP A 31 13.28 -1.86 -8.82
N ALA A 32 14.56 -2.23 -8.58
CA ALA A 32 15.04 -3.63 -8.38
C ALA A 32 15.05 -4.46 -9.67
N ALA A 33 13.94 -4.47 -10.41
CA ALA A 33 13.87 -5.16 -11.70
C ALA A 33 13.86 -4.12 -12.81
N LYS A 34 13.13 -3.00 -12.57
CA LYS A 34 12.95 -1.88 -13.53
C LYS A 34 12.53 -2.31 -14.95
N LYS A 35 11.77 -3.39 -15.04
CA LYS A 35 11.40 -3.97 -16.33
C LYS A 35 10.02 -3.50 -16.78
N ARG A 36 9.82 -3.43 -18.09
CA ARG A 36 8.50 -3.13 -18.65
C ARG A 36 7.70 -4.42 -18.72
N VAL A 37 6.77 -4.55 -17.78
CA VAL A 37 5.99 -5.75 -17.59
C VAL A 37 4.68 -5.66 -18.40
N PRO A 38 4.31 -6.73 -19.14
CA PRO A 38 2.99 -6.83 -19.73
C PRO A 38 1.94 -7.30 -18.71
N ALA A 39 1.13 -6.35 -18.25
CA ALA A 39 0.00 -6.64 -17.37
C ALA A 39 -1.25 -6.83 -18.21
N TYR A 40 -2.37 -7.20 -17.61
CA TYR A 40 -3.60 -7.38 -18.36
C TYR A 40 -4.79 -6.77 -17.65
N ALA A 41 -5.85 -6.50 -18.42
CA ALA A 41 -7.10 -5.95 -17.89
C ALA A 41 -7.99 -7.06 -17.30
N HIS A 42 -7.51 -8.31 -17.39
CA HIS A 42 -8.20 -9.45 -16.79
C HIS A 42 -7.63 -9.75 -15.39
N ASP A 43 -6.68 -8.91 -14.96
CA ASP A 43 -6.06 -9.03 -13.66
C ASP A 43 -6.60 -7.91 -12.76
N LYS A 44 -6.45 -8.04 -11.45
CA LYS A 44 -6.90 -7.03 -10.50
C LYS A 44 -5.90 -5.88 -10.40
N VAL A 45 -6.11 -4.87 -11.26
CA VAL A 45 -5.27 -3.68 -11.28
C VAL A 45 -6.09 -2.49 -10.77
N ILE A 46 -5.82 -2.09 -9.52
CA ILE A 46 -6.55 -1.02 -8.86
C ILE A 46 -5.54 0.02 -8.40
N SER A 47 -5.80 1.31 -8.68
CA SER A 47 -4.90 2.39 -8.23
C SER A 47 -4.76 2.40 -6.69
N LEU A 48 -3.53 2.51 -6.20
CA LEU A 48 -3.29 2.52 -4.75
C LEU A 48 -3.74 3.85 -4.12
N ALA A 49 -3.78 4.91 -4.94
CA ALA A 49 -4.37 6.18 -4.53
C ALA A 49 -5.90 6.07 -4.36
N ASP A 50 -6.48 5.11 -5.10
CA ASP A 50 -7.92 4.87 -5.12
C ASP A 50 -8.35 3.95 -3.95
N ILE A 51 -7.37 3.24 -3.35
CA ILE A 51 -7.65 2.37 -2.19
C ILE A 51 -8.06 3.22 -0.98
N ALA A 52 -9.21 2.90 -0.42
CA ALA A 52 -9.71 3.57 0.77
C ALA A 52 -10.40 2.55 1.68
N MET A 53 -10.66 2.95 2.91
CA MET A 53 -11.38 2.14 3.86
C MET A 53 -12.57 2.94 4.38
N TYR A 54 -13.64 2.24 4.73
CA TYR A 54 -14.78 2.89 5.34
C TYR A 54 -14.68 2.74 6.84
N THR A 55 -14.89 3.83 7.54
CA THR A 55 -14.79 3.81 9.00
C THR A 55 -16.10 4.29 9.61
N ASP A 56 -16.11 4.41 10.94
CA ASP A 56 -17.25 4.99 11.67
C ASP A 56 -17.27 6.51 11.45
N ALA A 57 -16.07 7.04 11.22
CA ALA A 57 -15.86 8.42 10.77
C ALA A 57 -15.96 8.48 9.23
N GLU A 58 -15.34 9.50 8.61
CA GLU A 58 -15.42 9.70 7.17
C GLU A 58 -14.70 8.63 6.34
N GLU A 59 -14.75 8.79 5.02
CA GLU A 59 -14.12 7.87 4.10
C GLU A 59 -12.64 8.18 4.08
N VAL A 60 -11.90 7.36 4.77
CA VAL A 60 -10.49 7.54 4.92
C VAL A 60 -9.77 6.74 3.84
N PRO A 61 -9.00 7.41 2.94
CA PRO A 61 -8.13 6.72 2.00
C PRO A 61 -7.06 5.94 2.75
N LEU A 62 -6.65 4.82 2.18
CA LEU A 62 -5.64 3.98 2.81
C LEU A 62 -4.32 4.73 2.94
N SER A 63 -4.06 5.63 2.00
CA SER A 63 -2.87 6.46 1.95
C SER A 63 -2.59 7.22 3.27
N GLU A 64 -3.61 7.86 3.85
CA GLU A 64 -3.40 8.68 5.06
C GLU A 64 -3.27 7.83 6.34
N VAL A 65 -4.03 6.74 6.47
CA VAL A 65 -3.87 5.84 7.63
C VAL A 65 -2.58 5.00 7.56
N LEU A 66 -2.17 4.62 6.34
CA LEU A 66 -0.89 3.95 6.07
C LEU A 66 0.31 4.84 6.44
N GLU A 67 0.12 6.15 6.33
CA GLU A 67 1.14 7.11 6.72
C GLU A 67 1.24 7.19 8.26
N ALA A 68 0.09 7.20 8.93
CA ALA A 68 0.01 7.42 10.38
C ALA A 68 0.50 6.24 11.20
N VAL A 69 0.21 5.02 10.74
CA VAL A 69 0.62 3.79 11.45
C VAL A 69 2.12 3.52 11.27
N LYS A 70 2.66 3.88 10.11
CA LYS A 70 4.10 3.85 9.85
C LYS A 70 4.84 4.89 10.67
N LYS A 71 4.18 6.05 10.90
CA LYS A 71 4.76 7.21 11.60
C LYS A 71 5.05 6.89 13.08
N LYS A 72 4.33 5.90 13.64
CA LYS A 72 4.62 5.37 14.99
C LYS A 72 6.06 4.84 15.04
N GLU A 73 6.46 4.08 14.02
CA GLU A 73 7.80 3.50 13.95
C GLU A 73 8.74 4.35 13.07
N ASN A 74 8.43 5.65 12.96
CA ASN A 74 9.28 6.69 12.33
C ASN A 74 9.45 6.47 10.80
N GLY A 75 8.42 5.92 10.17
CA GLY A 75 8.46 5.70 8.73
C GLY A 75 9.16 4.42 8.33
N ALA A 76 9.06 3.40 9.17
CA ALA A 76 9.70 2.10 8.90
C ALA A 76 8.72 1.11 8.27
N VAL A 77 9.21 -0.09 7.96
CA VAL A 77 8.37 -1.19 7.50
C VAL A 77 7.67 -1.80 8.73
N ALA A 78 6.54 -2.47 8.51
CA ALA A 78 5.77 -3.12 9.57
C ALA A 78 6.59 -4.13 10.36
N SER A 79 6.60 -3.96 11.67
CA SER A 79 7.23 -4.93 12.55
C SER A 79 6.19 -5.99 12.99
N ILE A 80 4.90 -5.69 12.72
CA ILE A 80 3.81 -6.62 13.01
C ILE A 80 3.81 -7.78 12.01
N ASN A 81 3.81 -9.01 12.54
CA ASN A 81 3.75 -10.21 11.72
C ASN A 81 2.28 -10.59 11.50
N TYR A 82 1.81 -10.31 10.30
CA TYR A 82 0.40 -10.40 9.91
C TYR A 82 -0.15 -11.83 9.86
N LYS A 83 0.69 -12.80 9.55
CA LYS A 83 0.22 -14.15 9.18
C LYS A 83 -0.05 -15.02 10.41
N LYS A 84 0.51 -14.62 11.55
CA LYS A 84 0.34 -15.35 12.78
C LYS A 84 -0.25 -14.43 13.86
N ALA A 85 -0.74 -13.27 13.43
CA ALA A 85 -1.45 -12.36 14.30
C ALA A 85 -2.93 -12.67 14.23
N SER A 86 -3.59 -12.64 15.38
CA SER A 86 -5.01 -12.94 15.47
C SER A 86 -5.87 -11.83 14.87
N ALA A 87 -7.17 -12.10 14.76
CA ALA A 87 -8.15 -11.15 14.23
C ALA A 87 -8.18 -9.84 15.06
N ASP A 88 -8.02 -9.98 16.37
CA ASP A 88 -7.95 -8.85 17.29
C ASP A 88 -6.60 -8.12 17.18
N GLU A 89 -5.53 -8.88 16.92
CA GLU A 89 -4.16 -8.33 16.92
C GLU A 89 -3.88 -7.47 15.67
N LEU A 90 -4.57 -7.77 14.56
CA LEU A 90 -4.52 -6.94 13.35
C LEU A 90 -5.07 -5.54 13.64
N HIS A 91 -6.17 -5.51 14.39
CA HIS A 91 -6.87 -4.28 14.74
C HIS A 91 -6.19 -3.54 15.88
N ALA A 92 -5.41 -4.26 16.70
CA ALA A 92 -4.71 -3.69 17.84
C ALA A 92 -3.55 -2.78 17.40
N TYR A 93 -3.01 -3.04 16.21
CA TYR A 93 -1.97 -2.22 15.61
C TYR A 93 -2.56 -0.90 15.09
N PHE A 94 -3.66 -1.01 14.37
CA PHE A 94 -4.22 0.11 13.62
C PHE A 94 -5.01 1.05 14.51
N ALA A 95 -5.58 0.52 15.61
CA ALA A 95 -6.40 1.30 16.56
C ALA A 95 -5.54 2.02 17.60
N GLU A 96 -4.25 2.07 17.35
CA GLU A 96 -3.32 2.76 18.22
C GLU A 96 -3.29 4.24 17.89
N VAL A 97 -2.86 4.56 16.66
CA VAL A 97 -2.80 5.95 16.20
C VAL A 97 -4.16 6.42 15.65
N LEU A 98 -5.04 5.45 15.35
CA LEU A 98 -6.43 5.75 15.02
C LEU A 98 -7.33 5.23 16.14
N PRO A 99 -7.66 6.08 17.15
CA PRO A 99 -8.48 5.66 18.32
C PRO A 99 -9.87 5.14 17.93
N ASN A 100 -10.49 5.80 16.97
CA ASN A 100 -11.73 5.33 16.39
C ASN A 100 -11.63 5.32 14.87
N TYR A 101 -11.45 4.14 14.31
CA TYR A 101 -11.61 3.96 12.89
C TYR A 101 -12.84 3.06 12.65
N ASP A 102 -12.63 1.75 12.44
CA ASP A 102 -13.71 0.76 12.31
C ASP A 102 -13.09 -0.64 12.26
N ARG A 103 -13.85 -1.67 12.59
CA ARG A 103 -13.32 -3.02 12.47
C ARG A 103 -14.24 -3.92 11.64
N ASP A 104 -15.37 -3.39 11.20
CA ASP A 104 -16.36 -4.15 10.43
C ASP A 104 -16.32 -3.76 8.95
N ARG A 105 -16.32 -2.44 8.70
CA ARG A 105 -16.24 -1.89 7.34
C ARG A 105 -14.81 -1.91 6.83
N VAL A 106 -13.85 -1.83 7.76
CA VAL A 106 -12.45 -2.09 7.44
C VAL A 106 -12.24 -3.61 7.35
N HIS A 107 -12.87 -4.33 8.29
CA HIS A 107 -12.81 -5.80 8.39
C HIS A 107 -11.36 -6.25 8.65
N ASN A 108 -11.01 -7.48 8.31
CA ASN A 108 -9.69 -8.01 8.62
C ASN A 108 -8.74 -7.90 7.44
N GLY A 109 -9.32 -7.96 6.23
CA GLY A 109 -8.54 -8.08 5.02
C GLY A 109 -7.87 -6.80 4.56
N ASP A 110 -8.44 -5.64 4.92
CA ASP A 110 -7.84 -4.34 4.56
C ASP A 110 -6.61 -4.01 5.38
N ILE A 111 -6.50 -4.63 6.55
CA ILE A 111 -5.28 -4.56 7.35
C ILE A 111 -4.24 -5.49 6.72
N LYS A 112 -4.67 -6.71 6.37
CA LYS A 112 -3.81 -7.77 5.83
C LYS A 112 -3.16 -7.39 4.48
N LYS A 113 -3.93 -6.71 3.62
CA LYS A 113 -3.46 -6.32 2.28
C LYS A 113 -2.43 -5.18 2.35
N LEU A 114 -2.58 -4.31 3.35
CA LEU A 114 -1.72 -3.14 3.48
C LEU A 114 -0.37 -3.51 4.10
N ILE A 115 -0.29 -4.69 4.77
CA ILE A 115 0.99 -5.19 5.31
C ILE A 115 1.95 -5.49 4.16
N SER A 116 1.38 -6.01 3.07
CA SER A 116 2.13 -6.33 1.86
C SER A 116 2.68 -5.05 1.20
N TRP A 117 1.87 -3.98 1.25
CA TRP A 117 2.22 -2.74 0.55
C TRP A 117 3.13 -1.84 1.39
N TYR A 118 3.15 -2.03 2.74
CA TYR A 118 4.17 -1.40 3.62
C TYR A 118 5.55 -1.71 3.09
N ASN A 119 5.75 -3.01 2.83
CA ASN A 119 7.03 -3.57 2.45
C ASN A 119 7.51 -3.05 1.09
N ILE A 120 6.63 -3.09 0.07
CA ILE A 120 7.01 -2.72 -1.31
C ILE A 120 7.28 -1.21 -1.44
N LEU A 121 6.45 -0.39 -0.77
CA LEU A 121 6.58 1.07 -0.85
C LEU A 121 7.87 1.59 -0.19
N VAL A 122 8.32 0.96 0.90
CA VAL A 122 9.61 1.31 1.53
C VAL A 122 10.79 0.78 0.68
N ASN A 123 10.66 -0.46 0.18
CA ASN A 123 11.77 -1.15 -0.54
C ASN A 123 12.20 -0.45 -1.82
N ASN A 124 11.24 0.05 -2.58
CA ASN A 124 11.53 0.75 -3.84
C ASN A 124 11.58 2.27 -3.64
N GLY A 125 11.33 2.69 -2.38
CA GLY A 125 11.37 4.09 -2.01
C GLY A 125 10.28 4.94 -2.62
N ILE A 126 9.11 4.34 -2.79
CA ILE A 126 7.97 4.99 -3.42
C ILE A 126 7.32 5.95 -2.44
N THR A 127 6.59 5.36 -1.48
CA THR A 127 5.90 6.06 -0.38
C THR A 127 5.11 7.30 -0.84
N GLU A 128 4.19 7.07 -1.79
CA GLU A 128 3.42 8.15 -2.38
C GLU A 128 2.12 8.43 -1.62
N PHE A 129 2.28 8.91 -0.39
CA PHE A 129 1.16 9.18 0.52
C PHE A 129 1.60 10.14 1.62
N VAL A 130 2.88 10.06 1.97
CA VAL A 130 3.51 10.98 2.92
C VAL A 130 4.08 12.19 2.17
N GLU A 131 4.11 12.07 0.81
CA GLU A 131 4.67 13.07 -0.13
C GLU A 131 6.19 13.20 -0.01
N ALA A 132 6.82 12.27 0.72
CA ALA A 132 8.25 12.24 0.91
C ALA A 132 8.79 10.87 0.52
N PRO A 133 9.20 10.69 -0.75
CA PRO A 133 9.72 9.42 -1.26
C PRO A 133 11.17 9.18 -0.83
N ALA A 134 11.40 7.99 -0.26
CA ALA A 134 12.75 7.59 0.18
C ALA A 134 13.63 7.27 -1.02
N LEU A 135 14.44 8.26 -1.42
CA LEU A 135 15.19 8.34 -2.70
C LEU A 135 14.27 8.35 -3.96
N GLU A 136 13.55 7.23 -4.25
CA GLU A 136 12.60 7.09 -5.39
C GLU A 136 13.31 7.08 -6.76
N HIS A 137 12.78 6.27 -7.66
CA HIS A 137 13.28 6.16 -9.02
C HIS A 137 12.84 7.37 -9.88
N HIS A 138 11.61 7.85 -9.63
CA HIS A 138 11.04 9.01 -10.33
C HIS A 138 11.77 10.30 -9.93
N HIS A 139 12.19 10.36 -8.68
CA HIS A 139 12.97 11.47 -8.15
C HIS A 139 14.41 11.36 -8.66
N HIS A 140 14.86 12.41 -9.32
CA HIS A 140 16.17 12.39 -9.99
C HIS A 140 17.26 13.06 -9.15
N HIS A 141 17.66 12.37 -8.11
CA HIS A 141 18.89 12.68 -7.38
C HIS A 141 19.99 11.73 -7.88
N HIS A 142 19.54 10.57 -8.38
CA HIS A 142 20.43 9.56 -8.93
C HIS A 142 20.14 9.33 -10.42
N MET A 1 1.70 10.16 -7.61
CA MET A 1 1.44 9.84 -6.18
C MET A 1 0.38 8.74 -6.01
N LEU A 2 -0.85 9.03 -6.41
CA LEU A 2 -1.96 8.09 -6.24
C LEU A 2 -2.55 7.74 -7.59
N LYS A 3 -3.17 6.55 -7.65
CA LYS A 3 -3.80 5.95 -8.86
C LYS A 3 -2.78 5.38 -9.83
N THR A 4 -1.56 5.90 -9.76
CA THR A 4 -0.44 5.42 -10.56
C THR A 4 0.09 4.12 -9.94
N ILE A 5 -0.06 4.02 -8.63
CA ILE A 5 0.28 2.80 -7.93
C ILE A 5 -0.89 1.81 -8.02
N LEU A 6 -0.59 0.67 -8.60
CA LEU A 6 -1.53 -0.41 -8.78
C LEU A 6 -1.15 -1.57 -7.90
N SER A 7 -2.15 -2.17 -7.28
CA SER A 7 -1.96 -3.35 -6.50
C SER A 7 -2.31 -4.58 -7.33
N ILE A 8 -1.51 -5.62 -7.22
CA ILE A 8 -1.75 -6.87 -7.91
C ILE A 8 -1.86 -7.98 -6.86
N ALA A 9 -2.93 -8.74 -6.93
CA ALA A 9 -3.18 -9.82 -5.97
C ALA A 9 -2.70 -11.18 -6.49
N GLY A 10 -1.87 -11.14 -7.53
CA GLY A 10 -1.33 -12.36 -8.11
C GLY A 10 0.04 -12.70 -7.56
N LYS A 11 1.07 -12.47 -8.37
CA LYS A 11 2.43 -12.85 -8.02
C LYS A 11 3.23 -11.66 -7.45
N PRO A 12 3.52 -10.55 -8.22
CA PRO A 12 4.26 -9.39 -7.70
C PRO A 12 3.33 -8.31 -7.10
N GLY A 13 3.63 -7.95 -5.85
CA GLY A 13 2.87 -6.95 -5.07
C GLY A 13 2.33 -5.72 -5.79
N LEU A 14 3.18 -4.74 -6.13
CA LEU A 14 2.67 -3.49 -6.67
C LEU A 14 3.45 -3.01 -7.89
N TYR A 15 2.74 -2.27 -8.72
CA TYR A 15 3.24 -1.78 -10.00
C TYR A 15 2.89 -0.32 -10.21
N LYS A 16 3.53 0.32 -11.18
CA LYS A 16 3.14 1.66 -11.61
C LYS A 16 2.58 1.61 -13.02
N LEU A 17 1.38 2.15 -13.20
CA LEU A 17 0.76 2.24 -14.50
C LEU A 17 1.43 3.34 -15.32
N ILE A 18 2.02 2.94 -16.45
CA ILE A 18 2.67 3.88 -17.36
C ILE A 18 1.67 4.27 -18.45
N SER A 19 1.20 3.28 -19.22
CA SER A 19 0.23 3.51 -20.27
C SER A 19 -0.84 2.42 -20.24
N GLN A 20 -2.09 2.83 -20.25
CA GLN A 20 -3.21 1.90 -20.23
C GLN A 20 -3.68 1.64 -21.65
N GLY A 21 -3.57 0.39 -22.07
CA GLY A 21 -4.05 0.00 -23.36
C GLY A 21 -5.33 -0.79 -23.24
N LYS A 22 -6.12 -0.78 -24.30
CA LYS A 22 -7.38 -1.52 -24.35
C LYS A 22 -7.17 -2.92 -24.94
N ASN A 23 -6.17 -3.60 -24.38
CA ASN A 23 -5.71 -4.93 -24.78
C ASN A 23 -4.77 -5.46 -23.71
N MET A 24 -3.84 -4.61 -23.31
CA MET A 24 -2.77 -4.97 -22.41
C MET A 24 -2.25 -3.70 -21.71
N LEU A 25 -1.83 -3.85 -20.46
CA LEU A 25 -1.33 -2.74 -19.68
C LEU A 25 0.19 -2.69 -19.69
N ILE A 26 0.70 -1.47 -19.70
CA ILE A 26 2.13 -1.22 -19.59
C ILE A 26 2.41 -0.74 -18.17
N VAL A 27 3.06 -1.59 -17.37
CA VAL A 27 3.38 -1.25 -15.99
C VAL A 27 4.88 -1.45 -15.72
N GLU A 28 5.40 -0.77 -14.72
CA GLU A 28 6.82 -0.91 -14.34
C GLU A 28 6.92 -1.45 -12.92
N THR A 29 7.93 -2.29 -12.71
CA THR A 29 8.19 -2.84 -11.38
C THR A 29 9.06 -1.85 -10.61
N VAL A 30 8.65 -1.54 -9.38
CA VAL A 30 9.33 -0.52 -8.57
C VAL A 30 10.66 -1.06 -7.98
N ASP A 31 10.73 -2.37 -7.78
CA ASP A 31 11.91 -3.01 -7.23
C ASP A 31 12.23 -4.27 -8.07
N ALA A 32 13.12 -5.14 -7.55
CA ALA A 32 13.44 -6.49 -8.08
C ALA A 32 14.29 -6.46 -9.35
N ALA A 33 13.75 -5.91 -10.43
CA ALA A 33 14.38 -5.95 -11.74
C ALA A 33 14.09 -4.64 -12.50
N LYS A 34 13.13 -3.85 -11.96
CA LYS A 34 12.64 -2.59 -12.57
C LYS A 34 12.21 -2.75 -14.03
N LYS A 35 11.54 -3.87 -14.32
CA LYS A 35 11.20 -4.23 -15.69
C LYS A 35 9.82 -3.70 -16.07
N ARG A 36 9.61 -3.53 -17.38
CA ARG A 36 8.28 -3.28 -17.90
C ARG A 36 7.57 -4.63 -18.08
N VAL A 37 6.40 -4.74 -17.49
CA VAL A 37 5.67 -5.98 -17.48
C VAL A 37 4.35 -5.81 -18.24
N PRO A 38 4.06 -6.74 -19.19
CA PRO A 38 2.75 -6.81 -19.81
C PRO A 38 1.66 -7.34 -18.84
N ALA A 39 0.88 -6.42 -18.30
CA ALA A 39 -0.16 -6.76 -17.35
C ALA A 39 -1.51 -6.92 -18.04
N TYR A 40 -2.40 -7.69 -17.44
CA TYR A 40 -3.71 -7.93 -18.02
C TYR A 40 -4.79 -7.75 -16.96
N ALA A 41 -5.88 -7.10 -17.35
CA ALA A 41 -6.96 -6.73 -16.43
C ALA A 41 -7.92 -7.90 -16.18
N HIS A 42 -7.52 -8.74 -15.20
CA HIS A 42 -8.32 -9.86 -14.70
C HIS A 42 -7.67 -10.44 -13.42
N ASP A 43 -6.39 -10.09 -13.20
CA ASP A 43 -5.56 -10.66 -12.14
C ASP A 43 -5.65 -9.80 -10.87
N LYS A 44 -6.87 -9.30 -10.59
CA LYS A 44 -7.17 -8.37 -9.50
C LYS A 44 -6.29 -7.12 -9.58
N VAL A 45 -6.46 -6.41 -10.70
CA VAL A 45 -5.74 -5.19 -10.95
C VAL A 45 -6.47 -4.04 -10.25
N ILE A 46 -5.89 -3.63 -9.15
CA ILE A 46 -6.51 -2.67 -8.24
C ILE A 46 -5.71 -1.38 -8.29
N SER A 47 -6.35 -0.25 -8.05
CA SER A 47 -5.63 0.99 -7.87
C SER A 47 -5.56 1.33 -6.38
N LEU A 48 -4.42 1.88 -5.93
CA LEU A 48 -4.24 2.32 -4.53
C LEU A 48 -5.09 3.55 -4.22
N ALA A 49 -5.51 4.27 -5.28
CA ALA A 49 -6.38 5.42 -5.14
C ALA A 49 -7.80 5.01 -4.72
N ASP A 50 -8.18 3.77 -5.05
CA ASP A 50 -9.51 3.24 -4.80
C ASP A 50 -9.64 2.68 -3.38
N ILE A 51 -8.52 2.48 -2.70
CA ILE A 51 -8.52 1.91 -1.36
C ILE A 51 -8.90 3.00 -0.35
N ALA A 52 -10.05 2.82 0.30
CA ALA A 52 -10.54 3.75 1.29
C ALA A 52 -10.89 3.03 2.58
N MET A 53 -10.67 3.70 3.69
CA MET A 53 -10.87 3.14 5.01
C MET A 53 -11.82 4.03 5.79
N TYR A 54 -12.93 3.45 6.23
CA TYR A 54 -13.96 4.21 6.92
C TYR A 54 -13.62 4.37 8.39
N THR A 55 -13.65 5.61 8.85
CA THR A 55 -13.34 5.94 10.24
C THR A 55 -14.57 6.56 10.90
N ASP A 56 -14.41 7.15 12.11
CA ASP A 56 -15.43 8.02 12.71
C ASP A 56 -15.68 9.25 11.84
N ALA A 57 -14.61 9.68 11.17
CA ALA A 57 -14.66 10.75 10.20
C ALA A 57 -15.02 10.19 8.82
N GLU A 58 -14.67 10.91 7.76
CA GLU A 58 -14.95 10.48 6.39
C GLU A 58 -14.13 9.24 5.97
N GLU A 59 -14.35 8.78 4.74
CA GLU A 59 -13.62 7.64 4.22
C GLU A 59 -12.25 8.09 3.74
N VAL A 60 -11.27 7.80 4.57
CA VAL A 60 -9.92 8.25 4.33
C VAL A 60 -9.23 7.28 3.39
N PRO A 61 -8.67 7.78 2.25
CA PRO A 61 -7.80 6.98 1.38
C PRO A 61 -6.67 6.33 2.16
N LEU A 62 -6.24 5.14 1.70
CA LEU A 62 -5.24 4.37 2.42
C LEU A 62 -3.91 5.11 2.51
N SER A 63 -3.62 5.98 1.55
CA SER A 63 -2.39 6.79 1.58
C SER A 63 -2.21 7.58 2.89
N GLU A 64 -3.30 8.16 3.41
CA GLU A 64 -3.24 8.95 4.62
C GLU A 64 -3.12 8.06 5.88
N VAL A 65 -3.99 7.03 5.97
CA VAL A 65 -4.02 6.15 7.15
C VAL A 65 -2.86 5.14 7.25
N LEU A 66 -2.30 4.72 6.08
CA LEU A 66 -1.08 3.89 5.98
C LEU A 66 0.12 4.63 6.56
N GLU A 67 0.16 5.94 6.24
CA GLU A 67 1.19 6.84 6.73
C GLU A 67 1.08 7.00 8.24
N ALA A 68 -0.14 7.33 8.72
CA ALA A 68 -0.40 7.75 10.10
C ALA A 68 0.02 6.71 11.15
N VAL A 69 -0.32 5.42 10.92
CA VAL A 69 -0.02 4.36 11.89
C VAL A 69 1.49 4.03 11.93
N LYS A 70 2.13 3.98 10.75
CA LYS A 70 3.54 3.67 10.60
C LYS A 70 4.45 4.81 11.11
N LYS A 71 3.97 6.04 10.92
CA LYS A 71 4.75 7.27 11.19
C LYS A 71 4.93 7.51 12.69
N LYS A 72 4.01 6.98 13.51
CA LYS A 72 4.13 7.03 14.97
C LYS A 72 5.40 6.30 15.41
N GLU A 73 5.56 5.09 14.87
CA GLU A 73 6.65 4.19 15.24
C GLU A 73 8.01 4.76 14.81
N ASN A 74 8.30 4.69 13.50
CA ASN A 74 9.59 5.15 12.96
C ASN A 74 9.53 5.29 11.44
N GLY A 75 8.42 4.85 10.84
CA GLY A 75 8.34 4.75 9.40
C GLY A 75 9.18 3.60 8.87
N ALA A 76 9.02 2.43 9.49
CA ALA A 76 9.78 1.25 9.14
C ALA A 76 9.05 0.41 8.08
N VAL A 77 9.65 -0.70 7.70
CA VAL A 77 9.16 -1.52 6.58
C VAL A 77 8.16 -2.61 7.10
N ALA A 78 7.74 -2.43 8.39
CA ALA A 78 6.81 -3.30 9.14
C ALA A 78 7.39 -4.68 9.42
N SER A 79 7.33 -5.57 8.41
CA SER A 79 7.93 -6.93 8.45
C SER A 79 7.30 -7.81 9.55
N ILE A 80 6.02 -7.53 9.86
CA ILE A 80 5.25 -8.28 10.87
C ILE A 80 4.85 -9.67 10.31
N ASN A 81 4.77 -9.74 8.96
CA ASN A 81 4.42 -10.96 8.20
C ASN A 81 2.99 -11.41 8.52
N TYR A 82 2.08 -10.95 7.68
CA TYR A 82 0.64 -11.13 7.82
C TYR A 82 0.21 -12.59 7.69
N LYS A 83 0.99 -13.39 6.94
CA LYS A 83 0.68 -14.79 6.66
C LYS A 83 0.83 -15.69 7.89
N LYS A 84 1.61 -15.25 8.88
CA LYS A 84 1.75 -16.03 10.11
C LYS A 84 1.47 -15.19 11.36
N ALA A 85 0.87 -14.02 11.19
CA ALA A 85 0.42 -13.22 12.32
C ALA A 85 -1.11 -13.20 12.35
N SER A 86 -1.67 -13.18 13.55
CA SER A 86 -3.11 -13.28 13.78
C SER A 86 -3.88 -12.07 13.23
N ALA A 87 -5.14 -12.31 12.86
CA ALA A 87 -6.05 -11.27 12.34
C ALA A 87 -6.35 -10.18 13.38
N ASP A 88 -6.37 -10.57 14.66
CA ASP A 88 -6.60 -9.62 15.76
C ASP A 88 -5.38 -8.74 15.97
N GLU A 89 -4.19 -9.32 15.73
CA GLU A 89 -2.92 -8.60 15.79
C GLU A 89 -2.84 -7.52 14.72
N LEU A 90 -3.30 -7.86 13.51
CA LEU A 90 -3.28 -6.96 12.36
C LEU A 90 -4.32 -5.84 12.48
N HIS A 91 -5.46 -6.14 13.12
CA HIS A 91 -6.53 -5.16 13.33
C HIS A 91 -6.10 -4.13 14.39
N ALA A 92 -5.35 -4.59 15.39
CA ALA A 92 -4.79 -3.72 16.44
C ALA A 92 -3.58 -2.93 15.94
N TYR A 93 -2.94 -3.45 14.89
CA TYR A 93 -1.79 -2.82 14.25
C TYR A 93 -2.22 -1.54 13.54
N PHE A 94 -3.39 -1.60 12.88
CA PHE A 94 -4.01 -0.42 12.26
C PHE A 94 -4.72 0.46 13.32
N ALA A 95 -5.12 -0.15 14.43
CA ALA A 95 -5.79 0.56 15.52
C ALA A 95 -4.78 1.22 16.47
N GLU A 96 -3.55 1.40 15.98
CA GLU A 96 -2.47 2.02 16.72
C GLU A 96 -2.78 3.49 17.00
N VAL A 97 -2.90 4.29 15.93
CA VAL A 97 -3.21 5.71 16.08
C VAL A 97 -4.70 5.96 15.84
N LEU A 98 -5.42 4.90 15.46
CA LEU A 98 -6.83 5.02 15.13
C LEU A 98 -7.67 4.07 15.99
N PRO A 99 -8.21 4.55 17.14
CA PRO A 99 -9.16 3.77 17.94
C PRO A 99 -10.62 4.08 17.57
N ASN A 100 -10.80 4.93 16.56
CA ASN A 100 -12.10 5.50 16.23
C ASN A 100 -12.59 5.02 14.87
N TYR A 101 -11.82 4.19 14.18
CA TYR A 101 -12.20 3.73 12.84
C TYR A 101 -13.22 2.60 12.94
N ASP A 102 -13.94 2.37 11.83
CA ASP A 102 -15.04 1.40 11.77
C ASP A 102 -14.48 -0.05 11.77
N ARG A 103 -15.35 -1.05 11.88
CA ARG A 103 -14.89 -2.44 11.90
C ARG A 103 -15.61 -3.28 10.86
N ASP A 104 -16.63 -2.71 10.23
CA ASP A 104 -17.44 -3.40 9.24
C ASP A 104 -17.02 -2.98 7.83
N ARG A 105 -17.04 -1.67 7.57
CA ARG A 105 -16.82 -1.11 6.24
C ARG A 105 -15.34 -1.07 5.88
N VAL A 106 -14.48 -1.16 6.89
CA VAL A 106 -13.03 -1.16 6.70
C VAL A 106 -12.53 -2.56 6.28
N HIS A 107 -13.38 -3.59 6.57
CA HIS A 107 -13.13 -5.02 6.29
C HIS A 107 -11.99 -5.58 7.18
N ASN A 108 -11.75 -6.88 7.08
CA ASN A 108 -10.61 -7.49 7.78
C ASN A 108 -9.50 -7.82 6.79
N GLY A 109 -9.86 -7.82 5.49
CA GLY A 109 -8.93 -8.18 4.44
C GLY A 109 -8.13 -7.00 3.93
N ASP A 110 -8.70 -5.80 3.99
CA ASP A 110 -8.01 -4.58 3.51
C ASP A 110 -6.91 -4.13 4.47
N ILE A 111 -7.06 -4.47 5.74
CA ILE A 111 -6.03 -4.24 6.75
C ILE A 111 -4.92 -5.31 6.63
N LYS A 112 -5.33 -6.49 6.19
CA LYS A 112 -4.45 -7.64 6.06
C LYS A 112 -3.50 -7.50 4.85
N LYS A 113 -4.01 -6.91 3.77
CA LYS A 113 -3.24 -6.70 2.53
C LYS A 113 -2.33 -5.46 2.63
N LEU A 114 -2.65 -4.58 3.60
CA LEU A 114 -1.93 -3.32 3.83
C LEU A 114 -0.50 -3.58 4.37
N ILE A 115 -0.29 -4.77 4.95
CA ILE A 115 1.01 -5.20 5.47
C ILE A 115 2.01 -5.39 4.32
N SER A 116 1.52 -5.97 3.21
CA SER A 116 2.31 -6.17 2.00
C SER A 116 2.71 -4.83 1.40
N TRP A 117 1.81 -3.87 1.53
CA TRP A 117 1.98 -2.56 0.94
C TRP A 117 2.79 -1.63 1.86
N TYR A 118 3.05 -2.05 3.11
CA TYR A 118 4.07 -1.38 3.93
C TYR A 118 5.45 -1.72 3.39
N ASN A 119 5.63 -3.02 3.17
CA ASN A 119 6.93 -3.59 2.87
C ASN A 119 7.46 -3.19 1.49
N ILE A 120 6.56 -3.04 0.53
CA ILE A 120 6.94 -2.56 -0.79
C ILE A 120 7.03 -1.01 -0.83
N LEU A 121 6.02 -0.33 -0.25
CA LEU A 121 5.88 1.13 -0.41
C LEU A 121 6.90 1.93 0.39
N VAL A 122 6.98 1.68 1.69
CA VAL A 122 7.86 2.42 2.60
C VAL A 122 9.36 2.18 2.30
N ASN A 123 9.63 0.99 1.77
CA ASN A 123 10.98 0.51 1.48
C ASN A 123 11.77 1.41 0.53
N ASN A 124 11.16 1.77 -0.59
CA ASN A 124 11.82 2.62 -1.57
C ASN A 124 11.28 4.04 -1.49
N GLY A 125 10.20 4.19 -0.73
CA GLY A 125 9.47 5.43 -0.65
C GLY A 125 8.39 5.56 -1.70
N ILE A 126 8.45 4.71 -2.75
CA ILE A 126 7.54 4.71 -3.91
C ILE A 126 7.59 6.04 -4.70
N THR A 127 6.87 7.04 -4.22
CA THR A 127 6.83 8.36 -4.81
C THR A 127 6.50 9.32 -3.67
N GLU A 128 5.26 9.17 -3.14
CA GLU A 128 4.77 9.98 -2.03
C GLU A 128 3.37 9.52 -1.59
N PHE A 129 3.25 9.43 -0.27
CA PHE A 129 2.02 9.02 0.45
C PHE A 129 2.23 9.39 1.92
N VAL A 130 3.27 10.18 2.13
CA VAL A 130 3.83 10.46 3.43
C VAL A 130 4.38 11.90 3.41
N GLU A 131 4.32 12.60 4.55
CA GLU A 131 4.91 13.93 4.65
C GLU A 131 6.40 13.84 4.99
N ALA A 132 7.15 13.36 4.00
CA ALA A 132 8.58 13.10 4.12
C ALA A 132 9.17 12.92 2.73
N PRO A 133 10.40 13.43 2.47
CA PRO A 133 11.17 13.09 1.27
C PRO A 133 11.56 11.62 1.30
N ALA A 134 11.20 10.90 0.25
CA ALA A 134 11.31 9.45 0.22
C ALA A 134 12.72 8.98 -0.11
N LEU A 135 13.52 8.86 0.93
CA LEU A 135 14.85 8.27 0.83
C LEU A 135 14.69 6.77 1.02
N GLU A 136 15.45 5.99 0.25
CA GLU A 136 15.30 4.55 0.26
C GLU A 136 15.94 3.93 1.50
N HIS A 137 15.29 2.89 1.99
CA HIS A 137 15.74 2.14 3.17
C HIS A 137 16.44 0.87 2.71
N HIS A 138 17.06 0.97 1.51
CA HIS A 138 17.65 -0.16 0.74
C HIS A 138 16.53 -1.07 0.21
N HIS A 139 16.86 -2.05 -0.61
CA HIS A 139 15.83 -2.91 -1.22
C HIS A 139 15.35 -3.97 -0.23
N HIS A 140 14.06 -4.32 -0.35
CA HIS A 140 13.35 -5.16 0.65
C HIS A 140 13.85 -6.61 0.68
N HIS A 141 14.48 -7.02 -0.40
CA HIS A 141 15.00 -8.38 -0.57
C HIS A 141 15.87 -8.38 -1.81
N HIS A 142 15.26 -7.89 -2.88
CA HIS A 142 15.90 -7.77 -4.19
C HIS A 142 15.11 -6.74 -4.99
N MET A 1 2.54 11.96 -7.33
CA MET A 1 1.24 12.13 -6.63
C MET A 1 0.41 10.86 -6.82
N LEU A 2 -0.81 10.83 -6.26
CA LEU A 2 -1.71 9.66 -6.27
C LEU A 2 -2.05 9.17 -7.68
N LYS A 3 -2.53 7.90 -7.74
CA LYS A 3 -2.90 7.17 -8.98
C LYS A 3 -1.65 6.69 -9.76
N THR A 4 -0.52 6.56 -9.05
CA THR A 4 0.71 6.06 -9.66
C THR A 4 0.92 4.60 -9.31
N ILE A 5 0.78 4.26 -8.03
CA ILE A 5 0.92 2.89 -7.61
C ILE A 5 -0.38 2.14 -7.83
N LEU A 6 -0.24 1.05 -8.55
CA LEU A 6 -1.29 0.12 -8.82
C LEU A 6 -1.17 -1.03 -7.82
N SER A 7 -2.27 -1.40 -7.20
CA SER A 7 -2.28 -2.43 -6.19
C SER A 7 -2.69 -3.78 -6.78
N ILE A 8 -1.86 -4.77 -6.54
CA ILE A 8 -2.01 -6.12 -7.10
C ILE A 8 -2.05 -7.13 -5.95
N ALA A 9 -2.99 -8.05 -6.01
CA ALA A 9 -3.12 -9.05 -4.96
C ALA A 9 -2.68 -10.42 -5.46
N GLY A 10 -1.78 -11.04 -4.71
CA GLY A 10 -1.32 -12.38 -5.03
C GLY A 10 0.16 -12.57 -4.74
N LYS A 11 0.90 -13.01 -5.75
CA LYS A 11 2.34 -13.27 -5.60
C LYS A 11 3.18 -11.99 -5.84
N PRO A 12 2.91 -11.15 -6.90
CA PRO A 12 3.44 -9.78 -6.93
C PRO A 12 2.74 -8.85 -5.91
N GLY A 13 2.92 -7.56 -6.07
CA GLY A 13 2.50 -6.64 -5.03
C GLY A 13 2.07 -5.31 -5.57
N LEU A 14 3.03 -4.49 -5.96
CA LEU A 14 2.73 -3.16 -6.46
C LEU A 14 3.46 -2.89 -7.76
N TYR A 15 2.76 -2.21 -8.65
CA TYR A 15 3.32 -1.78 -9.91
C TYR A 15 3.13 -0.28 -10.06
N LYS A 16 3.88 0.34 -10.95
CA LYS A 16 3.73 1.75 -11.25
C LYS A 16 3.06 1.90 -12.61
N LEU A 17 1.80 2.34 -12.57
CA LEU A 17 0.98 2.54 -13.76
C LEU A 17 1.54 3.67 -14.61
N ILE A 18 2.03 3.30 -15.80
CA ILE A 18 2.57 4.25 -16.75
C ILE A 18 1.45 4.71 -17.70
N SER A 19 0.80 3.74 -18.36
CA SER A 19 -0.30 4.02 -19.28
C SER A 19 -1.30 2.87 -19.28
N GLN A 20 -2.59 3.18 -19.27
CA GLN A 20 -3.62 2.15 -19.43
C GLN A 20 -3.92 1.95 -20.91
N GLY A 21 -3.64 0.75 -21.40
CA GLY A 21 -3.80 0.48 -22.80
C GLY A 21 -4.91 -0.51 -23.10
N LYS A 22 -4.91 -1.01 -24.32
CA LYS A 22 -5.90 -1.99 -24.77
C LYS A 22 -5.49 -3.40 -24.32
N ASN A 23 -6.42 -4.08 -23.62
CA ASN A 23 -6.25 -5.44 -23.03
C ASN A 23 -5.34 -5.40 -21.79
N MET A 24 -4.09 -5.02 -22.00
CA MET A 24 -3.11 -4.93 -20.95
C MET A 24 -2.66 -3.49 -20.71
N LEU A 25 -2.07 -3.30 -19.54
CA LEU A 25 -1.55 -2.03 -19.08
C LEU A 25 -0.05 -2.00 -19.24
N ILE A 26 0.46 -0.82 -19.52
CA ILE A 26 1.88 -0.59 -19.44
C ILE A 26 2.20 -0.16 -18.03
N VAL A 27 2.82 -1.05 -17.27
CA VAL A 27 3.26 -0.74 -15.92
C VAL A 27 4.72 -1.17 -15.75
N GLU A 28 5.30 -0.84 -14.62
CA GLU A 28 6.65 -1.27 -14.29
C GLU A 28 6.67 -1.77 -12.85
N THR A 29 7.58 -2.66 -12.53
CA THR A 29 7.72 -3.14 -11.17
C THR A 29 8.48 -2.10 -10.37
N VAL A 30 7.88 -1.69 -9.25
CA VAL A 30 8.39 -0.57 -8.44
C VAL A 30 9.80 -0.84 -7.90
N ASP A 31 10.08 -2.08 -7.47
CA ASP A 31 11.41 -2.53 -7.11
C ASP A 31 11.47 -4.04 -7.24
N ALA A 32 12.57 -4.67 -6.77
CA ALA A 32 12.83 -6.13 -6.81
C ALA A 32 13.13 -6.66 -8.22
N ALA A 33 12.20 -6.47 -9.14
CA ALA A 33 12.37 -6.94 -10.50
C ALA A 33 12.82 -5.79 -11.40
N LYS A 34 12.27 -4.59 -11.13
CA LYS A 34 12.42 -3.36 -11.97
C LYS A 34 12.45 -3.62 -13.47
N LYS A 35 11.27 -3.49 -14.08
CA LYS A 35 11.01 -3.98 -15.44
C LYS A 35 9.60 -3.60 -15.86
N ARG A 36 9.39 -3.33 -17.14
CA ARG A 36 8.04 -3.07 -17.63
C ARG A 36 7.32 -4.39 -17.88
N VAL A 37 6.22 -4.57 -17.17
CA VAL A 37 5.45 -5.82 -17.21
C VAL A 37 4.05 -5.50 -17.74
N PRO A 38 3.47 -6.36 -18.62
CA PRO A 38 2.05 -6.26 -18.97
C PRO A 38 1.13 -6.69 -17.81
N ALA A 39 0.39 -5.72 -17.28
CA ALA A 39 -0.60 -5.98 -16.23
C ALA A 39 -1.96 -6.08 -16.89
N TYR A 40 -2.91 -6.77 -16.31
CA TYR A 40 -4.19 -6.95 -17.00
C TYR A 40 -5.33 -6.41 -16.14
N ALA A 41 -5.87 -7.31 -15.31
CA ALA A 41 -7.06 -7.08 -14.49
C ALA A 41 -7.29 -8.33 -13.65
N HIS A 42 -6.79 -9.45 -14.21
CA HIS A 42 -6.80 -10.76 -13.56
C HIS A 42 -5.81 -10.82 -12.38
N ASP A 43 -4.89 -9.85 -12.33
CA ASP A 43 -3.88 -9.73 -11.27
C ASP A 43 -4.46 -8.98 -10.04
N LYS A 44 -5.80 -8.83 -10.03
CA LYS A 44 -6.54 -7.98 -9.08
C LYS A 44 -6.08 -6.53 -9.24
N VAL A 45 -6.17 -6.04 -10.48
CA VAL A 45 -5.67 -4.72 -10.84
C VAL A 45 -6.65 -3.63 -10.41
N ILE A 46 -6.30 -3.00 -9.30
CA ILE A 46 -7.05 -1.88 -8.72
C ILE A 46 -6.01 -0.80 -8.44
N SER A 47 -6.38 0.48 -8.44
CA SER A 47 -5.44 1.52 -8.04
C SER A 47 -5.32 1.55 -6.51
N LEU A 48 -4.10 1.78 -6.01
CA LEU A 48 -3.81 1.86 -4.57
C LEU A 48 -4.45 3.12 -3.97
N ALA A 49 -4.48 4.17 -4.78
CA ALA A 49 -5.08 5.44 -4.40
C ALA A 49 -6.62 5.40 -4.48
N ASP A 50 -7.16 4.36 -5.12
CA ASP A 50 -8.60 4.19 -5.31
C ASP A 50 -9.24 3.53 -4.09
N ILE A 51 -8.46 2.69 -3.38
CA ILE A 51 -8.92 1.98 -2.17
C ILE A 51 -9.35 3.00 -1.10
N ALA A 52 -10.55 2.81 -0.55
CA ALA A 52 -11.06 3.68 0.51
C ALA A 52 -11.80 2.88 1.56
N MET A 53 -11.81 3.38 2.80
CA MET A 53 -12.47 2.72 3.94
C MET A 53 -13.09 3.78 4.82
N TYR A 54 -13.95 3.39 5.76
CA TYR A 54 -14.71 4.35 6.55
C TYR A 54 -14.30 4.35 8.02
N THR A 55 -14.08 5.56 8.52
CA THR A 55 -13.72 5.78 9.91
C THR A 55 -14.45 7.06 10.38
N ASP A 56 -14.00 7.71 11.47
CA ASP A 56 -14.62 8.97 11.94
C ASP A 56 -14.05 10.16 11.15
N ALA A 57 -14.31 10.09 9.86
CA ALA A 57 -13.81 11.00 8.84
C ALA A 57 -14.68 10.82 7.62
N GLU A 58 -14.28 11.44 6.50
CA GLU A 58 -14.70 10.99 5.17
C GLU A 58 -14.20 9.57 4.84
N GLU A 59 -14.33 9.15 3.58
CA GLU A 59 -13.83 7.86 3.16
C GLU A 59 -12.36 8.00 2.81
N VAL A 60 -11.53 7.57 3.75
CA VAL A 60 -10.11 7.78 3.68
C VAL A 60 -9.48 6.78 2.72
N PRO A 61 -8.67 7.27 1.74
CA PRO A 61 -7.86 6.41 0.88
C PRO A 61 -6.91 5.53 1.68
N LEU A 62 -6.56 4.37 1.11
CA LEU A 62 -5.63 3.44 1.73
C LEU A 62 -4.29 4.12 1.94
N SER A 63 -3.94 5.02 1.01
CA SER A 63 -2.72 5.82 1.06
C SER A 63 -2.59 6.58 2.40
N GLU A 64 -3.63 7.29 2.84
CA GLU A 64 -3.53 8.16 4.01
C GLU A 64 -3.35 7.35 5.30
N VAL A 65 -4.15 6.29 5.46
CA VAL A 65 -4.00 5.37 6.61
C VAL A 65 -2.74 4.48 6.55
N LEU A 66 -2.13 4.29 5.35
CA LEU A 66 -0.83 3.58 5.21
C LEU A 66 0.26 4.32 5.97
N GLU A 67 0.35 5.63 5.75
CA GLU A 67 1.31 6.48 6.45
C GLU A 67 0.89 6.68 7.91
N ALA A 68 -0.42 6.81 8.17
CA ALA A 68 -0.93 7.16 9.51
C ALA A 68 -0.50 6.19 10.62
N VAL A 69 -0.70 4.89 10.39
CA VAL A 69 -0.34 3.88 11.39
C VAL A 69 1.18 3.59 11.42
N LYS A 70 1.80 3.66 10.24
CA LYS A 70 3.24 3.42 10.07
C LYS A 70 4.11 4.52 10.69
N LYS A 71 3.62 5.78 10.65
CA LYS A 71 4.36 6.96 11.07
C LYS A 71 4.45 7.04 12.60
N LYS A 72 3.49 6.40 13.27
CA LYS A 72 3.50 6.24 14.72
C LYS A 72 4.68 5.34 15.13
N GLU A 73 4.99 4.36 14.26
CA GLU A 73 6.14 3.48 14.45
C GLU A 73 7.36 4.03 13.66
N ASN A 74 7.55 5.37 13.77
CA ASN A 74 8.72 6.12 13.26
C ASN A 74 8.81 6.18 11.72
N GLY A 75 7.79 5.71 11.01
CA GLY A 75 7.85 5.64 9.55
C GLY A 75 8.79 4.56 9.06
N ALA A 76 8.74 3.39 9.69
CA ALA A 76 9.60 2.26 9.34
C ALA A 76 8.94 1.39 8.25
N VAL A 77 9.28 0.10 8.21
CA VAL A 77 8.68 -0.85 7.26
C VAL A 77 7.41 -1.46 7.91
N ALA A 78 6.96 -2.65 7.46
CA ALA A 78 5.81 -3.33 8.06
C ALA A 78 6.05 -3.68 9.53
N SER A 79 7.09 -4.52 9.76
CA SER A 79 7.54 -5.00 11.08
C SER A 79 6.60 -6.06 11.71
N ILE A 80 5.30 -5.85 11.59
CA ILE A 80 4.28 -6.79 12.03
C ILE A 80 4.24 -8.04 11.13
N ASN A 81 4.18 -7.81 9.79
CA ASN A 81 4.17 -8.86 8.72
C ASN A 81 2.91 -9.74 8.74
N TYR A 82 2.22 -9.81 7.60
CA TYR A 82 0.99 -10.59 7.47
C TYR A 82 1.29 -12.10 7.42
N LYS A 83 0.27 -12.93 7.69
CA LYS A 83 0.31 -14.41 7.66
C LYS A 83 0.97 -15.00 8.92
N LYS A 84 2.06 -14.40 9.37
CA LYS A 84 2.67 -14.78 10.63
C LYS A 84 2.00 -14.03 11.80
N ALA A 85 1.33 -12.92 11.48
CA ALA A 85 0.56 -12.16 12.47
C ALA A 85 -0.84 -12.70 12.59
N SER A 86 -1.42 -12.53 13.77
CA SER A 86 -2.78 -12.95 14.03
C SER A 86 -3.75 -11.79 13.76
N ALA A 87 -5.05 -12.07 13.88
CA ALA A 87 -6.09 -11.04 13.80
C ALA A 87 -6.03 -10.10 15.01
N ASP A 88 -5.56 -10.65 16.14
CA ASP A 88 -5.33 -9.90 17.38
C ASP A 88 -4.22 -8.87 17.18
N GLU A 89 -3.14 -9.32 16.53
CA GLU A 89 -1.95 -8.51 16.27
C GLU A 89 -2.22 -7.40 15.25
N LEU A 90 -3.03 -7.75 14.25
CA LEU A 90 -3.35 -6.87 13.14
C LEU A 90 -4.28 -5.73 13.57
N HIS A 91 -5.24 -6.05 14.44
CA HIS A 91 -6.17 -5.07 14.98
C HIS A 91 -5.46 -4.12 15.95
N ALA A 92 -4.50 -4.65 16.72
CA ALA A 92 -3.74 -3.86 17.69
C ALA A 92 -2.80 -2.85 17.01
N TYR A 93 -2.37 -3.19 15.79
CA TYR A 93 -1.49 -2.33 15.01
C TYR A 93 -2.26 -1.11 14.46
N PHE A 94 -3.40 -1.38 13.81
CA PHE A 94 -4.12 -0.34 13.09
C PHE A 94 -4.99 0.52 14.02
N ALA A 95 -5.60 -0.10 15.05
CA ALA A 95 -6.56 0.59 15.93
C ALA A 95 -5.88 1.44 17.00
N GLU A 96 -4.55 1.45 17.00
CA GLU A 96 -3.77 2.28 17.89
C GLU A 96 -3.77 3.73 17.38
N VAL A 97 -3.79 3.90 16.06
CA VAL A 97 -3.86 5.22 15.46
C VAL A 97 -5.30 5.54 15.03
N LEU A 98 -5.99 4.54 14.48
CA LEU A 98 -7.40 4.69 14.09
C LEU A 98 -8.28 3.79 14.97
N PRO A 99 -8.79 4.31 16.12
CA PRO A 99 -9.60 3.51 17.05
C PRO A 99 -11.06 3.32 16.62
N ASN A 100 -11.46 4.04 15.58
CA ASN A 100 -12.81 3.95 15.02
C ASN A 100 -12.87 2.82 13.97
N TYR A 101 -11.69 2.30 13.59
CA TYR A 101 -11.59 1.20 12.64
C TYR A 101 -12.09 -0.11 13.26
N ASP A 102 -12.94 -0.80 12.51
CA ASP A 102 -13.30 -2.17 12.81
C ASP A 102 -13.70 -2.88 11.53
N ARG A 103 -13.92 -4.20 11.64
CA ARG A 103 -13.99 -5.17 10.52
C ARG A 103 -15.01 -4.86 9.40
N ASP A 104 -16.05 -4.08 9.70
CA ASP A 104 -17.12 -3.83 8.73
C ASP A 104 -16.73 -2.77 7.71
N ARG A 105 -16.28 -1.62 8.21
CA ARG A 105 -16.01 -0.46 7.37
C ARG A 105 -14.58 -0.49 6.87
N VAL A 106 -13.66 -0.90 7.74
CA VAL A 106 -12.28 -1.13 7.38
C VAL A 106 -12.00 -2.61 7.57
N HIS A 107 -11.98 -3.36 6.47
CA HIS A 107 -12.00 -4.83 6.53
C HIS A 107 -10.70 -5.40 7.08
N ASN A 108 -10.81 -6.60 7.63
CA ASN A 108 -9.68 -7.32 8.23
C ASN A 108 -8.75 -7.84 7.14
N GLY A 109 -9.31 -8.07 5.95
CA GLY A 109 -8.53 -8.42 4.78
C GLY A 109 -7.86 -7.19 4.14
N ASP A 110 -8.47 -6.01 4.31
CA ASP A 110 -7.91 -4.74 3.78
C ASP A 110 -6.63 -4.33 4.50
N ILE A 111 -6.52 -4.72 5.76
CA ILE A 111 -5.31 -4.44 6.53
C ILE A 111 -4.20 -5.46 6.20
N LYS A 112 -4.56 -6.71 5.86
CA LYS A 112 -3.54 -7.74 5.56
C LYS A 112 -2.90 -7.54 4.18
N LYS A 113 -3.69 -7.05 3.23
CA LYS A 113 -3.17 -6.67 1.91
C LYS A 113 -2.26 -5.43 2.03
N LEU A 114 -2.58 -4.58 3.02
CA LEU A 114 -1.84 -3.37 3.31
C LEU A 114 -0.47 -3.69 3.90
N ILE A 115 -0.39 -4.73 4.76
CA ILE A 115 0.88 -5.19 5.34
C ILE A 115 1.74 -5.89 4.26
N SER A 116 1.06 -6.54 3.32
CA SER A 116 1.72 -7.19 2.17
C SER A 116 2.42 -6.14 1.30
N TRP A 117 1.78 -4.99 1.10
CA TRP A 117 2.33 -3.93 0.27
C TRP A 117 3.26 -3.02 1.06
N TYR A 118 3.19 -3.10 2.38
CA TYR A 118 3.97 -2.27 3.32
C TYR A 118 5.48 -2.35 3.11
N ASN A 119 5.96 -3.57 2.93
CA ASN A 119 7.39 -3.83 2.73
C ASN A 119 7.86 -3.32 1.36
N ILE A 120 6.92 -3.30 0.42
CA ILE A 120 7.15 -2.84 -0.95
C ILE A 120 7.18 -1.30 -1.02
N LEU A 121 6.32 -0.66 -0.23
CA LEU A 121 6.15 0.80 -0.21
C LEU A 121 7.43 1.50 0.23
N VAL A 122 7.92 1.12 1.42
CA VAL A 122 9.06 1.77 2.09
C VAL A 122 10.39 1.64 1.30
N ASN A 123 10.45 0.66 0.37
CA ASN A 123 11.60 0.46 -0.53
C ASN A 123 11.89 1.71 -1.39
N ASN A 124 10.84 2.33 -1.90
CA ASN A 124 10.97 3.54 -2.71
C ASN A 124 10.29 4.73 -2.03
N GLY A 125 9.78 4.50 -0.82
CA GLY A 125 9.03 5.50 -0.09
C GLY A 125 7.55 5.49 -0.48
N ILE A 126 7.32 5.73 -1.77
CA ILE A 126 6.00 5.95 -2.39
C ILE A 126 5.39 7.23 -1.81
N THR A 127 5.70 8.32 -2.50
CA THR A 127 5.44 9.69 -2.02
C THR A 127 3.99 10.16 -2.33
N GLU A 128 3.09 9.20 -2.48
CA GLU A 128 1.67 9.46 -2.66
C GLU A 128 0.97 9.65 -1.32
N PHE A 129 1.69 9.33 -0.24
CA PHE A 129 1.13 9.40 1.10
C PHE A 129 2.18 9.79 2.14
N VAL A 130 3.38 9.24 2.03
CA VAL A 130 4.47 9.59 2.95
C VAL A 130 5.17 10.86 2.48
N GLU A 131 5.90 11.48 3.40
CA GLU A 131 6.72 12.64 3.07
C GLU A 131 8.12 12.22 2.60
N ALA A 132 8.53 11.01 3.00
CA ALA A 132 9.88 10.52 2.71
C ALA A 132 9.89 9.56 1.51
N PRO A 133 10.46 9.98 0.36
CA PRO A 133 10.52 9.17 -0.87
C PRO A 133 11.81 8.33 -0.95
N ALA A 134 12.07 7.57 0.13
CA ALA A 134 13.30 6.78 0.36
C ALA A 134 14.54 7.67 0.45
N LEU A 135 15.17 7.95 -0.68
CA LEU A 135 16.34 8.82 -0.74
C LEU A 135 16.45 9.42 -2.13
N GLU A 136 16.05 10.68 -2.25
CA GLU A 136 16.21 11.42 -3.49
C GLU A 136 16.63 12.85 -3.16
N HIS A 137 17.92 13.02 -2.92
CA HIS A 137 18.48 14.32 -2.55
C HIS A 137 19.83 14.53 -3.23
N HIS A 138 19.81 15.10 -4.43
CA HIS A 138 21.04 15.43 -5.14
C HIS A 138 21.09 16.92 -5.48
N HIS A 139 20.12 17.40 -6.26
CA HIS A 139 20.02 18.82 -6.63
C HIS A 139 18.61 19.14 -7.12
N HIS A 140 18.21 20.42 -6.93
CA HIS A 140 16.84 20.94 -7.13
C HIS A 140 15.89 20.40 -6.06
N HIS A 141 15.57 21.24 -5.09
CA HIS A 141 14.66 20.88 -4.02
C HIS A 141 13.85 22.10 -3.57
N HIS A 142 12.57 21.90 -3.33
CA HIS A 142 11.71 22.94 -2.80
C HIS A 142 11.44 22.66 -1.32
N MET A 1 1.72 12.29 -5.05
CA MET A 1 0.37 12.88 -4.97
C MET A 1 -0.70 11.81 -5.17
N LEU A 2 -0.39 10.57 -4.71
CA LEU A 2 -1.27 9.39 -4.81
C LEU A 2 -1.51 8.97 -6.28
N LYS A 3 -2.29 7.89 -6.46
CA LYS A 3 -2.82 7.39 -7.78
C LYS A 3 -1.78 6.62 -8.60
N THR A 4 -0.51 6.91 -8.37
CA THR A 4 0.59 6.44 -9.22
C THR A 4 0.94 4.98 -8.91
N ILE A 5 0.73 4.60 -7.66
CA ILE A 5 0.89 3.22 -7.24
C ILE A 5 -0.38 2.45 -7.59
N LEU A 6 -0.19 1.45 -8.42
CA LEU A 6 -1.25 0.53 -8.77
C LEU A 6 -1.01 -0.79 -8.03
N SER A 7 -2.08 -1.37 -7.55
CA SER A 7 -2.04 -2.65 -6.88
C SER A 7 -2.10 -3.73 -7.94
N ILE A 8 -1.20 -4.67 -7.79
CA ILE A 8 -1.03 -5.78 -8.73
C ILE A 8 -1.24 -7.08 -7.95
N ALA A 9 -1.86 -8.10 -8.62
CA ALA A 9 -2.14 -9.43 -8.02
C ALA A 9 -1.03 -9.93 -7.09
N GLY A 10 -1.45 -10.56 -5.98
CA GLY A 10 -0.56 -10.82 -4.84
C GLY A 10 0.48 -11.89 -5.07
N LYS A 11 1.55 -11.51 -5.75
CA LYS A 11 2.70 -12.36 -6.00
C LYS A 11 3.97 -11.47 -6.00
N PRO A 12 4.08 -10.37 -6.84
CA PRO A 12 5.08 -9.32 -6.63
C PRO A 12 4.61 -8.27 -5.61
N GLY A 13 3.55 -7.52 -5.96
CA GLY A 13 2.96 -6.59 -5.04
C GLY A 13 2.42 -5.34 -5.71
N LEU A 14 3.30 -4.37 -5.98
CA LEU A 14 2.88 -3.08 -6.52
C LEU A 14 3.72 -2.70 -7.73
N TYR A 15 3.06 -2.17 -8.75
CA TYR A 15 3.71 -1.63 -9.93
C TYR A 15 3.10 -0.28 -10.27
N LYS A 16 3.81 0.51 -11.06
CA LYS A 16 3.27 1.80 -11.49
C LYS A 16 2.78 1.70 -12.93
N LEU A 17 1.47 1.73 -13.10
CA LEU A 17 0.85 1.69 -14.42
C LEU A 17 1.15 3.00 -15.18
N ILE A 18 1.77 2.83 -16.34
CA ILE A 18 2.15 3.94 -17.21
C ILE A 18 1.07 4.17 -18.27
N SER A 19 0.78 3.12 -19.04
CA SER A 19 -0.11 3.24 -20.19
C SER A 19 -1.10 2.07 -20.23
N GLN A 20 -2.38 2.40 -20.37
CA GLN A 20 -3.43 1.38 -20.49
C GLN A 20 -3.79 1.15 -21.94
N GLY A 21 -3.75 -0.11 -22.37
CA GLY A 21 -4.13 -0.47 -23.72
C GLY A 21 -5.33 -1.37 -23.74
N LYS A 22 -5.90 -1.59 -24.93
CA LYS A 22 -7.10 -2.42 -25.10
C LYS A 22 -6.74 -3.91 -25.29
N ASN A 23 -5.94 -4.42 -24.36
CA ASN A 23 -5.38 -5.77 -24.41
C ASN A 23 -4.61 -6.03 -23.13
N MET A 24 -3.74 -5.07 -22.82
CA MET A 24 -2.74 -5.23 -21.77
C MET A 24 -2.36 -3.89 -21.18
N LEU A 25 -1.81 -3.93 -19.99
CA LEU A 25 -1.35 -2.73 -19.31
C LEU A 25 0.18 -2.70 -19.28
N ILE A 26 0.73 -1.54 -19.55
CA ILE A 26 2.16 -1.32 -19.45
C ILE A 26 2.46 -0.76 -18.07
N VAL A 27 3.06 -1.56 -17.20
CA VAL A 27 3.44 -1.10 -15.88
C VAL A 27 4.96 -1.07 -15.77
N GLU A 28 5.47 -0.33 -14.81
CA GLU A 28 6.89 -0.31 -14.52
C GLU A 28 7.11 -0.83 -13.11
N THR A 29 8.28 -1.38 -12.87
CA THR A 29 8.66 -1.78 -11.54
C THR A 29 9.20 -0.57 -10.81
N VAL A 30 8.49 -0.21 -9.73
CA VAL A 30 8.79 0.98 -8.91
C VAL A 30 10.28 1.12 -8.57
N ASP A 31 10.92 0.01 -8.17
CA ASP A 31 12.36 -0.04 -7.95
C ASP A 31 12.77 -1.52 -7.98
N ALA A 32 14.08 -1.79 -7.84
CA ALA A 32 14.71 -3.14 -7.86
C ALA A 32 14.89 -3.70 -9.28
N ALA A 33 13.89 -3.56 -10.12
CA ALA A 33 13.95 -4.07 -11.48
C ALA A 33 13.91 -2.93 -12.49
N LYS A 34 13.04 -1.90 -12.22
CA LYS A 34 12.81 -0.73 -13.10
C LYS A 34 12.46 -1.14 -14.56
N LYS A 35 11.63 -2.15 -14.74
CA LYS A 35 11.34 -2.66 -16.08
C LYS A 35 9.86 -2.52 -16.43
N ARG A 36 9.55 -2.54 -17.73
CA ARG A 36 8.16 -2.54 -18.16
C ARG A 36 7.64 -3.98 -18.24
N VAL A 37 6.68 -4.26 -17.38
CA VAL A 37 6.09 -5.59 -17.27
C VAL A 37 4.68 -5.56 -17.88
N PRO A 38 4.32 -6.58 -18.69
CA PRO A 38 2.94 -6.76 -19.16
C PRO A 38 1.99 -7.15 -18.02
N ALA A 39 0.94 -6.36 -17.82
CA ALA A 39 0.02 -6.55 -16.70
C ALA A 39 -1.40 -6.78 -17.20
N TYR A 40 -1.78 -8.05 -17.30
CA TYR A 40 -3.10 -8.44 -17.78
C TYR A 40 -3.31 -9.93 -17.48
N ALA A 41 -4.57 -10.39 -17.66
CA ALA A 41 -4.99 -11.81 -17.54
C ALA A 41 -4.78 -12.40 -16.14
N HIS A 42 -5.89 -12.45 -15.37
CA HIS A 42 -5.94 -12.98 -13.97
C HIS A 42 -5.31 -11.99 -12.95
N ASP A 43 -4.67 -10.93 -13.43
CA ASP A 43 -3.98 -10.00 -12.56
C ASP A 43 -4.95 -9.02 -11.96
N LYS A 44 -4.82 -8.80 -10.65
CA LYS A 44 -5.68 -7.91 -9.92
C LYS A 44 -5.13 -6.50 -9.94
N VAL A 45 -5.51 -5.72 -10.95
CA VAL A 45 -5.04 -4.35 -11.08
C VAL A 45 -6.11 -3.38 -10.61
N ILE A 46 -5.91 -2.84 -9.42
CA ILE A 46 -6.78 -1.84 -8.81
C ILE A 46 -5.88 -0.66 -8.41
N SER A 47 -6.38 0.57 -8.41
CA SER A 47 -5.56 1.69 -7.95
C SER A 47 -5.41 1.64 -6.42
N LEU A 48 -4.18 1.84 -5.93
CA LEU A 48 -3.88 1.84 -4.48
C LEU A 48 -4.53 3.05 -3.80
N ALA A 49 -4.63 4.15 -4.57
CA ALA A 49 -5.29 5.36 -4.11
C ALA A 49 -6.82 5.17 -4.01
N ASP A 50 -7.34 4.19 -4.75
CA ASP A 50 -8.78 3.97 -4.90
C ASP A 50 -9.37 3.26 -3.68
N ILE A 51 -8.62 2.29 -3.10
CA ILE A 51 -9.07 1.58 -1.88
C ILE A 51 -9.39 2.58 -0.76
N ALA A 52 -10.58 2.45 -0.21
CA ALA A 52 -11.06 3.38 0.79
C ALA A 52 -11.49 2.63 2.04
N MET A 53 -11.51 3.33 3.16
CA MET A 53 -11.79 2.75 4.45
C MET A 53 -12.75 3.66 5.22
N TYR A 54 -13.46 3.10 6.19
CA TYR A 54 -14.40 3.85 6.99
C TYR A 54 -13.84 4.09 8.39
N THR A 55 -14.15 5.25 8.93
CA THR A 55 -13.83 5.59 10.30
C THR A 55 -15.01 6.43 10.85
N ASP A 56 -14.92 6.91 12.10
CA ASP A 56 -15.93 7.84 12.68
C ASP A 56 -15.99 9.16 11.90
N ALA A 57 -14.85 9.55 11.32
CA ALA A 57 -14.76 10.70 10.43
C ALA A 57 -15.19 10.30 9.00
N GLU A 58 -14.91 11.17 8.03
CA GLU A 58 -15.23 10.93 6.60
C GLU A 58 -14.51 9.70 6.03
N GLU A 59 -14.93 9.31 4.82
CA GLU A 59 -14.35 8.15 4.11
C GLU A 59 -12.90 8.45 3.69
N VAL A 60 -12.01 7.68 4.28
CA VAL A 60 -10.58 7.96 4.21
C VAL A 60 -9.88 7.01 3.21
N PRO A 61 -9.07 7.57 2.27
CA PRO A 61 -8.22 6.77 1.38
C PRO A 61 -7.21 5.90 2.14
N LEU A 62 -6.89 4.74 1.55
CA LEU A 62 -5.99 3.75 2.15
C LEU A 62 -4.60 4.33 2.35
N SER A 63 -4.14 5.11 1.37
CA SER A 63 -2.79 5.70 1.36
C SER A 63 -2.46 6.53 2.61
N GLU A 64 -3.38 7.41 3.05
CA GLU A 64 -3.10 8.30 4.18
C GLU A 64 -3.19 7.59 5.55
N VAL A 65 -4.05 6.57 5.69
CA VAL A 65 -4.13 5.82 6.95
C VAL A 65 -3.04 4.74 7.06
N LEU A 66 -2.61 4.21 5.92
CA LEU A 66 -1.48 3.29 5.82
C LEU A 66 -0.17 4.02 6.10
N GLU A 67 -0.13 5.30 5.78
CA GLU A 67 1.00 6.16 6.10
C GLU A 67 1.05 6.39 7.61
N ALA A 68 -0.07 6.78 8.20
CA ALA A 68 -0.14 7.23 9.60
C ALA A 68 0.31 6.17 10.61
N VAL A 69 -0.02 4.90 10.36
CA VAL A 69 0.38 3.80 11.26
C VAL A 69 1.85 3.40 11.06
N LYS A 70 2.34 3.52 9.82
CA LYS A 70 3.74 3.27 9.48
C LYS A 70 4.65 4.39 10.05
N LYS A 71 4.10 5.61 10.03
CA LYS A 71 4.72 6.86 10.51
C LYS A 71 5.07 6.81 12.01
N LYS A 72 4.42 5.93 12.77
CA LYS A 72 4.79 5.63 14.17
C LYS A 72 6.28 5.25 14.28
N GLU A 73 6.77 4.51 13.28
CA GLU A 73 8.17 4.09 13.21
C GLU A 73 8.94 4.95 12.19
N ASN A 74 8.48 6.20 12.02
CA ASN A 74 8.98 7.20 11.04
C ASN A 74 8.72 6.75 9.60
N GLY A 75 9.74 6.17 8.96
CA GLY A 75 9.57 5.62 7.63
C GLY A 75 10.23 4.26 7.50
N ALA A 76 10.09 3.45 8.54
CA ALA A 76 10.69 2.13 8.59
C ALA A 76 9.72 1.05 8.12
N VAL A 77 10.25 -0.14 7.86
CA VAL A 77 9.46 -1.32 7.53
C VAL A 77 8.61 -1.72 8.75
N ALA A 78 7.31 -1.90 8.52
CA ALA A 78 6.35 -2.21 9.56
C ALA A 78 6.64 -3.55 10.24
N SER A 79 6.60 -3.54 11.55
CA SER A 79 7.00 -4.67 12.38
C SER A 79 5.79 -5.53 12.76
N ILE A 80 4.97 -5.83 11.77
CA ILE A 80 3.86 -6.77 11.93
C ILE A 80 4.02 -7.90 10.92
N ASN A 81 3.97 -9.13 11.41
CA ASN A 81 3.92 -10.29 10.55
C ASN A 81 2.51 -10.83 10.58
N TYR A 82 1.84 -10.81 9.42
CA TYR A 82 0.40 -11.08 9.33
C TYR A 82 0.05 -12.56 9.57
N LYS A 83 1.01 -13.46 9.35
CA LYS A 83 0.81 -14.90 9.60
C LYS A 83 1.00 -15.24 11.07
N LYS A 84 1.86 -14.49 11.76
CA LYS A 84 2.10 -14.69 13.18
C LYS A 84 1.01 -14.03 14.02
N ALA A 85 0.43 -12.96 13.46
CA ALA A 85 -0.58 -12.18 14.14
C ALA A 85 -1.97 -12.75 13.87
N SER A 86 -2.82 -12.63 14.88
CA SER A 86 -4.23 -12.99 14.76
C SER A 86 -4.99 -11.82 14.12
N ALA A 87 -6.26 -12.05 13.75
CA ALA A 87 -7.13 -11.00 13.22
C ALA A 87 -7.30 -9.83 14.22
N ASP A 88 -7.20 -10.16 15.51
CA ASP A 88 -7.17 -9.20 16.62
C ASP A 88 -6.01 -8.21 16.45
N GLU A 89 -4.82 -8.75 16.20
CA GLU A 89 -3.58 -7.99 16.11
C GLU A 89 -3.51 -7.14 14.84
N LEU A 90 -4.21 -7.60 13.80
CA LEU A 90 -4.29 -6.88 12.52
C LEU A 90 -4.96 -5.51 12.68
N HIS A 91 -6.12 -5.47 13.35
CA HIS A 91 -6.82 -4.21 13.58
C HIS A 91 -6.21 -3.42 14.76
N ALA A 92 -5.43 -4.11 15.61
CA ALA A 92 -4.78 -3.47 16.75
C ALA A 92 -3.54 -2.67 16.33
N TYR A 93 -2.91 -3.09 15.22
CA TYR A 93 -1.78 -2.37 14.63
C TYR A 93 -2.27 -1.07 14.00
N PHE A 94 -3.50 -1.11 13.47
CA PHE A 94 -4.14 0.05 12.87
C PHE A 94 -4.67 1.02 13.95
N ALA A 95 -4.98 0.47 15.13
CA ALA A 95 -5.55 1.23 16.24
C ALA A 95 -4.50 2.05 17.00
N GLU A 96 -3.25 2.01 16.53
CA GLU A 96 -2.15 2.76 17.13
C GLU A 96 -2.36 4.27 17.07
N VAL A 97 -2.54 4.79 15.86
CA VAL A 97 -2.76 6.23 15.69
C VAL A 97 -4.24 6.54 15.40
N LEU A 98 -5.00 5.53 14.98
CA LEU A 98 -6.40 5.73 14.66
C LEU A 98 -7.25 4.71 15.42
N PRO A 99 -7.74 5.07 16.63
CA PRO A 99 -8.59 4.17 17.42
C PRO A 99 -10.10 4.31 17.13
N ASN A 100 -10.47 5.31 16.33
CA ASN A 100 -11.87 5.61 16.04
C ASN A 100 -12.30 5.03 14.68
N TYR A 101 -11.47 4.14 14.13
CA TYR A 101 -11.73 3.45 12.87
C TYR A 101 -12.97 2.56 13.00
N ASP A 102 -13.66 2.38 11.89
CA ASP A 102 -14.80 1.49 11.84
C ASP A 102 -14.31 0.04 11.84
N ARG A 103 -14.94 -0.76 12.68
CA ARG A 103 -14.53 -2.15 12.89
C ARG A 103 -15.67 -3.11 12.54
N ASP A 104 -16.61 -2.63 11.72
CA ASP A 104 -17.80 -3.41 11.40
C ASP A 104 -17.87 -3.69 9.90
N ARG A 105 -17.69 -2.66 9.10
CA ARG A 105 -17.69 -2.79 7.64
C ARG A 105 -16.26 -2.90 7.13
N VAL A 106 -15.31 -2.40 7.93
CA VAL A 106 -13.90 -2.58 7.63
C VAL A 106 -13.43 -3.93 8.15
N HIS A 107 -13.57 -4.93 7.29
CA HIS A 107 -13.01 -6.26 7.48
C HIS A 107 -12.37 -6.69 6.16
N ASN A 108 -12.99 -7.70 5.48
CA ASN A 108 -12.70 -8.12 4.08
C ASN A 108 -11.32 -8.80 3.91
N GLY A 109 -10.27 -8.07 4.18
CA GLY A 109 -8.91 -8.53 3.98
C GLY A 109 -8.00 -7.36 3.63
N ASP A 110 -8.51 -6.14 3.89
CA ASP A 110 -7.85 -4.89 3.49
C ASP A 110 -6.59 -4.62 4.29
N ILE A 111 -6.59 -5.00 5.56
CA ILE A 111 -5.42 -4.82 6.42
C ILE A 111 -4.35 -5.88 6.08
N LYS A 112 -4.80 -7.10 5.76
CA LYS A 112 -3.90 -8.23 5.48
C LYS A 112 -3.05 -8.05 4.23
N LYS A 113 -3.67 -7.52 3.16
CA LYS A 113 -2.96 -7.26 1.90
C LYS A 113 -2.05 -6.03 2.02
N LEU A 114 -2.40 -5.15 2.96
CA LEU A 114 -1.69 -3.91 3.23
C LEU A 114 -0.41 -4.18 4.04
N ILE A 115 -0.33 -5.34 4.72
CA ILE A 115 0.90 -5.74 5.44
C ILE A 115 2.01 -6.04 4.44
N SER A 116 1.62 -6.66 3.33
CA SER A 116 2.52 -6.94 2.23
C SER A 116 2.93 -5.64 1.53
N TRP A 117 1.97 -4.71 1.40
CA TRP A 117 2.21 -3.44 0.71
C TRP A 117 3.11 -2.50 1.53
N TYR A 118 3.05 -2.60 2.88
CA TYR A 118 3.95 -1.86 3.80
C TYR A 118 5.40 -2.00 3.37
N ASN A 119 5.80 -3.26 3.17
CA ASN A 119 7.18 -3.63 2.85
C ASN A 119 7.63 -3.06 1.51
N ILE A 120 6.74 -3.14 0.51
CA ILE A 120 7.03 -2.65 -0.85
C ILE A 120 7.22 -1.12 -0.89
N LEU A 121 6.32 -0.41 -0.22
CA LEU A 121 6.31 1.05 -0.19
C LEU A 121 7.54 1.63 0.51
N VAL A 122 7.92 1.02 1.63
CA VAL A 122 9.12 1.43 2.37
C VAL A 122 10.41 1.12 1.60
N ASN A 123 10.49 -0.10 1.05
CA ASN A 123 11.71 -0.58 0.37
C ASN A 123 12.05 0.20 -0.88
N ASN A 124 11.03 0.53 -1.68
CA ASN A 124 11.25 1.21 -2.96
C ASN A 124 11.34 2.73 -2.79
N GLY A 125 11.17 3.21 -1.54
CA GLY A 125 11.25 4.64 -1.25
C GLY A 125 10.15 5.44 -1.90
N ILE A 126 8.94 4.90 -1.83
CA ILE A 126 7.80 5.43 -2.55
C ILE A 126 7.20 6.63 -1.81
N THR A 127 7.27 7.80 -2.44
CA THR A 127 6.82 9.05 -1.85
C THR A 127 5.40 9.44 -2.28
N GLU A 128 4.63 8.45 -2.75
CA GLU A 128 3.28 8.69 -3.30
C GLU A 128 2.19 8.63 -2.23
N PHE A 129 2.59 8.64 -0.97
CA PHE A 129 1.68 8.64 0.16
C PHE A 129 2.37 9.27 1.37
N VAL A 130 3.70 9.09 1.47
CA VAL A 130 4.47 9.57 2.60
C VAL A 130 5.19 10.89 2.24
N GLU A 131 5.16 11.82 3.20
CA GLU A 131 5.81 13.12 3.06
C GLU A 131 7.28 13.03 3.45
N ALA A 132 7.58 12.18 4.42
CA ALA A 132 8.94 11.91 4.84
C ALA A 132 9.66 11.05 3.80
N PRO A 133 10.92 11.39 3.44
CA PRO A 133 11.72 10.60 2.49
C PRO A 133 12.11 9.23 3.05
N ALA A 134 11.50 8.18 2.51
CA ALA A 134 11.84 6.80 2.88
C ALA A 134 13.21 6.43 2.31
N LEU A 135 13.50 6.97 1.13
CA LEU A 135 14.84 6.94 0.56
C LEU A 135 15.66 8.09 1.18
N GLU A 136 16.85 7.76 1.65
CA GLU A 136 17.72 8.71 2.38
C GLU A 136 18.22 9.84 1.48
N HIS A 137 18.60 9.50 0.25
CA HIS A 137 18.99 10.48 -0.76
C HIS A 137 17.78 11.20 -1.34
N HIS A 138 17.41 12.30 -0.69
CA HIS A 138 16.36 13.16 -1.19
C HIS A 138 16.71 14.58 -0.77
N HIS A 139 17.70 15.13 -1.46
CA HIS A 139 18.27 16.43 -1.14
C HIS A 139 17.38 17.56 -1.66
N HIS A 140 16.61 17.25 -2.71
CA HIS A 140 15.68 18.21 -3.29
C HIS A 140 14.36 18.19 -2.54
N HIS A 141 14.18 19.19 -1.70
CA HIS A 141 12.96 19.33 -0.92
C HIS A 141 12.13 20.50 -1.47
N HIS A 142 12.81 21.66 -1.64
CA HIS A 142 12.22 22.91 -2.17
C HIS A 142 11.06 23.41 -1.28
N MET A 1 1.60 8.45 -6.76
CA MET A 1 0.53 8.92 -5.87
C MET A 1 -0.60 7.89 -5.80
N LEU A 2 -1.80 8.35 -5.43
CA LEU A 2 -2.95 7.48 -5.24
C LEU A 2 -3.73 7.26 -6.55
N LYS A 3 -3.12 6.44 -7.43
CA LYS A 3 -3.67 5.99 -8.73
C LYS A 3 -2.57 5.26 -9.48
N THR A 4 -1.39 5.87 -9.48
CA THR A 4 -0.24 5.36 -10.23
C THR A 4 0.39 4.16 -9.55
N ILE A 5 0.28 4.09 -8.23
CA ILE A 5 0.71 2.91 -7.52
C ILE A 5 -0.39 1.86 -7.62
N LEU A 6 -0.03 0.72 -8.20
CA LEU A 6 -0.96 -0.39 -8.37
C LEU A 6 -0.66 -1.48 -7.38
N SER A 7 -1.72 -1.95 -6.75
CA SER A 7 -1.64 -2.94 -5.72
C SER A 7 -1.89 -4.33 -6.28
N ILE A 8 -0.89 -5.17 -6.24
CA ILE A 8 -0.98 -6.48 -6.85
C ILE A 8 -1.07 -7.56 -5.78
N ALA A 9 -2.17 -8.31 -5.81
CA ALA A 9 -2.44 -9.33 -4.81
C ALA A 9 -2.10 -10.73 -5.37
N GLY A 10 -1.11 -10.78 -6.26
CA GLY A 10 -0.68 -12.04 -6.84
C GLY A 10 0.72 -12.40 -6.40
N LYS A 11 1.55 -12.73 -7.37
CA LYS A 11 2.96 -13.05 -7.10
C LYS A 11 3.85 -11.77 -7.06
N PRO A 12 3.72 -10.77 -8.01
CA PRO A 12 4.39 -9.46 -7.85
C PRO A 12 3.75 -8.56 -6.78
N GLY A 13 4.05 -7.25 -6.80
CA GLY A 13 3.78 -6.43 -5.63
C GLY A 13 3.15 -5.08 -5.92
N LEU A 14 3.96 -4.12 -6.33
CA LEU A 14 3.46 -2.77 -6.61
C LEU A 14 4.05 -2.25 -7.92
N TYR A 15 3.20 -1.58 -8.69
CA TYR A 15 3.58 -1.09 -10.03
C TYR A 15 3.21 0.38 -10.21
N LYS A 16 3.76 0.98 -11.26
CA LYS A 16 3.49 2.37 -11.62
C LYS A 16 2.81 2.47 -12.99
N LEU A 17 1.58 2.96 -13.02
CA LEU A 17 0.80 3.05 -14.25
C LEU A 17 1.31 4.17 -15.16
N ILE A 18 1.86 3.75 -16.29
CA ILE A 18 2.36 4.67 -17.31
C ILE A 18 1.22 5.02 -18.26
N SER A 19 0.65 4.01 -18.91
CA SER A 19 -0.40 4.20 -19.89
C SER A 19 -1.34 2.99 -19.89
N GLN A 20 -2.65 3.24 -19.83
CA GLN A 20 -3.61 2.16 -19.92
C GLN A 20 -3.89 1.81 -21.37
N GLY A 21 -4.12 0.54 -21.63
CA GLY A 21 -4.44 0.09 -22.98
C GLY A 21 -5.64 -0.83 -22.99
N LYS A 22 -5.78 -1.57 -24.08
CA LYS A 22 -6.83 -2.57 -24.20
C LYS A 22 -6.26 -3.93 -23.79
N ASN A 23 -6.95 -4.58 -22.84
CA ASN A 23 -6.53 -5.85 -22.18
C ASN A 23 -5.37 -5.61 -21.21
N MET A 24 -4.20 -5.28 -21.74
CA MET A 24 -3.01 -5.03 -20.93
C MET A 24 -2.84 -3.55 -20.61
N LEU A 25 -2.24 -3.29 -19.47
CA LEU A 25 -1.80 -1.95 -19.09
C LEU A 25 -0.28 -1.90 -19.23
N ILE A 26 0.25 -0.72 -19.39
CA ILE A 26 1.69 -0.51 -19.34
C ILE A 26 2.03 0.04 -17.97
N VAL A 27 2.67 -0.79 -17.15
CA VAL A 27 3.08 -0.40 -15.81
C VAL A 27 4.58 -0.60 -15.66
N GLU A 28 5.18 0.07 -14.68
CA GLU A 28 6.61 -0.05 -14.43
C GLU A 28 6.84 -0.59 -13.02
N THR A 29 7.81 -1.49 -12.87
CA THR A 29 8.21 -1.96 -11.56
C THR A 29 8.93 -0.83 -10.83
N VAL A 30 8.38 -0.45 -9.66
CA VAL A 30 8.87 0.67 -8.86
C VAL A 30 10.38 0.57 -8.54
N ASP A 31 10.87 -0.65 -8.29
CA ASP A 31 12.31 -0.87 -8.09
C ASP A 31 12.73 -2.09 -8.94
N ALA A 32 13.79 -2.80 -8.49
CA ALA A 32 14.35 -4.03 -9.11
C ALA A 32 15.15 -3.78 -10.40
N ALA A 33 14.71 -2.80 -11.20
CA ALA A 33 15.26 -2.52 -12.52
C ALA A 33 14.61 -1.25 -13.07
N LYS A 34 13.40 -0.95 -12.56
CA LYS A 34 12.48 0.06 -13.11
C LYS A 34 12.14 -0.27 -14.56
N LYS A 35 11.51 -1.43 -14.74
CA LYS A 35 11.19 -1.94 -16.07
C LYS A 35 9.69 -1.86 -16.36
N ARG A 36 9.36 -1.56 -17.60
CA ARG A 36 7.96 -1.57 -18.04
C ARG A 36 7.50 -3.00 -18.37
N VAL A 37 6.57 -3.47 -17.55
CA VAL A 37 5.99 -4.80 -17.67
C VAL A 37 4.51 -4.65 -18.09
N PRO A 38 4.03 -5.44 -19.07
CA PRO A 38 2.60 -5.44 -19.43
C PRO A 38 1.73 -6.18 -18.40
N ALA A 39 0.80 -5.45 -17.81
CA ALA A 39 -0.15 -6.00 -16.83
C ALA A 39 -1.45 -6.36 -17.53
N TYR A 40 -1.63 -7.64 -17.80
CA TYR A 40 -2.68 -8.11 -18.70
C TYR A 40 -4.10 -8.11 -18.08
N ALA A 41 -4.17 -7.72 -16.78
CA ALA A 41 -5.43 -7.50 -16.03
C ALA A 41 -6.22 -8.79 -15.75
N HIS A 42 -5.68 -9.93 -16.18
CA HIS A 42 -6.25 -11.24 -15.87
C HIS A 42 -5.57 -11.82 -14.64
N ASP A 43 -4.57 -11.08 -14.14
CA ASP A 43 -3.92 -11.37 -12.88
C ASP A 43 -4.72 -10.64 -11.76
N LYS A 44 -4.10 -10.43 -10.61
CA LYS A 44 -4.73 -9.73 -9.51
C LYS A 44 -4.29 -8.27 -9.54
N VAL A 45 -4.58 -7.60 -10.66
CA VAL A 45 -4.16 -6.24 -10.90
C VAL A 45 -5.20 -5.27 -10.36
N ILE A 46 -4.87 -4.68 -9.22
CA ILE A 46 -5.68 -3.69 -8.54
C ILE A 46 -4.87 -2.38 -8.53
N SER A 47 -5.52 -1.24 -8.30
CA SER A 47 -4.81 -0.01 -8.03
C SER A 47 -4.92 0.33 -6.54
N LEU A 48 -3.92 1.03 -5.99
CA LEU A 48 -3.93 1.48 -4.59
C LEU A 48 -4.95 2.63 -4.41
N ALA A 49 -5.35 3.23 -5.53
CA ALA A 49 -6.38 4.26 -5.57
C ALA A 49 -7.75 3.72 -5.19
N ASP A 50 -7.96 2.43 -5.49
CA ASP A 50 -9.26 1.75 -5.38
C ASP A 50 -9.68 1.54 -3.92
N ILE A 51 -8.71 1.20 -3.06
CA ILE A 51 -9.01 0.85 -1.68
C ILE A 51 -9.29 2.10 -0.85
N ALA A 52 -10.52 2.16 -0.34
CA ALA A 52 -10.94 3.21 0.54
C ALA A 52 -11.39 2.61 1.86
N MET A 53 -11.22 3.35 2.95
CA MET A 53 -11.59 2.87 4.26
C MET A 53 -12.64 3.78 4.87
N TYR A 54 -13.70 3.17 5.36
CA TYR A 54 -14.75 3.90 6.03
C TYR A 54 -14.57 3.74 7.53
N THR A 55 -14.78 4.82 8.27
CA THR A 55 -14.53 4.80 9.71
C THR A 55 -15.48 5.80 10.40
N ASP A 56 -15.24 6.08 11.69
CA ASP A 56 -16.05 7.05 12.46
C ASP A 56 -15.82 8.50 11.96
N ALA A 57 -14.64 8.73 11.39
CA ALA A 57 -14.32 9.98 10.72
C ALA A 57 -14.59 9.87 9.21
N GLU A 58 -13.98 10.77 8.43
CA GLU A 58 -14.13 10.80 6.96
C GLU A 58 -13.59 9.54 6.26
N GLU A 59 -13.90 9.41 4.97
CA GLU A 59 -13.36 8.34 4.12
C GLU A 59 -11.88 8.61 3.88
N VAL A 60 -11.06 7.60 4.15
CA VAL A 60 -9.62 7.74 4.07
C VAL A 60 -9.03 6.71 3.08
N PRO A 61 -8.42 7.17 1.95
CA PRO A 61 -7.81 6.30 0.93
C PRO A 61 -6.57 5.58 1.46
N LEU A 62 -6.28 4.39 0.87
CA LEU A 62 -5.26 3.48 1.41
C LEU A 62 -3.85 4.05 1.37
N SER A 63 -3.58 5.01 0.47
CA SER A 63 -2.27 5.63 0.37
C SER A 63 -1.88 6.40 1.65
N GLU A 64 -2.77 7.26 2.14
CA GLU A 64 -2.52 8.00 3.37
C GLU A 64 -2.72 7.12 4.60
N VAL A 65 -3.57 6.08 4.47
CA VAL A 65 -3.72 5.02 5.49
C VAL A 65 -2.37 4.32 5.77
N LEU A 66 -1.58 4.05 4.70
CA LEU A 66 -0.24 3.44 4.81
C LEU A 66 0.64 4.26 5.74
N GLU A 67 0.67 5.57 5.51
CA GLU A 67 1.57 6.47 6.23
C GLU A 67 1.10 6.75 7.65
N ALA A 68 -0.22 6.74 7.88
CA ALA A 68 -0.79 7.07 9.20
C ALA A 68 -0.28 6.13 10.29
N VAL A 69 -0.37 4.83 10.05
CA VAL A 69 0.08 3.81 11.00
C VAL A 69 1.61 3.62 10.99
N LYS A 70 2.22 3.86 9.83
CA LYS A 70 3.68 3.77 9.63
C LYS A 70 4.44 4.86 10.40
N LYS A 71 3.83 6.05 10.49
CA LYS A 71 4.45 7.25 11.07
C LYS A 71 4.67 7.11 12.59
N LYS A 72 3.85 6.27 13.23
CA LYS A 72 3.91 6.03 14.67
C LYS A 72 5.28 5.49 15.10
N GLU A 73 5.80 4.50 14.36
CA GLU A 73 7.09 3.91 14.69
C GLU A 73 8.16 4.32 13.65
N ASN A 74 8.20 5.63 13.36
CA ASN A 74 9.30 6.31 12.60
C ASN A 74 9.39 5.88 11.12
N GLY A 75 8.37 5.20 10.60
CA GLY A 75 8.41 4.70 9.23
C GLY A 75 9.32 3.48 9.08
N ALA A 76 9.21 2.53 9.99
CA ALA A 76 10.11 1.38 10.03
C ALA A 76 9.52 0.14 9.34
N VAL A 77 9.23 0.29 8.02
CA VAL A 77 8.79 -0.78 7.09
C VAL A 77 7.36 -1.28 7.40
N ALA A 78 7.22 -2.00 8.51
CA ALA A 78 5.99 -2.69 8.90
C ALA A 78 6.21 -3.23 10.31
N SER A 79 5.67 -2.52 11.30
CA SER A 79 5.87 -2.87 12.70
C SER A 79 5.07 -4.13 13.08
N ILE A 80 3.99 -4.34 12.36
CA ILE A 80 3.10 -5.47 12.55
C ILE A 80 3.60 -6.71 11.76
N ASN A 81 3.44 -7.87 12.37
CA ASN A 81 3.59 -9.14 11.68
C ASN A 81 2.20 -9.73 11.38
N TYR A 82 1.82 -9.74 10.11
CA TYR A 82 0.41 -9.98 9.70
C TYR A 82 0.07 -11.47 9.56
N LYS A 83 1.09 -12.27 9.30
CA LYS A 83 0.95 -13.71 9.22
C LYS A 83 0.85 -14.28 10.64
N LYS A 84 1.40 -13.54 11.59
CA LYS A 84 1.31 -13.84 13.00
C LYS A 84 0.12 -13.09 13.65
N ALA A 85 -0.57 -12.26 12.87
CA ALA A 85 -1.64 -11.44 13.39
C ALA A 85 -2.97 -12.15 13.20
N SER A 86 -3.72 -12.24 14.28
CA SER A 86 -5.07 -12.77 14.27
C SER A 86 -6.07 -11.66 13.95
N ALA A 87 -7.34 -11.86 14.31
CA ALA A 87 -8.34 -10.80 14.20
C ALA A 87 -8.04 -9.69 15.20
N ASP A 88 -7.62 -10.09 16.40
CA ASP A 88 -7.31 -9.13 17.47
C ASP A 88 -5.99 -8.41 17.24
N GLU A 89 -4.95 -9.15 16.86
CA GLU A 89 -3.61 -8.59 16.65
C GLU A 89 -3.56 -7.63 15.45
N LEU A 90 -4.46 -7.85 14.48
CA LEU A 90 -4.54 -7.02 13.29
C LEU A 90 -5.05 -5.62 13.60
N HIS A 91 -6.15 -5.53 14.38
CA HIS A 91 -6.79 -4.25 14.64
C HIS A 91 -6.03 -3.41 15.69
N ALA A 92 -5.09 -4.05 16.40
CA ALA A 92 -4.26 -3.37 17.40
C ALA A 92 -3.29 -2.39 16.74
N TYR A 93 -2.83 -2.73 15.52
CA TYR A 93 -1.89 -1.90 14.77
C TYR A 93 -2.57 -0.67 14.16
N PHE A 94 -3.83 -0.82 13.73
CA PHE A 94 -4.54 0.29 13.10
C PHE A 94 -5.08 1.25 14.17
N ALA A 95 -5.33 0.71 15.37
CA ALA A 95 -5.88 1.49 16.48
C ALA A 95 -4.83 2.38 17.16
N GLU A 96 -3.56 2.27 16.70
CA GLU A 96 -2.45 3.09 17.19
C GLU A 96 -2.71 4.58 16.92
N VAL A 97 -3.07 4.91 15.68
CA VAL A 97 -3.32 6.29 15.30
C VAL A 97 -4.81 6.58 15.09
N LEU A 98 -5.61 5.52 14.89
CA LEU A 98 -7.05 5.68 14.80
C LEU A 98 -7.76 4.92 15.92
N PRO A 99 -8.03 5.59 17.06
CA PRO A 99 -8.84 5.00 18.15
C PRO A 99 -10.34 5.14 17.87
N ASN A 100 -10.67 5.90 16.82
CA ASN A 100 -12.04 6.06 16.32
C ASN A 100 -12.39 4.95 15.33
N TYR A 101 -11.41 4.12 15.00
CA TYR A 101 -11.56 3.02 14.06
C TYR A 101 -12.42 1.90 14.66
N ASP A 102 -13.41 1.49 13.91
CA ASP A 102 -14.18 0.30 14.22
C ASP A 102 -13.96 -0.73 13.12
N ARG A 103 -13.94 -2.00 13.50
CA ARG A 103 -13.57 -3.11 12.60
C ARG A 103 -14.77 -3.63 11.77
N ASP A 104 -15.77 -2.78 11.58
CA ASP A 104 -16.94 -3.11 10.78
C ASP A 104 -16.84 -2.52 9.38
N ARG A 105 -16.50 -1.23 9.33
CA ARG A 105 -16.49 -0.49 8.06
C ARG A 105 -15.12 -0.56 7.38
N VAL A 106 -14.11 -0.93 8.16
CA VAL A 106 -12.79 -1.29 7.63
C VAL A 106 -12.76 -2.81 7.53
N HIS A 107 -12.79 -3.34 6.30
CA HIS A 107 -13.17 -4.75 6.07
C HIS A 107 -12.53 -5.34 4.79
N ASN A 108 -12.78 -6.66 4.58
CA ASN A 108 -12.36 -7.45 3.38
C ASN A 108 -10.87 -7.77 3.41
N GLY A 109 -10.27 -7.71 4.60
CA GLY A 109 -8.84 -7.99 4.75
C GLY A 109 -7.96 -6.86 4.24
N ASP A 110 -8.46 -5.63 4.38
CA ASP A 110 -7.80 -4.44 3.83
C ASP A 110 -6.59 -4.00 4.65
N ILE A 111 -6.52 -4.43 5.91
CA ILE A 111 -5.33 -4.20 6.72
C ILE A 111 -4.24 -5.18 6.28
N LYS A 112 -4.59 -6.46 6.10
CA LYS A 112 -3.60 -7.53 5.82
C LYS A 112 -2.96 -7.40 4.46
N LYS A 113 -3.74 -7.00 3.45
CA LYS A 113 -3.21 -6.81 2.10
C LYS A 113 -2.28 -5.60 2.08
N LEU A 114 -2.58 -4.62 2.93
CA LEU A 114 -1.76 -3.42 3.10
C LEU A 114 -0.40 -3.77 3.72
N ILE A 115 -0.36 -4.79 4.60
CA ILE A 115 0.89 -5.26 5.22
C ILE A 115 1.76 -6.02 4.20
N SER A 116 1.09 -6.69 3.26
CA SER A 116 1.76 -7.42 2.19
C SER A 116 2.48 -6.45 1.24
N TRP A 117 1.85 -5.30 0.97
CA TRP A 117 2.46 -4.27 0.10
C TRP A 117 3.37 -3.35 0.90
N TYR A 118 3.20 -3.35 2.23
CA TYR A 118 3.93 -2.49 3.18
C TYR A 118 5.43 -2.68 3.11
N ASN A 119 5.80 -3.95 2.99
CA ASN A 119 7.20 -4.35 2.92
C ASN A 119 7.81 -3.91 1.59
N ILE A 120 6.98 -3.93 0.54
CA ILE A 120 7.38 -3.58 -0.82
C ILE A 120 7.56 -2.07 -0.97
N LEU A 121 6.64 -1.27 -0.41
CA LEU A 121 6.68 0.18 -0.61
C LEU A 121 7.85 0.84 0.12
N VAL A 122 8.14 0.42 1.35
CA VAL A 122 9.31 0.94 2.08
C VAL A 122 10.63 0.39 1.49
N ASN A 123 10.56 -0.81 0.85
CA ASN A 123 11.71 -1.40 0.14
C ASN A 123 12.15 -0.53 -1.03
N ASN A 124 11.17 0.09 -1.68
CA ASN A 124 11.44 0.92 -2.85
C ASN A 124 11.48 2.40 -2.46
N GLY A 125 11.33 2.67 -1.15
CA GLY A 125 11.22 4.03 -0.66
C GLY A 125 9.79 4.53 -0.68
N ILE A 126 9.35 4.91 -1.89
CA ILE A 126 8.01 5.41 -2.21
C ILE A 126 7.53 6.54 -1.27
N THR A 127 7.74 7.76 -1.73
CA THR A 127 7.37 8.96 -0.96
C THR A 127 6.11 9.60 -1.54
N GLU A 128 5.29 8.77 -2.18
CA GLU A 128 4.09 9.21 -2.89
C GLU A 128 2.85 9.19 -1.99
N PHE A 129 3.10 9.06 -0.68
CA PHE A 129 2.06 9.10 0.34
C PHE A 129 2.62 9.65 1.66
N VAL A 130 3.94 9.86 1.69
CA VAL A 130 4.63 10.28 2.91
C VAL A 130 4.70 11.80 2.95
N GLU A 131 4.35 12.38 4.10
CA GLU A 131 4.36 13.83 4.31
C GLU A 131 5.80 14.40 4.32
N ALA A 132 6.75 13.60 4.80
CA ALA A 132 8.14 13.97 4.83
C ALA A 132 8.91 13.16 3.77
N PRO A 133 10.04 13.67 3.25
CA PRO A 133 10.92 12.88 2.37
C PRO A 133 11.59 11.73 3.14
N ALA A 134 11.44 10.52 2.63
CA ALA A 134 11.99 9.32 3.27
C ALA A 134 13.34 8.92 2.65
N LEU A 135 13.86 7.76 3.10
CA LEU A 135 15.20 7.24 2.76
C LEU A 135 16.28 8.19 3.25
N GLU A 136 16.87 8.98 2.36
CA GLU A 136 17.69 10.10 2.76
C GLU A 136 17.49 11.25 1.78
N HIS A 137 16.93 12.32 2.31
CA HIS A 137 16.76 13.55 1.57
C HIS A 137 17.00 14.71 2.51
N HIS A 138 18.27 15.10 2.59
CA HIS A 138 18.70 16.12 3.53
C HIS A 138 19.54 17.16 2.83
N HIS A 139 19.31 18.42 3.18
CA HIS A 139 20.01 19.55 2.58
C HIS A 139 20.55 20.50 3.64
N HIS A 140 19.72 20.80 4.67
CA HIS A 140 19.91 21.91 5.63
C HIS A 140 19.82 23.25 4.91
N HIS A 141 18.72 23.97 5.18
CA HIS A 141 18.40 25.21 4.47
C HIS A 141 19.34 26.34 4.91
N HIS A 142 19.60 26.42 6.23
CA HIS A 142 20.57 27.37 6.78
C HIS A 142 21.06 26.88 8.14
N MET A 1 0.58 11.28 -6.70
CA MET A 1 -0.18 10.85 -5.50
C MET A 1 -1.52 10.30 -5.96
N LEU A 2 -1.80 9.02 -5.57
CA LEU A 2 -2.98 8.22 -5.99
C LEU A 2 -2.94 7.84 -7.46
N LYS A 3 -3.72 6.78 -7.80
CA LYS A 3 -3.93 6.25 -9.18
C LYS A 3 -2.77 5.42 -9.73
N THR A 4 -1.55 5.81 -9.37
CA THR A 4 -0.34 5.31 -10.02
C THR A 4 0.07 3.94 -9.48
N ILE A 5 -0.07 3.74 -8.19
CA ILE A 5 0.27 2.45 -7.60
C ILE A 5 -0.89 1.48 -7.79
N LEU A 6 -0.57 0.37 -8.43
CA LEU A 6 -1.52 -0.70 -8.64
C LEU A 6 -1.24 -1.85 -7.68
N SER A 7 -2.31 -2.34 -7.09
CA SER A 7 -2.26 -3.51 -6.24
C SER A 7 -2.42 -4.75 -7.10
N ILE A 8 -1.31 -5.43 -7.31
CA ILE A 8 -1.21 -6.54 -8.24
C ILE A 8 -1.04 -7.86 -7.48
N ALA A 9 -1.76 -8.90 -7.91
CA ALA A 9 -1.59 -10.22 -7.32
C ALA A 9 -0.74 -11.09 -8.24
N GLY A 10 0.54 -11.19 -7.89
CA GLY A 10 1.49 -11.98 -8.65
C GLY A 10 2.70 -12.33 -7.83
N LYS A 11 3.85 -11.76 -8.20
CA LYS A 11 5.10 -11.99 -7.48
C LYS A 11 5.65 -10.72 -6.80
N PRO A 12 5.88 -9.56 -7.53
CA PRO A 12 6.30 -8.30 -6.89
C PRO A 12 5.26 -7.76 -5.90
N GLY A 13 4.07 -7.41 -6.41
CA GLY A 13 2.99 -6.98 -5.54
C GLY A 13 2.45 -5.63 -5.92
N LEU A 14 3.32 -4.69 -6.26
CA LEU A 14 2.87 -3.36 -6.66
C LEU A 14 3.55 -2.93 -7.96
N TYR A 15 2.82 -2.18 -8.76
CA TYR A 15 3.29 -1.67 -10.04
C TYR A 15 2.90 -0.20 -10.20
N LYS A 16 3.53 0.50 -11.12
CA LYS A 16 3.17 1.88 -11.45
C LYS A 16 2.56 1.97 -12.84
N LEU A 17 1.31 2.42 -12.90
CA LEU A 17 0.59 2.53 -14.16
C LEU A 17 1.10 3.76 -14.92
N ILE A 18 1.78 3.50 -16.02
CA ILE A 18 2.34 4.56 -16.85
C ILE A 18 1.33 4.99 -17.91
N SER A 19 0.96 4.04 -18.77
CA SER A 19 0.04 4.28 -19.87
C SER A 19 -0.85 3.06 -20.06
N GLN A 20 -1.95 3.21 -20.78
CA GLN A 20 -2.85 2.10 -21.04
C GLN A 20 -3.07 1.94 -22.54
N GLY A 21 -2.95 0.70 -23.00
CA GLY A 21 -3.23 0.40 -24.40
C GLY A 21 -4.49 -0.42 -24.56
N LYS A 22 -4.62 -1.08 -25.72
CA LYS A 22 -5.77 -1.94 -26.00
C LYS A 22 -5.59 -3.28 -25.31
N ASN A 23 -6.47 -3.55 -24.30
CA ASN A 23 -6.49 -4.79 -23.45
C ASN A 23 -5.36 -4.79 -22.41
N MET A 24 -4.14 -4.74 -22.91
CA MET A 24 -2.93 -4.70 -22.11
C MET A 24 -2.57 -3.25 -21.80
N LEU A 25 -2.09 -3.00 -20.60
CA LEU A 25 -1.55 -1.71 -20.24
C LEU A 25 -0.05 -1.80 -19.96
N ILE A 26 0.52 -0.66 -19.67
CA ILE A 26 1.95 -0.51 -19.48
C ILE A 26 2.23 -0.09 -18.04
N VAL A 27 2.90 -0.95 -17.29
CA VAL A 27 3.25 -0.68 -15.91
C VAL A 27 4.74 -0.89 -15.67
N GLU A 28 5.27 -0.28 -14.62
CA GLU A 28 6.65 -0.49 -14.22
C GLU A 28 6.67 -1.09 -12.82
N THR A 29 7.47 -2.13 -12.64
CA THR A 29 7.63 -2.77 -11.35
C THR A 29 8.33 -1.83 -10.38
N VAL A 30 7.72 -1.62 -9.21
CA VAL A 30 8.29 -0.75 -8.19
C VAL A 30 9.42 -1.47 -7.44
N ASP A 31 9.37 -2.80 -7.44
CA ASP A 31 10.33 -3.63 -6.74
C ASP A 31 11.08 -4.45 -7.80
N ALA A 32 11.67 -5.58 -7.40
CA ALA A 32 12.25 -6.62 -8.29
C ALA A 32 13.46 -6.14 -9.09
N ALA A 33 13.21 -5.49 -10.23
CA ALA A 33 14.26 -5.06 -11.14
C ALA A 33 13.98 -3.66 -11.71
N LYS A 34 12.92 -3.03 -11.16
CA LYS A 34 12.31 -1.77 -11.70
C LYS A 34 12.02 -1.86 -13.20
N LYS A 35 11.52 -3.01 -13.63
CA LYS A 35 11.35 -3.32 -15.04
C LYS A 35 9.96 -2.93 -15.54
N ARG A 36 9.89 -2.45 -16.78
CA ARG A 36 8.62 -2.12 -17.40
C ARG A 36 7.99 -3.39 -17.98
N VAL A 37 6.87 -3.79 -17.40
CA VAL A 37 6.22 -5.04 -17.75
C VAL A 37 4.87 -4.77 -18.43
N PRO A 38 4.62 -5.37 -19.61
CA PRO A 38 3.28 -5.41 -20.21
C PRO A 38 2.30 -6.29 -19.40
N ALA A 39 1.32 -5.65 -18.77
CA ALA A 39 0.38 -6.36 -17.91
C ALA A 39 -1.00 -6.36 -18.50
N TYR A 40 -1.72 -7.46 -18.34
CA TYR A 40 -3.04 -7.60 -18.94
C TYR A 40 -4.12 -7.43 -17.89
N ALA A 41 -5.38 -7.44 -18.32
CA ALA A 41 -6.54 -7.33 -17.43
C ALA A 41 -6.93 -8.70 -16.81
N HIS A 42 -5.94 -9.56 -16.67
CA HIS A 42 -6.10 -10.91 -16.14
C HIS A 42 -5.57 -10.99 -14.70
N ASP A 43 -4.50 -10.25 -14.43
CA ASP A 43 -3.68 -10.46 -13.23
C ASP A 43 -4.06 -9.49 -12.11
N LYS A 44 -5.36 -9.15 -12.05
CA LYS A 44 -5.95 -8.21 -11.09
C LYS A 44 -5.40 -6.80 -11.26
N VAL A 45 -5.96 -6.05 -12.20
CA VAL A 45 -5.65 -4.65 -12.32
C VAL A 45 -6.53 -3.88 -11.34
N ILE A 46 -5.93 -3.57 -10.20
CA ILE A 46 -6.59 -2.87 -9.13
C ILE A 46 -5.70 -1.69 -8.78
N SER A 47 -6.27 -0.53 -8.55
CA SER A 47 -5.47 0.59 -8.08
C SER A 47 -5.49 0.60 -6.55
N LEU A 48 -4.37 1.01 -5.94
CA LEU A 48 -4.28 1.19 -4.49
C LEU A 48 -5.09 2.44 -4.07
N ALA A 49 -5.38 3.29 -5.07
CA ALA A 49 -6.27 4.44 -4.92
C ALA A 49 -7.72 4.01 -4.67
N ASP A 50 -8.06 2.82 -5.20
CA ASP A 50 -9.43 2.28 -5.15
C ASP A 50 -9.79 1.77 -3.76
N ILE A 51 -8.80 1.30 -3.00
CA ILE A 51 -9.03 0.84 -1.63
C ILE A 51 -9.28 2.05 -0.72
N ALA A 52 -10.52 2.18 -0.29
CA ALA A 52 -10.91 3.16 0.70
C ALA A 52 -11.25 2.46 2.00
N MET A 53 -11.01 3.12 3.10
CA MET A 53 -11.26 2.58 4.41
C MET A 53 -12.16 3.55 5.17
N TYR A 54 -13.34 3.07 5.52
CA TYR A 54 -14.33 3.95 6.11
C TYR A 54 -14.20 3.96 7.61
N THR A 55 -13.93 5.14 8.15
CA THR A 55 -13.70 5.30 9.58
C THR A 55 -14.90 6.02 10.20
N ASP A 56 -14.76 6.48 11.45
CA ASP A 56 -15.76 7.36 12.07
C ASP A 56 -15.70 8.75 11.42
N ALA A 57 -14.51 9.09 10.93
CA ALA A 57 -14.29 10.29 10.12
C ALA A 57 -14.63 10.01 8.65
N GLU A 58 -14.08 10.81 7.75
CA GLU A 58 -14.30 10.67 6.31
C GLU A 58 -13.74 9.36 5.73
N GLU A 59 -13.94 9.20 4.42
CA GLU A 59 -13.47 8.04 3.70
C GLU A 59 -11.99 8.23 3.41
N VAL A 60 -11.19 7.54 4.19
CA VAL A 60 -9.76 7.68 4.10
C VAL A 60 -9.24 6.58 3.18
N PRO A 61 -8.63 6.95 2.02
CA PRO A 61 -7.99 5.98 1.13
C PRO A 61 -6.83 5.30 1.85
N LEU A 62 -6.47 4.09 1.39
CA LEU A 62 -5.46 3.27 2.05
C LEU A 62 -4.11 3.96 2.08
N SER A 63 -3.88 4.89 1.14
CA SER A 63 -2.69 5.74 1.09
C SER A 63 -2.47 6.56 2.37
N GLU A 64 -3.52 7.25 2.87
CA GLU A 64 -3.41 8.05 4.10
C GLU A 64 -3.39 7.14 5.33
N VAL A 65 -4.19 6.06 5.25
CA VAL A 65 -4.20 4.95 6.22
C VAL A 65 -2.77 4.38 6.50
N LEU A 66 -2.00 4.15 5.42
CA LEU A 66 -0.62 3.65 5.51
C LEU A 66 0.26 4.61 6.28
N GLU A 67 0.13 5.89 5.94
CA GLU A 67 0.93 6.96 6.51
C GLU A 67 0.66 7.19 7.99
N ALA A 68 -0.57 6.94 8.43
CA ALA A 68 -0.96 7.12 9.82
C ALA A 68 -0.20 6.16 10.74
N VAL A 69 -0.20 4.87 10.38
CA VAL A 69 0.48 3.84 11.18
C VAL A 69 2.00 3.86 10.97
N LYS A 70 2.44 4.22 9.76
CA LYS A 70 3.86 4.28 9.40
C LYS A 70 4.58 5.45 10.08
N LYS A 71 3.87 6.57 10.29
CA LYS A 71 4.42 7.76 10.98
C LYS A 71 4.90 7.42 12.41
N LYS A 72 4.17 6.52 13.07
CA LYS A 72 4.50 6.01 14.41
C LYS A 72 5.89 5.35 14.43
N GLU A 73 6.18 4.59 13.38
CA GLU A 73 7.42 3.84 13.29
C GLU A 73 8.48 4.57 12.45
N ASN A 74 8.15 5.80 12.00
CA ASN A 74 9.03 6.68 11.21
C ASN A 74 9.43 6.09 9.86
N GLY A 75 8.57 5.22 9.31
CA GLY A 75 8.86 4.58 8.04
C GLY A 75 9.75 3.37 8.18
N ALA A 76 9.32 2.41 9.02
CA ALA A 76 10.13 1.23 9.33
C ALA A 76 9.81 0.03 8.43
N VAL A 77 9.36 0.33 7.20
CA VAL A 77 9.07 -0.63 6.11
C VAL A 77 7.80 -1.44 6.37
N ALA A 78 7.85 -2.34 7.37
CA ALA A 78 6.78 -3.31 7.72
C ALA A 78 7.35 -4.29 8.75
N SER A 79 7.35 -3.88 10.00
CA SER A 79 7.98 -4.66 11.07
C SER A 79 7.04 -5.75 11.63
N ILE A 80 5.76 -5.58 11.37
CA ILE A 80 4.69 -6.42 11.95
C ILE A 80 4.62 -7.82 11.31
N ASN A 81 4.78 -7.89 9.96
CA ASN A 81 4.68 -9.14 9.16
C ASN A 81 3.23 -9.65 9.05
N TYR A 82 2.79 -9.87 7.81
CA TYR A 82 1.37 -10.15 7.53
C TYR A 82 0.98 -11.62 7.73
N LYS A 83 1.97 -12.51 7.79
CA LYS A 83 1.68 -13.94 8.02
C LYS A 83 1.98 -14.31 9.46
N LYS A 84 2.68 -13.42 10.15
CA LYS A 84 2.99 -13.60 11.56
C LYS A 84 1.99 -12.86 12.45
N ALA A 85 0.93 -12.35 11.84
CA ALA A 85 -0.16 -11.71 12.59
C ALA A 85 -1.50 -12.34 12.24
N SER A 86 -2.46 -12.13 13.14
CA SER A 86 -3.81 -12.65 13.02
C SER A 86 -4.76 -11.50 12.63
N ALA A 87 -6.07 -11.70 12.76
CA ALA A 87 -7.04 -10.63 12.60
C ALA A 87 -7.18 -9.76 13.86
N ASP A 88 -7.18 -10.41 15.03
CA ASP A 88 -7.59 -9.78 16.30
C ASP A 88 -6.61 -8.73 16.83
N GLU A 89 -5.34 -9.11 16.92
CA GLU A 89 -4.28 -8.22 17.42
C GLU A 89 -3.86 -7.17 16.38
N LEU A 90 -4.13 -7.50 15.11
CA LEU A 90 -3.99 -6.60 13.96
C LEU A 90 -4.83 -5.32 14.13
N HIS A 91 -5.98 -5.44 14.82
CA HIS A 91 -6.81 -4.29 15.19
C HIS A 91 -6.08 -3.35 16.14
N ALA A 92 -5.37 -3.92 17.13
CA ALA A 92 -4.65 -3.14 18.15
C ALA A 92 -3.44 -2.39 17.57
N TYR A 93 -2.84 -2.97 16.53
CA TYR A 93 -1.73 -2.34 15.81
C TYR A 93 -2.19 -1.07 15.10
N PHE A 94 -3.39 -1.12 14.52
CA PHE A 94 -3.95 0.01 13.79
C PHE A 94 -4.48 1.07 14.75
N ALA A 95 -5.02 0.61 15.89
CA ALA A 95 -5.64 1.47 16.90
C ALA A 95 -4.61 2.18 17.79
N GLU A 96 -3.32 1.98 17.48
CA GLU A 96 -2.25 2.65 18.19
C GLU A 96 -2.24 4.14 17.85
N VAL A 97 -2.39 4.45 16.56
CA VAL A 97 -2.44 5.84 16.10
C VAL A 97 -3.87 6.30 15.81
N LEU A 98 -4.69 5.38 15.29
CA LEU A 98 -6.07 5.70 14.95
C LEU A 98 -7.02 4.81 15.75
N PRO A 99 -7.49 5.29 16.93
CA PRO A 99 -8.54 4.59 17.68
C PRO A 99 -9.95 5.06 17.27
N ASN A 100 -10.01 5.90 16.24
CA ASN A 100 -11.23 6.53 15.75
C ASN A 100 -11.70 5.91 14.44
N TYR A 101 -11.30 4.68 14.19
CA TYR A 101 -11.72 3.94 13.00
C TYR A 101 -12.87 2.99 13.36
N ASP A 102 -13.46 2.36 12.35
CA ASP A 102 -14.63 1.51 12.56
C ASP A 102 -14.20 0.02 12.57
N ARG A 103 -15.15 -0.88 12.77
CA ARG A 103 -14.87 -2.32 12.80
C ARG A 103 -15.70 -3.05 11.73
N ASP A 104 -16.78 -2.43 11.29
CA ASP A 104 -17.60 -2.96 10.21
C ASP A 104 -17.24 -2.26 8.90
N ARG A 105 -17.22 -0.92 8.95
CA ARG A 105 -16.90 -0.07 7.81
C ARG A 105 -15.41 -0.18 7.42
N VAL A 106 -14.54 -0.38 8.42
CA VAL A 106 -13.20 -0.90 8.18
C VAL A 106 -13.32 -2.41 8.12
N HIS A 107 -13.04 -2.98 6.95
CA HIS A 107 -13.25 -4.40 6.72
C HIS A 107 -12.12 -5.22 7.31
N ASN A 108 -12.47 -6.37 7.89
CA ASN A 108 -11.50 -7.18 8.64
C ASN A 108 -10.57 -7.95 7.70
N GLY A 109 -9.28 -7.80 7.94
CA GLY A 109 -8.28 -8.40 7.09
C GLY A 109 -7.67 -7.42 6.11
N ASP A 110 -8.22 -6.20 6.07
CA ASP A 110 -7.77 -5.15 5.13
C ASP A 110 -6.41 -4.58 5.55
N ILE A 111 -6.05 -4.77 6.81
CA ILE A 111 -4.73 -4.37 7.30
C ILE A 111 -3.67 -5.40 6.86
N LYS A 112 -4.04 -6.68 6.69
CA LYS A 112 -3.06 -7.71 6.28
C LYS A 112 -2.73 -7.65 4.78
N LYS A 113 -3.71 -7.23 3.95
CA LYS A 113 -3.42 -6.95 2.54
C LYS A 113 -2.57 -5.69 2.43
N LEU A 114 -2.78 -4.78 3.39
CA LEU A 114 -2.06 -3.55 3.52
C LEU A 114 -0.60 -3.81 3.89
N ILE A 115 -0.33 -4.77 4.81
CA ILE A 115 1.06 -5.10 5.25
C ILE A 115 1.86 -5.71 4.10
N SER A 116 1.16 -6.44 3.22
CA SER A 116 1.77 -7.01 2.02
C SER A 116 2.33 -5.90 1.12
N TRP A 117 1.56 -4.83 0.93
CA TRP A 117 1.95 -3.70 0.05
C TRP A 117 2.82 -2.70 0.80
N TYR A 118 2.70 -2.71 2.12
CA TYR A 118 3.39 -1.82 3.06
C TYR A 118 4.89 -1.98 2.95
N ASN A 119 5.33 -3.24 2.90
CA ASN A 119 6.73 -3.59 2.81
C ASN A 119 7.31 -3.13 1.47
N ILE A 120 6.57 -3.38 0.39
CA ILE A 120 6.97 -3.05 -1.00
C ILE A 120 7.09 -1.51 -1.19
N LEU A 121 6.17 -0.79 -0.57
CA LEU A 121 6.00 0.65 -0.77
C LEU A 121 7.14 1.44 -0.09
N VAL A 122 7.43 1.11 1.16
CA VAL A 122 8.52 1.78 1.90
C VAL A 122 9.90 1.35 1.40
N ASN A 123 9.99 0.08 0.95
CA ASN A 123 11.25 -0.57 0.53
C ASN A 123 11.99 0.25 -0.53
N ASN A 124 11.25 0.74 -1.51
CA ASN A 124 11.85 1.40 -2.66
C ASN A 124 11.64 2.92 -2.62
N GLY A 125 11.23 3.41 -1.44
CA GLY A 125 10.98 4.85 -1.23
C GLY A 125 9.95 5.44 -2.16
N ILE A 126 8.78 4.82 -2.21
CA ILE A 126 7.71 5.25 -3.09
C ILE A 126 6.94 6.40 -2.44
N THR A 127 6.55 7.38 -3.24
CA THR A 127 5.93 8.60 -2.73
C THR A 127 4.53 8.81 -3.36
N GLU A 128 4.00 7.77 -4.00
CA GLU A 128 2.75 7.85 -4.77
C GLU A 128 1.48 7.78 -3.89
N PHE A 129 1.64 8.13 -2.62
CA PHE A 129 0.55 8.04 -1.64
C PHE A 129 0.69 9.13 -0.56
N VAL A 130 1.72 9.99 -0.69
CA VAL A 130 2.02 10.99 0.34
C VAL A 130 2.84 12.16 -0.26
N GLU A 131 2.77 13.32 0.38
CA GLU A 131 3.57 14.50 0.02
C GLU A 131 4.88 14.57 0.82
N ALA A 132 5.32 13.43 1.36
CA ALA A 132 6.57 13.34 2.11
C ALA A 132 7.77 13.29 1.14
N PRO A 133 9.01 13.69 1.58
CA PRO A 133 10.23 13.65 0.74
C PRO A 133 10.84 12.24 0.61
N ALA A 134 9.99 11.24 0.33
CA ALA A 134 10.45 9.87 0.12
C ALA A 134 11.03 9.71 -1.28
N LEU A 135 10.61 10.60 -2.20
CA LEU A 135 11.14 10.64 -3.55
C LEU A 135 12.50 11.33 -3.55
N GLU A 136 13.50 10.58 -3.98
CA GLU A 136 14.82 11.12 -4.22
C GLU A 136 15.13 10.99 -5.70
N HIS A 137 14.73 9.85 -6.25
CA HIS A 137 14.75 9.63 -7.68
C HIS A 137 13.47 10.19 -8.29
N HIS A 138 13.63 11.11 -9.22
CA HIS A 138 12.52 11.61 -9.99
C HIS A 138 12.73 11.34 -11.48
N HIS A 139 13.84 11.89 -12.04
CA HIS A 139 14.22 11.76 -13.46
C HIS A 139 13.06 12.19 -14.38
N HIS A 140 12.36 13.25 -13.97
CA HIS A 140 11.13 13.65 -14.63
C HIS A 140 11.43 14.77 -15.63
N HIS A 141 11.71 14.37 -16.86
CA HIS A 141 12.08 15.30 -17.92
C HIS A 141 10.81 15.92 -18.51
N HIS A 142 9.76 15.11 -18.65
CA HIS A 142 8.48 15.57 -19.15
C HIS A 142 7.35 14.86 -18.40
#